data_6EPZ
#
_entry.id   6EPZ
#
_cell.length_a   351.610
_cell.length_b   73.730
_cell.length_c   107.580
_cell.angle_alpha   90.00
_cell.angle_beta   105.38
_cell.angle_gamma   90.00
#
_symmetry.space_group_name_H-M   'C 1 2 1'
#
loop_
_entity.id
_entity.type
_entity.pdbx_description
1 polymer 'Periplasmic alpha-galactoside-binding protein'
2 branched alpha-D-galactopyranose-(1-6)-alpha-D-glucopyranose
3 non-polymer 'MAGNESIUM ION'
4 non-polymer 1,2-ETHANEDIOL
5 non-polymer 'SODIUM ION'
6 non-polymer 'CHLORIDE ION'
7 non-polymer DI(HYDROXYETHYL)ETHER
8 water water
#
_entity_poly.entity_id   1
_entity_poly.type   'polypeptide(L)'
_entity_poly.pdbx_seq_one_letter_code
;MIALSANAFETTTPPEPPQFPAEGKINYVARDTILEFKALPSYSEPDWITEKFEKAGKLPPLKERLPEEPLVYKTGNMPD
GVGVYGDTMRHVVGGRPEGWNYIAGQSQGWGGIDIALSECLTRTAPLFQVDAKDTEPLPNLAKSWEWSEDGHTLTMHLVK
GAKWSDGEAFNADDVMFYWEDAVVDPNVSPLGGGASPEAFGEGTTLKKIDDYTVEWTFKAAFPKQYLYTMAYPSFCPGPS
HILKPQHPKYSKNTYNQFKNAFPPEYMNMPVMGAWVPVSYRPDDLIVLRRNPYYWKVDEKGQQLPYLNEVHYKLSTWADR
DVQAVAGSGDFSNLEQPENFVASLKRAADPNAPARLAFGPRLIGYNLQMNFSANGWGNPDERGQAIRELNRNEVFRQAVT
SALDRKAIGDSLVKGPFTAIYPGGISSGTSFYDRASTVYYPFNLEGAKAALASIGLKDTDGDGFLNFPKETLGGRNVEIT
LLVNNGYATDKSLAEGLVGQMAKLGLRVVIHSLDSNQRDAAHYGGQFDWLVRRNSTELSSVVQNTEQLAPVGPRTSWNHR
SPEGKELDLMPFEKEMADIVRKFISSQDNAERADLMKQYQKVYTQNLYTIGLTEYPGALIVNKRFSNVPQGTPIFMFNWA
EDAIIRERLWVAADKQGKYELFPQQLPGKPGEGGPINHHHHHH
;
_entity_poly.pdbx_strand_id   A,D,C,B
#
# COMPACT_ATOMS: atom_id res chain seq x y z
N ALA A 8 31.81 33.05 11.85
CA ALA A 8 31.93 34.48 12.14
C ALA A 8 31.89 34.81 13.64
N PHE A 9 31.37 33.88 14.46
CA PHE A 9 31.25 34.06 15.90
C PHE A 9 32.46 33.57 16.69
N GLU A 10 32.76 34.27 17.81
CA GLU A 10 33.85 33.94 18.73
C GLU A 10 33.40 32.89 19.75
N THR A 11 33.31 31.61 19.33
CA THR A 11 32.83 30.56 20.26
C THR A 11 33.89 30.18 21.28
N THR A 12 33.43 29.70 22.43
CA THR A 12 34.27 29.27 23.53
C THR A 12 33.56 28.10 24.23
N THR A 13 33.90 27.84 25.49
CA THR A 13 33.24 26.82 26.30
C THR A 13 32.36 27.57 27.32
N PRO A 14 31.24 26.99 27.83
CA PRO A 14 30.41 27.76 28.78
C PRO A 14 31.11 27.99 30.12
N PRO A 15 30.89 29.14 30.78
CA PRO A 15 31.58 29.38 32.07
C PRO A 15 31.04 28.47 33.17
N GLU A 16 31.93 28.06 34.09
CA GLU A 16 31.55 27.21 35.22
C GLU A 16 30.56 27.95 36.11
N PRO A 17 29.42 27.31 36.45
CA PRO A 17 28.40 27.99 37.27
C PRO A 17 28.85 28.12 38.72
N PRO A 18 28.12 28.86 39.60
CA PRO A 18 28.53 28.91 41.02
C PRO A 18 28.40 27.53 41.65
N GLN A 19 29.18 27.29 42.70
CA GLN A 19 29.14 26.02 43.41
C GLN A 19 27.82 25.87 44.11
N PHE A 20 27.25 24.69 43.98
CA PHE A 20 25.99 24.40 44.60
C PHE A 20 26.23 23.37 45.70
N PRO A 21 26.01 23.75 46.98
CA PRO A 21 26.21 22.79 48.09
C PRO A 21 25.30 21.54 48.02
N ALA A 22 24.58 21.36 46.87
CA ALA A 22 23.68 20.28 46.47
C ALA A 22 23.41 19.30 47.58
N GLU A 23 22.61 19.76 48.56
CA GLU A 23 22.25 18.98 49.75
C GLU A 23 21.64 17.66 49.37
N GLY A 24 21.90 16.66 50.18
CA GLY A 24 21.45 15.31 49.90
C GLY A 24 22.43 14.68 48.94
N LYS A 25 23.35 13.90 49.51
CA LYS A 25 24.29 13.12 48.75
C LYS A 25 23.66 11.73 48.58
N ILE A 26 23.93 11.13 47.45
CA ILE A 26 23.39 9.79 47.14
C ILE A 26 24.28 8.76 47.83
N ASN A 27 23.65 7.72 48.41
CA ASN A 27 24.35 6.58 49.01
C ASN A 27 24.47 5.56 47.87
N TYR A 28 25.63 5.54 47.17
CA TYR A 28 25.78 4.63 46.02
C TYR A 28 25.82 3.18 46.43
N VAL A 29 25.19 2.33 45.62
CA VAL A 29 25.12 0.89 45.84
C VAL A 29 25.33 0.16 44.51
N ALA A 30 25.49 -1.15 44.56
CA ALA A 30 25.65 -1.99 43.38
C ALA A 30 24.27 -2.40 42.85
N ARG A 31 24.19 -2.70 41.54
CA ARG A 31 22.94 -2.94 40.82
C ARG A 31 22.01 -4.01 41.44
N ASP A 32 22.56 -5.12 41.93
CA ASP A 32 21.79 -6.25 42.46
C ASP A 32 21.49 -6.17 43.98
N THR A 33 21.68 -5.00 44.59
CA THR A 33 21.33 -4.83 46.01
C THR A 33 19.81 -4.53 46.22
N ILE A 34 19.09 -4.16 45.13
CA ILE A 34 17.72 -3.68 45.27
C ILE A 34 16.66 -4.78 45.31
N LEU A 35 16.72 -5.71 44.36
CA LEU A 35 15.69 -6.75 44.23
C LEU A 35 16.22 -8.03 43.62
N GLU A 36 15.46 -9.12 43.80
CA GLU A 36 15.74 -10.43 43.21
C GLU A 36 14.43 -11.19 43.11
N PHE A 37 14.34 -12.17 42.21
CA PHE A 37 13.14 -13.01 42.11
C PHE A 37 13.40 -14.32 42.83
N LYS A 38 12.54 -14.66 43.77
CA LYS A 38 12.69 -15.91 44.52
C LYS A 38 11.43 -16.23 45.28
N ALA A 39 11.21 -17.51 45.58
CA ALA A 39 10.08 -17.93 46.38
C ALA A 39 10.46 -17.73 47.85
N LEU A 40 9.49 -17.30 48.67
CA LEU A 40 9.70 -17.16 50.12
C LEU A 40 8.86 -18.25 50.81
N PRO A 41 9.22 -18.71 52.05
CA PRO A 41 8.43 -19.80 52.67
C PRO A 41 7.01 -19.43 53.06
N SER A 42 6.77 -18.15 53.38
CA SER A 42 5.45 -17.65 53.80
C SER A 42 5.25 -16.21 53.34
N TYR A 43 3.97 -15.83 53.11
CA TYR A 43 3.63 -14.46 52.69
C TYR A 43 2.57 -13.86 53.60
N SER A 44 2.56 -12.52 53.71
CA SER A 44 1.57 -11.84 54.51
C SER A 44 1.03 -10.61 53.78
N GLU A 45 -0.08 -10.06 54.29
CA GLU A 45 -0.77 -8.94 53.68
C GLU A 45 -1.53 -8.17 54.81
N PRO A 46 -2.15 -7.01 54.53
CA PRO A 46 -2.93 -6.32 55.58
C PRO A 46 -3.96 -7.28 56.21
N ASP A 47 -4.06 -7.28 57.53
CA ASP A 47 -4.94 -8.20 58.29
C ASP A 47 -6.40 -8.19 57.82
N TRP A 48 -6.97 -7.00 57.51
CA TRP A 48 -8.34 -6.84 57.00
C TRP A 48 -8.57 -7.61 55.69
N ILE A 49 -7.52 -7.75 54.81
CA ILE A 49 -7.73 -8.53 53.59
C ILE A 49 -7.97 -10.01 53.95
N THR A 50 -7.13 -10.55 54.83
CA THR A 50 -7.24 -11.94 55.24
C THR A 50 -8.59 -12.16 55.93
N GLU A 51 -8.88 -11.34 56.95
CA GLU A 51 -10.09 -11.46 57.78
C GLU A 51 -11.42 -11.18 57.03
N LYS A 52 -11.50 -10.08 56.26
CA LYS A 52 -12.75 -9.66 55.63
C LYS A 52 -13.00 -10.14 54.20
N PHE A 53 -11.94 -10.52 53.46
CA PHE A 53 -12.07 -10.94 52.06
C PHE A 53 -11.76 -12.42 51.87
N GLU A 54 -10.52 -12.86 52.21
CA GLU A 54 -10.08 -14.24 52.04
C GLU A 54 -10.91 -15.22 52.87
N LYS A 55 -11.09 -14.92 54.18
CA LYS A 55 -11.86 -15.75 55.11
C LYS A 55 -13.38 -15.73 54.85
N ALA A 56 -13.86 -14.78 54.04
CA ALA A 56 -15.27 -14.67 53.63
C ALA A 56 -15.48 -15.36 52.24
N GLY A 57 -14.39 -15.86 51.65
CA GLY A 57 -14.38 -16.51 50.34
C GLY A 57 -14.50 -15.57 49.15
N LYS A 58 -14.24 -14.27 49.36
CA LYS A 58 -14.36 -13.21 48.34
C LYS A 58 -13.09 -12.96 47.52
N LEU A 59 -11.95 -13.48 47.99
CA LEU A 59 -10.68 -13.27 47.31
C LEU A 59 -9.83 -14.52 47.57
N PRO A 60 -9.00 -14.99 46.61
CA PRO A 60 -8.20 -16.20 46.89
C PRO A 60 -7.12 -15.98 47.98
N PRO A 61 -6.58 -17.04 48.64
CA PRO A 61 -5.45 -16.80 49.57
C PRO A 61 -4.29 -16.14 48.81
N LEU A 62 -3.49 -15.37 49.54
CA LEU A 62 -2.36 -14.61 49.00
C LEU A 62 -1.37 -15.42 48.16
N LYS A 63 -0.94 -16.62 48.64
CA LYS A 63 0.01 -17.46 47.92
C LYS A 63 -0.50 -17.81 46.49
N GLU A 64 -1.81 -17.93 46.35
CA GLU A 64 -2.43 -18.27 45.07
C GLU A 64 -2.52 -17.05 44.15
N ARG A 65 -2.43 -15.83 44.73
CA ARG A 65 -2.51 -14.62 43.93
C ARG A 65 -1.13 -14.17 43.47
N LEU A 66 -0.05 -14.66 44.12
CA LEU A 66 1.35 -14.28 43.83
C LEU A 66 2.01 -15.20 42.82
N PRO A 67 3.08 -14.72 42.11
CA PRO A 67 3.85 -15.63 41.24
C PRO A 67 4.55 -16.69 42.12
N GLU A 68 4.99 -17.84 41.57
CA GLU A 68 5.72 -18.81 42.42
C GLU A 68 7.02 -18.14 42.92
N GLU A 69 7.65 -17.32 42.06
CA GLU A 69 8.85 -16.55 42.40
C GLU A 69 8.54 -15.05 42.20
N PRO A 70 8.01 -14.38 43.24
CA PRO A 70 7.70 -12.94 43.09
C PRO A 70 8.97 -12.10 43.10
N LEU A 71 8.84 -10.84 42.69
CA LEU A 71 9.92 -9.87 42.77
C LEU A 71 10.04 -9.57 44.28
N VAL A 72 11.23 -9.71 44.84
CA VAL A 72 11.47 -9.51 46.29
C VAL A 72 12.43 -8.34 46.49
N TYR A 73 11.98 -7.32 47.25
CA TYR A 73 12.86 -6.18 47.55
C TYR A 73 13.75 -6.56 48.70
N LYS A 74 15.06 -6.37 48.52
CA LYS A 74 16.06 -6.71 49.52
C LYS A 74 16.08 -5.62 50.60
N THR A 75 16.09 -6.03 51.87
CA THR A 75 16.06 -5.10 53.00
C THR A 75 17.28 -4.18 53.05
N GLY A 76 18.45 -4.67 52.62
CA GLY A 76 19.69 -3.90 52.63
C GLY A 76 19.62 -2.55 51.93
N ASN A 77 18.86 -2.47 50.82
CA ASN A 77 18.73 -1.22 50.04
C ASN A 77 17.61 -0.32 50.59
N MET A 78 16.80 -0.82 51.53
CA MET A 78 15.70 -0.03 52.10
C MET A 78 16.30 0.98 53.10
N PRO A 79 16.17 2.29 52.86
CA PRO A 79 16.77 3.28 53.79
C PRO A 79 16.39 3.11 55.26
N ASP A 80 15.15 2.66 55.52
CA ASP A 80 14.64 2.50 56.88
C ASP A 80 14.26 1.06 57.25
N GLY A 81 14.50 0.14 56.32
CA GLY A 81 14.19 -1.27 56.53
C GLY A 81 12.75 -1.61 56.17
N VAL A 82 12.34 -2.83 56.53
CA VAL A 82 11.02 -3.39 56.26
C VAL A 82 9.91 -2.50 56.84
N GLY A 83 8.85 -2.36 56.07
CA GLY A 83 7.74 -1.51 56.45
C GLY A 83 6.61 -2.16 57.23
N VAL A 84 5.57 -1.35 57.45
CA VAL A 84 4.30 -1.71 58.10
C VAL A 84 3.20 -1.22 57.15
N TYR A 85 2.03 -1.84 57.21
CA TYR A 85 0.94 -1.42 56.33
C TYR A 85 0.22 -0.16 56.77
N GLY A 86 -0.37 0.52 55.80
CA GLY A 86 -1.23 1.64 56.08
C GLY A 86 -0.87 2.95 55.44
N ASP A 87 -1.81 3.89 55.52
CA ASP A 87 -1.69 5.28 55.09
C ASP A 87 -1.90 5.45 53.58
N THR A 88 -1.88 6.70 53.17
CA THR A 88 -2.16 7.20 51.82
C THR A 88 -1.08 8.16 51.34
N MET A 89 -0.74 8.03 50.05
CA MET A 89 0.19 8.95 49.42
C MET A 89 -0.66 9.97 48.69
N ARG A 90 -0.58 11.23 49.10
CA ARG A 90 -1.42 12.28 48.50
C ARG A 90 -0.63 13.11 47.52
N HIS A 91 -0.90 12.89 46.24
CA HIS A 91 -0.25 13.62 45.15
C HIS A 91 -1.18 14.73 44.69
N VAL A 92 -0.60 15.76 44.04
CA VAL A 92 -1.30 16.92 43.47
C VAL A 92 -0.73 17.05 42.05
N VAL A 93 -1.59 17.12 41.04
CA VAL A 93 -1.13 17.17 39.63
C VAL A 93 -1.75 18.33 38.84
N GLY A 94 -1.05 18.79 37.79
CA GLY A 94 -1.55 19.85 36.92
C GLY A 94 -2.21 19.32 35.66
N GLY A 95 -2.04 18.04 35.39
CA GLY A 95 -2.63 17.40 34.21
C GLY A 95 -4.06 16.94 34.43
N ARG A 96 -4.70 16.43 33.37
CA ARG A 96 -6.07 15.89 33.48
C ARG A 96 -6.17 14.60 32.67
N PRO A 97 -6.88 13.56 33.17
CA PRO A 97 -6.91 12.31 32.41
C PRO A 97 -7.77 12.39 31.15
N GLU A 98 -7.28 11.81 30.05
CA GLU A 98 -8.04 11.68 28.80
C GLU A 98 -8.76 10.32 28.86
N GLY A 99 -8.15 9.37 29.55
CA GLY A 99 -8.67 8.02 29.68
C GLY A 99 -7.54 7.09 30.11
N TRP A 100 -7.78 5.77 30.08
CA TRP A 100 -6.80 4.79 30.60
C TRP A 100 -5.98 4.08 29.53
N ASN A 101 -6.18 4.42 28.24
CA ASN A 101 -5.46 3.73 27.18
C ASN A 101 -4.07 4.34 26.91
N TYR A 102 -3.12 4.04 27.82
CA TYR A 102 -1.74 4.52 27.76
C TYR A 102 -1.08 4.10 26.43
N ILE A 103 -1.18 2.81 26.08
CA ILE A 103 -0.49 2.28 24.89
C ILE A 103 -1.02 2.89 23.56
N ALA A 104 -2.21 3.49 23.57
CA ALA A 104 -2.77 4.20 22.42
C ALA A 104 -2.55 5.73 22.50
N GLY A 105 -1.78 6.18 23.49
CA GLY A 105 -1.41 7.58 23.60
C GLY A 105 -2.27 8.49 24.43
N GLN A 106 -3.13 7.93 25.30
CA GLN A 106 -3.91 8.78 26.20
C GLN A 106 -3.09 9.12 27.45
N SER A 107 -3.18 10.38 27.90
CA SER A 107 -2.53 10.80 29.15
C SER A 107 -3.51 10.55 30.30
N GLN A 108 -3.00 10.19 31.47
CA GLN A 108 -3.82 9.99 32.66
C GLN A 108 -3.69 11.19 33.61
N GLY A 109 -2.91 12.21 33.21
CA GLY A 109 -2.71 13.42 34.01
C GLY A 109 -1.30 13.69 34.52
N TRP A 110 -0.34 12.76 34.21
CA TRP A 110 1.09 12.89 34.61
C TRP A 110 1.24 12.94 36.14
N GLY A 111 2.33 13.53 36.63
CA GLY A 111 2.55 13.67 38.06
C GLY A 111 2.58 12.37 38.85
N GLY A 112 2.87 11.25 38.16
CA GLY A 112 3.05 9.95 38.80
C GLY A 112 1.96 8.93 38.55
N ILE A 113 0.79 9.38 38.01
CA ILE A 113 -0.34 8.48 37.78
C ILE A 113 0.02 7.34 36.79
N ASP A 114 0.46 7.67 35.56
CA ASP A 114 0.77 6.60 34.59
C ASP A 114 2.05 5.85 35.00
N ILE A 115 2.97 6.53 35.72
CA ILE A 115 4.18 5.85 36.20
C ILE A 115 3.80 4.69 37.13
N ALA A 116 2.85 4.94 38.06
CA ALA A 116 2.36 3.94 39.00
C ALA A 116 1.48 2.86 38.35
N LEU A 117 0.74 3.21 37.31
CA LEU A 117 -0.15 2.24 36.67
C LEU A 117 0.60 1.34 35.69
N SER A 118 1.34 1.94 34.77
CA SER A 118 1.96 1.26 33.64
C SER A 118 3.40 0.77 33.92
N GLU A 119 3.54 -0.42 34.57
CA GLU A 119 4.81 -1.11 34.86
C GLU A 119 5.44 -1.57 33.52
N CYS A 120 6.78 -1.61 33.43
CA CYS A 120 7.40 -1.98 32.15
C CYS A 120 8.30 -3.21 32.24
N LEU A 121 8.91 -3.66 31.13
CA LEU A 121 9.80 -4.84 31.09
C LEU A 121 11.00 -4.71 32.04
N THR A 122 11.62 -3.54 32.06
CA THR A 122 12.77 -3.26 32.91
C THR A 122 12.45 -1.99 33.70
N ARG A 123 13.32 -1.63 34.64
CA ARG A 123 13.14 -0.41 35.42
C ARG A 123 14.51 0.24 35.58
N THR A 124 14.56 1.57 35.39
CA THR A 124 15.83 2.30 35.46
C THR A 124 15.84 3.48 36.42
N ALA A 125 14.69 4.07 36.76
CA ALA A 125 14.66 5.24 37.66
C ALA A 125 15.47 5.09 38.96
N PRO A 126 15.40 3.92 39.69
CA PRO A 126 16.20 3.79 40.91
C PRO A 126 17.73 3.67 40.66
N LEU A 127 18.18 3.63 39.38
CA LEU A 127 19.62 3.56 39.02
C LEU A 127 20.40 4.83 39.30
N PHE A 128 19.73 5.90 39.79
CA PHE A 128 20.45 7.12 40.20
C PHE A 128 21.41 6.70 41.34
N GLN A 129 21.06 5.63 42.09
CA GLN A 129 21.93 5.18 43.17
C GLN A 129 23.07 4.21 42.75
N VAL A 130 23.26 3.95 41.45
CA VAL A 130 24.35 3.08 41.00
C VAL A 130 25.29 3.99 40.24
N ASP A 131 26.55 4.08 40.67
CA ASP A 131 27.58 4.92 40.07
C ASP A 131 28.26 4.18 38.89
N ALA A 132 28.41 2.83 39.03
CA ALA A 132 29.04 1.88 38.10
C ALA A 132 28.74 2.10 36.60
N LYS A 133 29.73 1.75 35.75
CA LYS A 133 29.61 1.87 34.30
C LYS A 133 29.86 0.53 33.54
N ASP A 134 28.90 0.07 32.72
CA ASP A 134 27.58 0.68 32.58
C ASP A 134 26.51 -0.30 33.04
N THR A 135 25.58 0.22 33.82
CA THR A 135 24.60 -0.54 34.56
C THR A 135 23.53 -1.18 33.66
N GLU A 136 23.16 -2.39 33.99
CA GLU A 136 22.13 -3.11 33.28
C GLU A 136 20.81 -2.68 33.96
N PRO A 137 19.78 -2.28 33.19
CA PRO A 137 18.48 -1.93 33.81
C PRO A 137 17.97 -3.02 34.73
N LEU A 138 17.24 -2.64 35.76
CA LEU A 138 16.73 -3.63 36.72
C LEU A 138 15.65 -4.50 36.05
N PRO A 139 15.58 -5.80 36.39
CA PRO A 139 14.50 -6.63 35.83
C PRO A 139 13.18 -6.19 36.50
N ASN A 140 12.09 -6.18 35.75
CA ASN A 140 10.78 -5.81 36.29
C ASN A 140 9.80 -6.90 35.79
N LEU A 141 8.99 -6.62 34.77
CA LEU A 141 8.13 -7.66 34.17
C LEU A 141 8.99 -8.72 33.45
N ALA A 142 10.16 -8.32 32.92
CA ALA A 142 11.18 -9.25 32.42
C ALA A 142 12.07 -9.57 33.64
N LYS A 143 12.00 -10.80 34.16
CA LYS A 143 12.78 -11.18 35.33
C LYS A 143 14.27 -11.43 35.03
N SER A 144 14.61 -11.84 33.80
CA SER A 144 16.00 -12.10 33.36
C SER A 144 16.09 -12.13 31.84
N TRP A 145 17.33 -12.10 31.33
CA TRP A 145 17.58 -12.10 29.89
C TRP A 145 19.00 -12.57 29.60
N GLU A 146 19.20 -13.14 28.40
CA GLU A 146 20.50 -13.67 27.98
C GLU A 146 20.78 -13.33 26.55
N TRP A 147 21.99 -12.87 26.28
CA TRP A 147 22.44 -12.54 24.92
C TRP A 147 23.06 -13.78 24.28
N SER A 148 22.83 -13.95 22.95
CA SER A 148 23.44 -15.03 22.17
C SER A 148 24.93 -14.70 22.06
N GLU A 149 25.75 -15.70 21.70
CA GLU A 149 27.20 -15.55 21.54
C GLU A 149 27.53 -14.47 20.51
N ASP A 150 26.81 -14.44 19.37
CA ASP A 150 27.01 -13.42 18.32
C ASP A 150 26.42 -12.02 18.67
N GLY A 151 25.60 -11.96 19.72
CA GLY A 151 25.00 -10.69 20.18
C GLY A 151 23.80 -10.14 19.45
N HIS A 152 23.26 -10.91 18.48
CA HIS A 152 22.09 -10.48 17.71
C HIS A 152 20.77 -10.92 18.35
N THR A 153 20.82 -11.92 19.23
CA THR A 153 19.61 -12.48 19.85
C THR A 153 19.57 -12.24 21.36
N LEU A 154 18.41 -11.76 21.85
CA LEU A 154 18.18 -11.53 23.26
C LEU A 154 16.97 -12.33 23.72
N THR A 155 17.21 -13.38 24.50
CA THR A 155 16.15 -14.23 25.05
C THR A 155 15.74 -13.59 26.39
N MET A 156 14.48 -13.22 26.51
CA MET A 156 13.94 -12.52 27.67
C MET A 156 12.89 -13.36 28.39
N HIS A 157 13.12 -13.60 29.68
CA HIS A 157 12.25 -14.41 30.53
C HIS A 157 11.38 -13.49 31.35
N LEU A 158 10.07 -13.76 31.39
CA LEU A 158 9.12 -12.91 32.11
C LEU A 158 8.83 -13.41 33.50
N VAL A 159 8.38 -12.49 34.39
CA VAL A 159 7.87 -12.89 35.72
C VAL A 159 6.80 -13.98 35.40
N LYS A 160 6.77 -15.07 36.17
CA LYS A 160 5.88 -16.20 35.86
C LYS A 160 4.86 -16.43 36.95
N GLY A 161 3.61 -16.41 36.57
CA GLY A 161 2.51 -16.63 37.52
C GLY A 161 1.97 -15.32 38.08
N ALA A 162 2.42 -14.16 37.55
CA ALA A 162 1.91 -12.86 37.99
C ALA A 162 0.58 -12.64 37.32
N LYS A 163 -0.29 -11.90 37.97
CA LYS A 163 -1.61 -11.61 37.46
C LYS A 163 -1.87 -10.11 37.40
N TRP A 164 -2.66 -9.70 36.40
CA TRP A 164 -3.20 -8.33 36.26
C TRP A 164 -4.10 -8.12 37.51
N SER A 165 -4.41 -6.86 37.84
CA SER A 165 -5.23 -6.54 39.01
C SER A 165 -6.64 -7.17 38.99
N ASP A 166 -7.13 -7.59 37.82
CA ASP A 166 -8.44 -8.25 37.68
C ASP A 166 -8.33 -9.81 37.80
N GLY A 167 -7.11 -10.31 38.06
CA GLY A 167 -6.85 -11.74 38.22
C GLY A 167 -6.46 -12.53 36.97
N GLU A 168 -6.48 -11.87 35.80
CA GLU A 168 -6.08 -12.49 34.53
C GLU A 168 -4.53 -12.64 34.50
N ALA A 169 -4.01 -13.72 33.94
CA ALA A 169 -2.57 -13.98 33.88
C ALA A 169 -1.80 -12.94 33.05
N PHE A 170 -0.65 -12.47 33.59
CA PHE A 170 0.26 -11.61 32.84
C PHE A 170 1.22 -12.64 32.16
N ASN A 171 1.40 -12.55 30.85
CA ASN A 171 2.30 -13.46 30.12
C ASN A 171 2.72 -12.85 28.77
N ALA A 172 3.46 -13.63 27.96
CA ALA A 172 3.97 -13.20 26.64
C ALA A 172 2.92 -12.58 25.70
N ASP A 173 1.61 -12.98 25.81
CA ASP A 173 0.53 -12.40 24.97
C ASP A 173 0.38 -10.88 25.17
N ASP A 174 0.58 -10.38 26.39
CA ASP A 174 0.50 -8.95 26.71
C ASP A 174 1.70 -8.23 26.08
N VAL A 175 2.88 -8.86 26.17
CA VAL A 175 4.12 -8.33 25.61
C VAL A 175 3.97 -8.23 24.09
N MET A 176 3.54 -9.34 23.45
CA MET A 176 3.36 -9.40 22.00
C MET A 176 2.31 -8.44 21.47
N PHE A 177 1.17 -8.27 22.20
CA PHE A 177 0.13 -7.33 21.80
C PHE A 177 0.68 -5.91 21.77
N TYR A 178 1.45 -5.54 22.80
CA TYR A 178 2.07 -4.20 22.82
C TYR A 178 3.02 -4.00 21.63
N TRP A 179 3.94 -4.96 21.43
CA TRP A 179 4.89 -4.90 20.33
C TRP A 179 4.22 -4.84 18.95
N GLU A 180 3.38 -5.84 18.64
CA GLU A 180 2.76 -5.92 17.32
C GLU A 180 1.70 -4.87 17.05
N ASP A 181 0.76 -4.70 17.97
CA ASP A 181 -0.43 -3.88 17.77
C ASP A 181 -0.36 -2.48 18.36
N ALA A 182 0.73 -2.12 19.06
CA ALA A 182 0.90 -0.73 19.54
C ALA A 182 2.16 -0.12 18.95
N VAL A 183 3.31 -0.81 19.05
CA VAL A 183 4.60 -0.32 18.51
C VAL A 183 4.68 -0.44 16.98
N VAL A 184 4.65 -1.69 16.46
CA VAL A 184 4.78 -1.95 15.02
C VAL A 184 3.62 -1.30 14.23
N ASP A 185 2.39 -1.34 14.76
CA ASP A 185 1.20 -0.76 14.12
C ASP A 185 1.40 0.75 13.90
N PRO A 186 1.49 1.26 12.64
CA PRO A 186 1.77 2.71 12.45
C PRO A 186 0.65 3.66 12.88
N ASN A 187 -0.56 3.12 13.11
CA ASN A 187 -1.74 3.89 13.50
C ASN A 187 -1.95 4.05 14.99
N VAL A 188 -1.02 3.50 15.79
CA VAL A 188 -1.07 3.58 17.25
C VAL A 188 0.21 4.25 17.70
N SER A 189 0.11 5.20 18.65
CA SER A 189 1.28 5.91 19.16
C SER A 189 1.22 5.91 20.69
N PRO A 190 2.02 5.07 21.37
CA PRO A 190 1.99 5.05 22.85
C PRO A 190 2.31 6.42 23.45
N LEU A 191 1.84 6.67 24.67
CA LEU A 191 2.02 7.96 25.33
C LEU A 191 3.48 8.37 25.48
N GLY A 192 3.79 9.64 25.20
CA GLY A 192 5.14 10.16 25.34
C GLY A 192 5.88 10.60 24.10
N GLY A 193 5.35 10.24 22.91
CA GLY A 193 5.92 10.60 21.61
C GLY A 193 7.02 9.69 21.09
N GLY A 194 7.36 8.65 21.85
CA GLY A 194 8.38 7.67 21.50
C GLY A 194 7.77 6.35 21.07
N ALA A 195 8.49 5.25 21.37
CA ALA A 195 8.05 3.87 21.10
C ALA A 195 7.72 3.60 19.62
N SER A 196 8.49 4.20 18.69
CA SER A 196 8.38 3.87 17.27
C SER A 196 9.17 2.54 17.14
N PRO A 197 8.97 1.69 16.10
CA PRO A 197 9.75 0.43 16.01
C PRO A 197 11.27 0.66 16.01
N GLU A 198 11.75 1.72 15.34
CA GLU A 198 13.17 2.04 15.21
C GLU A 198 13.82 2.52 16.53
N ALA A 199 13.02 2.86 17.56
CA ALA A 199 13.53 3.20 18.89
C ALA A 199 14.21 1.95 19.50
N PHE A 200 13.84 0.76 19.01
CA PHE A 200 14.38 -0.52 19.46
C PHE A 200 15.42 -1.07 18.46
N GLY A 201 15.83 -0.24 17.49
CA GLY A 201 16.79 -0.61 16.46
C GLY A 201 16.13 -0.83 15.11
N GLU A 202 16.75 -0.34 14.03
CA GLU A 202 16.21 -0.50 12.69
C GLU A 202 16.16 -1.99 12.33
N GLY A 203 14.97 -2.47 11.98
CA GLY A 203 14.75 -3.86 11.60
C GLY A 203 14.65 -4.84 12.75
N THR A 204 14.63 -4.34 14.02
CA THR A 204 14.48 -5.22 15.19
C THR A 204 13.17 -5.98 15.13
N THR A 205 13.19 -7.26 15.49
CA THR A 205 11.99 -8.08 15.56
C THR A 205 11.88 -8.68 16.96
N LEU A 206 10.65 -9.01 17.35
CA LEU A 206 10.35 -9.65 18.62
C LEU A 206 9.41 -10.80 18.33
N LYS A 207 9.66 -11.97 18.94
CA LYS A 207 8.80 -13.13 18.77
C LYS A 207 8.56 -13.87 20.08
N LYS A 208 7.44 -14.57 20.17
CA LYS A 208 7.05 -15.35 21.33
C LYS A 208 7.68 -16.75 21.24
N ILE A 209 8.43 -17.14 22.29
CA ILE A 209 9.03 -18.48 22.38
C ILE A 209 8.02 -19.40 23.05
N ASP A 210 7.52 -18.97 24.23
CA ASP A 210 6.46 -19.65 24.98
C ASP A 210 5.73 -18.59 25.81
N ASP A 211 4.80 -19.00 26.68
CA ASP A 211 4.02 -18.06 27.49
C ASP A 211 4.84 -17.15 28.37
N TYR A 212 6.08 -17.53 28.73
CA TYR A 212 6.90 -16.69 29.62
C TYR A 212 8.26 -16.35 29.05
N THR A 213 8.40 -16.45 27.71
CA THR A 213 9.66 -16.18 27.03
C THR A 213 9.44 -15.52 25.69
N VAL A 214 10.18 -14.44 25.47
CA VAL A 214 10.18 -13.70 24.21
C VAL A 214 11.62 -13.58 23.71
N GLU A 215 11.78 -13.39 22.40
CA GLU A 215 13.10 -13.34 21.80
C GLU A 215 13.22 -12.13 20.88
N TRP A 216 14.18 -11.26 21.16
CA TRP A 216 14.47 -10.09 20.31
C TRP A 216 15.57 -10.47 19.33
N THR A 217 15.49 -9.94 18.10
CA THR A 217 16.54 -10.12 17.08
C THR A 217 16.94 -8.73 16.64
N PHE A 218 18.22 -8.39 16.79
CA PHE A 218 18.76 -7.09 16.43
C PHE A 218 19.71 -7.17 15.23
N LYS A 219 19.73 -6.12 14.40
CA LYS A 219 20.63 -6.01 13.27
C LYS A 219 22.07 -5.81 13.80
N ALA A 220 22.23 -4.92 14.81
CA ALA A 220 23.54 -4.69 15.42
C ALA A 220 23.87 -5.81 16.44
N ALA A 221 25.16 -6.00 16.74
CA ALA A 221 25.62 -6.98 17.73
C ALA A 221 25.69 -6.28 19.09
N PHE A 222 25.18 -6.95 20.14
CA PHE A 222 25.13 -6.42 21.51
C PHE A 222 24.62 -4.94 21.63
N PRO A 223 23.44 -4.54 21.08
CA PRO A 223 22.96 -3.17 21.32
C PRO A 223 22.25 -3.11 22.68
N LYS A 224 23.06 -3.31 23.75
CA LYS A 224 22.61 -3.40 25.15
C LYS A 224 21.85 -2.17 25.64
N GLN A 225 22.05 -1.02 24.97
CA GLN A 225 21.36 0.21 25.34
C GLN A 225 19.82 0.09 25.20
N TYR A 226 19.32 -0.84 24.34
CA TYR A 226 17.89 -1.06 24.12
C TYR A 226 17.21 -1.61 25.34
N LEU A 227 17.96 -2.20 26.28
CA LEU A 227 17.34 -2.63 27.54
C LEU A 227 16.72 -1.44 28.30
N TYR A 228 17.34 -0.24 28.16
CA TYR A 228 16.83 0.99 28.78
C TYR A 228 15.53 1.41 28.11
N THR A 229 15.43 1.21 26.78
CA THR A 229 14.24 1.52 25.99
C THR A 229 13.06 0.63 26.40
N MET A 230 13.37 -0.52 27.04
CA MET A 230 12.34 -1.44 27.51
C MET A 230 11.76 -1.03 28.89
N ALA A 231 12.23 0.11 29.43
CA ALA A 231 11.70 0.64 30.69
C ALA A 231 10.67 1.75 30.36
N TYR A 232 10.22 2.51 31.38
CA TYR A 232 9.26 3.61 31.19
C TYR A 232 9.94 4.73 30.36
N PRO A 233 9.27 5.37 29.37
CA PRO A 233 7.86 5.20 28.97
C PRO A 233 7.59 4.26 27.79
N SER A 234 8.66 3.72 27.16
CA SER A 234 8.61 3.03 25.88
C SER A 234 8.16 1.56 25.85
N PHE A 235 8.11 0.83 26.98
CA PHE A 235 7.63 -0.57 26.87
C PHE A 235 6.83 -0.93 28.10
N CYS A 236 5.62 -0.41 28.17
CA CYS A 236 4.75 -0.62 29.31
C CYS A 236 3.47 -1.28 28.84
N PRO A 237 3.51 -2.63 28.81
CA PRO A 237 2.37 -3.36 28.20
C PRO A 237 1.05 -3.10 28.90
N GLY A 238 -0.01 -3.16 28.10
CA GLY A 238 -1.37 -2.96 28.57
C GLY A 238 -2.09 -4.29 28.70
N PRO A 239 -3.28 -4.30 29.36
CA PRO A 239 -4.00 -5.58 29.53
C PRO A 239 -4.61 -6.03 28.18
N SER A 240 -3.92 -6.92 27.45
CA SER A 240 -4.38 -7.34 26.11
C SER A 240 -5.77 -7.97 26.10
N HIS A 241 -6.19 -8.68 27.17
CA HIS A 241 -7.53 -9.30 27.20
C HIS A 241 -8.67 -8.26 27.14
N ILE A 242 -8.39 -7.03 27.59
CA ILE A 242 -9.32 -5.88 27.64
C ILE A 242 -9.16 -4.99 26.39
N LEU A 243 -7.90 -4.72 25.99
CA LEU A 243 -7.57 -3.86 24.87
C LEU A 243 -7.76 -4.48 23.49
N LYS A 244 -7.28 -5.73 23.31
CA LYS A 244 -7.35 -6.46 22.04
C LYS A 244 -8.78 -6.46 21.42
N PRO A 245 -9.88 -6.78 22.16
CA PRO A 245 -11.23 -6.75 21.54
C PRO A 245 -11.67 -5.36 21.05
N GLN A 246 -10.94 -4.27 21.42
CA GLN A 246 -11.26 -2.90 20.98
C GLN A 246 -10.36 -2.42 19.85
N HIS A 247 -9.27 -3.16 19.59
CA HIS A 247 -8.30 -2.82 18.54
C HIS A 247 -8.91 -3.04 17.13
N PRO A 248 -8.69 -2.11 16.16
CA PRO A 248 -9.25 -2.27 14.79
C PRO A 248 -8.91 -3.56 14.04
N LYS A 249 -7.79 -4.23 14.40
CA LYS A 249 -7.39 -5.47 13.73
C LYS A 249 -8.31 -6.66 14.12
N TYR A 250 -8.95 -6.56 15.30
CA TYR A 250 -9.78 -7.62 15.90
C TYR A 250 -11.23 -7.20 16.15
N SER A 251 -11.64 -6.05 15.59
CA SER A 251 -13.01 -5.52 15.76
C SER A 251 -13.35 -4.56 14.63
N LYS A 252 -14.57 -4.00 14.65
CA LYS A 252 -15.00 -3.02 13.66
C LYS A 252 -14.69 -1.58 14.10
N ASN A 253 -14.01 -1.42 15.25
CA ASN A 253 -13.63 -0.09 15.76
C ASN A 253 -12.64 0.59 14.84
N THR A 254 -12.69 1.94 14.80
CA THR A 254 -11.69 2.74 14.09
C THR A 254 -10.53 2.88 15.11
N TYR A 255 -9.39 3.44 14.69
CA TYR A 255 -8.26 3.68 15.62
C TYR A 255 -8.62 4.71 16.67
N ASN A 256 -9.45 5.72 16.30
CA ASN A 256 -9.91 6.73 17.27
C ASN A 256 -10.85 6.09 18.35
N GLN A 257 -11.66 5.11 17.96
CA GLN A 257 -12.55 4.40 18.88
C GLN A 257 -11.73 3.50 19.81
N PHE A 258 -10.69 2.83 19.28
CA PHE A 258 -9.79 2.01 20.11
C PHE A 258 -9.13 2.92 21.17
N LYS A 259 -8.53 4.04 20.73
CA LYS A 259 -7.83 5.00 21.61
C LYS A 259 -8.72 5.50 22.76
N ASN A 260 -10.00 5.78 22.46
CA ASN A 260 -10.99 6.37 23.38
C ASN A 260 -11.94 5.37 24.05
N ALA A 261 -11.72 4.05 23.89
CA ALA A 261 -12.63 3.01 24.43
C ALA A 261 -12.72 2.96 25.97
N PHE A 262 -11.73 3.52 26.67
CA PHE A 262 -11.65 3.50 28.14
C PHE A 262 -11.56 4.92 28.71
N PRO A 263 -12.70 5.66 28.74
CA PRO A 263 -12.69 7.05 29.25
C PRO A 263 -12.36 7.14 30.74
N PRO A 264 -12.06 8.34 31.29
CA PRO A 264 -11.67 8.42 32.71
C PRO A 264 -12.68 7.84 33.68
N GLU A 265 -13.98 7.88 33.33
CA GLU A 265 -15.09 7.36 34.14
C GLU A 265 -15.07 5.82 34.28
N TYR A 266 -14.40 5.13 33.35
CA TYR A 266 -14.25 3.66 33.35
C TYR A 266 -13.33 3.30 34.52
N MET A 267 -13.88 2.62 35.53
CA MET A 267 -13.17 2.27 36.74
C MET A 267 -12.50 0.90 36.73
N ASN A 268 -11.49 0.73 37.57
CA ASN A 268 -10.78 -0.53 37.79
C ASN A 268 -10.08 -1.07 36.57
N MET A 269 -9.56 -0.18 35.70
CA MET A 269 -8.82 -0.61 34.51
C MET A 269 -7.70 -1.58 34.97
N PRO A 270 -7.63 -2.82 34.42
CA PRO A 270 -6.57 -3.76 34.88
C PRO A 270 -5.15 -3.24 34.67
N VAL A 271 -4.30 -3.40 35.70
CA VAL A 271 -2.91 -2.91 35.71
C VAL A 271 -1.99 -3.95 36.34
N MET A 272 -0.66 -3.80 36.07
CA MET A 272 0.39 -4.60 36.72
C MET A 272 0.98 -3.74 37.88
N GLY A 273 0.49 -2.50 38.03
CA GLY A 273 0.97 -1.56 39.05
C GLY A 273 0.50 -1.83 40.46
N ALA A 274 1.03 -1.07 41.43
CA ALA A 274 0.73 -1.28 42.84
C ALA A 274 -0.69 -0.90 43.29
N TRP A 275 -1.31 0.08 42.61
CA TRP A 275 -2.65 0.58 42.96
C TRP A 275 -3.50 0.69 41.67
N VAL A 276 -4.81 0.56 41.83
CA VAL A 276 -5.75 0.54 40.70
C VAL A 276 -6.75 1.74 40.83
N PRO A 277 -7.11 2.44 39.72
CA PRO A 277 -8.09 3.55 39.83
C PRO A 277 -9.46 3.04 40.23
N VAL A 278 -10.00 3.57 41.33
CA VAL A 278 -11.32 3.14 41.84
C VAL A 278 -12.37 4.28 41.88
N SER A 279 -11.90 5.54 41.78
CA SER A 279 -12.81 6.70 41.83
C SER A 279 -12.21 7.84 41.05
N TYR A 280 -13.10 8.60 40.39
CA TYR A 280 -12.72 9.76 39.59
C TYR A 280 -13.83 10.80 39.63
N ARG A 281 -13.47 12.02 40.02
CA ARG A 281 -14.39 13.17 39.97
C ARG A 281 -13.71 14.20 39.10
N PRO A 282 -14.34 14.57 37.95
CA PRO A 282 -13.70 15.54 37.04
C PRO A 282 -13.22 16.83 37.71
N ASP A 283 -12.02 17.29 37.34
CA ASP A 283 -11.35 18.50 37.86
C ASP A 283 -11.24 18.50 39.39
N ASP A 284 -11.26 17.30 39.99
CA ASP A 284 -11.18 17.22 41.43
C ASP A 284 -10.17 16.20 41.90
N LEU A 285 -10.43 14.89 41.69
CA LEU A 285 -9.60 13.85 42.30
C LEU A 285 -9.71 12.51 41.61
N ILE A 286 -8.61 11.75 41.66
CA ILE A 286 -8.54 10.35 41.24
C ILE A 286 -8.05 9.62 42.49
N VAL A 287 -8.71 8.52 42.84
CA VAL A 287 -8.31 7.71 44.00
C VAL A 287 -7.95 6.33 43.47
N LEU A 288 -6.81 5.81 43.95
CA LEU A 288 -6.35 4.47 43.63
C LEU A 288 -6.30 3.67 44.91
N ARG A 289 -6.68 2.40 44.81
CA ARG A 289 -6.62 1.45 45.93
C ARG A 289 -5.62 0.35 45.64
N ARG A 290 -4.98 -0.23 46.69
CA ARG A 290 -3.99 -1.32 46.56
C ARG A 290 -4.45 -2.48 45.64
N ASN A 291 -3.56 -2.94 44.78
CA ASN A 291 -3.82 -4.05 43.84
C ASN A 291 -3.60 -5.36 44.62
N PRO A 292 -4.65 -6.18 44.84
CA PRO A 292 -4.46 -7.44 45.60
C PRO A 292 -3.66 -8.51 44.86
N TYR A 293 -3.42 -8.31 43.54
CA TYR A 293 -2.61 -9.23 42.75
C TYR A 293 -1.20 -8.70 42.54
N TYR A 294 -0.78 -7.62 43.28
CA TYR A 294 0.57 -7.10 43.11
C TYR A 294 1.60 -8.19 43.39
N TRP A 295 2.60 -8.25 42.53
CA TRP A 295 3.56 -9.34 42.41
C TRP A 295 4.94 -9.04 43.00
N LYS A 296 4.97 -8.04 43.89
CA LYS A 296 6.19 -7.60 44.57
C LYS A 296 6.01 -7.73 46.07
N VAL A 297 7.05 -8.28 46.74
CA VAL A 297 7.03 -8.50 48.19
C VAL A 297 8.31 -7.97 48.85
N ASP A 298 8.29 -7.83 50.19
CA ASP A 298 9.56 -7.54 50.87
C ASP A 298 10.19 -8.89 51.33
N GLU A 299 11.37 -8.85 51.93
CA GLU A 299 12.10 -10.05 52.38
C GLU A 299 11.42 -10.80 53.51
N LYS A 300 10.50 -10.14 54.23
CA LYS A 300 9.71 -10.81 55.27
C LYS A 300 8.44 -11.49 54.69
N GLY A 301 8.23 -11.37 53.38
CA GLY A 301 7.07 -11.97 52.69
C GLY A 301 5.85 -11.06 52.64
N GLN A 302 6.00 -9.81 53.07
CA GLN A 302 4.85 -8.88 53.03
C GLN A 302 4.59 -8.40 51.63
N GLN A 303 3.38 -8.67 51.14
CA GLN A 303 2.98 -8.22 49.82
C GLN A 303 2.92 -6.68 49.77
N LEU A 304 3.60 -6.09 48.80
CA LEU A 304 3.56 -4.64 48.62
C LEU A 304 2.28 -4.21 47.84
N PRO A 305 1.94 -2.90 47.77
CA PRO A 305 2.56 -1.74 48.44
C PRO A 305 2.28 -1.75 49.93
N TYR A 306 3.05 -0.92 50.71
CA TYR A 306 2.72 -0.78 52.12
C TYR A 306 1.51 0.17 52.25
N LEU A 307 1.52 1.27 51.46
CA LEU A 307 0.44 2.29 51.43
C LEU A 307 -0.82 1.68 50.78
N ASN A 308 -1.98 1.81 51.43
CA ASN A 308 -3.21 1.24 50.91
C ASN A 308 -3.86 2.03 49.77
N GLU A 309 -3.56 3.32 49.73
CA GLU A 309 -4.28 4.22 48.82
C GLU A 309 -3.37 5.33 48.29
N VAL A 310 -3.70 5.84 47.09
CA VAL A 310 -2.97 6.93 46.46
C VAL A 310 -4.04 7.92 45.89
N HIS A 311 -3.84 9.21 46.16
CA HIS A 311 -4.74 10.25 45.63
C HIS A 311 -3.98 11.09 44.64
N TYR A 312 -4.70 11.57 43.62
CA TYR A 312 -4.15 12.56 42.67
C TYR A 312 -5.19 13.65 42.62
N LYS A 313 -4.93 14.73 43.36
CA LYS A 313 -5.78 15.92 43.38
C LYS A 313 -5.55 16.63 42.05
N LEU A 314 -6.62 16.95 41.33
CA LEU A 314 -6.52 17.60 40.02
C LEU A 314 -6.55 19.08 40.22
N SER A 315 -5.37 19.70 40.10
CA SER A 315 -5.18 21.11 40.39
C SER A 315 -4.24 21.73 39.34
N THR A 316 -3.22 22.49 39.78
CA THR A 316 -2.18 23.06 38.90
C THR A 316 -0.79 22.52 39.34
N TRP A 317 0.24 22.64 38.45
CA TRP A 317 1.60 22.23 38.80
C TRP A 317 2.17 23.13 39.92
N ALA A 318 1.86 24.44 39.91
CA ALA A 318 2.35 25.35 40.97
C ALA A 318 1.67 25.01 42.34
N ASP A 319 0.41 24.54 42.31
CA ASP A 319 -0.29 24.17 43.55
C ASP A 319 0.33 22.93 44.19
N ARG A 320 0.98 22.06 43.39
CA ARG A 320 1.66 20.86 43.94
C ARG A 320 2.74 21.29 44.92
N ASP A 321 3.52 22.33 44.58
CA ASP A 321 4.58 22.89 45.46
C ASP A 321 3.97 23.45 46.72
N VAL A 322 2.91 24.26 46.56
CA VAL A 322 2.19 24.92 47.65
C VAL A 322 1.68 23.89 48.64
N GLN A 323 0.97 22.86 48.14
CA GLN A 323 0.39 21.83 49.01
C GLN A 323 1.43 20.97 49.71
N ALA A 324 2.55 20.65 49.02
CA ALA A 324 3.60 19.83 49.62
C ALA A 324 4.28 20.56 50.79
N VAL A 325 4.62 21.84 50.63
CA VAL A 325 5.26 22.60 51.74
C VAL A 325 4.24 22.90 52.87
N ALA A 326 2.94 22.99 52.56
CA ALA A 326 1.89 23.23 53.57
C ALA A 326 1.56 21.96 54.34
N GLY A 327 1.78 20.80 53.72
CA GLY A 327 1.52 19.50 54.31
C GLY A 327 0.22 18.83 53.95
N SER A 328 -0.55 19.40 53.00
CA SER A 328 -1.83 18.85 52.52
C SER A 328 -1.61 17.93 51.33
N GLY A 329 -0.45 18.07 50.68
CA GLY A 329 0.05 17.22 49.62
C GLY A 329 1.31 16.56 50.17
N ASP A 330 1.62 15.36 49.71
CA ASP A 330 2.75 14.64 50.29
C ASP A 330 4.05 14.64 49.48
N PHE A 331 3.98 15.12 48.24
CA PHE A 331 5.10 15.01 47.33
C PHE A 331 5.06 16.11 46.30
N SER A 332 6.24 16.62 45.92
CA SER A 332 6.37 17.56 44.80
C SER A 332 7.78 17.51 44.22
N ASN A 333 7.86 17.73 42.90
CA ASN A 333 9.11 17.99 42.20
C ASN A 333 9.12 19.50 42.02
N LEU A 334 9.90 20.18 42.85
CA LEU A 334 10.06 21.64 42.80
C LEU A 334 10.97 21.89 41.62
N GLU A 335 10.37 22.26 40.49
CA GLU A 335 11.08 22.35 39.19
C GLU A 335 10.84 23.64 38.43
N GLN A 336 10.11 24.59 39.04
CA GLN A 336 9.84 25.91 38.44
C GLN A 336 10.54 26.96 39.32
N PRO A 337 11.65 27.57 38.82
CA PRO A 337 12.45 28.48 39.68
C PRO A 337 11.67 29.65 40.31
N GLU A 338 10.57 30.05 39.69
CA GLU A 338 9.67 31.09 40.18
C GLU A 338 9.03 30.69 41.53
N ASN A 339 8.98 29.36 41.85
CA ASN A 339 8.44 28.84 43.10
C ASN A 339 9.54 28.50 44.14
N PHE A 340 10.85 28.65 43.78
CA PHE A 340 11.95 28.27 44.67
C PHE A 340 12.02 29.03 46.00
N VAL A 341 12.00 30.36 45.93
CA VAL A 341 12.13 31.23 47.13
C VAL A 341 11.00 30.98 48.15
N ALA A 342 9.73 31.02 47.71
CA ALA A 342 8.58 30.78 48.59
C ALA A 342 8.62 29.38 49.21
N SER A 343 9.02 28.35 48.41
CA SER A 343 9.13 26.98 48.91
C SER A 343 10.25 26.84 49.93
N LEU A 344 11.42 27.45 49.67
CA LEU A 344 12.57 27.42 50.58
C LEU A 344 12.24 28.10 51.90
N LYS A 345 11.47 29.19 51.85
CA LYS A 345 11.05 29.93 53.04
C LYS A 345 10.20 29.03 53.95
N ARG A 346 9.19 28.35 53.37
CA ARG A 346 8.30 27.44 54.11
C ARG A 346 9.04 26.24 54.67
N ALA A 347 10.01 25.71 53.90
CA ALA A 347 10.83 24.56 54.27
C ALA A 347 11.86 24.85 55.35
N ALA A 348 12.24 26.14 55.50
CA ALA A 348 13.21 26.62 56.48
C ALA A 348 12.72 26.51 57.91
N ASP A 349 11.40 26.40 58.13
CA ASP A 349 10.81 26.28 59.46
C ASP A 349 11.09 24.86 60.01
N PRO A 350 11.71 24.69 61.20
CA PRO A 350 11.96 23.33 61.73
C PRO A 350 10.69 22.50 61.95
N ASN A 351 9.54 23.19 62.16
CA ASN A 351 8.24 22.52 62.32
C ASN A 351 7.58 22.20 60.96
N ALA A 352 8.29 22.43 59.83
CA ALA A 352 7.75 22.18 58.49
C ALA A 352 7.34 20.75 58.34
N PRO A 353 6.18 20.48 57.72
CA PRO A 353 5.76 19.07 57.56
C PRO A 353 6.58 18.29 56.52
N ALA A 354 7.32 18.99 55.66
CA ALA A 354 8.05 18.35 54.59
C ALA A 354 9.52 18.73 54.52
N ARG A 355 10.31 17.84 53.94
CA ARG A 355 11.74 17.98 53.73
C ARG A 355 11.96 18.32 52.25
N LEU A 356 12.87 19.26 51.98
CA LEU A 356 13.20 19.75 50.64
C LEU A 356 14.69 19.53 50.41
N ALA A 357 15.06 18.97 49.24
CA ALA A 357 16.48 18.71 48.95
C ALA A 357 16.79 18.86 47.48
N PHE A 358 17.66 19.84 47.13
CA PHE A 358 18.10 20.05 45.75
C PHE A 358 19.06 18.95 45.28
N GLY A 359 19.07 18.67 43.98
CA GLY A 359 19.98 17.69 43.40
C GLY A 359 20.90 18.34 42.37
N PRO A 360 21.54 17.59 41.44
CA PRO A 360 22.40 18.24 40.43
C PRO A 360 21.57 19.04 39.42
N ARG A 361 22.24 19.84 38.56
CA ARG A 361 21.54 20.64 37.55
C ARG A 361 21.16 19.74 36.40
N LEU A 362 19.98 19.15 36.49
CA LEU A 362 19.49 18.23 35.47
C LEU A 362 18.20 18.71 34.80
N ILE A 363 17.68 19.88 35.20
CA ILE A 363 16.48 20.46 34.58
C ILE A 363 16.97 21.47 33.55
N GLY A 364 16.71 21.19 32.28
CA GLY A 364 17.13 22.07 31.20
C GLY A 364 15.99 22.35 30.24
N TYR A 365 16.07 23.49 29.54
CA TYR A 365 15.10 23.89 28.54
C TYR A 365 15.84 24.21 27.27
N ASN A 366 15.27 23.75 26.15
CA ASN A 366 15.80 24.06 24.83
C ASN A 366 14.72 24.66 23.94
N LEU A 367 15.17 25.49 23.01
CA LEU A 367 14.40 25.97 21.91
C LEU A 367 14.70 24.88 20.83
N GLN A 368 13.66 24.24 20.34
CA GLN A 368 13.76 23.21 19.28
C GLN A 368 13.15 23.76 18.01
N MET A 369 13.89 23.66 16.91
CA MET A 369 13.47 24.12 15.60
C MET A 369 13.09 22.90 14.74
N ASN A 370 11.97 23.00 14.02
CA ASN A 370 11.52 21.94 13.08
C ASN A 370 12.46 21.90 11.86
N PHE A 371 13.26 20.81 11.72
CA PHE A 371 14.23 20.66 10.62
C PHE A 371 13.70 19.92 9.37
N SER A 372 12.43 19.50 9.39
CA SER A 372 11.85 18.77 8.26
C SER A 372 11.50 19.68 7.07
N ALA A 373 12.19 19.53 5.96
CA ALA A 373 11.87 20.31 4.75
C ALA A 373 11.15 19.41 3.74
N ASN A 374 10.82 18.17 4.15
CA ASN A 374 10.15 17.20 3.27
C ASN A 374 8.69 16.87 3.67
N GLY A 375 8.01 17.79 4.36
CA GLY A 375 6.58 17.65 4.64
C GLY A 375 6.06 17.26 6.02
N TRP A 376 6.92 17.09 7.03
CA TRP A 376 6.41 16.76 8.38
C TRP A 376 5.52 17.89 8.89
N GLY A 377 4.28 17.56 9.22
CA GLY A 377 3.27 18.52 9.67
C GLY A 377 2.57 19.25 8.54
N ASN A 378 2.85 18.84 7.27
CA ASN A 378 2.26 19.40 6.05
C ASN A 378 2.25 20.96 6.10
N PRO A 379 3.44 21.62 6.22
CA PRO A 379 3.43 23.09 6.32
C PRO A 379 2.95 23.81 5.06
N ASP A 380 2.41 25.02 5.24
CA ASP A 380 2.00 25.88 4.12
C ASP A 380 3.28 26.58 3.60
N GLU A 381 3.14 27.51 2.63
CA GLU A 381 4.27 28.25 2.05
C GLU A 381 5.11 28.98 3.12
N ARG A 382 4.44 29.64 4.09
CA ARG A 382 5.09 30.36 5.20
C ARG A 382 5.90 29.36 6.07
N GLY A 383 5.25 28.26 6.49
CA GLY A 383 5.85 27.19 7.29
C GLY A 383 7.08 26.61 6.62
N GLN A 384 6.98 26.27 5.30
CA GLN A 384 8.09 25.72 4.53
C GLN A 384 9.31 26.66 4.49
N ALA A 385 9.09 27.99 4.28
CA ALA A 385 10.18 28.99 4.27
C ALA A 385 10.91 29.02 5.66
N ILE A 386 10.18 28.83 6.76
CA ILE A 386 10.75 28.77 8.11
C ILE A 386 11.60 27.49 8.28
N ARG A 387 11.15 26.33 7.72
CA ARG A 387 11.92 25.08 7.79
C ARG A 387 13.26 25.30 7.07
N GLU A 388 13.24 26.02 5.93
CA GLU A 388 14.43 26.35 5.17
C GLU A 388 15.39 27.25 5.99
N LEU A 389 14.85 28.24 6.72
CA LEU A 389 15.69 29.10 7.60
C LEU A 389 16.27 28.28 8.75
N ASN A 390 15.44 27.43 9.37
CA ASN A 390 15.85 26.56 10.46
C ASN A 390 17.05 25.68 10.08
N ARG A 391 17.06 25.13 8.85
CA ARG A 391 18.12 24.27 8.31
C ARG A 391 19.38 25.03 7.92
N ASN A 392 19.32 26.36 7.88
CA ASN A 392 20.46 27.21 7.53
C ASN A 392 21.32 27.42 8.80
N GLU A 393 22.57 26.93 8.81
CA GLU A 393 23.42 27.03 9.99
C GLU A 393 23.71 28.47 10.44
N VAL A 394 23.82 29.44 9.49
CA VAL A 394 24.08 30.84 9.82
C VAL A 394 22.87 31.42 10.60
N PHE A 395 21.65 31.06 10.17
CA PHE A 395 20.42 31.45 10.87
C PHE A 395 20.46 30.95 12.31
N ARG A 396 20.78 29.65 12.52
CA ARG A 396 20.83 29.07 13.87
C ARG A 396 21.88 29.76 14.75
N GLN A 397 23.06 30.05 14.18
CA GLN A 397 24.16 30.74 14.87
C GLN A 397 23.73 32.12 15.32
N ALA A 398 22.95 32.84 14.46
CA ALA A 398 22.45 34.16 14.79
C ALA A 398 21.44 34.07 15.97
N VAL A 399 20.49 33.14 15.90
CA VAL A 399 19.48 32.94 16.95
C VAL A 399 20.15 32.69 18.32
N THR A 400 21.07 31.73 18.38
CA THR A 400 21.73 31.41 19.65
C THR A 400 22.60 32.57 20.17
N SER A 401 23.25 33.31 19.26
CA SER A 401 24.14 34.43 19.63
C SER A 401 23.36 35.65 20.13
N ALA A 402 22.07 35.77 19.72
CA ALA A 402 21.18 36.85 20.12
C ALA A 402 20.60 36.63 21.53
N LEU A 403 20.84 35.45 22.13
CA LEU A 403 20.32 35.15 23.45
C LEU A 403 21.29 35.59 24.55
N ASP A 404 20.80 36.42 25.48
CA ASP A 404 21.60 36.84 26.63
C ASP A 404 21.24 35.83 27.70
N ARG A 405 22.01 34.73 27.74
CA ARG A 405 21.74 33.60 28.64
C ARG A 405 21.81 33.95 30.13
N LYS A 406 22.66 34.90 30.53
CA LYS A 406 22.72 35.35 31.93
C LYS A 406 21.37 35.96 32.33
N ALA A 407 20.80 36.81 31.45
CA ALA A 407 19.49 37.47 31.65
C ALA A 407 18.37 36.44 31.70
N ILE A 408 18.44 35.38 30.86
CA ILE A 408 17.43 34.32 30.86
C ILE A 408 17.36 33.68 32.25
N GLY A 409 18.52 33.22 32.76
CA GLY A 409 18.59 32.62 34.09
C GLY A 409 18.09 33.54 35.20
N ASP A 410 18.53 34.82 35.17
CA ASP A 410 18.11 35.84 36.14
C ASP A 410 16.61 36.15 36.10
N SER A 411 15.95 35.98 34.94
CA SER A 411 14.51 36.22 34.78
C SER A 411 13.68 35.12 35.50
N LEU A 412 14.30 33.95 35.74
CA LEU A 412 13.64 32.84 36.41
C LEU A 412 13.81 32.89 37.94
N VAL A 413 15.08 33.03 38.40
CA VAL A 413 15.48 33.11 39.81
C VAL A 413 16.90 33.63 39.89
N LYS A 414 17.21 34.42 40.94
CA LYS A 414 18.56 34.90 41.17
C LYS A 414 19.27 33.92 42.11
N GLY A 415 20.57 34.07 42.26
CA GLY A 415 21.35 33.17 43.08
C GLY A 415 22.13 32.12 42.31
N PRO A 416 22.59 31.03 42.98
CA PRO A 416 23.45 30.05 42.30
C PRO A 416 22.76 28.93 41.51
N PHE A 417 21.43 29.00 41.38
CA PHE A 417 20.65 27.95 40.72
C PHE A 417 20.96 27.73 39.23
N THR A 418 20.76 28.76 38.41
CA THR A 418 20.92 28.65 36.95
C THR A 418 22.37 28.59 36.49
N ALA A 419 22.56 27.95 35.34
CA ALA A 419 23.86 27.82 34.70
C ALA A 419 23.70 28.18 33.23
N ILE A 420 24.78 28.73 32.61
CA ILE A 420 24.78 29.08 31.19
C ILE A 420 24.68 27.74 30.46
N TYR A 421 23.63 27.61 29.63
CA TYR A 421 23.34 26.36 28.96
C TYR A 421 23.25 26.53 27.44
N PRO A 422 24.30 26.17 26.67
CA PRO A 422 24.24 26.38 25.21
C PRO A 422 23.32 25.37 24.51
N GLY A 423 23.05 24.28 25.18
CA GLY A 423 22.27 23.15 24.70
C GLY A 423 23.04 21.86 24.92
N GLY A 424 22.47 20.75 24.48
CA GLY A 424 23.11 19.45 24.57
C GLY A 424 22.99 18.78 25.91
N ILE A 425 23.91 17.87 26.18
CA ILE A 425 23.95 17.09 27.42
C ILE A 425 24.02 18.02 28.62
N SER A 426 23.20 17.76 29.63
CA SER A 426 23.17 18.55 30.85
C SER A 426 24.54 18.57 31.56
N SER A 427 24.91 19.71 32.17
CA SER A 427 26.17 19.81 32.91
C SER A 427 26.21 18.92 34.17
N GLY A 428 25.04 18.51 34.66
CA GLY A 428 24.93 17.67 35.85
C GLY A 428 25.08 16.19 35.61
N THR A 429 25.27 15.73 34.36
CA THR A 429 25.38 14.28 34.12
C THR A 429 26.85 13.86 33.87
N SER A 430 27.20 12.61 34.22
CA SER A 430 28.58 12.08 34.15
C SER A 430 29.22 12.13 32.75
N PHE A 431 28.41 11.97 31.67
CA PHE A 431 28.94 12.00 30.30
C PHE A 431 29.26 13.40 29.79
N TYR A 432 28.86 14.44 30.55
CA TYR A 432 29.08 15.84 30.19
C TYR A 432 30.56 16.18 30.15
N ASP A 433 30.97 16.91 29.10
CA ASP A 433 32.34 17.39 28.98
C ASP A 433 32.29 18.87 28.61
N ARG A 434 32.68 19.76 29.56
CA ARG A 434 32.66 21.21 29.36
C ARG A 434 33.48 21.64 28.13
N ALA A 435 34.70 21.05 27.96
CA ALA A 435 35.61 21.33 26.84
C ALA A 435 35.00 20.98 25.47
N SER A 436 34.06 20.04 25.45
CA SER A 436 33.38 19.59 24.24
C SER A 436 32.09 20.40 23.99
N THR A 437 31.75 21.32 24.90
CA THR A 437 30.51 22.11 24.77
C THR A 437 30.80 23.45 24.11
N VAL A 438 30.21 23.65 22.92
CA VAL A 438 30.40 24.89 22.16
C VAL A 438 29.44 25.97 22.71
N TYR A 439 30.00 27.06 23.23
CA TYR A 439 29.23 28.20 23.73
C TYR A 439 29.33 29.37 22.75
N TYR A 440 28.15 29.86 22.30
CA TYR A 440 28.08 31.05 21.43
C TYR A 440 27.71 32.17 22.40
N PRO A 441 28.67 33.05 22.76
CA PRO A 441 28.34 34.11 23.74
C PRO A 441 27.37 35.15 23.18
N PHE A 442 26.78 35.97 24.06
CA PHE A 442 25.83 37.01 23.66
C PHE A 442 26.52 38.04 22.78
N ASN A 443 26.10 38.08 21.50
CA ASN A 443 26.68 38.96 20.48
C ASN A 443 25.56 39.37 19.53
N LEU A 444 24.72 40.33 19.96
CA LEU A 444 23.57 40.80 19.18
C LEU A 444 23.97 41.43 17.85
N GLU A 445 25.06 42.21 17.85
CA GLU A 445 25.57 42.85 16.63
C GLU A 445 25.99 41.82 15.58
N GLY A 446 26.71 40.77 16.02
CA GLY A 446 27.14 39.70 15.13
C GLY A 446 25.97 38.91 14.60
N ALA A 447 24.96 38.69 15.49
CA ALA A 447 23.74 37.97 15.15
C ALA A 447 22.97 38.76 14.07
N LYS A 448 22.89 40.10 14.22
CA LYS A 448 22.24 40.98 13.23
C LYS A 448 22.96 40.95 11.88
N ALA A 449 24.31 41.00 11.88
CA ALA A 449 25.11 40.91 10.66
C ALA A 449 24.97 39.55 9.98
N ALA A 450 24.90 38.44 10.76
CA ALA A 450 24.75 37.11 10.19
C ALA A 450 23.39 36.96 9.45
N LEU A 451 22.29 37.48 10.02
CA LEU A 451 21.00 37.45 9.35
C LEU A 451 21.02 38.29 8.07
N ALA A 452 21.70 39.44 8.11
CA ALA A 452 21.86 40.30 6.93
C ALA A 452 22.60 39.51 5.82
N SER A 453 23.61 38.68 6.20
CA SER A 453 24.42 37.91 5.25
C SER A 453 23.61 36.83 4.51
N ILE A 454 22.48 36.37 5.08
CA ILE A 454 21.66 35.33 4.41
C ILE A 454 20.43 35.98 3.68
N GLY A 455 20.48 37.29 3.51
CA GLY A 455 19.47 38.04 2.75
C GLY A 455 18.26 38.54 3.51
N LEU A 456 18.30 38.50 4.86
CA LEU A 456 17.21 38.99 5.69
C LEU A 456 17.48 40.46 6.09
N LYS A 457 16.63 41.40 5.61
CA LYS A 457 16.74 42.82 5.93
C LYS A 457 15.37 43.50 6.10
N ASP A 458 15.30 44.53 6.96
CA ASP A 458 14.06 45.28 7.20
C ASP A 458 13.85 46.23 6.02
N THR A 459 12.86 45.94 5.15
CA THR A 459 12.53 46.72 3.93
C THR A 459 11.25 47.58 4.04
N ASP A 460 10.51 47.48 5.17
CA ASP A 460 9.25 48.19 5.40
C ASP A 460 9.27 49.10 6.64
N GLY A 461 10.48 49.35 7.15
CA GLY A 461 10.75 50.20 8.30
C GLY A 461 10.08 49.88 9.63
N ASP A 462 9.70 48.61 9.90
CA ASP A 462 9.06 48.32 11.18
C ASP A 462 10.02 47.62 12.18
N GLY A 463 11.30 47.54 11.81
CA GLY A 463 12.31 46.94 12.67
C GLY A 463 12.42 45.44 12.60
N PHE A 464 11.44 44.75 11.97
CA PHE A 464 11.46 43.29 11.80
C PHE A 464 12.02 42.93 10.44
N LEU A 465 12.84 41.91 10.34
CA LEU A 465 13.46 41.52 9.09
C LEU A 465 12.47 40.89 8.14
N ASN A 466 12.64 41.19 6.86
CA ASN A 466 11.81 40.66 5.79
C ASN A 466 12.59 39.65 5.03
N PHE A 467 11.86 38.70 4.43
CA PHE A 467 12.43 37.74 3.48
C PHE A 467 12.86 38.54 2.24
N PRO A 468 13.76 38.00 1.39
CA PRO A 468 14.04 38.72 0.12
C PRO A 468 12.80 38.65 -0.79
N LYS A 469 12.67 39.59 -1.74
CA LYS A 469 11.52 39.73 -2.66
C LYS A 469 11.05 38.41 -3.28
N GLU A 470 11.98 37.48 -3.56
CA GLU A 470 11.74 36.16 -4.15
C GLU A 470 10.92 35.23 -3.25
N THR A 471 11.12 35.34 -1.93
CA THR A 471 10.45 34.50 -0.92
C THR A 471 9.27 35.22 -0.24
N LEU A 472 8.06 34.61 -0.35
CA LEU A 472 6.78 35.08 0.23
C LEU A 472 6.50 36.57 0.00
N GLY A 473 6.76 37.04 -1.21
CA GLY A 473 6.57 38.43 -1.62
C GLY A 473 7.29 39.47 -0.78
N GLY A 474 8.41 39.05 -0.18
CA GLY A 474 9.25 39.89 0.67
C GLY A 474 8.60 40.36 1.96
N ARG A 475 7.61 39.59 2.49
CA ARG A 475 6.96 39.96 3.75
C ARG A 475 7.87 39.71 4.96
N ASN A 476 7.46 40.22 6.14
CA ASN A 476 8.19 40.04 7.39
C ASN A 476 8.34 38.56 7.73
N VAL A 477 9.50 38.17 8.26
CA VAL A 477 9.70 36.79 8.74
C VAL A 477 8.83 36.64 10.02
N GLU A 478 7.92 35.67 10.05
CA GLU A 478 7.07 35.42 11.21
C GLU A 478 7.21 33.96 11.62
N ILE A 479 7.59 33.73 12.87
CA ILE A 479 7.83 32.39 13.38
C ILE A 479 6.88 32.06 14.53
N THR A 480 6.27 30.88 14.50
CA THR A 480 5.37 30.43 15.58
C THR A 480 6.18 29.67 16.63
N LEU A 481 5.82 29.85 17.89
CA LEU A 481 6.52 29.22 19.00
C LEU A 481 5.54 28.43 19.85
N LEU A 482 5.63 27.11 19.78
CA LEU A 482 4.73 26.21 20.50
C LEU A 482 5.16 26.08 21.97
N VAL A 483 4.22 26.38 22.90
CA VAL A 483 4.52 26.36 24.33
C VAL A 483 3.46 25.58 25.11
N ASN A 484 3.89 24.84 26.14
CA ASN A 484 3.02 24.11 27.07
C ASN A 484 2.44 25.15 28.05
N ASN A 485 1.12 25.39 27.98
CA ASN A 485 0.45 26.41 28.80
C ASN A 485 0.33 26.04 30.32
N GLY A 486 0.72 24.83 30.71
CA GLY A 486 0.58 24.36 32.09
C GLY A 486 1.64 24.80 33.07
N TYR A 487 2.72 25.43 32.57
CA TYR A 487 3.85 25.80 33.43
C TYR A 487 4.22 27.25 33.30
N ALA A 488 4.42 27.92 34.45
CA ALA A 488 4.87 29.32 34.50
C ALA A 488 6.26 29.44 33.85
N THR A 489 7.17 28.48 34.10
CA THR A 489 8.55 28.49 33.55
C THR A 489 8.55 28.52 32.03
N ASP A 490 7.84 27.58 31.38
CA ASP A 490 7.75 27.49 29.92
C ASP A 490 7.23 28.81 29.33
N LYS A 491 6.16 29.36 29.93
CA LYS A 491 5.55 30.64 29.50
C LYS A 491 6.51 31.80 29.63
N SER A 492 7.22 31.90 30.79
CA SER A 492 8.20 32.95 31.06
C SER A 492 9.37 32.88 30.04
N LEU A 493 9.88 31.67 29.76
CA LEU A 493 10.96 31.48 28.78
C LEU A 493 10.49 31.86 27.39
N ALA A 494 9.26 31.49 27.03
CA ALA A 494 8.67 31.83 25.70
C ALA A 494 8.55 33.34 25.55
N GLU A 495 8.02 34.03 26.58
CA GLU A 495 7.88 35.49 26.59
C GLU A 495 9.24 36.19 26.45
N GLY A 496 10.26 35.68 27.17
CA GLY A 496 11.64 36.19 27.11
C GLY A 496 12.27 35.99 25.73
N LEU A 497 11.98 34.82 25.11
CA LEU A 497 12.42 34.44 23.77
C LEU A 497 11.83 35.40 22.71
N VAL A 498 10.54 35.77 22.84
CA VAL A 498 9.86 36.73 21.96
C VAL A 498 10.55 38.12 22.04
N GLY A 499 10.85 38.56 23.27
CA GLY A 499 11.53 39.83 23.49
C GLY A 499 12.92 39.89 22.89
N GLN A 500 13.74 38.84 23.15
CA GLN A 500 15.11 38.78 22.62
C GLN A 500 15.12 38.71 21.09
N MET A 501 14.21 37.92 20.49
CA MET A 501 14.09 37.80 19.03
C MET A 501 13.67 39.11 18.36
N ALA A 502 12.80 39.89 19.04
CA ALA A 502 12.36 41.21 18.56
C ALA A 502 13.57 42.15 18.43
N LYS A 503 14.53 42.08 19.38
CA LYS A 503 15.77 42.89 19.36
C LYS A 503 16.66 42.47 18.17
N LEU A 504 16.65 41.18 17.84
CA LEU A 504 17.37 40.63 16.68
C LEU A 504 16.66 41.00 15.36
N GLY A 505 15.35 41.29 15.45
CA GLY A 505 14.54 41.64 14.30
C GLY A 505 13.70 40.49 13.76
N LEU A 506 13.46 39.45 14.57
CA LEU A 506 12.60 38.35 14.13
C LEU A 506 11.30 38.41 14.91
N ARG A 507 10.15 38.37 14.20
CA ARG A 507 8.84 38.36 14.87
C ARG A 507 8.47 36.92 15.27
N VAL A 508 8.34 36.68 16.58
CA VAL A 508 7.97 35.37 17.11
C VAL A 508 6.58 35.48 17.76
N VAL A 509 5.67 34.55 17.41
CA VAL A 509 4.29 34.53 17.89
C VAL A 509 4.07 33.26 18.73
N ILE A 510 3.63 33.43 19.98
CA ILE A 510 3.40 32.29 20.88
C ILE A 510 2.11 31.56 20.52
N HIS A 511 2.18 30.22 20.46
CA HIS A 511 1.07 29.30 20.24
C HIS A 511 1.05 28.47 21.54
N SER A 512 0.24 28.92 22.54
CA SER A 512 0.17 28.30 23.87
C SER A 512 -0.98 27.30 23.90
N LEU A 513 -0.68 26.04 24.23
CA LEU A 513 -1.70 25.00 24.22
C LEU A 513 -1.59 24.12 25.45
N ASP A 514 -2.71 23.49 25.84
CA ASP A 514 -2.66 22.54 26.96
C ASP A 514 -1.83 21.33 26.54
N SER A 515 -1.30 20.59 27.53
CA SER A 515 -0.38 19.46 27.32
C SER A 515 -0.75 18.52 26.17
N ASN A 516 -2.00 18.02 26.14
CA ASN A 516 -2.45 17.07 25.10
C ASN A 516 -2.40 17.66 23.69
N GLN A 517 -2.94 18.89 23.54
CA GLN A 517 -2.93 19.58 22.26
C GLN A 517 -1.52 19.93 21.84
N ARG A 518 -0.67 20.32 22.82
CA ARG A 518 0.74 20.65 22.59
C ARG A 518 1.47 19.41 22.03
N ASP A 519 1.21 18.23 22.62
CA ASP A 519 1.81 16.95 22.20
C ASP A 519 1.39 16.59 20.78
N ALA A 520 0.09 16.70 20.48
CA ALA A 520 -0.46 16.43 19.13
C ALA A 520 0.19 17.35 18.08
N ALA A 521 0.34 18.65 18.40
CA ALA A 521 0.99 19.61 17.48
C ALA A 521 2.49 19.27 17.32
N HIS A 522 3.19 18.94 18.42
CA HIS A 522 4.62 18.61 18.36
C HIS A 522 4.89 17.33 17.55
N TYR A 523 4.32 16.19 17.99
CA TYR A 523 4.56 14.89 17.38
C TYR A 523 4.00 14.82 15.96
N GLY A 524 2.98 15.61 15.67
CA GLY A 524 2.42 15.75 14.33
C GLY A 524 3.22 16.68 13.43
N GLY A 525 4.22 17.37 14.00
CA GLY A 525 5.11 18.28 13.26
C GLY A 525 4.53 19.61 12.86
N GLN A 526 3.42 19.99 13.50
CA GLN A 526 2.71 21.24 13.25
C GLN A 526 3.29 22.38 14.12
N PHE A 527 4.55 22.68 13.88
CA PHE A 527 5.26 23.74 14.59
C PHE A 527 6.44 24.25 13.76
N ASP A 528 6.85 25.51 14.00
CA ASP A 528 8.05 26.11 13.42
C ASP A 528 9.16 25.90 14.47
N TRP A 529 8.95 26.51 15.67
CA TRP A 529 9.81 26.42 16.85
C TRP A 529 8.96 25.99 18.04
N LEU A 530 9.60 25.41 19.06
CA LEU A 530 8.91 25.08 20.31
C LEU A 530 9.87 25.24 21.49
N VAL A 531 9.32 25.47 22.67
CA VAL A 531 10.08 25.57 23.93
C VAL A 531 9.74 24.27 24.66
N ARG A 532 10.77 23.54 25.14
CA ARG A 532 10.48 22.28 25.83
C ARG A 532 11.49 21.96 26.89
N ARG A 533 11.00 21.44 28.02
CA ARG A 533 11.83 20.97 29.11
C ARG A 533 12.48 19.64 28.62
N ASN A 534 13.78 19.46 28.87
CA ASN A 534 14.53 18.29 28.43
C ASN A 534 13.97 16.97 28.94
N SER A 535 14.09 15.91 28.11
CA SER A 535 13.69 14.58 28.54
C SER A 535 14.97 13.81 28.96
N THR A 536 14.83 12.53 29.34
CA THR A 536 15.86 11.70 29.95
C THR A 536 17.17 11.57 29.16
N GLU A 537 17.14 11.54 27.80
CA GLU A 537 18.38 11.39 27.04
C GLU A 537 19.40 12.49 27.35
N LEU A 538 18.93 13.73 27.65
CA LEU A 538 19.83 14.84 27.98
C LEU A 538 20.21 14.89 29.47
N SER A 539 19.38 14.33 30.37
CA SER A 539 19.71 14.27 31.80
C SER A 539 20.50 13.03 32.18
N SER A 540 20.53 11.99 31.31
CA SER A 540 21.18 10.72 31.65
C SER A 540 21.99 10.05 30.52
N VAL A 541 21.69 10.40 29.25
CA VAL A 541 22.29 9.81 28.04
C VAL A 541 21.79 8.37 27.80
N VAL A 542 21.93 7.53 28.81
CA VAL A 542 21.64 6.10 28.72
C VAL A 542 20.13 5.75 28.63
N GLN A 543 19.24 6.64 29.09
CA GLN A 543 17.78 6.36 29.05
C GLN A 543 17.16 6.97 27.80
N ASN A 544 16.62 6.12 26.91
CA ASN A 544 16.04 6.50 25.60
C ASN A 544 17.06 7.23 24.74
N THR A 545 18.25 6.61 24.61
CA THR A 545 19.41 7.11 23.86
C THR A 545 19.04 7.46 22.41
N GLU A 546 18.07 6.72 21.83
CA GLU A 546 17.59 6.96 20.45
C GLU A 546 17.07 8.38 20.23
N GLN A 547 16.63 9.06 21.32
CA GLN A 547 16.13 10.43 21.26
C GLN A 547 17.25 11.47 21.08
N LEU A 548 18.53 11.06 21.18
CA LEU A 548 19.68 11.95 21.00
C LEU A 548 19.86 12.35 19.56
N ALA A 549 19.30 11.58 18.60
CA ALA A 549 19.51 11.92 17.19
C ALA A 549 18.44 11.29 16.32
N PRO A 550 18.30 11.71 15.03
CA PRO A 550 17.35 11.03 14.14
C PRO A 550 17.92 9.68 13.64
N VAL A 551 18.01 8.69 14.54
CA VAL A 551 18.52 7.33 14.25
C VAL A 551 17.44 6.56 13.48
N GLY A 552 16.19 6.92 13.74
CA GLY A 552 15.02 6.37 13.08
C GLY A 552 14.18 7.51 12.50
N PRO A 553 13.17 7.22 11.65
CA PRO A 553 12.37 8.32 11.09
C PRO A 553 11.56 9.12 12.10
N ARG A 554 11.31 8.57 13.31
CA ARG A 554 10.52 9.26 14.33
C ARG A 554 11.18 9.33 15.72
N THR A 555 12.51 9.14 15.81
CA THR A 555 13.21 9.13 17.11
C THR A 555 13.61 10.53 17.59
N SER A 556 13.84 11.47 16.65
CA SER A 556 14.22 12.84 16.98
C SER A 556 13.01 13.65 17.45
N TRP A 557 13.19 14.55 18.44
CA TRP A 557 12.09 15.44 18.84
C TRP A 557 11.82 16.52 17.80
N ASN A 558 12.82 16.91 17.00
CA ASN A 558 12.59 18.04 16.11
C ASN A 558 12.81 17.77 14.61
N HIS A 559 13.14 16.53 14.26
CA HIS A 559 13.32 16.16 12.87
C HIS A 559 12.77 14.77 12.62
N ARG A 560 11.49 14.72 12.23
CA ARG A 560 10.83 13.46 11.88
C ARG A 560 10.42 13.51 10.42
N SER A 561 10.13 12.36 9.85
CA SER A 561 9.69 12.33 8.46
C SER A 561 8.20 12.00 8.43
N PRO A 562 7.44 12.52 7.44
CA PRO A 562 6.03 12.10 7.36
C PRO A 562 5.98 10.60 6.99
N GLU A 563 4.93 9.89 7.40
CA GLU A 563 4.72 8.46 7.14
C GLU A 563 4.38 8.29 5.63
N GLY A 564 5.22 7.63 4.82
CA GLY A 564 6.46 6.95 5.17
C GLY A 564 7.62 7.33 4.24
N LYS A 565 8.11 8.57 4.40
CA LYS A 565 9.25 9.14 3.67
C LYS A 565 10.51 8.88 4.49
N GLU A 566 11.66 9.01 3.86
CA GLU A 566 12.92 8.92 4.60
C GLU A 566 13.19 10.32 5.15
N LEU A 567 14.09 10.40 6.14
CA LEU A 567 14.49 11.68 6.71
C LEU A 567 15.31 12.43 5.65
N ASP A 568 15.22 13.77 5.65
CA ASP A 568 16.02 14.63 4.77
C ASP A 568 17.12 15.20 5.72
N LEU A 569 18.01 14.32 6.20
CA LEU A 569 19.03 14.71 7.16
C LEU A 569 20.11 15.60 6.61
N MET A 570 20.55 16.55 7.44
CA MET A 570 21.66 17.44 7.15
C MET A 570 22.92 16.64 7.52
N PRO A 571 24.10 16.89 6.91
CA PRO A 571 25.29 16.07 7.23
C PRO A 571 25.63 15.91 8.71
N PHE A 572 25.57 17.00 9.53
CA PHE A 572 25.87 16.87 10.97
C PHE A 572 24.92 15.91 11.69
N GLU A 573 23.64 15.84 11.25
CA GLU A 573 22.65 14.94 11.87
C GLU A 573 23.01 13.48 11.57
N LYS A 574 23.54 13.20 10.35
CA LYS A 574 24.00 11.86 9.97
C LYS A 574 25.18 11.46 10.84
N GLU A 575 26.09 12.43 11.13
CA GLU A 575 27.24 12.22 12.01
C GLU A 575 26.76 11.90 13.43
N MET A 576 25.75 12.65 13.92
CA MET A 576 25.17 12.41 15.25
C MET A 576 24.54 11.04 15.33
N ALA A 577 23.74 10.68 14.31
CA ALA A 577 23.07 9.36 14.20
C ALA A 577 24.10 8.19 14.22
N ASP A 578 25.23 8.35 13.53
CA ASP A 578 26.31 7.37 13.49
C ASP A 578 26.95 7.21 14.87
N ILE A 579 27.23 8.33 15.58
CA ILE A 579 27.80 8.33 16.93
C ILE A 579 26.86 7.60 17.90
N VAL A 580 25.55 7.94 17.85
CA VAL A 580 24.53 7.34 18.72
C VAL A 580 24.44 5.82 18.49
N ARG A 581 24.36 5.37 17.23
CA ARG A 581 24.32 3.93 16.93
C ARG A 581 25.57 3.20 17.45
N LYS A 582 26.76 3.84 17.30
CA LYS A 582 28.04 3.29 17.78
C LYS A 582 28.02 3.18 19.31
N PHE A 583 27.50 4.23 20.00
CA PHE A 583 27.38 4.26 21.46
C PHE A 583 26.48 3.11 21.96
N ILE A 584 25.32 2.91 21.29
CA ILE A 584 24.30 1.92 21.67
C ILE A 584 24.89 0.48 21.75
N SER A 585 25.80 0.15 20.80
CA SER A 585 26.45 -1.17 20.67
C SER A 585 27.84 -1.29 21.35
N SER A 586 28.29 -0.25 22.05
CA SER A 586 29.58 -0.27 22.71
C SER A 586 29.48 -0.66 24.17
N GLN A 587 30.39 -1.52 24.62
CA GLN A 587 30.50 -1.92 26.02
C GLN A 587 31.87 -1.45 26.56
N ASP A 588 32.58 -0.60 25.78
CA ASP A 588 33.88 -0.06 26.17
C ASP A 588 33.69 1.31 26.79
N ASN A 589 33.97 1.43 28.11
CA ASN A 589 33.76 2.67 28.86
C ASN A 589 34.52 3.87 28.29
N ALA A 590 35.80 3.71 27.92
CA ALA A 590 36.62 4.77 27.32
C ALA A 590 36.05 5.22 25.98
N GLU A 591 35.62 4.28 25.12
CA GLU A 591 35.00 4.58 23.82
C GLU A 591 33.69 5.33 23.99
N ARG A 592 32.86 4.89 24.96
CA ARG A 592 31.56 5.52 25.24
C ARG A 592 31.73 6.95 25.68
N ALA A 593 32.71 7.21 26.58
CA ALA A 593 32.98 8.55 27.09
C ALA A 593 33.44 9.45 25.93
N ASP A 594 34.34 8.92 25.07
CA ASP A 594 34.84 9.65 23.90
C ASP A 594 33.74 9.94 22.90
N LEU A 595 32.84 8.97 22.64
CA LEU A 595 31.72 9.15 21.71
C LEU A 595 30.77 10.25 22.18
N MET A 596 30.57 10.39 23.51
CA MET A 596 29.68 11.42 24.06
C MET A 596 30.35 12.79 24.04
N LYS A 597 31.70 12.84 24.02
CA LYS A 597 32.45 14.10 23.85
C LYS A 597 32.23 14.54 22.40
N GLN A 598 32.38 13.59 21.43
CA GLN A 598 32.19 13.84 20.00
C GLN A 598 30.73 14.30 19.74
N TYR A 599 29.75 13.59 20.33
CA TYR A 599 28.33 13.89 20.21
C TYR A 599 28.05 15.34 20.66
N GLN A 600 28.55 15.70 21.87
CA GLN A 600 28.36 17.03 22.46
C GLN A 600 28.91 18.12 21.56
N LYS A 601 30.13 17.92 21.01
CA LYS A 601 30.76 18.89 20.10
C LYS A 601 29.94 19.08 18.84
N VAL A 602 29.53 18.00 18.15
CA VAL A 602 28.71 18.07 16.92
C VAL A 602 27.36 18.76 17.22
N TYR A 603 26.67 18.34 18.28
CA TYR A 603 25.37 18.92 18.71
C TYR A 603 25.47 20.43 18.88
N THR A 604 26.36 20.89 19.79
CA THR A 604 26.51 22.30 20.17
C THR A 604 27.17 23.18 19.11
N GLN A 605 28.11 22.64 18.30
CA GLN A 605 28.70 23.42 17.23
C GLN A 605 27.64 23.72 16.17
N ASN A 606 26.86 22.70 15.75
CA ASN A 606 25.84 22.80 14.70
C ASN A 606 24.46 23.24 15.16
N LEU A 607 24.25 23.34 16.48
CA LEU A 607 22.98 23.77 17.10
C LEU A 607 21.80 22.88 16.70
N TYR A 608 21.90 21.60 17.05
CA TYR A 608 20.83 20.60 16.85
C TYR A 608 19.57 21.12 17.56
N THR A 609 19.76 21.77 18.71
CA THR A 609 18.74 22.56 19.46
C THR A 609 19.52 23.75 20.06
N ILE A 610 18.82 24.71 20.65
CA ILE A 610 19.45 25.89 21.24
C ILE A 610 19.04 25.96 22.70
N GLY A 611 20.03 25.80 23.59
CA GLY A 611 19.81 25.79 25.03
C GLY A 611 19.30 27.14 25.54
N LEU A 612 18.34 27.11 26.49
CA LEU A 612 17.82 28.33 27.07
C LEU A 612 18.45 28.56 28.45
N THR A 613 18.27 27.62 29.36
CA THR A 613 18.85 27.65 30.70
C THR A 613 18.76 26.27 31.31
N GLU A 614 19.47 26.10 32.41
CA GLU A 614 19.55 24.82 33.12
C GLU A 614 19.68 25.12 34.60
N TYR A 615 19.08 24.29 35.46
CA TYR A 615 19.15 24.55 36.89
C TYR A 615 18.80 23.25 37.64
N PRO A 616 18.96 23.22 38.98
CA PRO A 616 18.59 22.01 39.69
C PRO A 616 17.16 22.10 40.22
N GLY A 617 16.55 20.94 40.41
CA GLY A 617 15.23 20.88 41.02
C GLY A 617 15.36 20.30 42.40
N ALA A 618 14.28 20.35 43.20
CA ALA A 618 14.33 19.77 44.54
C ALA A 618 13.15 18.84 44.81
N LEU A 619 13.42 17.72 45.46
CA LEU A 619 12.39 16.78 45.84
C LEU A 619 11.83 17.24 47.18
N ILE A 620 10.51 17.36 47.25
CA ILE A 620 9.81 17.71 48.49
C ILE A 620 8.95 16.50 48.87
N VAL A 621 9.11 15.97 50.09
CA VAL A 621 8.34 14.80 50.54
C VAL A 621 7.94 15.02 51.99
N ASN A 622 6.69 14.67 52.34
CA ASN A 622 6.22 14.78 53.71
C ASN A 622 7.17 13.95 54.62
N LYS A 623 7.52 14.50 55.78
CA LYS A 623 8.43 13.89 56.75
C LYS A 623 7.93 12.57 57.36
N ARG A 624 6.62 12.28 57.32
CA ARG A 624 6.16 11.02 57.93
C ARG A 624 6.56 9.75 57.14
N PHE A 625 6.96 9.89 55.86
CA PHE A 625 7.32 8.71 55.04
C PHE A 625 8.70 8.18 55.34
N SER A 626 8.78 6.89 55.57
CA SER A 626 10.01 6.13 55.69
C SER A 626 10.32 5.50 54.31
N ASN A 627 11.59 5.09 54.13
CA ASN A 627 12.14 4.43 52.95
C ASN A 627 12.35 5.37 51.75
N VAL A 628 12.36 6.69 51.97
CA VAL A 628 12.65 7.63 50.86
C VAL A 628 14.20 7.63 50.69
N PRO A 629 14.77 7.24 49.53
CA PRO A 629 16.25 7.26 49.40
C PRO A 629 16.84 8.66 49.50
N GLN A 630 17.97 8.80 50.23
CA GLN A 630 18.66 10.09 50.36
C GLN A 630 19.20 10.51 48.98
N GLY A 631 19.13 11.80 48.68
CA GLY A 631 19.65 12.38 47.45
C GLY A 631 18.90 11.99 46.18
N THR A 632 17.66 11.47 46.31
CA THR A 632 16.88 11.11 45.13
C THR A 632 16.69 12.38 44.25
N PRO A 633 17.19 12.39 42.99
CA PRO A 633 16.97 13.57 42.12
C PRO A 633 15.54 13.63 41.62
N ILE A 634 15.03 14.85 41.34
CA ILE A 634 13.69 14.92 40.79
C ILE A 634 13.61 14.29 39.39
N PHE A 635 14.71 14.32 38.60
CA PHE A 635 14.67 13.81 37.25
C PHE A 635 16.07 13.39 36.77
N MET A 636 16.27 12.10 36.42
CA MET A 636 17.56 11.60 35.92
C MET A 636 17.28 10.50 34.89
N PHE A 637 17.06 9.25 35.36
CA PHE A 637 16.66 8.13 34.49
C PHE A 637 15.15 8.27 34.23
N ASN A 638 14.44 8.84 35.20
CA ASN A 638 13.00 9.15 35.14
C ASN A 638 12.68 10.12 36.27
N TRP A 639 11.38 10.48 36.43
CA TRP A 639 10.94 11.38 37.49
C TRP A 639 11.07 10.68 38.86
N ALA A 640 11.22 11.46 39.94
CA ALA A 640 11.34 10.94 41.29
C ALA A 640 10.16 10.06 41.70
N GLU A 641 8.95 10.29 41.14
CA GLU A 641 7.79 9.42 41.45
C GLU A 641 8.13 7.94 41.20
N ASP A 642 8.97 7.67 40.18
CA ASP A 642 9.43 6.32 39.86
C ASP A 642 10.67 5.97 40.73
N ALA A 643 11.68 6.87 40.77
CA ALA A 643 12.96 6.66 41.49
C ALA A 643 12.83 6.35 42.97
N ILE A 644 11.83 6.94 43.66
CA ILE A 644 11.64 6.76 45.10
C ILE A 644 11.05 5.39 45.43
N ILE A 645 10.52 4.66 44.42
CA ILE A 645 9.89 3.32 44.57
C ILE A 645 8.76 3.45 45.60
N ARG A 646 7.67 4.06 45.16
CA ARG A 646 6.52 4.34 46.01
C ARG A 646 5.89 3.10 46.64
N GLU A 647 5.96 1.92 45.97
CA GLU A 647 5.40 0.67 46.51
C GLU A 647 6.18 0.16 47.75
N ARG A 648 7.39 0.70 48.00
CA ARG A 648 8.29 0.33 49.08
C ARG A 648 8.27 1.37 50.25
N LEU A 649 7.61 2.53 50.02
CA LEU A 649 7.48 3.59 51.04
C LEU A 649 6.47 3.16 52.10
N TRP A 650 6.66 3.60 53.33
CA TRP A 650 5.75 3.27 54.43
C TRP A 650 5.77 4.34 55.49
N VAL A 651 4.79 4.30 56.41
CA VAL A 651 4.66 5.27 57.50
C VAL A 651 4.50 4.48 58.80
N ALA A 652 5.35 4.78 59.81
CA ALA A 652 5.30 4.13 61.12
C ALA A 652 3.89 4.32 61.68
N ALA A 653 3.33 3.27 62.29
CA ALA A 653 1.97 3.28 62.82
C ALA A 653 1.64 4.54 63.65
N ASP A 654 2.57 4.98 64.53
CA ASP A 654 2.33 6.16 65.37
C ASP A 654 2.38 7.51 64.62
N LYS A 655 2.75 7.50 63.33
CA LYS A 655 2.84 8.70 62.53
C LYS A 655 1.82 8.72 61.39
N GLN A 656 1.03 7.63 61.23
CA GLN A 656 0.13 7.52 60.10
C GLN A 656 -0.98 8.54 60.06
N GLY A 657 -1.25 9.05 58.86
CA GLY A 657 -2.37 9.94 58.66
C GLY A 657 -3.64 9.09 58.55
N LYS A 658 -4.80 9.70 58.70
CA LYS A 658 -6.07 8.96 58.59
C LYS A 658 -6.82 9.56 57.40
N TYR A 659 -6.26 9.38 56.21
CA TYR A 659 -6.73 10.00 54.97
C TYR A 659 -7.40 9.09 53.96
N GLU A 660 -7.53 7.79 54.27
CA GLU A 660 -8.18 6.88 53.32
C GLU A 660 -9.67 7.19 53.07
N LEU A 661 -10.06 7.28 51.78
CA LEU A 661 -11.42 7.50 51.35
C LEU A 661 -12.15 6.19 51.09
N PHE A 662 -11.41 5.07 50.96
CA PHE A 662 -12.01 3.75 50.80
C PHE A 662 -11.28 2.76 51.73
N PRO A 663 -11.23 3.02 53.06
CA PRO A 663 -10.53 2.11 53.96
C PRO A 663 -11.15 0.72 53.95
N GLN A 664 -10.29 -0.29 53.97
CA GLN A 664 -10.67 -1.70 53.96
C GLN A 664 -11.45 -2.09 52.69
N GLN A 665 -11.16 -1.40 51.60
CA GLN A 665 -11.78 -1.72 50.32
C GLN A 665 -10.75 -2.08 49.28
N LEU A 666 -11.18 -2.85 48.29
CA LEU A 666 -10.32 -3.28 47.21
C LEU A 666 -10.95 -2.91 45.88
N PRO A 667 -10.18 -2.88 44.78
CA PRO A 667 -10.76 -2.50 43.47
C PRO A 667 -11.87 -3.44 43.04
N GLY A 668 -12.87 -2.88 42.37
CA GLY A 668 -14.00 -3.66 41.83
C GLY A 668 -13.63 -4.25 40.49
N LYS A 669 -14.60 -4.79 39.78
CA LYS A 669 -14.35 -5.37 38.47
C LYS A 669 -14.18 -4.26 37.39
N PRO A 670 -13.33 -4.50 36.36
CA PRO A 670 -13.18 -3.48 35.30
C PRO A 670 -14.52 -3.07 34.69
N GLY A 671 -14.75 -1.76 34.60
CA GLY A 671 -15.98 -1.22 34.05
C GLY A 671 -17.17 -1.19 34.99
N GLU A 672 -16.98 -1.66 36.24
CA GLU A 672 -18.07 -1.60 37.23
C GLU A 672 -18.01 -0.28 38.03
N GLY A 673 -18.92 -0.08 38.98
CA GLY A 673 -19.08 1.16 39.74
C GLY A 673 -17.83 1.81 40.30
N GLY A 674 -17.13 1.08 41.15
CA GLY A 674 -15.92 1.53 41.82
C GLY A 674 -15.36 0.42 42.68
N PRO A 675 -14.96 0.71 43.95
CA PRO A 675 -14.36 -0.34 44.80
C PRO A 675 -15.39 -1.29 45.41
N ILE A 676 -14.89 -2.35 46.07
CA ILE A 676 -15.72 -3.36 46.72
C ILE A 676 -15.40 -3.41 48.21
N ASN A 677 -16.45 -3.58 49.02
CA ASN A 677 -16.34 -3.69 50.47
C ASN A 677 -16.67 -5.12 50.91
N HIS A 678 -16.46 -5.40 52.21
CA HIS A 678 -16.69 -6.71 52.81
C HIS A 678 -18.12 -6.90 53.36
N HIS A 679 -18.91 -5.80 53.47
CA HIS A 679 -20.30 -5.82 53.97
C HIS A 679 -21.10 -4.63 53.47
N ALA B 8 37.23 -23.10 -12.69
CA ALA B 8 37.72 -24.23 -11.93
C ALA B 8 37.68 -23.93 -10.44
N PHE B 9 37.16 -24.86 -9.67
CA PHE B 9 37.02 -24.73 -8.22
C PHE B 9 38.20 -25.30 -7.45
N GLU B 10 38.54 -24.66 -6.31
CA GLU B 10 39.62 -25.07 -5.42
C GLU B 10 39.15 -26.18 -4.47
N THR B 11 39.04 -27.42 -4.95
CA THR B 11 38.58 -28.52 -4.08
C THR B 11 39.63 -28.97 -3.08
N THR B 12 39.17 -29.51 -1.96
CA THR B 12 40.01 -30.02 -0.89
C THR B 12 39.27 -31.21 -0.25
N THR B 13 39.58 -31.53 1.01
CA THR B 13 38.90 -32.59 1.75
C THR B 13 38.03 -31.88 2.81
N PRO B 14 36.91 -32.49 3.29
CA PRO B 14 36.07 -31.76 4.27
C PRO B 14 36.77 -31.63 5.64
N PRO B 15 36.59 -30.50 6.35
CA PRO B 15 37.28 -30.36 7.66
C PRO B 15 36.72 -31.32 8.69
N GLU B 16 37.59 -31.78 9.60
CA GLU B 16 37.23 -32.70 10.66
C GLU B 16 36.24 -32.02 11.61
N PRO B 17 35.12 -32.70 11.93
CA PRO B 17 34.10 -32.06 12.79
C PRO B 17 34.55 -32.05 14.25
N PRO B 18 33.85 -31.34 15.18
CA PRO B 18 34.25 -31.41 16.60
C PRO B 18 34.09 -32.83 17.15
N GLN B 19 34.89 -33.17 18.17
CA GLN B 19 34.82 -34.47 18.83
C GLN B 19 33.45 -34.55 19.49
N PHE B 20 32.72 -35.65 19.28
CA PHE B 20 31.39 -35.67 19.86
C PHE B 20 31.47 -35.99 21.40
N PRO B 21 31.86 -37.17 21.93
CA PRO B 21 32.12 -38.47 21.30
C PRO B 21 30.84 -39.29 21.22
N ALA B 22 30.82 -40.37 20.40
CA ALA B 22 29.63 -41.23 20.25
C ALA B 22 29.22 -41.84 21.61
N GLU B 23 28.28 -41.15 22.30
CA GLU B 23 27.72 -41.50 23.61
C GLU B 23 27.30 -42.97 23.60
N GLY B 24 27.60 -43.69 24.67
CA GLY B 24 27.27 -45.11 24.75
C GLY B 24 28.11 -45.92 23.78
N LYS B 25 28.86 -46.86 24.31
CA LYS B 25 29.71 -47.66 23.45
C LYS B 25 29.04 -48.98 23.15
N ILE B 26 29.30 -49.52 21.97
CA ILE B 26 28.76 -50.80 21.56
C ILE B 26 29.63 -51.90 22.19
N ASN B 27 28.99 -52.95 22.70
CA ASN B 27 29.68 -54.13 23.23
C ASN B 27 29.79 -55.09 22.03
N TYR B 28 30.95 -55.08 21.35
CA TYR B 28 31.09 -55.94 20.18
C TYR B 28 31.13 -57.42 20.52
N VAL B 29 30.46 -58.23 19.69
CA VAL B 29 30.38 -59.68 19.84
C VAL B 29 30.57 -60.36 18.48
N ALA B 30 30.72 -61.69 18.49
CA ALA B 30 30.88 -62.50 17.27
C ALA B 30 29.48 -62.82 16.71
N ARG B 31 29.40 -63.06 15.39
CA ARG B 31 28.16 -63.24 14.64
C ARG B 31 27.22 -64.32 15.20
N ASP B 32 27.76 -65.47 15.61
CA ASP B 32 26.93 -66.59 16.11
C ASP B 32 26.66 -66.59 17.63
N THR B 33 26.83 -65.43 18.28
CA THR B 33 26.49 -65.33 19.72
C THR B 33 24.97 -64.98 19.90
N ILE B 34 24.28 -64.55 18.84
CA ILE B 34 22.92 -64.03 18.95
C ILE B 34 21.85 -65.11 18.91
N LEU B 35 21.92 -65.98 17.91
CA LEU B 35 20.88 -66.98 17.70
C LEU B 35 21.41 -68.21 17.02
N GLU B 36 20.63 -69.30 17.08
CA GLU B 36 20.91 -70.55 16.38
C GLU B 36 19.59 -71.26 16.18
N PHE B 37 19.48 -72.12 15.17
CA PHE B 37 18.27 -72.94 14.97
C PHE B 37 18.51 -74.27 15.61
N LYS B 38 17.64 -74.64 16.57
CA LYS B 38 17.81 -75.95 17.24
C LYS B 38 16.53 -76.38 17.96
N ALA B 39 16.30 -77.70 18.04
CA ALA B 39 15.16 -78.21 18.79
C ALA B 39 15.52 -78.18 20.29
N LEU B 40 14.57 -77.76 21.14
CA LEU B 40 14.77 -77.76 22.59
C LEU B 40 13.92 -78.90 23.19
N PRO B 41 14.24 -79.46 24.38
CA PRO B 41 13.42 -80.60 24.90
C PRO B 41 12.00 -80.20 25.33
N SER B 42 11.79 -78.93 25.72
CA SER B 42 10.49 -78.46 26.20
C SER B 42 10.31 -76.97 25.85
N TYR B 43 9.05 -76.56 25.64
CA TYR B 43 8.70 -75.17 25.33
C TYR B 43 7.62 -74.64 26.27
N SER B 44 7.60 -73.32 26.48
CA SER B 44 6.59 -72.67 27.30
C SER B 44 6.07 -71.39 26.65
N GLU B 45 4.96 -70.86 27.18
CA GLU B 45 4.30 -69.68 26.62
C GLU B 45 3.53 -69.00 27.80
N PRO B 46 2.92 -67.80 27.62
CA PRO B 46 2.11 -67.20 28.69
C PRO B 46 1.10 -68.22 29.23
N ASP B 47 0.98 -68.31 30.56
CA ASP B 47 0.10 -69.27 31.25
C ASP B 47 -1.34 -69.28 30.77
N TRP B 48 -1.95 -68.09 30.56
CA TRP B 48 -3.32 -67.93 30.09
C TRP B 48 -3.56 -68.58 28.72
N ILE B 49 -2.50 -68.66 27.84
CA ILE B 49 -2.65 -69.32 26.53
C ILE B 49 -2.75 -70.83 26.80
N THR B 50 -1.81 -71.36 27.61
CA THR B 50 -1.71 -72.77 28.01
C THR B 50 -3.05 -73.21 28.59
N GLU B 51 -3.55 -72.48 29.60
CA GLU B 51 -4.77 -72.79 30.32
C GLU B 51 -6.08 -72.55 29.54
N LYS B 52 -6.25 -71.38 28.93
CA LYS B 52 -7.52 -71.02 28.29
C LYS B 52 -7.65 -71.33 26.79
N PHE B 53 -6.54 -71.53 26.08
CA PHE B 53 -6.60 -71.79 24.64
C PHE B 53 -6.12 -73.18 24.28
N GLU B 54 -4.84 -73.53 24.60
CA GLU B 54 -4.27 -74.84 24.26
C GLU B 54 -5.02 -75.98 24.96
N LYS B 55 -5.25 -75.88 26.27
CA LYS B 55 -5.95 -76.90 27.07
C LYS B 55 -7.46 -77.01 26.73
N ALA B 56 -8.03 -75.99 26.05
CA ALA B 56 -9.42 -75.97 25.61
C ALA B 56 -9.54 -76.41 24.13
N GLY B 57 -8.40 -76.77 23.52
CA GLY B 57 -8.29 -77.20 22.13
C GLY B 57 -8.46 -76.12 21.08
N LYS B 58 -8.41 -74.83 21.48
CA LYS B 58 -8.57 -73.66 20.58
C LYS B 58 -7.34 -73.36 19.73
N LEU B 59 -6.17 -73.89 20.14
CA LEU B 59 -4.90 -73.80 19.43
C LEU B 59 -4.23 -75.16 19.49
N PRO B 60 -3.42 -75.53 18.48
CA PRO B 60 -2.61 -76.75 18.58
C PRO B 60 -1.61 -76.68 19.74
N PRO B 61 -1.00 -77.82 20.17
CA PRO B 61 0.04 -77.75 21.21
C PRO B 61 1.19 -76.82 20.80
N LEU B 62 1.76 -76.04 21.78
CA LEU B 62 2.87 -75.15 21.47
C LEU B 62 3.94 -75.84 20.59
N LYS B 63 4.35 -77.08 20.96
CA LYS B 63 5.35 -77.85 20.22
C LYS B 63 4.98 -78.04 18.75
N GLU B 64 3.68 -78.14 18.46
CA GLU B 64 3.24 -78.34 17.08
C GLU B 64 3.09 -77.03 16.31
N ARG B 65 2.93 -75.89 17.01
CA ARG B 65 2.84 -74.54 16.41
C ARG B 65 4.21 -74.05 15.98
N LEU B 66 5.26 -74.48 16.72
CA LEU B 66 6.65 -74.16 16.50
C LEU B 66 7.27 -75.02 15.41
N PRO B 67 8.29 -74.53 14.69
CA PRO B 67 9.02 -75.41 13.77
C PRO B 67 9.73 -76.53 14.53
N GLU B 68 10.17 -77.58 13.83
CA GLU B 68 10.94 -78.69 14.46
C GLU B 68 12.20 -78.13 15.09
N GLU B 69 12.85 -77.16 14.40
CA GLU B 69 14.03 -76.45 14.86
C GLU B 69 13.73 -74.94 14.81
N PRO B 70 13.19 -74.38 15.91
CA PRO B 70 12.89 -72.93 15.90
C PRO B 70 14.16 -72.10 15.99
N LEU B 71 14.03 -70.80 15.75
CA LEU B 71 15.12 -69.85 15.93
C LEU B 71 15.22 -69.67 17.46
N VAL B 72 16.41 -69.91 18.03
CA VAL B 72 16.61 -69.81 19.47
C VAL B 72 17.56 -68.66 19.76
N TYR B 73 17.12 -67.67 20.56
CA TYR B 73 17.98 -66.58 20.98
C TYR B 73 18.84 -67.05 22.14
N LYS B 74 20.16 -66.85 22.00
CA LYS B 74 21.14 -67.25 23.00
C LYS B 74 21.17 -66.25 24.14
N THR B 75 21.20 -66.75 25.39
CA THR B 75 21.19 -65.89 26.58
C THR B 75 22.43 -64.98 26.68
N GLY B 76 23.58 -65.45 26.20
CA GLY B 76 24.84 -64.71 26.25
C GLY B 76 24.80 -63.31 25.67
N ASN B 77 24.06 -63.15 24.57
CA ASN B 77 23.92 -61.87 23.87
C ASN B 77 22.83 -60.98 24.48
N MET B 78 21.99 -61.53 25.36
CA MET B 78 20.89 -60.77 25.96
C MET B 78 21.48 -59.83 27.03
N PRO B 79 21.37 -58.50 26.85
CA PRO B 79 21.96 -57.56 27.84
C PRO B 79 21.56 -57.81 29.30
N ASP B 80 20.31 -58.28 29.53
CA ASP B 80 19.78 -58.53 30.86
C ASP B 80 19.40 -59.99 31.13
N GLY B 81 19.64 -60.86 30.17
CA GLY B 81 19.31 -62.27 30.30
C GLY B 81 17.89 -62.60 29.89
N VAL B 82 17.45 -63.84 30.17
CA VAL B 82 16.12 -64.38 29.84
C VAL B 82 15.01 -63.51 30.46
N GLY B 83 13.96 -63.33 29.69
CA GLY B 83 12.84 -62.50 30.08
C GLY B 83 11.69 -63.17 30.77
N VAL B 84 10.67 -62.36 31.05
CA VAL B 84 9.37 -62.73 31.63
C VAL B 84 8.30 -62.15 30.70
N TYR B 85 7.10 -62.76 30.70
CA TYR B 85 6.03 -62.30 29.83
C TYR B 85 5.32 -61.07 30.37
N GLY B 86 4.76 -60.32 29.43
CA GLY B 86 3.91 -59.18 29.74
C GLY B 86 4.33 -57.84 29.20
N ASP B 87 3.41 -56.88 29.36
CA ASP B 87 3.55 -55.46 29.00
C ASP B 87 3.37 -55.23 27.49
N THR B 88 3.44 -53.94 27.14
CA THR B 88 3.20 -53.36 25.83
C THR B 88 4.29 -52.37 25.42
N MET B 89 4.71 -52.43 24.16
CA MET B 89 5.66 -51.47 23.61
C MET B 89 4.80 -50.40 22.91
N ARG B 90 4.90 -49.15 23.35
CA ARG B 90 4.09 -48.06 22.78
C ARG B 90 4.89 -47.17 21.88
N HIS B 91 4.60 -47.26 20.59
CA HIS B 91 5.25 -46.47 19.55
C HIS B 91 4.33 -45.33 19.13
N VAL B 92 4.95 -44.27 18.61
CA VAL B 92 4.27 -43.06 18.11
C VAL B 92 4.85 -42.88 16.73
N VAL B 93 4.01 -42.73 15.70
CA VAL B 93 4.48 -42.62 14.31
C VAL B 93 3.88 -41.40 13.59
N GLY B 94 4.59 -40.90 12.57
CA GLY B 94 4.11 -39.78 11.76
C GLY B 94 3.43 -40.24 10.48
N GLY B 95 3.59 -41.51 10.13
CA GLY B 95 2.99 -42.08 8.93
C GLY B 95 1.56 -42.52 9.14
N ARG B 96 0.90 -42.95 8.05
CA ARG B 96 -0.46 -43.45 8.12
C ARG B 96 -0.55 -44.68 7.24
N PRO B 97 -1.29 -45.74 7.66
CA PRO B 97 -1.37 -46.94 6.83
C PRO B 97 -2.24 -46.76 5.59
N GLU B 98 -1.80 -47.31 4.46
CA GLU B 98 -2.53 -47.34 3.18
C GLU B 98 -3.26 -48.66 3.11
N GLY B 99 -2.71 -49.66 3.79
CA GLY B 99 -3.24 -51.01 3.82
C GLY B 99 -2.13 -51.97 4.18
N TRP B 100 -2.39 -53.30 4.08
CA TRP B 100 -1.44 -54.32 4.53
C TRP B 100 -0.62 -54.99 3.42
N ASN B 101 -0.78 -54.54 2.16
CA ASN B 101 -0.09 -55.21 1.07
C ASN B 101 1.32 -54.61 0.81
N TYR B 102 2.26 -54.93 1.74
CA TYR B 102 3.66 -54.47 1.71
C TYR B 102 4.33 -54.82 0.39
N ILE B 103 4.18 -56.08 -0.07
CA ILE B 103 4.87 -56.53 -1.28
C ILE B 103 4.37 -55.82 -2.56
N ALA B 104 3.18 -55.21 -2.52
CA ALA B 104 2.64 -54.43 -3.66
C ALA B 104 2.87 -52.92 -3.47
N GLY B 105 3.63 -52.57 -2.45
CA GLY B 105 4.03 -51.16 -2.25
C GLY B 105 3.19 -50.30 -1.34
N GLN B 106 2.31 -50.91 -0.53
CA GLN B 106 1.53 -50.11 0.41
C GLN B 106 2.35 -49.88 1.69
N SER B 107 2.30 -48.65 2.22
CA SER B 107 2.96 -48.32 3.49
C SER B 107 1.98 -48.62 4.62
N GLN B 108 2.51 -49.07 5.76
CA GLN B 108 1.69 -49.34 6.94
C GLN B 108 1.84 -48.20 7.97
N GLY B 109 2.65 -47.19 7.63
CA GLY B 109 2.87 -46.03 8.52
C GLY B 109 4.28 -45.83 9.04
N TRP B 110 5.21 -46.74 8.69
CA TRP B 110 6.64 -46.68 9.08
C TRP B 110 6.80 -46.71 10.62
N GLY B 111 7.88 -46.13 11.15
CA GLY B 111 8.10 -46.11 12.60
C GLY B 111 8.10 -47.45 13.30
N GLY B 112 8.41 -48.53 12.55
CA GLY B 112 8.55 -49.88 13.10
C GLY B 112 7.44 -50.86 12.77
N ILE B 113 6.30 -50.36 12.26
CA ILE B 113 5.15 -51.23 11.98
C ILE B 113 5.47 -52.30 10.92
N ASP B 114 5.92 -51.91 9.72
CA ASP B 114 6.23 -52.91 8.69
C ASP B 114 7.48 -53.71 9.05
N ILE B 115 8.41 -53.11 9.83
CA ILE B 115 9.60 -53.83 10.26
C ILE B 115 9.18 -55.04 11.12
N ALA B 116 8.24 -54.85 12.04
CA ALA B 116 7.72 -55.90 12.93
C ALA B 116 6.82 -56.90 12.21
N LEU B 117 6.07 -56.46 11.19
CA LEU B 117 5.16 -57.35 10.47
C LEU B 117 5.89 -58.21 9.43
N SER B 118 6.68 -57.55 8.56
CA SER B 118 7.30 -58.17 7.40
C SER B 118 8.71 -58.73 7.65
N GLU B 119 8.80 -59.97 8.22
CA GLU B 119 10.07 -60.69 8.46
C GLU B 119 10.72 -61.07 7.11
N CYS B 120 12.05 -61.12 7.03
CA CYS B 120 12.68 -61.41 5.73
C CYS B 120 13.58 -62.66 5.76
N LEU B 121 14.23 -63.02 4.63
CA LEU B 121 15.06 -64.24 4.57
C LEU B 121 16.23 -64.20 5.54
N THR B 122 16.90 -63.05 5.60
CA THR B 122 18.04 -62.83 6.49
C THR B 122 17.74 -61.61 7.35
N ARG B 123 18.60 -61.31 8.31
CA ARG B 123 18.44 -60.16 9.18
C ARG B 123 19.82 -59.54 9.42
N THR B 124 19.90 -58.21 9.31
CA THR B 124 21.17 -57.50 9.42
C THR B 124 21.20 -56.38 10.47
N ALA B 125 20.05 -55.77 10.82
CA ALA B 125 20.03 -54.66 11.80
C ALA B 125 20.82 -54.92 13.09
N PRO B 126 20.73 -56.12 13.74
CA PRO B 126 21.51 -56.35 14.96
C PRO B 126 23.03 -56.49 14.73
N LEU B 127 23.51 -56.51 13.45
CA LEU B 127 24.93 -56.62 13.12
C LEU B 127 25.74 -55.35 13.47
N PHE B 128 25.09 -54.27 14.00
CA PHE B 128 25.82 -53.07 14.48
C PHE B 128 26.78 -53.55 15.60
N GLN B 129 26.43 -54.66 16.27
CA GLN B 129 27.26 -55.17 17.37
C GLN B 129 28.39 -56.14 16.92
N VAL B 130 28.57 -56.37 15.61
CA VAL B 130 29.66 -57.22 15.12
C VAL B 130 30.66 -56.26 14.44
N ASP B 131 31.89 -56.13 15.00
CA ASP B 131 32.97 -55.20 14.58
C ASP B 131 33.69 -55.61 13.30
N ALA B 132 32.93 -55.67 12.22
CA ALA B 132 33.43 -56.04 10.90
C ALA B 132 32.45 -55.52 9.84
N LYS B 133 32.95 -55.51 8.60
CA LYS B 133 32.24 -55.07 7.40
C LYS B 133 32.28 -56.23 6.36
N ASP B 134 32.39 -57.49 6.86
CA ASP B 134 32.42 -58.73 6.08
C ASP B 134 31.56 -59.84 6.76
N THR B 135 30.74 -59.43 7.73
CA THR B 135 29.88 -60.34 8.48
C THR B 135 28.81 -60.93 7.55
N GLU B 136 28.53 -62.20 7.74
CA GLU B 136 27.47 -62.89 7.02
C GLU B 136 26.11 -62.47 7.69
N PRO B 137 25.08 -62.02 6.92
CA PRO B 137 23.78 -61.66 7.57
C PRO B 137 23.24 -62.81 8.41
N LEU B 138 22.48 -62.49 9.45
CA LEU B 138 21.94 -63.52 10.33
C LEU B 138 20.85 -64.32 9.60
N PRO B 139 20.75 -65.63 9.85
CA PRO B 139 19.65 -66.40 9.24
C PRO B 139 18.34 -65.97 9.91
N ASN B 140 17.27 -65.87 9.12
CA ASN B 140 15.95 -65.53 9.65
C ASN B 140 14.96 -66.57 9.05
N LEU B 141 14.14 -66.22 8.03
CA LEU B 141 13.25 -67.21 7.38
C LEU B 141 14.11 -68.22 6.60
N ALA B 142 15.31 -67.80 6.15
CA ALA B 142 16.29 -68.73 5.59
C ALA B 142 17.14 -69.13 6.79
N LYS B 143 17.07 -70.39 7.22
CA LYS B 143 17.84 -70.85 8.37
C LYS B 143 19.33 -71.11 8.06
N SER B 144 19.65 -71.46 6.79
CA SER B 144 21.02 -71.72 6.37
C SER B 144 21.14 -71.65 4.85
N TRP B 145 22.39 -71.59 4.35
CA TRP B 145 22.68 -71.52 2.93
C TRP B 145 24.08 -71.99 2.65
N GLU B 146 24.31 -72.50 1.43
CA GLU B 146 25.60 -73.05 0.99
C GLU B 146 25.90 -72.62 -0.42
N TRP B 147 27.13 -72.15 -0.64
CA TRP B 147 27.62 -71.75 -1.96
C TRP B 147 28.23 -72.96 -2.66
N SER B 148 28.03 -73.04 -4.00
CA SER B 148 28.63 -74.08 -4.84
C SER B 148 30.14 -73.78 -4.90
N GLU B 149 30.96 -74.77 -5.31
CA GLU B 149 32.41 -74.60 -5.44
C GLU B 149 32.77 -73.46 -6.40
N ASP B 150 32.04 -73.34 -7.54
CA ASP B 150 32.29 -72.27 -8.52
C ASP B 150 31.70 -70.90 -8.10
N GLY B 151 30.86 -70.88 -7.06
CA GLY B 151 30.27 -69.66 -6.52
C GLY B 151 29.09 -69.04 -7.24
N HIS B 152 28.55 -69.75 -8.26
CA HIS B 152 27.41 -69.25 -9.02
C HIS B 152 26.08 -69.69 -8.42
N THR B 153 26.09 -70.76 -7.60
CA THR B 153 24.87 -71.32 -7.04
C THR B 153 24.81 -71.17 -5.52
N LEU B 154 23.67 -70.68 -5.03
CA LEU B 154 23.44 -70.54 -3.60
C LEU B 154 22.19 -71.33 -3.24
N THR B 155 22.36 -72.43 -2.48
CA THR B 155 21.28 -73.31 -2.02
C THR B 155 20.87 -72.77 -0.66
N MET B 156 19.61 -72.38 -0.54
CA MET B 156 19.05 -71.76 0.64
C MET B 156 17.99 -72.65 1.30
N HIS B 157 18.20 -72.97 2.58
CA HIS B 157 17.30 -73.80 3.37
C HIS B 157 16.42 -72.92 4.24
N LEU B 158 15.12 -73.14 4.21
CA LEU B 158 14.17 -72.33 4.97
C LEU B 158 13.84 -72.88 6.33
N VAL B 159 13.38 -72.02 7.26
CA VAL B 159 12.87 -72.51 8.55
C VAL B 159 11.78 -73.57 8.16
N LYS B 160 11.78 -74.72 8.82
CA LYS B 160 10.90 -75.83 8.45
C LYS B 160 9.87 -76.13 9.51
N GLY B 161 8.60 -76.06 9.13
CA GLY B 161 7.50 -76.30 10.05
C GLY B 161 6.99 -75.02 10.68
N ALA B 162 7.35 -73.85 10.09
CA ALA B 162 6.87 -72.57 10.59
C ALA B 162 5.52 -72.27 9.94
N LYS B 163 4.64 -71.63 10.72
CA LYS B 163 3.32 -71.20 10.28
C LYS B 163 3.19 -69.70 10.31
N TRP B 164 2.37 -69.18 9.38
CA TRP B 164 1.90 -67.80 9.35
C TRP B 164 1.00 -67.63 10.61
N SER B 165 0.72 -66.39 11.01
CA SER B 165 -0.09 -66.12 12.21
C SER B 165 -1.53 -66.69 12.16
N ASP B 166 -2.05 -67.01 10.97
CA ASP B 166 -3.38 -67.61 10.79
C ASP B 166 -3.32 -69.14 10.83
N GLY B 167 -2.11 -69.72 11.00
CA GLY B 167 -1.91 -71.16 11.09
C GLY B 167 -1.62 -71.88 9.78
N GLU B 168 -1.55 -71.14 8.68
CA GLU B 168 -1.21 -71.70 7.37
C GLU B 168 0.33 -71.86 7.28
N ALA B 169 0.80 -72.94 6.67
CA ALA B 169 2.22 -73.26 6.57
C ALA B 169 3.03 -72.20 5.82
N PHE B 170 4.20 -71.86 6.37
CA PHE B 170 5.17 -70.99 5.68
C PHE B 170 6.14 -71.97 4.97
N ASN B 171 6.41 -71.77 3.68
CA ASN B 171 7.33 -72.64 2.93
C ASN B 171 7.79 -71.94 1.64
N ALA B 172 8.49 -72.65 0.75
CA ALA B 172 9.04 -72.12 -0.52
C ALA B 172 8.01 -71.45 -1.42
N ASP B 173 6.71 -71.84 -1.34
CA ASP B 173 5.65 -71.20 -2.14
C ASP B 173 5.53 -69.69 -1.86
N ASP B 174 5.73 -69.28 -0.59
CA ASP B 174 5.69 -67.86 -0.19
C ASP B 174 6.90 -67.13 -0.74
N VAL B 175 8.06 -67.79 -0.70
CA VAL B 175 9.31 -67.25 -1.23
C VAL B 175 9.20 -67.06 -2.74
N MET B 176 8.73 -68.10 -3.46
CA MET B 176 8.57 -68.07 -4.91
C MET B 176 7.54 -67.06 -5.38
N PHE B 177 6.41 -66.92 -4.64
CA PHE B 177 5.38 -65.93 -4.99
C PHE B 177 5.96 -64.53 -4.91
N TYR B 178 6.73 -64.22 -3.85
CA TYR B 178 7.37 -62.91 -3.73
C TYR B 178 8.34 -62.66 -4.92
N TRP B 179 9.23 -63.62 -5.18
CA TRP B 179 10.21 -63.51 -6.26
C TRP B 179 9.55 -63.33 -7.64
N GLU B 180 8.71 -64.30 -8.03
CA GLU B 180 8.09 -64.28 -9.35
C GLU B 180 6.99 -63.23 -9.53
N ASP B 181 6.05 -63.15 -8.59
CA ASP B 181 4.86 -62.32 -8.71
C ASP B 181 4.93 -60.94 -8.06
N ALA B 182 6.04 -60.62 -7.37
CA ALA B 182 6.26 -59.28 -6.81
C ALA B 182 7.53 -58.68 -7.37
N VAL B 183 8.68 -59.36 -7.28
CA VAL B 183 9.92 -58.82 -7.82
C VAL B 183 10.00 -58.89 -9.36
N VAL B 184 9.98 -60.09 -9.95
CA VAL B 184 10.13 -60.28 -11.39
C VAL B 184 8.98 -59.57 -12.16
N ASP B 185 7.73 -59.61 -11.62
CA ASP B 185 6.57 -58.97 -12.24
C ASP B 185 6.83 -57.45 -12.37
N PRO B 186 6.92 -56.88 -13.59
CA PRO B 186 7.22 -55.44 -13.69
C PRO B 186 6.11 -54.50 -13.19
N ASN B 187 4.88 -55.04 -12.99
CA ASN B 187 3.72 -54.25 -12.56
C ASN B 187 3.52 -54.20 -11.05
N VAL B 188 4.45 -54.80 -10.29
CA VAL B 188 4.40 -54.82 -8.83
C VAL B 188 5.68 -54.18 -8.32
N SER B 189 5.58 -53.30 -7.32
CA SER B 189 6.75 -52.66 -6.76
C SER B 189 6.66 -52.70 -5.24
N PRO B 190 7.45 -53.58 -4.57
CA PRO B 190 7.41 -53.65 -3.09
C PRO B 190 7.72 -52.31 -2.42
N LEU B 191 7.22 -52.09 -1.21
CA LEU B 191 7.40 -50.84 -0.48
C LEU B 191 8.86 -50.44 -0.30
N GLY B 192 9.17 -49.16 -0.52
CA GLY B 192 10.52 -48.65 -0.30
C GLY B 192 11.28 -48.18 -1.53
N GLY B 193 10.80 -48.58 -2.71
CA GLY B 193 11.39 -48.16 -3.98
C GLY B 193 12.48 -49.05 -4.55
N GLY B 194 12.82 -50.12 -3.83
CA GLY B 194 13.83 -51.08 -4.25
C GLY B 194 13.22 -52.37 -4.74
N ALA B 195 13.93 -53.50 -4.52
CA ALA B 195 13.48 -54.85 -4.87
C ALA B 195 13.15 -55.06 -6.35
N SER B 196 13.92 -54.42 -7.22
CA SER B 196 13.83 -54.69 -8.67
C SER B 196 14.62 -56.02 -8.88
N PRO B 197 14.39 -56.81 -9.96
CA PRO B 197 15.18 -58.05 -10.13
C PRO B 197 16.71 -57.85 -10.13
N GLU B 198 17.18 -56.74 -10.74
CA GLU B 198 18.61 -56.42 -10.84
C GLU B 198 19.27 -56.04 -9.50
N ALA B 199 18.47 -55.76 -8.45
CA ALA B 199 18.98 -55.51 -7.09
C ALA B 199 19.64 -56.80 -6.55
N PHE B 200 19.28 -57.97 -7.14
CA PHE B 200 19.79 -59.28 -6.75
C PHE B 200 20.83 -59.78 -7.76
N GLY B 201 21.25 -58.89 -8.67
CA GLY B 201 22.22 -59.19 -9.73
C GLY B 201 21.57 -59.34 -11.10
N GLU B 202 22.20 -58.76 -12.14
CA GLU B 202 21.66 -58.85 -13.49
C GLU B 202 21.66 -60.32 -13.95
N GLY B 203 20.49 -60.79 -14.34
CA GLY B 203 20.31 -62.17 -14.81
C GLY B 203 20.16 -63.22 -13.71
N THR B 204 20.12 -62.79 -12.44
CA THR B 204 19.93 -63.71 -11.30
C THR B 204 18.59 -64.44 -11.42
N THR B 205 18.59 -65.76 -11.14
CA THR B 205 17.37 -66.56 -11.15
C THR B 205 17.21 -67.23 -9.79
N LEU B 206 15.97 -67.54 -9.43
CA LEU B 206 15.63 -68.22 -8.18
C LEU B 206 14.65 -69.34 -8.51
N LYS B 207 14.91 -70.56 -8.03
CA LYS B 207 14.03 -71.70 -8.31
C LYS B 207 13.75 -72.51 -7.06
N LYS B 208 12.62 -73.20 -7.05
CA LYS B 208 12.18 -74.04 -5.94
C LYS B 208 12.78 -75.43 -6.10
N ILE B 209 13.49 -75.91 -5.07
CA ILE B 209 14.05 -77.28 -5.05
C ILE B 209 12.99 -78.20 -4.46
N ASP B 210 12.50 -77.84 -3.28
CA ASP B 210 11.41 -78.52 -2.58
C ASP B 210 10.70 -77.51 -1.69
N ASP B 211 9.78 -77.96 -0.82
CA ASP B 211 9.01 -77.07 0.04
C ASP B 211 9.86 -76.19 0.97
N TYR B 212 11.08 -76.63 1.31
CA TYR B 212 11.92 -75.89 2.26
C TYR B 212 13.29 -75.56 1.73
N THR B 213 13.43 -75.58 0.39
CA THR B 213 14.70 -75.30 -0.25
C THR B 213 14.50 -74.53 -1.55
N VAL B 214 15.27 -73.48 -1.70
CA VAL B 214 15.30 -72.67 -2.91
C VAL B 214 16.76 -72.56 -3.38
N GLU B 215 16.96 -72.29 -4.66
CA GLU B 215 18.28 -72.21 -5.24
C GLU B 215 18.43 -70.96 -6.09
N TRP B 216 19.40 -70.12 -5.74
CA TRP B 216 19.72 -68.91 -6.49
C TRP B 216 20.85 -69.23 -7.48
N THR B 217 20.81 -68.63 -8.68
CA THR B 217 21.87 -68.77 -9.66
C THR B 217 22.30 -67.32 -10.02
N PHE B 218 23.60 -67.03 -9.89
CA PHE B 218 24.17 -65.70 -10.17
C PHE B 218 25.14 -65.74 -11.32
N LYS B 219 25.17 -64.66 -12.11
CA LYS B 219 26.10 -64.50 -13.22
C LYS B 219 27.52 -64.34 -12.65
N ALA B 220 27.68 -63.51 -11.60
CA ALA B 220 28.96 -63.34 -10.93
C ALA B 220 29.25 -64.53 -9.97
N ALA B 221 30.54 -64.75 -9.68
CA ALA B 221 30.99 -65.80 -8.75
C ALA B 221 31.04 -65.18 -7.35
N PHE B 222 30.50 -65.90 -6.35
CA PHE B 222 30.42 -65.47 -4.95
C PHE B 222 29.93 -64.00 -4.73
N PRO B 223 28.75 -63.55 -5.29
CA PRO B 223 28.28 -62.19 -4.96
C PRO B 223 27.58 -62.20 -3.60
N LYS B 224 28.36 -62.50 -2.54
CA LYS B 224 27.91 -62.64 -1.16
C LYS B 224 27.16 -61.43 -0.59
N GLN B 225 27.40 -60.24 -1.16
CA GLN B 225 26.72 -59.02 -0.72
C GLN B 225 25.20 -59.09 -0.89
N TYR B 226 24.68 -59.94 -1.84
CA TYR B 226 23.26 -60.12 -2.08
C TYR B 226 22.55 -60.75 -0.91
N LEU B 227 23.29 -61.40 0.02
CA LEU B 227 22.65 -61.93 1.24
C LEU B 227 22.07 -60.77 2.10
N TYR B 228 22.68 -59.57 2.02
CA TYR B 228 22.18 -58.39 2.71
C TYR B 228 20.89 -57.88 2.04
N THR B 229 20.80 -57.98 0.69
CA THR B 229 19.64 -57.60 -0.10
C THR B 229 18.45 -58.50 0.24
N MET B 230 18.72 -59.68 0.82
CA MET B 230 17.67 -60.64 1.22
C MET B 230 17.11 -60.33 2.61
N ALA B 231 17.56 -59.24 3.24
CA ALA B 231 17.04 -58.78 4.52
C ALA B 231 16.02 -57.63 4.25
N TYR B 232 15.54 -56.95 5.33
CA TYR B 232 14.63 -55.81 5.20
C TYR B 232 15.35 -54.66 4.44
N PRO B 233 14.70 -53.94 3.51
CA PRO B 233 13.29 -54.05 3.07
C PRO B 233 13.02 -54.89 1.83
N SER B 234 14.08 -55.41 1.18
CA SER B 234 14.03 -56.02 -0.15
C SER B 234 13.56 -57.47 -0.30
N PHE B 235 13.50 -58.27 0.77
CA PHE B 235 13.00 -59.64 0.58
C PHE B 235 12.18 -60.06 1.77
N CYS B 236 10.96 -59.54 1.85
CA CYS B 236 10.09 -59.80 2.97
C CYS B 236 8.77 -60.40 2.45
N PRO B 237 8.75 -61.75 2.36
CA PRO B 237 7.61 -62.43 1.72
C PRO B 237 6.26 -62.18 2.40
N GLY B 238 5.23 -62.15 1.57
CA GLY B 238 3.87 -61.96 2.02
C GLY B 238 3.13 -63.29 2.10
N PRO B 239 1.94 -63.34 2.74
CA PRO B 239 1.22 -64.62 2.83
C PRO B 239 0.60 -64.97 1.47
N SER B 240 1.28 -65.85 0.70
CA SER B 240 0.83 -66.20 -0.66
C SER B 240 -0.58 -66.82 -0.72
N HIS B 241 -0.99 -67.57 0.32
CA HIS B 241 -2.35 -68.16 0.32
C HIS B 241 -3.48 -67.09 0.32
N ILE B 242 -3.17 -65.88 0.83
CA ILE B 242 -4.08 -64.73 0.94
C ILE B 242 -3.92 -63.79 -0.27
N LEU B 243 -2.69 -63.52 -0.64
CA LEU B 243 -2.37 -62.59 -1.71
C LEU B 243 -2.52 -63.17 -3.11
N LYS B 244 -2.09 -64.42 -3.32
CA LYS B 244 -2.12 -65.03 -4.65
C LYS B 244 -3.54 -64.99 -5.30
N PRO B 245 -4.66 -65.33 -4.57
CA PRO B 245 -6.00 -65.22 -5.19
C PRO B 245 -6.42 -63.81 -5.62
N GLN B 246 -5.66 -62.75 -5.20
CA GLN B 246 -5.96 -61.35 -5.54
C GLN B 246 -5.03 -60.83 -6.63
N HIS B 247 -3.97 -61.58 -6.94
CA HIS B 247 -2.98 -61.19 -7.94
C HIS B 247 -3.56 -61.34 -9.34
N PRO B 248 -3.37 -60.33 -10.23
CA PRO B 248 -3.92 -60.41 -11.59
C PRO B 248 -3.58 -61.66 -12.40
N LYS B 249 -2.44 -62.32 -12.13
CA LYS B 249 -2.09 -63.55 -12.84
C LYS B 249 -3.07 -64.68 -12.54
N TYR B 250 -3.67 -64.68 -11.33
CA TYR B 250 -4.54 -65.74 -10.80
C TYR B 250 -6.00 -65.35 -10.57
N SER B 251 -6.40 -64.16 -11.05
CA SER B 251 -7.76 -63.66 -10.86
C SER B 251 -8.09 -62.64 -11.94
N LYS B 252 -9.25 -61.99 -11.79
CA LYS B 252 -9.67 -60.96 -12.75
C LYS B 252 -9.37 -59.55 -12.20
N ASN B 253 -8.64 -59.48 -11.07
CA ASN B 253 -8.24 -58.21 -10.47
C ASN B 253 -7.25 -57.50 -11.38
N THR B 254 -7.25 -56.17 -11.35
CA THR B 254 -6.25 -55.37 -12.03
C THR B 254 -5.08 -55.24 -11.00
N TYR B 255 -3.94 -54.65 -11.40
CA TYR B 255 -2.82 -54.47 -10.47
C TYR B 255 -3.18 -53.49 -9.37
N ASN B 256 -4.02 -52.46 -9.68
CA ASN B 256 -4.46 -51.51 -8.65
C ASN B 256 -5.39 -52.18 -7.62
N GLN B 257 -6.22 -53.13 -8.07
CA GLN B 257 -7.12 -53.88 -7.18
C GLN B 257 -6.32 -54.83 -6.29
N PHE B 258 -5.27 -55.47 -6.85
CA PHE B 258 -4.42 -56.37 -6.08
C PHE B 258 -3.70 -55.57 -4.97
N LYS B 259 -3.12 -54.41 -5.33
CA LYS B 259 -2.40 -53.53 -4.42
C LYS B 259 -3.30 -53.10 -3.24
N ASN B 260 -4.55 -52.75 -3.53
CA ASN B 260 -5.52 -52.23 -2.56
C ASN B 260 -6.49 -53.26 -1.97
N ALA B 261 -6.30 -54.57 -2.21
CA ALA B 261 -7.22 -55.63 -1.75
C ALA B 261 -7.35 -55.79 -0.23
N PHE B 262 -6.37 -55.28 0.52
CA PHE B 262 -6.33 -55.40 1.99
C PHE B 262 -6.18 -54.01 2.62
N PRO B 263 -7.32 -53.25 2.70
CA PRO B 263 -7.28 -51.90 3.31
C PRO B 263 -6.96 -51.92 4.80
N PRO B 264 -6.64 -50.75 5.42
CA PRO B 264 -6.26 -50.76 6.84
C PRO B 264 -7.29 -51.36 7.79
N GLU B 265 -8.59 -51.31 7.42
CA GLU B 265 -9.72 -51.84 8.20
C GLU B 265 -9.72 -53.39 8.25
N TYR B 266 -9.06 -54.05 7.26
CA TYR B 266 -8.95 -55.51 7.17
C TYR B 266 -8.04 -55.97 8.32
N MET B 267 -8.61 -56.69 9.28
CA MET B 267 -7.89 -57.11 10.47
C MET B 267 -7.21 -58.47 10.39
N ASN B 268 -6.21 -58.69 11.26
CA ASN B 268 -5.53 -59.98 11.40
C ASN B 268 -4.83 -60.43 10.11
N MET B 269 -4.29 -59.50 9.31
CA MET B 269 -3.56 -59.88 8.11
C MET B 269 -2.46 -60.88 8.51
N PRO B 270 -2.38 -62.09 7.87
CA PRO B 270 -1.35 -63.06 8.28
C PRO B 270 0.09 -62.54 8.11
N VAL B 271 0.92 -62.79 9.12
CA VAL B 271 2.32 -62.35 9.18
C VAL B 271 3.23 -63.45 9.76
N MET B 272 4.54 -63.33 9.49
CA MET B 272 5.57 -64.19 10.10
C MET B 272 6.17 -63.42 11.30
N GLY B 273 5.72 -62.18 11.52
CA GLY B 273 6.21 -61.30 12.60
C GLY B 273 5.73 -61.68 14.00
N ALA B 274 6.27 -61.00 15.02
CA ALA B 274 5.96 -61.32 16.42
C ALA B 274 4.54 -60.93 16.88
N TRP B 275 3.93 -59.90 16.24
CA TRP B 275 2.60 -59.40 16.62
C TRP B 275 1.77 -59.21 15.36
N VAL B 276 0.44 -59.31 15.49
CA VAL B 276 -0.50 -59.24 14.37
C VAL B 276 -1.44 -58.02 14.54
N PRO B 277 -1.76 -57.25 13.47
CA PRO B 277 -2.73 -56.13 13.63
C PRO B 277 -4.12 -56.63 13.98
N VAL B 278 -4.67 -56.17 15.10
CA VAL B 278 -5.99 -56.62 15.59
C VAL B 278 -7.01 -55.48 15.71
N SER B 279 -6.53 -54.22 15.69
CA SER B 279 -7.41 -53.05 15.82
C SER B 279 -6.78 -51.88 15.09
N TYR B 280 -7.61 -51.10 14.43
CA TYR B 280 -7.20 -49.93 13.69
C TYR B 280 -8.32 -48.87 13.78
N ARG B 281 -7.94 -47.65 14.16
CA ARG B 281 -8.83 -46.52 14.15
C ARG B 281 -8.13 -45.41 13.38
N PRO B 282 -8.74 -44.94 12.26
CA PRO B 282 -8.09 -43.89 11.44
C PRO B 282 -7.63 -42.68 12.23
N ASP B 283 -6.41 -42.19 11.93
CA ASP B 283 -5.74 -41.04 12.56
C ASP B 283 -5.66 -41.16 14.08
N ASP B 284 -5.74 -42.39 14.60
CA ASP B 284 -5.68 -42.60 16.02
C ASP B 284 -4.65 -43.66 16.43
N LEU B 285 -4.93 -44.94 16.13
CA LEU B 285 -4.09 -46.01 16.67
C LEU B 285 -4.20 -47.32 15.91
N ILE B 286 -3.10 -48.08 15.94
CA ILE B 286 -3.03 -49.46 15.42
C ILE B 286 -2.56 -50.28 16.61
N VAL B 287 -3.23 -51.38 16.91
CA VAL B 287 -2.87 -52.27 18.02
C VAL B 287 -2.53 -53.62 17.39
N LEU B 288 -1.36 -54.16 17.79
CA LEU B 288 -0.90 -55.49 17.39
C LEU B 288 -0.90 -56.39 18.64
N ARG B 289 -1.36 -57.66 18.49
CA ARG B 289 -1.36 -58.66 19.58
C ARG B 289 -0.39 -59.80 19.25
N ARG B 290 0.21 -60.43 20.26
CA ARG B 290 1.19 -61.52 20.07
C ARG B 290 0.70 -62.59 19.08
N ASN B 291 1.58 -63.01 18.18
CA ASN B 291 1.34 -64.04 17.19
C ASN B 291 1.56 -65.41 17.88
N PRO B 292 0.49 -66.24 18.05
CA PRO B 292 0.69 -67.54 18.74
C PRO B 292 1.47 -68.58 17.93
N TYR B 293 1.72 -68.30 16.62
CA TYR B 293 2.50 -69.16 15.74
C TYR B 293 3.94 -68.62 15.58
N TYR B 294 4.37 -67.62 16.40
CA TYR B 294 5.73 -67.10 16.29
C TYR B 294 6.74 -68.23 16.47
N TRP B 295 7.76 -68.21 15.63
CA TRP B 295 8.72 -69.31 15.46
C TRP B 295 10.10 -69.07 16.10
N LYS B 296 10.14 -68.15 17.07
CA LYS B 296 11.37 -67.80 17.78
C LYS B 296 11.15 -68.03 19.27
N VAL B 297 12.17 -68.59 19.94
CA VAL B 297 12.12 -68.91 21.38
C VAL B 297 13.40 -68.44 22.07
N ASP B 298 13.41 -68.44 23.42
CA ASP B 298 14.66 -68.19 24.14
C ASP B 298 15.26 -69.58 24.52
N GLU B 299 16.46 -69.59 25.14
CA GLU B 299 17.17 -70.82 25.50
C GLU B 299 16.47 -71.67 26.55
N LYS B 300 15.54 -71.05 27.32
CA LYS B 300 14.74 -71.78 28.30
C LYS B 300 13.47 -72.40 27.67
N GLY B 301 13.28 -72.21 26.36
CA GLY B 301 12.13 -72.72 25.63
C GLY B 301 10.91 -71.80 25.63
N GLN B 302 11.06 -70.57 26.16
CA GLN B 302 9.92 -69.63 26.17
C GLN B 302 9.68 -69.06 24.79
N GLN B 303 8.46 -69.25 24.25
CA GLN B 303 8.10 -68.70 22.94
C GLN B 303 8.06 -67.19 23.00
N LEU B 304 8.76 -66.55 22.06
CA LEU B 304 8.72 -65.09 21.99
C LEU B 304 7.46 -64.61 21.21
N PRO B 305 7.11 -63.30 21.23
CA PRO B 305 7.75 -62.19 21.99
C PRO B 305 7.46 -62.29 23.47
N TYR B 306 8.23 -61.55 24.31
CA TYR B 306 7.89 -61.47 25.72
C TYR B 306 6.71 -60.48 25.89
N LEU B 307 6.74 -59.34 25.15
CA LEU B 307 5.67 -58.30 25.18
C LEU B 307 4.41 -58.86 24.48
N ASN B 308 3.25 -58.73 25.13
CA ASN B 308 2.01 -59.25 24.56
C ASN B 308 1.40 -58.37 23.48
N GLU B 309 1.68 -57.06 23.54
CA GLU B 309 1.02 -56.07 22.69
C GLU B 309 1.93 -54.97 22.21
N VAL B 310 1.62 -54.39 21.04
CA VAL B 310 2.40 -53.30 20.45
C VAL B 310 1.43 -52.24 19.92
N HIS B 311 1.63 -50.96 20.29
CA HIS B 311 0.73 -49.90 19.82
C HIS B 311 1.51 -48.97 18.92
N TYR B 312 0.82 -48.42 17.91
CA TYR B 312 1.38 -47.39 17.03
C TYR B 312 0.33 -46.28 17.05
N LYS B 313 0.62 -45.23 17.82
CA LYS B 313 -0.23 -44.04 17.95
C LYS B 313 0.01 -43.24 16.68
N LEU B 314 -1.05 -42.88 15.98
CA LEU B 314 -0.92 -42.13 14.72
C LEU B 314 -0.89 -40.63 15.01
N SER B 315 0.30 -40.04 14.95
CA SER B 315 0.54 -38.64 15.30
C SER B 315 1.50 -38.01 14.30
N THR B 316 2.53 -37.27 14.78
CA THR B 316 3.58 -36.67 13.94
C THR B 316 4.96 -37.27 14.35
N TRP B 317 5.99 -37.14 13.49
CA TRP B 317 7.32 -37.60 13.81
C TRP B 317 7.94 -36.79 14.98
N ALA B 318 7.68 -35.46 15.03
CA ALA B 318 8.17 -34.62 16.15
C ALA B 318 7.48 -35.02 17.50
N ASP B 319 6.20 -35.42 17.43
CA ASP B 319 5.48 -35.83 18.64
C ASP B 319 6.07 -37.13 19.23
N ARG B 320 6.70 -37.98 18.38
CA ARG B 320 7.32 -39.21 18.87
C ARG B 320 8.40 -38.89 19.90
N ASP B 321 9.23 -37.85 19.63
CA ASP B 321 10.29 -37.40 20.56
C ASP B 321 9.68 -36.89 21.85
N VAL B 322 8.64 -36.05 21.72
CA VAL B 322 7.93 -35.43 22.84
C VAL B 322 7.37 -36.51 23.77
N GLN B 323 6.66 -37.49 23.19
CA GLN B 323 6.03 -38.55 23.97
C GLN B 323 7.03 -39.50 24.62
N ALA B 324 8.16 -39.80 23.92
CA ALA B 324 9.18 -40.67 24.49
C ALA B 324 9.84 -40.04 25.72
N VAL B 325 10.23 -38.76 25.66
CA VAL B 325 10.85 -38.10 26.84
C VAL B 325 9.83 -37.86 27.97
N ALA B 326 8.53 -37.72 27.63
CA ALA B 326 7.46 -37.51 28.63
C ALA B 326 7.09 -38.84 29.31
N GLY B 327 7.31 -39.95 28.61
CA GLY B 327 7.01 -41.29 29.11
C GLY B 327 5.69 -41.91 28.66
N SER B 328 4.97 -41.23 27.72
CA SER B 328 3.68 -41.69 27.17
C SER B 328 3.88 -42.55 25.92
N GLY B 329 5.08 -42.42 25.33
CA GLY B 329 5.60 -43.20 24.23
C GLY B 329 6.83 -43.93 24.76
N ASP B 330 7.11 -45.11 24.28
CA ASP B 330 8.24 -45.89 24.82
C ASP B 330 9.54 -45.85 24.02
N PHE B 331 9.48 -45.30 22.82
CA PHE B 331 10.61 -45.36 21.92
C PHE B 331 10.60 -44.19 20.96
N SER B 332 11.80 -43.68 20.62
CA SER B 332 11.95 -42.68 19.57
C SER B 332 13.36 -42.71 19.00
N ASN B 333 13.47 -42.40 17.69
CA ASN B 333 14.70 -42.12 17.01
C ASN B 333 14.73 -40.59 16.94
N LEU B 334 15.53 -39.98 17.81
CA LEU B 334 15.70 -38.52 17.86
C LEU B 334 16.62 -38.20 16.70
N GLU B 335 16.02 -37.77 15.59
CA GLU B 335 16.71 -37.61 14.31
C GLU B 335 16.50 -36.27 13.65
N GLN B 336 15.78 -35.35 14.33
CA GLN B 336 15.53 -34.00 13.82
C GLN B 336 16.26 -33.01 14.75
N PRO B 337 17.34 -32.37 14.26
CA PRO B 337 18.15 -31.49 15.14
C PRO B 337 17.37 -30.40 15.88
N GLU B 338 16.25 -29.96 15.30
CA GLU B 338 15.34 -28.96 15.87
C GLU B 338 14.73 -29.43 17.21
N ASN B 339 14.75 -30.76 17.46
CA ASN B 339 14.21 -31.37 18.68
C ASN B 339 15.30 -31.80 19.68
N PHE B 340 16.60 -31.63 19.34
CA PHE B 340 17.71 -32.08 20.21
C PHE B 340 17.78 -31.40 21.58
N VAL B 341 17.76 -30.06 21.60
CA VAL B 341 17.91 -29.28 22.84
C VAL B 341 16.77 -29.57 23.83
N ALA B 342 15.50 -29.49 23.38
CA ALA B 342 14.34 -29.76 24.23
C ALA B 342 14.36 -31.18 24.78
N SER B 343 14.75 -32.16 23.95
CA SER B 343 14.84 -33.57 24.36
C SER B 343 15.94 -33.77 25.39
N LEU B 344 17.12 -33.16 25.18
CA LEU B 344 18.26 -33.26 26.10
C LEU B 344 17.93 -32.65 27.46
N LYS B 345 17.17 -31.54 27.45
CA LYS B 345 16.74 -30.84 28.67
C LYS B 345 15.82 -31.76 29.48
N ARG B 346 14.82 -32.39 28.84
CA ARG B 346 13.89 -33.31 29.51
C ARG B 346 14.57 -34.62 29.97
N ALA B 347 15.63 -35.07 29.27
CA ALA B 347 16.41 -36.27 29.61
C ALA B 347 17.38 -36.00 30.77
N ALA B 348 17.74 -34.73 31.01
CA ALA B 348 18.62 -34.30 32.10
C ALA B 348 17.97 -34.42 33.48
N ASP B 349 16.61 -34.48 33.51
CA ASP B 349 15.82 -34.61 34.72
C ASP B 349 16.20 -35.92 35.43
N PRO B 350 16.42 -35.92 36.76
CA PRO B 350 16.82 -37.19 37.42
C PRO B 350 15.73 -38.28 37.42
N ASN B 351 14.45 -37.87 37.52
CA ASN B 351 13.33 -38.79 37.53
C ASN B 351 12.86 -39.12 36.11
N ALA B 352 13.62 -38.72 35.05
CA ALA B 352 13.20 -38.90 33.64
C ALA B 352 12.79 -40.33 33.35
N PRO B 353 11.64 -40.55 32.67
CA PRO B 353 11.21 -41.94 32.42
C PRO B 353 12.02 -42.66 31.35
N ALA B 354 12.79 -41.90 30.54
CA ALA B 354 13.53 -42.49 29.45
C ALA B 354 14.98 -42.11 29.43
N ARG B 355 15.77 -42.96 28.76
CA ARG B 355 17.22 -42.80 28.57
C ARG B 355 17.45 -42.38 27.11
N LEU B 356 18.38 -41.45 26.91
CA LEU B 356 18.74 -40.91 25.60
C LEU B 356 20.23 -41.15 25.36
N ALA B 357 20.60 -41.66 24.17
CA ALA B 357 22.03 -41.89 23.85
C ALA B 357 22.35 -41.64 22.38
N PHE B 358 23.22 -40.68 22.12
CA PHE B 358 23.66 -40.38 20.74
C PHE B 358 24.63 -41.46 20.21
N GLY B 359 24.66 -41.63 18.90
CA GLY B 359 25.56 -42.58 18.24
C GLY B 359 26.49 -41.86 17.28
N PRO B 360 27.13 -42.55 16.30
CA PRO B 360 28.00 -41.85 15.33
C PRO B 360 27.17 -41.00 14.36
N ARG B 361 27.84 -40.14 13.56
CA ARG B 361 27.15 -39.28 12.60
C ARG B 361 26.74 -40.12 11.39
N LEU B 362 25.55 -40.70 11.45
CA LEU B 362 25.06 -41.56 10.37
C LEU B 362 23.78 -41.03 9.73
N ILE B 363 23.31 -39.84 10.17
CA ILE B 363 22.11 -39.24 9.59
C ILE B 363 22.60 -38.17 8.64
N GLY B 364 22.34 -38.38 7.36
CA GLY B 364 22.77 -37.44 6.33
C GLY B 364 21.63 -37.07 5.40
N TYR B 365 21.73 -35.89 4.80
CA TYR B 365 20.78 -35.40 3.81
C TYR B 365 21.50 -35.02 2.55
N ASN B 366 20.92 -35.38 1.41
CA ASN B 366 21.45 -35.02 0.11
C ASN B 366 20.38 -34.36 -0.74
N LEU B 367 20.84 -33.50 -1.63
CA LEU B 367 20.08 -32.93 -2.72
C LEU B 367 20.36 -33.93 -3.84
N GLN B 368 19.31 -34.56 -4.37
CA GLN B 368 19.41 -35.52 -5.48
C GLN B 368 18.80 -34.88 -6.72
N MET B 369 19.53 -34.94 -7.83
CA MET B 369 19.10 -34.41 -9.12
C MET B 369 18.70 -35.56 -10.03
N ASN B 370 17.59 -35.40 -10.78
CA ASN B 370 17.14 -36.41 -11.76
C ASN B 370 18.12 -36.41 -12.96
N PHE B 371 18.87 -37.52 -13.14
CA PHE B 371 19.85 -37.63 -14.24
C PHE B 371 19.28 -38.30 -15.52
N SER B 372 18.00 -38.73 -15.51
CA SER B 372 17.47 -39.35 -16.74
C SER B 372 17.12 -38.32 -17.80
N ALA B 373 17.79 -38.42 -18.97
CA ALA B 373 17.48 -37.56 -20.11
C ALA B 373 16.76 -38.40 -21.21
N ASN B 374 16.40 -39.66 -20.87
CA ASN B 374 15.72 -40.55 -21.82
C ASN B 374 14.25 -40.90 -21.42
N GLY B 375 13.60 -40.01 -20.66
CA GLY B 375 12.17 -40.13 -20.40
C GLY B 375 11.63 -40.60 -19.07
N TRP B 376 12.49 -40.85 -18.05
CA TRP B 376 11.97 -41.27 -16.74
C TRP B 376 11.09 -40.15 -16.18
N GLY B 377 9.84 -40.49 -15.87
CA GLY B 377 8.84 -39.56 -15.36
C GLY B 377 8.15 -38.77 -16.45
N ASN B 378 8.43 -39.11 -17.73
CA ASN B 378 7.85 -38.49 -18.93
C ASN B 378 7.85 -36.93 -18.83
N PRO B 379 9.03 -36.29 -18.65
CA PRO B 379 9.05 -34.83 -18.45
C PRO B 379 8.58 -34.04 -19.68
N ASP B 380 8.03 -32.85 -19.43
CA ASP B 380 7.65 -31.92 -20.49
C ASP B 380 8.95 -31.21 -20.97
N GLU B 381 8.84 -30.24 -21.89
CA GLU B 381 10.00 -29.50 -22.41
C GLU B 381 10.81 -28.82 -21.31
N ARG B 382 10.13 -28.19 -20.33
CA ARG B 382 10.79 -27.55 -19.16
C ARG B 382 11.58 -28.59 -18.35
N GLY B 383 10.92 -29.69 -17.98
CA GLY B 383 11.52 -30.81 -17.24
C GLY B 383 12.75 -31.36 -17.92
N GLN B 384 12.65 -31.64 -19.23
CA GLN B 384 13.76 -32.15 -20.05
C GLN B 384 14.99 -31.23 -20.05
N ALA B 385 14.79 -29.90 -20.18
CA ALA B 385 15.87 -28.91 -20.14
C ALA B 385 16.60 -28.94 -18.76
N ILE B 386 15.86 -29.19 -17.67
CA ILE B 386 16.43 -29.30 -16.32
C ILE B 386 17.29 -30.59 -16.23
N ARG B 387 16.82 -31.70 -16.86
CA ARG B 387 17.55 -32.98 -16.84
C ARG B 387 18.91 -32.78 -17.54
N GLU B 388 18.92 -31.99 -18.63
CA GLU B 388 20.11 -31.64 -19.41
C GLU B 388 21.06 -30.78 -18.55
N LEU B 389 20.52 -29.81 -17.75
CA LEU B 389 21.33 -29.03 -16.81
C LEU B 389 21.92 -29.92 -15.70
N ASN B 390 21.10 -30.82 -15.11
CA ASN B 390 21.55 -31.75 -14.06
C ASN B 390 22.73 -32.60 -14.52
N ARG B 391 22.70 -33.05 -15.78
CA ARG B 391 23.76 -33.89 -16.34
C ARG B 391 25.03 -33.12 -16.69
N ASN B 392 24.98 -31.77 -16.66
CA ASN B 392 26.14 -30.93 -16.97
C ASN B 392 26.99 -30.79 -15.70
N GLU B 393 28.25 -31.30 -15.71
CA GLU B 393 29.10 -31.28 -14.51
C GLU B 393 29.40 -29.88 -14.00
N VAL B 394 29.53 -28.87 -14.89
CA VAL B 394 29.81 -27.48 -14.49
C VAL B 394 28.62 -26.93 -13.67
N PHE B 395 27.38 -27.25 -14.11
CA PHE B 395 26.15 -26.88 -13.39
C PHE B 395 26.20 -27.48 -11.97
N ARG B 396 26.51 -28.79 -11.84
CA ARG B 396 26.56 -29.45 -10.53
C ARG B 396 27.61 -28.83 -9.61
N GLN B 397 28.79 -28.52 -10.17
CA GLN B 397 29.89 -27.88 -9.45
C GLN B 397 29.48 -26.52 -8.93
N ALA B 398 28.71 -25.75 -9.74
CA ALA B 398 28.22 -24.43 -9.35
C ALA B 398 27.23 -24.55 -8.17
N VAL B 399 26.29 -25.51 -8.25
CA VAL B 399 25.27 -25.75 -7.22
C VAL B 399 25.94 -26.08 -5.89
N THR B 400 26.84 -27.06 -5.86
CA THR B 400 27.50 -27.46 -4.63
C THR B 400 28.39 -26.34 -4.04
N SER B 401 29.04 -25.55 -4.92
CA SER B 401 29.93 -24.47 -4.49
C SER B 401 29.18 -23.27 -3.94
N ALA B 402 27.88 -23.11 -4.34
CA ALA B 402 27.01 -22.03 -3.86
C ALA B 402 26.45 -22.33 -2.46
N LEU B 403 26.70 -23.55 -1.93
CA LEU B 403 26.19 -23.93 -0.61
C LEU B 403 27.16 -23.55 0.51
N ASP B 404 26.68 -22.77 1.48
CA ASP B 404 27.49 -22.42 2.65
C ASP B 404 27.11 -23.49 3.67
N ARG B 405 27.85 -24.61 3.65
CA ARG B 405 27.56 -25.78 4.49
C ARG B 405 27.63 -25.51 5.99
N LYS B 406 28.50 -24.59 6.43
CA LYS B 406 28.57 -24.22 7.87
C LYS B 406 27.22 -23.63 8.29
N ALA B 407 26.65 -22.71 7.46
CA ALA B 407 25.36 -22.06 7.71
C ALA B 407 24.22 -23.09 7.70
N ILE B 408 24.28 -24.09 6.80
CA ILE B 408 23.26 -25.16 6.76
C ILE B 408 23.22 -25.90 8.11
N GLY B 409 24.38 -26.36 8.56
CA GLY B 409 24.51 -27.05 9.84
C GLY B 409 23.97 -26.23 11.00
N ASP B 410 24.40 -24.95 11.08
CA ASP B 410 23.99 -23.98 12.11
C ASP B 410 22.49 -23.68 12.11
N SER B 411 21.83 -23.78 10.94
CA SER B 411 20.40 -23.54 10.80
C SER B 411 19.57 -24.65 11.45
N LEU B 412 20.17 -25.84 11.63
CA LEU B 412 19.48 -26.99 12.24
C LEU B 412 19.69 -27.04 13.75
N VAL B 413 20.95 -26.94 14.20
CA VAL B 413 21.33 -26.93 15.62
C VAL B 413 22.76 -26.43 15.75
N LYS B 414 23.07 -25.72 16.84
CA LYS B 414 24.42 -25.27 17.08
C LYS B 414 25.11 -26.33 17.98
N GLY B 415 26.42 -26.21 18.18
CA GLY B 415 27.16 -27.17 18.96
C GLY B 415 27.92 -28.19 18.13
N PRO B 416 28.34 -29.33 18.72
CA PRO B 416 29.19 -30.28 17.97
C PRO B 416 28.47 -31.31 17.09
N PHE B 417 27.14 -31.21 16.94
CA PHE B 417 26.35 -32.20 16.22
C PHE B 417 26.67 -32.31 14.73
N THR B 418 26.47 -31.23 13.98
CA THR B 418 26.63 -31.26 12.52
C THR B 418 28.09 -31.31 12.06
N ALA B 419 28.29 -31.90 10.87
CA ALA B 419 29.58 -31.98 10.23
C ALA B 419 29.42 -31.50 8.78
N ILE B 420 30.49 -30.90 8.22
CA ILE B 420 30.49 -30.49 6.81
C ILE B 420 30.36 -31.78 6.00
N TYR B 421 29.34 -31.85 5.15
CA TYR B 421 29.03 -33.06 4.40
C TYR B 421 28.94 -32.80 2.89
N PRO B 422 30.00 -33.13 2.11
CA PRO B 422 29.95 -32.85 0.66
C PRO B 422 29.01 -33.78 -0.11
N GLY B 423 28.72 -34.93 0.51
CA GLY B 423 27.93 -36.00 -0.05
C GLY B 423 28.67 -37.32 0.11
N GLY B 424 28.09 -38.39 -0.40
CA GLY B 424 28.70 -39.71 -0.38
C GLY B 424 28.56 -40.44 0.93
N ILE B 425 29.45 -41.42 1.14
CA ILE B 425 29.49 -42.26 2.33
C ILE B 425 29.58 -41.39 3.59
N SER B 426 28.73 -41.71 4.57
CA SER B 426 28.69 -41.00 5.82
C SER B 426 30.05 -41.04 6.55
N SER B 427 30.47 -39.92 7.19
CA SER B 427 31.73 -39.88 7.93
C SER B 427 31.75 -40.84 9.15
N GLY B 428 30.58 -41.28 9.60
CA GLY B 428 30.47 -42.17 10.73
C GLY B 428 30.60 -43.66 10.44
N THR B 429 30.78 -44.05 9.16
CA THR B 429 30.89 -45.49 8.85
C THR B 429 32.36 -45.89 8.58
N SER B 430 32.72 -47.14 8.87
CA SER B 430 34.10 -47.64 8.76
C SER B 430 34.73 -47.54 7.35
N PHE B 431 33.91 -47.64 6.30
CA PHE B 431 34.40 -47.53 4.92
C PHE B 431 34.74 -46.10 4.49
N TYR B 432 34.33 -45.11 5.31
CA TYR B 432 34.58 -43.72 5.00
C TYR B 432 36.07 -43.40 4.99
N ASP B 433 36.51 -42.60 4.00
CA ASP B 433 37.89 -42.14 3.92
C ASP B 433 37.87 -40.65 3.64
N ARG B 434 38.26 -39.83 4.64
CA ARG B 434 38.26 -38.37 4.50
C ARG B 434 39.09 -37.88 3.31
N ALA B 435 40.29 -38.48 3.11
CA ALA B 435 41.22 -38.14 2.03
C ALA B 435 40.63 -38.41 0.64
N SER B 436 39.68 -39.35 0.56
CA SER B 436 38.99 -39.71 -0.69
C SER B 436 37.71 -38.87 -0.90
N THR B 437 37.38 -37.98 0.05
CA THR B 437 36.16 -37.17 -0.02
C THR B 437 36.45 -35.80 -0.62
N VAL B 438 35.86 -35.53 -1.80
CA VAL B 438 36.05 -34.23 -2.47
C VAL B 438 35.12 -33.17 -1.88
N TYR B 439 35.70 -32.11 -1.31
CA TYR B 439 34.95 -31.00 -0.74
C TYR B 439 35.06 -29.77 -1.65
N TYR B 440 33.89 -29.23 -2.06
CA TYR B 440 33.82 -28.00 -2.87
C TYR B 440 33.47 -26.91 -1.84
N PRO B 441 34.45 -26.07 -1.44
CA PRO B 441 34.14 -25.05 -0.41
C PRO B 441 33.18 -23.97 -0.91
N PHE B 442 32.61 -23.19 0.00
CA PHE B 442 31.68 -22.12 -0.34
C PHE B 442 32.39 -21.05 -1.21
N ASN B 443 31.97 -20.95 -2.47
CA ASN B 443 32.52 -20.02 -3.46
C ASN B 443 31.39 -19.55 -4.38
N LEU B 444 30.58 -18.60 -3.88
CA LEU B 444 29.43 -18.08 -4.62
C LEU B 444 29.83 -17.37 -5.91
N GLU B 445 30.94 -16.59 -5.88
CA GLU B 445 31.44 -15.86 -7.06
C GLU B 445 31.82 -16.84 -8.14
N GLY B 446 32.53 -17.91 -7.78
CA GLY B 446 32.96 -18.93 -8.73
C GLY B 446 31.78 -19.68 -9.30
N ALA B 447 30.79 -19.97 -8.44
CA ALA B 447 29.54 -20.63 -8.79
C ALA B 447 28.78 -19.77 -9.84
N LYS B 448 28.69 -18.43 -9.60
CA LYS B 448 28.05 -17.49 -10.53
C LYS B 448 28.78 -17.46 -11.88
N ALA B 449 30.12 -17.42 -11.88
CA ALA B 449 30.92 -17.43 -13.12
C ALA B 449 30.78 -18.76 -13.87
N ALA B 450 30.64 -19.88 -13.13
CA ALA B 450 30.47 -21.22 -13.71
C ALA B 450 29.17 -21.31 -14.52
N LEU B 451 28.02 -20.84 -13.95
CA LEU B 451 26.76 -20.85 -14.66
C LEU B 451 26.82 -19.90 -15.87
N ALA B 452 27.50 -18.74 -15.72
CA ALA B 452 27.67 -17.81 -16.86
C ALA B 452 28.39 -18.54 -18.01
N SER B 453 29.40 -19.39 -17.68
CA SER B 453 30.20 -20.15 -18.66
C SER B 453 29.38 -21.17 -19.45
N ILE B 454 28.23 -21.66 -18.90
CA ILE B 454 27.40 -22.62 -19.62
C ILE B 454 26.19 -21.94 -20.30
N GLY B 455 26.22 -20.61 -20.39
CA GLY B 455 25.23 -19.82 -21.08
C GLY B 455 24.03 -19.33 -20.29
N LEU B 456 24.04 -19.44 -18.96
CA LEU B 456 22.93 -18.98 -18.13
C LEU B 456 23.13 -17.53 -17.68
N LYS B 457 22.23 -16.62 -18.09
CA LYS B 457 22.33 -15.21 -17.68
C LYS B 457 20.95 -14.57 -17.46
N ASP B 458 20.90 -13.58 -16.55
CA ASP B 458 19.67 -12.84 -16.28
C ASP B 458 19.47 -11.88 -17.46
N THR B 459 18.41 -12.09 -18.25
CA THR B 459 18.11 -11.25 -19.43
C THR B 459 16.87 -10.37 -19.27
N ASP B 460 16.11 -10.54 -18.17
CA ASP B 460 14.89 -9.76 -17.91
C ASP B 460 14.95 -8.96 -16.58
N GLY B 461 16.15 -8.84 -16.04
CA GLY B 461 16.47 -8.11 -14.81
C GLY B 461 15.71 -8.45 -13.54
N ASP B 462 15.26 -9.71 -13.38
CA ASP B 462 14.54 -10.07 -12.15
C ASP B 462 15.45 -10.75 -11.10
N GLY B 463 16.74 -10.89 -11.40
CA GLY B 463 17.73 -11.48 -10.51
C GLY B 463 17.97 -12.96 -10.72
N PHE B 464 17.03 -13.64 -11.42
CA PHE B 464 17.11 -15.09 -11.69
C PHE B 464 17.67 -15.33 -13.07
N LEU B 465 18.51 -16.35 -13.23
CA LEU B 465 19.12 -16.67 -14.52
C LEU B 465 18.11 -17.25 -15.50
N ASN B 466 18.27 -16.85 -16.77
CA ASN B 466 17.46 -17.30 -17.90
C ASN B 466 18.26 -18.29 -18.73
N PHE B 467 17.56 -19.21 -19.42
CA PHE B 467 18.18 -20.10 -20.38
C PHE B 467 18.61 -19.24 -21.60
N PRO B 468 19.54 -19.70 -22.47
CA PRO B 468 19.80 -18.92 -23.71
C PRO B 468 18.58 -18.98 -24.65
N LYS B 469 18.43 -18.01 -25.56
CA LYS B 469 17.29 -17.87 -26.49
C LYS B 469 16.89 -19.15 -27.25
N GLU B 470 17.86 -20.07 -27.47
CA GLU B 470 17.66 -21.35 -28.15
C GLU B 470 16.82 -22.32 -27.31
N THR B 471 16.99 -22.26 -25.97
CA THR B 471 16.32 -23.16 -25.02
C THR B 471 15.12 -22.49 -24.34
N LEU B 472 13.92 -23.11 -24.49
CA LEU B 472 12.64 -22.69 -23.90
C LEU B 472 12.32 -21.18 -24.07
N GLY B 473 12.61 -20.64 -25.26
CA GLY B 473 12.37 -19.24 -25.56
C GLY B 473 13.10 -18.24 -24.67
N GLY B 474 14.20 -18.69 -24.07
CA GLY B 474 15.02 -17.87 -23.18
C GLY B 474 14.36 -17.50 -21.86
N ARG B 475 13.43 -18.32 -21.37
CA ARG B 475 12.75 -18.05 -20.11
C ARG B 475 13.67 -18.34 -18.90
N ASN B 476 13.24 -17.92 -17.68
CA ASN B 476 13.94 -18.16 -16.44
C ASN B 476 14.08 -19.64 -16.22
N VAL B 477 15.27 -20.06 -15.74
CA VAL B 477 15.48 -21.46 -15.34
C VAL B 477 14.58 -21.60 -14.09
N GLU B 478 13.72 -22.59 -14.07
CA GLU B 478 12.84 -22.82 -12.91
C GLU B 478 12.91 -24.29 -12.55
N ILE B 479 13.33 -24.58 -11.31
CA ILE B 479 13.55 -25.95 -10.86
C ILE B 479 12.60 -26.31 -9.73
N THR B 480 11.95 -27.49 -9.82
CA THR B 480 11.08 -27.98 -8.77
C THR B 480 11.88 -28.82 -7.77
N LEU B 481 11.53 -28.70 -6.48
CA LEU B 481 12.22 -29.41 -5.42
C LEU B 481 11.24 -30.23 -4.62
N LEU B 482 11.32 -31.55 -4.75
CA LEU B 482 10.41 -32.48 -4.07
C LEU B 482 10.85 -32.71 -2.64
N VAL B 483 9.92 -32.47 -1.68
CA VAL B 483 10.23 -32.58 -0.25
C VAL B 483 9.16 -33.42 0.47
N ASN B 484 9.59 -34.19 1.45
CA ASN B 484 8.72 -34.97 2.32
C ASN B 484 8.15 -33.98 3.37
N ASN B 485 6.82 -33.74 3.32
CA ASN B 485 6.17 -32.77 4.21
C ASN B 485 6.07 -33.22 5.71
N GLY B 486 6.44 -34.47 6.02
CA GLY B 486 6.31 -35.03 7.36
C GLY B 486 7.37 -34.65 8.36
N TYR B 487 8.46 -33.99 7.89
CA TYR B 487 9.59 -33.67 8.77
C TYR B 487 9.97 -32.20 8.76
N ALA B 488 10.17 -31.61 9.95
CA ALA B 488 10.66 -30.22 10.10
C ALA B 488 12.06 -30.07 9.46
N THR B 489 12.95 -31.06 9.65
CA THR B 489 14.33 -31.05 9.10
C THR B 489 14.32 -30.93 7.58
N ASP B 490 13.60 -31.81 6.88
CA ASP B 490 13.50 -31.78 5.42
C ASP B 490 13.01 -30.43 4.92
N LYS B 491 11.95 -29.88 5.58
CA LYS B 491 11.37 -28.59 5.22
C LYS B 491 12.37 -27.46 5.40
N SER B 492 13.09 -27.46 6.54
CA SER B 492 14.09 -26.44 6.88
C SER B 492 15.26 -26.48 5.87
N LEU B 493 15.74 -27.68 5.52
CA LEU B 493 16.82 -27.84 4.54
C LEU B 493 16.37 -27.38 3.15
N ALA B 494 15.12 -27.72 2.76
CA ALA B 494 14.54 -27.30 1.47
C ALA B 494 14.44 -25.78 1.39
N GLU B 495 13.92 -25.13 2.46
CA GLU B 495 13.81 -23.67 2.55
C GLU B 495 15.18 -23.00 2.45
N GLY B 496 16.19 -23.55 3.13
CA GLY B 496 17.56 -23.06 3.12
C GLY B 496 18.20 -23.19 1.74
N LEU B 497 17.92 -24.31 1.06
CA LEU B 497 18.41 -24.58 -0.30
C LEU B 497 17.82 -23.55 -1.28
N VAL B 498 16.48 -23.27 -1.18
CA VAL B 498 15.79 -22.25 -2.02
C VAL B 498 16.47 -20.89 -1.85
N GLY B 499 16.77 -20.52 -0.61
CA GLY B 499 17.44 -19.25 -0.29
C GLY B 499 18.83 -19.15 -0.88
N GLN B 500 19.65 -20.21 -0.71
CA GLN B 500 21.02 -20.25 -1.25
C GLN B 500 21.03 -20.22 -2.77
N MET B 501 20.10 -20.97 -3.42
CA MET B 501 19.98 -21.00 -4.89
C MET B 501 19.55 -19.64 -5.46
N ALA B 502 18.68 -18.92 -4.72
CA ALA B 502 18.24 -17.56 -5.11
C ALA B 502 19.44 -16.61 -5.18
N LYS B 503 20.41 -16.74 -4.23
CA LYS B 503 21.66 -15.93 -4.22
C LYS B 503 22.53 -16.26 -5.44
N LEU B 504 22.52 -17.52 -5.88
CA LEU B 504 23.23 -18.00 -7.07
C LEU B 504 22.50 -17.53 -8.35
N GLY B 505 21.20 -17.25 -8.23
CA GLY B 505 20.36 -16.80 -9.34
C GLY B 505 19.51 -17.92 -9.93
N LEU B 506 19.32 -19.04 -9.22
CA LEU B 506 18.47 -20.11 -9.74
C LEU B 506 17.16 -20.11 -8.98
N ARG B 507 16.01 -20.10 -9.70
CA ARG B 507 14.69 -20.15 -9.08
C ARG B 507 14.30 -21.59 -8.76
N VAL B 508 14.19 -21.90 -7.48
CA VAL B 508 13.80 -23.22 -6.98
C VAL B 508 12.45 -23.11 -6.29
N VAL B 509 11.50 -23.98 -6.66
CA VAL B 509 10.12 -23.99 -6.15
C VAL B 509 9.89 -25.31 -5.40
N ILE B 510 9.51 -25.22 -4.11
CA ILE B 510 9.24 -26.42 -3.28
C ILE B 510 7.89 -27.09 -3.67
N HIS B 511 7.93 -28.41 -3.85
CA HIS B 511 6.79 -29.29 -4.12
C HIS B 511 6.77 -30.24 -2.87
N SER B 512 5.98 -29.86 -1.83
CA SER B 512 5.90 -30.58 -0.56
C SER B 512 4.75 -31.56 -0.58
N LEU B 513 5.04 -32.85 -0.37
CA LEU B 513 4.01 -33.89 -0.42
C LEU B 513 4.09 -34.83 0.75
N ASP B 514 2.97 -35.48 1.10
CA ASP B 514 3.01 -36.50 2.16
C ASP B 514 3.81 -37.68 1.64
N SER B 515 4.35 -38.49 2.56
CA SER B 515 5.25 -39.61 2.29
C SER B 515 4.85 -40.47 1.09
N ASN B 516 3.59 -40.93 1.01
CA ASN B 516 3.15 -41.80 -0.09
C ASN B 516 3.19 -41.12 -1.45
N GLN B 517 2.66 -39.89 -1.53
CA GLN B 517 2.67 -39.12 -2.76
C GLN B 517 4.11 -38.75 -3.16
N ARG B 518 4.95 -38.44 -2.15
CA ARG B 518 6.38 -38.11 -2.36
C ARG B 518 7.09 -39.32 -2.98
N ASP B 519 6.84 -40.53 -2.45
CA ASP B 519 7.40 -41.79 -2.97
C ASP B 519 6.98 -42.05 -4.39
N ALA B 520 5.67 -41.90 -4.69
CA ALA B 520 5.12 -42.10 -6.04
C ALA B 520 5.77 -41.14 -7.05
N ALA B 521 5.95 -39.86 -6.66
CA ALA B 521 6.60 -38.87 -7.52
C ALA B 521 8.10 -39.22 -7.71
N HIS B 522 8.80 -39.60 -6.62
CA HIS B 522 10.22 -39.96 -6.68
C HIS B 522 10.47 -41.19 -7.56
N TYR B 523 9.90 -42.33 -7.18
CA TYR B 523 10.13 -43.62 -7.87
C TYR B 523 9.57 -43.60 -9.28
N GLY B 524 8.55 -42.79 -9.53
CA GLY B 524 8.00 -42.59 -10.86
C GLY B 524 8.80 -41.60 -11.71
N GLY B 525 9.82 -40.97 -11.11
CA GLY B 525 10.71 -40.02 -11.79
C GLY B 525 10.14 -38.66 -12.12
N GLN B 526 9.04 -38.30 -11.47
CA GLN B 526 8.33 -37.02 -11.66
C GLN B 526 8.91 -35.95 -10.74
N PHE B 527 10.19 -35.63 -10.95
CA PHE B 527 10.89 -34.62 -10.17
C PHE B 527 12.07 -34.09 -10.96
N ASP B 528 12.50 -32.85 -10.63
CA ASP B 528 13.71 -32.23 -11.18
C ASP B 528 14.81 -32.51 -10.15
N TRP B 529 14.62 -31.96 -8.92
CA TRP B 529 15.48 -32.13 -7.75
C TRP B 529 14.62 -32.61 -6.59
N LEU B 530 15.24 -33.26 -5.61
CA LEU B 530 14.58 -33.67 -4.38
C LEU B 530 15.54 -33.60 -3.20
N VAL B 531 15.00 -33.45 -2.00
CA VAL B 531 15.80 -33.44 -0.77
C VAL B 531 15.43 -34.75 -0.09
N ARG B 532 16.42 -35.54 0.32
N ARG B 532 16.42 -35.54 0.32
CA ARG B 532 16.14 -36.83 0.95
CA ARG B 532 16.12 -36.83 0.93
C ARG B 532 17.15 -37.21 2.00
C ARG B 532 17.14 -37.25 1.98
N ARG B 533 16.64 -37.80 3.10
CA ARG B 533 17.46 -38.33 4.17
C ARG B 533 18.08 -39.62 3.60
N ASN B 534 19.38 -39.83 3.83
CA ASN B 534 20.12 -41.01 3.33
C ASN B 534 19.52 -42.33 3.77
N SER B 535 19.60 -43.35 2.89
CA SER B 535 19.18 -44.71 3.24
C SER B 535 20.46 -45.52 3.65
N THR B 536 20.28 -46.82 3.98
CA THR B 536 21.31 -47.70 4.55
C THR B 536 22.64 -47.80 3.74
N GLU B 537 22.61 -47.76 2.40
CA GLU B 537 23.84 -47.89 1.62
C GLU B 537 24.88 -46.79 2.00
N LEU B 538 24.42 -45.60 2.39
CA LEU B 538 25.34 -44.49 2.74
C LEU B 538 25.75 -44.53 4.20
N SER B 539 24.93 -45.16 5.06
CA SER B 539 25.23 -45.27 6.49
C SER B 539 25.99 -46.56 6.84
N SER B 540 26.01 -47.54 5.92
CA SER B 540 26.63 -48.84 6.18
C SER B 540 27.43 -49.45 5.03
N VAL B 541 27.13 -49.04 3.78
CA VAL B 541 27.72 -49.55 2.52
C VAL B 541 27.20 -50.97 2.20
N VAL B 542 27.32 -51.89 3.16
CA VAL B 542 27.01 -53.31 2.99
C VAL B 542 25.50 -53.63 2.88
N GLN B 543 24.61 -52.75 3.38
CA GLN B 543 23.16 -53.00 3.31
C GLN B 543 22.55 -52.31 2.11
N ASN B 544 22.01 -53.11 1.15
CA ASN B 544 21.44 -52.65 -0.13
C ASN B 544 22.49 -51.89 -0.95
N THR B 545 23.66 -52.53 -1.11
CA THR B 545 24.83 -52.01 -1.83
C THR B 545 24.47 -51.55 -3.25
N GLU B 546 23.50 -52.24 -3.90
CA GLU B 546 23.03 -51.90 -5.25
C GLU B 546 22.53 -50.46 -5.37
N GLN B 547 22.08 -49.86 -4.25
CA GLN B 547 21.60 -48.47 -4.22
C GLN B 547 22.72 -47.42 -4.34
N LEU B 548 24.00 -47.87 -4.26
CA LEU B 548 25.15 -46.98 -4.38
C LEU B 548 25.36 -46.49 -5.81
N ALA B 549 24.77 -47.18 -6.80
CA ALA B 549 25.02 -46.76 -8.19
C ALA B 549 23.93 -47.32 -9.11
N PRO B 550 23.80 -46.81 -10.36
CA PRO B 550 22.85 -47.43 -11.30
C PRO B 550 23.41 -48.75 -11.87
N VAL B 551 23.46 -49.81 -11.02
CA VAL B 551 23.96 -51.15 -11.41
C VAL B 551 22.90 -51.85 -12.23
N GLY B 552 21.64 -51.49 -11.97
CA GLY B 552 20.48 -51.99 -12.68
C GLY B 552 19.65 -50.82 -13.18
N PRO B 553 18.65 -51.05 -14.06
CA PRO B 553 17.85 -49.90 -14.56
C PRO B 553 17.03 -49.17 -13.50
N ARG B 554 16.80 -49.78 -12.33
CA ARG B 554 16.00 -49.12 -11.28
C ARG B 554 16.65 -49.14 -9.87
N THR B 555 17.99 -49.37 -9.78
CA THR B 555 18.66 -49.46 -8.46
C THR B 555 19.09 -48.10 -7.90
N SER B 556 19.33 -47.11 -8.76
CA SER B 556 19.75 -45.76 -8.35
C SER B 556 18.53 -44.96 -7.86
N TRP B 557 18.71 -44.13 -6.82
CA TRP B 557 17.65 -43.23 -6.37
C TRP B 557 17.41 -42.09 -7.34
N ASN B 558 18.42 -41.64 -8.09
CA ASN B 558 18.19 -40.48 -8.95
C ASN B 558 18.42 -40.71 -10.45
N HIS B 559 18.68 -41.95 -10.87
CA HIS B 559 18.87 -42.25 -12.29
C HIS B 559 18.29 -43.60 -12.65
N ARG B 560 17.03 -43.60 -13.06
CA ARG B 560 16.35 -44.82 -13.48
C ARG B 560 15.92 -44.68 -14.92
N SER B 561 15.59 -45.79 -15.55
CA SER B 561 15.14 -45.75 -16.95
C SER B 561 13.66 -46.02 -16.99
N PRO B 562 12.89 -45.44 -17.95
CA PRO B 562 11.46 -45.80 -18.04
C PRO B 562 11.34 -47.24 -18.51
N GLU B 563 10.20 -47.92 -18.25
CA GLU B 563 9.97 -49.31 -18.67
C GLU B 563 10.20 -49.46 -20.19
N GLY B 564 10.95 -50.50 -20.56
CA GLY B 564 11.27 -50.77 -21.97
C GLY B 564 12.46 -50.03 -22.53
N LYS B 565 13.21 -49.30 -21.68
CA LYS B 565 14.39 -48.55 -22.09
C LYS B 565 15.60 -48.88 -21.23
N GLU B 566 16.81 -48.71 -21.79
CA GLU B 566 18.06 -48.91 -21.05
C GLU B 566 18.52 -47.58 -20.43
N LEU B 567 19.48 -47.60 -19.48
CA LEU B 567 19.99 -46.36 -18.87
C LEU B 567 20.87 -45.54 -19.83
N ASP B 568 20.77 -44.20 -19.76
CA ASP B 568 21.61 -43.26 -20.50
C ASP B 568 22.71 -42.78 -19.51
N LEU B 569 23.56 -43.73 -19.10
CA LEU B 569 24.63 -43.49 -18.11
C LEU B 569 25.69 -42.53 -18.53
N MET B 570 26.03 -41.62 -17.62
CA MET B 570 27.15 -40.70 -17.80
C MET B 570 28.39 -41.55 -17.45
N PRO B 571 29.57 -41.35 -18.07
CA PRO B 571 30.72 -42.24 -17.79
C PRO B 571 31.09 -42.44 -16.31
N PHE B 572 31.05 -41.37 -15.47
CA PHE B 572 31.39 -41.54 -14.04
C PHE B 572 30.41 -42.51 -13.34
N GLU B 573 29.12 -42.52 -13.78
CA GLU B 573 28.09 -43.41 -13.22
C GLU B 573 28.41 -44.86 -13.55
N LYS B 574 28.93 -45.12 -14.78
CA LYS B 574 29.37 -46.46 -15.19
C LYS B 574 30.58 -46.89 -14.34
N GLU B 575 31.51 -45.95 -14.03
CA GLU B 575 32.67 -46.24 -13.17
C GLU B 575 32.16 -46.64 -11.79
N MET B 576 31.13 -45.90 -11.27
CA MET B 576 30.54 -46.24 -9.96
C MET B 576 29.90 -47.62 -9.97
N ALA B 577 29.16 -47.93 -11.04
CA ALA B 577 28.48 -49.23 -11.19
C ALA B 577 29.50 -50.38 -11.23
N ASP B 578 30.62 -50.19 -11.94
CA ASP B 578 31.70 -51.17 -12.06
C ASP B 578 32.34 -51.44 -10.68
N ILE B 579 32.62 -50.38 -9.91
CA ILE B 579 33.21 -50.48 -8.56
C ILE B 579 32.25 -51.26 -7.64
N VAL B 580 30.93 -50.90 -7.68
CA VAL B 580 29.91 -51.53 -6.85
C VAL B 580 29.81 -53.05 -7.17
N ARG B 581 29.76 -53.41 -8.46
CA ARG B 581 29.70 -54.84 -8.83
C ARG B 581 30.95 -55.61 -8.37
N LYS B 582 32.14 -54.98 -8.46
CA LYS B 582 33.41 -55.56 -8.01
C LYS B 582 33.39 -55.75 -6.48
N PHE B 583 32.87 -54.74 -5.74
CA PHE B 583 32.75 -54.81 -4.28
C PHE B 583 31.85 -55.98 -3.86
N ILE B 584 30.69 -56.13 -4.54
CA ILE B 584 29.66 -57.15 -4.24
C ILE B 584 30.26 -58.59 -4.26
N SER B 585 31.16 -58.87 -5.23
CA SER B 585 31.80 -60.18 -5.43
C SER B 585 33.17 -60.37 -4.75
N SER B 586 33.62 -59.38 -3.96
CA SER B 586 34.92 -59.46 -3.31
C SER B 586 34.80 -59.95 -1.88
N GLN B 587 35.71 -60.85 -1.47
CA GLN B 587 35.78 -61.35 -0.09
C GLN B 587 37.11 -60.89 0.54
N ASP B 588 37.85 -60.00 -0.17
CA ASP B 588 39.13 -59.48 0.29
C ASP B 588 38.91 -58.13 0.97
N ASN B 589 39.15 -58.07 2.28
CA ASN B 589 38.96 -56.88 3.09
C ASN B 589 39.74 -55.66 2.59
N ALA B 590 41.04 -55.84 2.26
CA ALA B 590 41.90 -54.75 1.75
C ALA B 590 41.35 -54.21 0.41
N GLU B 591 40.92 -55.13 -0.48
CA GLU B 591 40.34 -54.75 -1.78
C GLU B 591 39.04 -53.94 -1.58
N ARG B 592 38.16 -54.43 -0.69
CA ARG B 592 36.89 -53.75 -0.41
C ARG B 592 37.08 -52.35 0.15
N ALA B 593 38.07 -52.17 1.05
CA ALA B 593 38.40 -50.86 1.63
C ALA B 593 38.87 -49.92 0.50
N ASP B 594 39.73 -50.43 -0.39
CA ASP B 594 40.27 -49.67 -1.52
C ASP B 594 39.18 -49.27 -2.52
N LEU B 595 38.30 -50.22 -2.86
CA LEU B 595 37.18 -49.98 -3.77
C LEU B 595 36.25 -48.86 -3.26
N MET B 596 36.00 -48.83 -1.91
CA MET B 596 35.15 -47.78 -1.31
C MET B 596 35.84 -46.43 -1.25
N LYS B 597 37.19 -46.40 -1.25
CA LYS B 597 37.94 -45.15 -1.34
C LYS B 597 37.74 -44.62 -2.77
N GLN B 598 37.84 -45.51 -3.79
CA GLN B 598 37.66 -45.17 -5.22
C GLN B 598 36.22 -44.68 -5.44
N TYR B 599 35.23 -45.40 -4.87
CA TYR B 599 33.81 -45.08 -4.98
C TYR B 599 33.54 -43.66 -4.45
N GLN B 600 34.00 -43.38 -3.22
CA GLN B 600 33.82 -42.07 -2.59
C GLN B 600 34.43 -40.96 -3.46
N LYS B 601 35.65 -41.18 -3.98
CA LYS B 601 36.34 -40.20 -4.83
C LYS B 601 35.50 -39.86 -6.04
N VAL B 602 35.07 -40.88 -6.81
CA VAL B 602 34.25 -40.72 -8.03
C VAL B 602 32.93 -40.03 -7.70
N TYR B 603 32.26 -40.47 -6.62
CA TYR B 603 30.97 -39.91 -6.19
C TYR B 603 31.09 -38.41 -5.95
N THR B 604 32.04 -38.04 -5.08
CA THR B 604 32.20 -36.67 -4.59
C THR B 604 32.83 -35.75 -5.64
N GLN B 605 33.77 -36.25 -6.43
CA GLN B 605 34.36 -35.40 -7.48
C GLN B 605 33.29 -35.00 -8.52
N ASN B 606 32.46 -35.98 -8.94
CA ASN B 606 31.46 -35.83 -9.99
C ASN B 606 30.10 -35.37 -9.53
N LEU B 607 29.88 -35.36 -8.20
CA LEU B 607 28.61 -34.93 -7.58
C LEU B 607 27.44 -35.80 -8.04
N TYR B 608 27.53 -37.12 -7.75
CA TYR B 608 26.45 -38.08 -8.00
C TYR B 608 25.18 -37.58 -7.28
N THR B 609 25.36 -37.00 -6.08
CA THR B 609 24.37 -36.25 -5.31
C THR B 609 25.17 -35.10 -4.65
N ILE B 610 24.47 -34.15 -4.03
CA ILE B 610 25.12 -33.01 -3.35
C ILE B 610 24.73 -33.05 -1.88
N GLY B 611 25.71 -33.26 -1.02
CA GLY B 611 25.49 -33.35 0.43
C GLY B 611 25.01 -32.04 1.03
N LEU B 612 24.05 -32.11 1.95
CA LEU B 612 23.56 -30.91 2.61
C LEU B 612 24.20 -30.76 4.01
N THR B 613 24.02 -31.77 4.86
CA THR B 613 24.57 -31.83 6.20
C THR B 613 24.46 -33.24 6.72
N GLU B 614 25.13 -33.49 7.83
CA GLU B 614 25.16 -34.81 8.46
C GLU B 614 25.35 -34.59 9.95
N TYR B 615 24.75 -35.46 10.75
CA TYR B 615 24.80 -35.33 12.19
C TYR B 615 24.44 -36.66 12.85
N PRO B 616 24.60 -36.78 14.19
CA PRO B 616 24.22 -38.04 14.83
C PRO B 616 22.79 -37.98 15.36
N GLY B 617 22.18 -39.14 15.46
CA GLY B 617 20.84 -39.25 16.05
C GLY B 617 20.97 -39.92 17.40
N ALA B 618 19.90 -39.87 18.20
CA ALA B 618 19.91 -40.54 19.51
C ALA B 618 18.72 -41.47 19.70
N LEU B 619 18.98 -42.64 20.30
CA LEU B 619 17.94 -43.57 20.62
C LEU B 619 17.37 -43.20 21.98
N ILE B 620 16.04 -43.09 22.06
CA ILE B 620 15.32 -42.81 23.30
C ILE B 620 14.45 -44.01 23.61
N VAL B 621 14.63 -44.63 24.80
CA VAL B 621 13.83 -45.81 25.17
C VAL B 621 13.39 -45.65 26.63
N ASN B 622 12.14 -46.02 26.92
CA ASN B 622 11.63 -46.00 28.28
C ASN B 622 12.56 -46.88 29.17
N LYS B 623 12.89 -46.40 30.37
CA LYS B 623 13.76 -47.09 31.32
C LYS B 623 13.26 -48.44 31.84
N ARG B 624 11.96 -48.72 31.77
CA ARG B 624 11.45 -50.00 32.28
C ARG B 624 11.83 -51.22 31.41
N PHE B 625 12.26 -51.01 30.15
CA PHE B 625 12.60 -52.13 29.28
C PHE B 625 13.97 -52.71 29.57
N SER B 626 14.02 -54.03 29.70
CA SER B 626 15.22 -54.81 29.80
C SER B 626 15.54 -55.36 28.41
N ASN B 627 16.81 -55.77 28.22
CA ASN B 627 17.37 -56.35 27.00
C ASN B 627 17.59 -55.34 25.85
N VAL B 628 17.62 -54.04 26.16
CA VAL B 628 17.94 -53.05 25.10
C VAL B 628 19.49 -53.04 24.94
N PRO B 629 20.08 -53.37 23.77
CA PRO B 629 21.56 -53.36 23.65
C PRO B 629 22.18 -51.98 23.83
N GLN B 630 23.30 -51.90 24.57
CA GLN B 630 24.02 -50.65 24.80
C GLN B 630 24.58 -50.15 23.45
N GLY B 631 24.52 -48.83 23.24
CA GLY B 631 25.04 -48.18 22.04
C GLY B 631 24.32 -48.50 20.76
N THR B 632 23.07 -49.00 20.83
CA THR B 632 22.29 -49.26 19.62
C THR B 632 22.14 -47.96 18.82
N PRO B 633 22.64 -47.88 17.55
CA PRO B 633 22.48 -46.64 16.78
C PRO B 633 21.06 -46.54 16.24
N ILE B 634 20.58 -45.30 16.01
CA ILE B 634 19.24 -45.17 15.46
C ILE B 634 19.15 -45.71 14.04
N PHE B 635 20.25 -45.68 13.28
CA PHE B 635 20.20 -46.09 11.88
C PHE B 635 21.60 -46.49 11.41
N MET B 636 21.77 -47.74 10.99
CA MET B 636 23.05 -48.24 10.47
C MET B 636 22.73 -49.26 9.39
N PHE B 637 22.53 -50.55 9.77
CA PHE B 637 22.11 -51.60 8.83
C PHE B 637 20.59 -51.42 8.57
N ASN B 638 19.88 -50.92 9.58
CA ASN B 638 18.46 -50.58 9.53
C ASN B 638 18.15 -49.67 10.72
N TRP B 639 16.88 -49.28 10.87
CA TRP B 639 16.42 -48.45 11.98
C TRP B 639 16.53 -49.24 13.29
N ALA B 640 16.71 -48.53 14.41
CA ALA B 640 16.81 -49.14 15.73
C ALA B 640 15.61 -50.02 16.10
N GLU B 641 14.40 -49.76 15.52
CA GLU B 641 13.21 -50.62 15.80
C GLU B 641 13.55 -52.09 15.46
N ASP B 642 14.38 -52.29 14.42
CA ASP B 642 14.82 -53.62 14.02
C ASP B 642 16.04 -54.05 14.87
N ALA B 643 17.06 -53.18 14.99
CA ALA B 643 18.32 -53.46 15.69
C ALA B 643 18.19 -53.85 17.16
N ILE B 644 17.18 -53.29 17.87
CA ILE B 644 16.99 -53.58 19.30
C ILE B 644 16.37 -54.94 19.56
N ILE B 645 15.84 -55.59 18.51
CA ILE B 645 15.21 -56.93 18.60
C ILE B 645 14.06 -56.84 19.59
N ARG B 646 12.98 -56.20 19.17
CA ARG B 646 11.80 -55.97 20.01
C ARG B 646 11.16 -57.25 20.55
N GLU B 647 11.19 -58.37 19.80
CA GLU B 647 10.64 -59.67 20.26
C GLU B 647 11.40 -60.26 21.47
N ARG B 648 12.60 -59.72 21.77
CA ARG B 648 13.49 -60.17 22.84
C ARG B 648 13.48 -59.21 24.05
N LEU B 649 12.83 -58.04 23.90
CA LEU B 649 12.71 -57.05 24.99
C LEU B 649 11.69 -57.53 26.01
N TRP B 650 11.90 -57.18 27.26
CA TRP B 650 10.97 -57.56 28.33
C TRP B 650 10.99 -56.53 29.45
N VAL B 651 9.98 -56.62 30.34
CA VAL B 651 9.85 -55.70 31.48
C VAL B 651 9.66 -56.54 32.73
N ALA B 652 10.50 -56.31 33.77
CA ALA B 652 10.41 -57.04 35.04
C ALA B 652 8.99 -56.88 35.58
N ALA B 653 8.40 -57.97 36.10
CA ALA B 653 7.01 -57.95 36.61
C ALA B 653 6.67 -56.74 37.49
N ASP B 654 7.59 -56.37 38.42
CA ASP B 654 7.37 -55.25 39.35
C ASP B 654 7.46 -53.84 38.68
N LYS B 655 7.87 -53.77 37.42
CA LYS B 655 8.00 -52.51 36.68
C LYS B 655 7.02 -52.42 35.51
N GLN B 656 6.22 -53.46 35.27
CA GLN B 656 5.33 -53.49 34.12
C GLN B 656 4.24 -52.45 34.14
N GLY B 657 4.02 -51.83 32.97
CA GLY B 657 2.91 -50.91 32.77
C GLY B 657 1.64 -51.73 32.60
N LYS B 658 0.48 -51.10 32.75
CA LYS B 658 -0.79 -51.80 32.59
C LYS B 658 -1.51 -51.18 31.40
N TYR B 659 -0.92 -51.33 30.21
CA TYR B 659 -1.36 -50.70 28.99
C TYR B 659 -2.06 -51.60 27.97
N GLU B 660 -2.21 -52.88 28.24
CA GLU B 660 -2.87 -53.76 27.24
C GLU B 660 -4.34 -53.42 27.02
N LEU B 661 -4.72 -53.30 25.75
CA LEU B 661 -6.08 -53.02 25.33
C LEU B 661 -6.84 -54.31 25.03
N PHE B 662 -6.11 -55.43 24.84
CA PHE B 662 -6.73 -56.73 24.60
C PHE B 662 -6.05 -57.79 25.50
N PRO B 663 -6.00 -57.58 26.84
CA PRO B 663 -5.30 -58.56 27.69
C PRO B 663 -5.97 -59.92 27.64
N GLN B 664 -5.13 -60.97 27.57
CA GLN B 664 -5.51 -62.38 27.53
C GLN B 664 -6.30 -62.74 26.27
N GLN B 665 -6.06 -62.00 25.19
CA GLN B 665 -6.69 -62.25 23.90
C GLN B 665 -5.65 -62.54 22.83
N LEU B 666 -6.10 -63.19 21.77
CA LEU B 666 -5.23 -63.51 20.65
C LEU B 666 -5.82 -62.99 19.36
N PRO B 667 -5.04 -62.84 18.27
CA PRO B 667 -5.60 -62.35 17.01
C PRO B 667 -6.73 -63.26 16.50
N GLY B 668 -7.73 -62.65 15.87
CA GLY B 668 -8.84 -63.35 15.24
C GLY B 668 -8.44 -63.83 13.87
N LYS B 669 -9.41 -64.32 13.10
CA LYS B 669 -9.12 -64.82 11.77
C LYS B 669 -8.94 -63.66 10.78
N PRO B 670 -8.11 -63.82 9.73
CA PRO B 670 -7.95 -62.75 8.72
C PRO B 670 -9.29 -62.30 8.16
N GLY B 671 -9.50 -60.99 8.10
CA GLY B 671 -10.73 -60.41 7.59
C GLY B 671 -11.92 -60.43 8.54
N GLU B 672 -11.75 -60.98 9.75
CA GLU B 672 -12.81 -60.97 10.76
C GLU B 672 -12.72 -59.70 11.65
N GLY B 673 -13.65 -59.56 12.60
CA GLY B 673 -13.79 -58.39 13.45
C GLY B 673 -12.55 -57.77 14.06
N GLY B 674 -11.86 -58.56 14.88
CA GLY B 674 -10.66 -58.15 15.58
C GLY B 674 -10.12 -59.31 16.39
N PRO B 675 -9.76 -59.12 17.69
CA PRO B 675 -9.21 -60.24 18.48
C PRO B 675 -10.24 -61.14 19.13
N ILE B 676 -9.79 -62.24 19.75
CA ILE B 676 -10.66 -63.23 20.40
C ILE B 676 -10.20 -63.63 21.81
N ASN B 677 -11.16 -63.97 22.67
CA ASN B 677 -10.98 -64.51 24.02
C ASN B 677 -11.58 -65.96 23.90
N HIS B 678 -11.62 -66.84 24.93
CA HIS B 678 -11.36 -66.75 26.37
C HIS B 678 -10.89 -68.12 26.88
N ASN C 7 -14.21 63.07 27.28
CA ASN C 7 -13.25 63.31 26.22
C ASN C 7 -12.23 64.42 26.60
N ALA C 8 -10.98 63.99 26.84
CA ALA C 8 -9.83 64.80 27.21
C ALA C 8 -9.22 65.61 26.04
N PHE C 9 -9.61 65.29 24.80
CA PHE C 9 -9.05 65.93 23.61
C PHE C 9 -9.84 67.14 23.13
N GLU C 10 -9.11 68.16 22.62
CA GLU C 10 -9.68 69.40 22.10
C GLU C 10 -10.05 69.24 20.61
N THR C 11 -11.20 68.61 20.35
CA THR C 11 -11.65 68.39 18.98
C THR C 11 -12.17 69.68 18.32
N THR C 12 -12.08 69.72 17.00
CA THR C 12 -12.55 70.81 16.16
C THR C 12 -13.05 70.21 14.84
N THR C 13 -13.07 71.02 13.76
CA THR C 13 -13.43 70.57 12.42
C THR C 13 -12.13 70.56 11.61
N PRO C 14 -11.98 69.72 10.55
CA PRO C 14 -10.70 69.72 9.81
C PRO C 14 -10.48 70.99 9.00
N PRO C 15 -9.22 71.47 8.88
CA PRO C 15 -8.98 72.71 8.12
C PRO C 15 -9.24 72.51 6.64
N GLU C 16 -9.72 73.57 5.98
CA GLU C 16 -10.00 73.56 4.56
C GLU C 16 -8.70 73.36 3.78
N PRO C 17 -8.69 72.40 2.83
CA PRO C 17 -7.46 72.16 2.06
C PRO C 17 -7.23 73.27 1.03
N PRO C 18 -6.05 73.32 0.36
CA PRO C 18 -5.84 74.33 -0.68
C PRO C 18 -6.80 74.12 -1.84
N GLN C 19 -7.10 75.20 -2.56
CA GLN C 19 -7.99 75.16 -3.72
C GLN C 19 -7.35 74.28 -4.79
N PHE C 20 -8.05 73.24 -5.22
CA PHE C 20 -7.58 72.32 -6.23
C PHE C 20 -8.71 72.13 -7.25
N PRO C 21 -8.80 73.00 -8.27
CA PRO C 21 -9.87 72.86 -9.26
C PRO C 21 -9.75 71.58 -10.07
N ALA C 22 -10.84 70.79 -10.07
CA ALA C 22 -10.94 69.55 -10.83
C ALA C 22 -11.09 69.94 -12.30
N GLU C 23 -10.02 69.73 -13.07
CA GLU C 23 -10.01 70.03 -14.50
C GLU C 23 -9.98 68.69 -15.23
N GLY C 24 -10.96 68.41 -16.11
CA GLY C 24 -12.01 69.33 -16.56
C GLY C 24 -13.37 69.24 -15.89
N LYS C 25 -14.40 69.64 -16.65
CA LYS C 25 -15.79 69.75 -16.19
C LYS C 25 -16.69 68.66 -16.74
N ILE C 26 -17.57 68.17 -15.89
CA ILE C 26 -18.53 67.15 -16.31
C ILE C 26 -19.65 67.85 -17.08
N ASN C 27 -20.09 67.25 -18.21
CA ASN C 27 -21.22 67.76 -18.99
C ASN C 27 -22.44 67.02 -18.41
N TYR C 28 -23.17 67.66 -17.51
CA TYR C 28 -24.32 66.99 -16.87
C TYR C 28 -25.48 66.76 -17.81
N VAL C 29 -26.05 65.56 -17.77
CA VAL C 29 -27.16 65.16 -18.64
C VAL C 29 -28.25 64.49 -17.79
N ALA C 30 -29.42 64.20 -18.42
CA ALA C 30 -30.51 63.50 -17.75
C ALA C 30 -30.29 61.98 -17.87
N ARG C 31 -30.85 61.19 -16.92
CA ARG C 31 -30.60 59.76 -16.79
C ARG C 31 -30.84 58.92 -18.07
N ASP C 32 -31.93 59.24 -18.83
CA ASP C 32 -32.32 58.46 -20.01
C ASP C 32 -31.72 58.96 -21.34
N THR C 33 -30.67 59.76 -21.27
CA THR C 33 -29.97 60.19 -22.49
C THR C 33 -28.92 59.15 -22.97
N ILE C 34 -28.59 58.15 -22.14
CA ILE C 34 -27.47 57.24 -22.40
C ILE C 34 -27.87 56.04 -23.26
N LEU C 35 -28.92 55.34 -22.85
CA LEU C 35 -29.34 54.11 -23.53
C LEU C 35 -30.84 53.85 -23.40
N GLU C 36 -31.34 52.94 -24.25
CA GLU C 36 -32.72 52.47 -24.22
C GLU C 36 -32.74 51.07 -24.86
N PHE C 37 -33.69 50.23 -24.46
CA PHE C 37 -33.83 48.92 -25.10
C PHE C 37 -34.91 49.01 -26.15
N LYS C 38 -34.60 48.60 -27.40
CA LYS C 38 -35.58 48.56 -28.50
C LYS C 38 -35.02 47.80 -29.68
N ALA C 39 -35.90 47.35 -30.57
CA ALA C 39 -35.50 46.66 -31.79
C ALA C 39 -35.17 47.71 -32.85
N LEU C 40 -34.12 47.48 -33.63
CA LEU C 40 -33.76 48.38 -34.73
C LEU C 40 -34.10 47.67 -36.06
N PRO C 41 -34.36 48.39 -37.18
CA PRO C 41 -34.71 47.67 -38.43
C PRO C 41 -33.57 46.86 -39.04
N SER C 42 -32.32 47.26 -38.79
CA SER C 42 -31.13 46.62 -39.37
C SER C 42 -29.95 46.69 -38.41
N TYR C 43 -29.07 45.68 -38.46
CA TYR C 43 -27.87 45.61 -37.63
C TYR C 43 -26.62 45.36 -38.49
N SER C 44 -25.47 45.84 -38.03
CA SER C 44 -24.20 45.63 -38.70
C SER C 44 -23.09 45.22 -37.72
N GLU C 45 -21.95 44.78 -38.27
CA GLU C 45 -20.83 44.28 -37.49
C GLU C 45 -19.53 44.46 -38.31
N PRO C 46 -18.33 44.17 -37.73
CA PRO C 46 -17.09 44.23 -38.55
C PRO C 46 -17.23 43.40 -39.83
N ASP C 47 -16.76 43.95 -40.97
CA ASP C 47 -16.89 43.29 -42.29
C ASP C 47 -16.31 41.88 -42.33
N TRP C 48 -15.14 41.67 -41.69
CA TRP C 48 -14.47 40.37 -41.62
C TRP C 48 -15.33 39.29 -40.93
N ILE C 49 -16.21 39.67 -39.98
CA ILE C 49 -17.08 38.69 -39.31
C ILE C 49 -18.10 38.16 -40.35
N THR C 50 -18.81 39.07 -41.05
CA THR C 50 -19.78 38.73 -42.10
C THR C 50 -19.10 37.90 -43.21
N GLU C 51 -17.95 38.37 -43.72
CA GLU C 51 -17.28 37.73 -44.84
C GLU C 51 -16.52 36.44 -44.52
N LYS C 52 -15.72 36.42 -43.47
CA LYS C 52 -14.86 35.27 -43.14
C LYS C 52 -15.45 34.28 -42.14
N PHE C 53 -16.46 34.67 -41.37
CA PHE C 53 -17.06 33.78 -40.37
C PHE C 53 -18.46 33.35 -40.73
N GLU C 54 -19.40 34.29 -40.82
CA GLU C 54 -20.81 34.02 -41.12
C GLU C 54 -20.97 33.32 -42.49
N LYS C 55 -20.42 33.92 -43.55
CA LYS C 55 -20.51 33.42 -44.93
C LYS C 55 -19.75 32.10 -45.16
N ALA C 56 -18.82 31.74 -44.25
CA ALA C 56 -18.04 30.49 -44.27
C ALA C 56 -18.67 29.43 -43.36
N GLY C 57 -19.79 29.77 -42.73
CA GLY C 57 -20.50 28.86 -41.82
C GLY C 57 -19.80 28.65 -40.47
N LYS C 58 -19.05 29.63 -40.01
CA LYS C 58 -18.36 29.51 -38.73
C LYS C 58 -19.11 30.23 -37.59
N LEU C 59 -20.23 30.93 -37.89
CA LEU C 59 -20.98 31.71 -36.89
C LEU C 59 -22.40 32.04 -37.40
N PRO C 60 -23.43 32.11 -36.52
CA PRO C 60 -24.80 32.46 -37.01
C PRO C 60 -24.91 33.90 -37.49
N PRO C 61 -25.95 34.27 -38.29
CA PRO C 61 -26.14 35.68 -38.66
C PRO C 61 -26.32 36.55 -37.42
N LEU C 62 -25.94 37.83 -37.56
CA LEU C 62 -25.99 38.82 -36.46
C LEU C 62 -27.37 38.97 -35.79
N LYS C 63 -28.45 39.11 -36.59
CA LYS C 63 -29.82 39.30 -36.05
C LYS C 63 -30.22 38.14 -35.11
N GLU C 64 -29.73 36.92 -35.38
CA GLU C 64 -29.98 35.70 -34.60
C GLU C 64 -29.22 35.75 -33.25
N ARG C 65 -28.01 36.31 -33.29
CA ARG C 65 -27.15 36.41 -32.14
C ARG C 65 -27.64 37.45 -31.10
N LEU C 66 -28.29 38.50 -31.58
CA LEU C 66 -28.78 39.60 -30.76
C LEU C 66 -30.12 39.33 -30.09
N PRO C 67 -30.44 40.02 -28.96
CA PRO C 67 -31.79 39.92 -28.39
C PRO C 67 -32.80 40.57 -29.35
N GLU C 68 -34.09 40.30 -29.15
CA GLU C 68 -35.16 40.91 -29.95
C GLU C 68 -35.10 42.43 -29.77
N GLU C 69 -34.83 42.87 -28.54
CA GLU C 69 -34.69 44.27 -28.17
C GLU C 69 -33.34 44.44 -27.47
N PRO C 70 -32.25 44.70 -28.24
CA PRO C 70 -30.95 44.88 -27.59
C PRO C 70 -30.89 46.22 -26.84
N LEU C 71 -29.85 46.37 -26.00
CA LEU C 71 -29.54 47.64 -25.34
C LEU C 71 -28.97 48.55 -26.47
N VAL C 72 -29.55 49.72 -26.66
CA VAL C 72 -29.12 50.64 -27.71
C VAL C 72 -28.52 51.91 -27.07
N TYR C 73 -27.26 52.22 -27.38
CA TYR C 73 -26.63 53.46 -26.90
C TYR C 73 -27.05 54.61 -27.81
N LYS C 74 -27.51 55.70 -27.19
CA LYS C 74 -27.99 56.89 -27.91
C LYS C 74 -26.82 57.79 -28.31
N THR C 75 -26.84 58.29 -29.55
CA THR C 75 -25.72 59.11 -30.05
C THR C 75 -25.53 60.42 -29.31
N GLY C 76 -26.62 61.00 -28.82
CA GLY C 76 -26.59 62.28 -28.12
C GLY C 76 -25.64 62.34 -26.94
N ASN C 77 -25.52 61.24 -26.17
CA ASN C 77 -24.63 61.17 -25.00
C ASN C 77 -23.18 60.82 -25.38
N MET C 78 -22.95 60.41 -26.63
CA MET C 78 -21.60 60.01 -27.07
C MET C 78 -20.76 61.26 -27.26
N PRO C 79 -19.66 61.41 -26.49
CA PRO C 79 -18.85 62.65 -26.62
C PRO C 79 -18.39 62.98 -28.03
N ASP C 80 -18.14 61.96 -28.87
CA ASP C 80 -17.66 62.11 -30.24
C ASP C 80 -18.58 61.52 -31.31
N GLY C 81 -19.71 60.99 -30.87
CA GLY C 81 -20.68 60.39 -31.79
C GLY C 81 -20.42 58.94 -32.09
N VAL C 82 -21.17 58.38 -33.07
CA VAL C 82 -21.08 56.98 -33.49
C VAL C 82 -19.65 56.60 -33.91
N GLY C 83 -19.26 55.41 -33.54
CA GLY C 83 -17.92 54.93 -33.82
C GLY C 83 -17.73 54.14 -35.09
N VAL C 84 -16.48 53.66 -35.25
CA VAL C 84 -16.04 52.79 -36.32
C VAL C 84 -15.33 51.59 -35.65
N TYR C 85 -15.28 50.46 -36.33
CA TYR C 85 -14.63 49.29 -35.75
C TYR C 85 -13.12 49.29 -35.82
N GLY C 86 -12.52 48.55 -34.90
CA GLY C 86 -11.09 48.30 -34.90
C GLY C 86 -10.35 48.72 -33.66
N ASP C 87 -9.06 48.27 -33.61
CA ASP C 87 -8.08 48.60 -32.60
C ASP C 87 -8.27 47.78 -31.34
N THR C 88 -7.34 48.01 -30.41
CA THR C 88 -7.20 47.26 -29.19
C THR C 88 -7.05 48.22 -28.03
N MET C 89 -7.67 47.90 -26.87
CA MET C 89 -7.42 48.71 -25.68
C MET C 89 -6.41 47.94 -24.83
N ARG C 90 -5.29 48.57 -24.51
CA ARG C 90 -4.21 47.90 -23.80
C ARG C 90 -4.20 48.34 -22.37
N HIS C 91 -4.51 47.42 -21.46
CA HIS C 91 -4.46 47.70 -20.03
C HIS C 91 -3.24 47.07 -19.40
N VAL C 92 -2.84 47.63 -18.25
CA VAL C 92 -1.72 47.15 -17.46
C VAL C 92 -2.27 47.03 -16.06
N VAL C 93 -2.06 45.88 -15.42
CA VAL C 93 -2.61 45.62 -14.09
C VAL C 93 -1.55 45.10 -13.11
N GLY C 94 -1.78 45.34 -11.81
CA GLY C 94 -0.89 44.86 -10.75
C GLY C 94 -1.37 43.56 -10.14
N GLY C 95 -2.61 43.18 -10.42
CA GLY C 95 -3.16 41.93 -9.89
C GLY C 95 -2.80 40.72 -10.73
N ARG C 96 -3.19 39.53 -10.27
CA ARG C 96 -2.96 38.29 -11.03
C ARG C 96 -4.22 37.45 -10.99
N PRO C 97 -4.61 36.79 -12.11
CA PRO C 97 -5.83 35.98 -12.05
C PRO C 97 -5.68 34.72 -11.22
N GLU C 98 -6.70 34.41 -10.40
CA GLU C 98 -6.74 33.17 -9.63
C GLU C 98 -7.50 32.14 -10.47
N GLY C 99 -8.41 32.66 -11.28
CA GLY C 99 -9.28 31.88 -12.14
C GLY C 99 -10.48 32.71 -12.55
N TRP C 100 -11.47 32.08 -13.19
CA TRP C 100 -12.62 32.81 -13.74
C TRP C 100 -13.90 32.77 -12.90
N ASN C 101 -13.84 32.14 -11.71
CA ASN C 101 -15.04 32.00 -10.87
C ASN C 101 -15.21 33.22 -9.94
N TYR C 102 -15.65 34.36 -10.53
CA TYR C 102 -15.90 35.63 -9.83
C TYR C 102 -16.94 35.44 -8.69
N ILE C 103 -18.04 34.76 -8.98
CA ILE C 103 -19.12 34.61 -8.00
C ILE C 103 -18.71 33.75 -6.76
N ALA C 104 -17.64 32.95 -6.88
CA ALA C 104 -17.09 32.18 -5.75
C ALA C 104 -15.88 32.90 -5.10
N GLY C 105 -15.62 34.13 -5.52
CA GLY C 105 -14.57 34.94 -4.89
C GLY C 105 -13.19 34.92 -5.50
N GLN C 106 -13.04 34.42 -6.74
CA GLN C 106 -11.74 34.46 -7.40
C GLN C 106 -11.54 35.81 -8.08
N SER C 107 -10.33 36.36 -7.96
CA SER C 107 -9.99 37.61 -8.64
C SER C 107 -9.45 37.26 -10.02
N GLN C 108 -9.70 38.13 -11.00
CA GLN C 108 -9.18 37.95 -12.36
C GLN C 108 -7.97 38.88 -12.60
N GLY C 109 -7.60 39.65 -11.57
CA GLY C 109 -6.48 40.57 -11.65
C GLY C 109 -6.79 42.05 -11.51
N TRP C 110 -8.12 42.42 -11.37
CA TRP C 110 -8.60 43.80 -11.19
C TRP C 110 -8.22 44.70 -12.38
N GLY C 111 -8.09 46.00 -12.18
CA GLY C 111 -7.71 46.93 -13.25
C GLY C 111 -8.62 46.90 -14.48
N GLY C 112 -9.86 46.49 -14.28
CA GLY C 112 -10.89 46.49 -15.32
C GLY C 112 -11.29 45.15 -15.91
N ILE C 113 -10.51 44.09 -15.64
CA ILE C 113 -10.79 42.77 -16.21
C ILE C 113 -12.15 42.22 -15.76
N ASP C 114 -12.40 42.09 -14.46
CA ASP C 114 -13.69 41.56 -13.98
C ASP C 114 -14.83 42.57 -14.25
N ILE C 115 -14.52 43.87 -14.26
CA ILE C 115 -15.53 44.89 -14.58
C ILE C 115 -16.09 44.61 -15.99
N ALA C 116 -15.22 44.35 -16.96
CA ALA C 116 -15.59 44.08 -18.35
C ALA C 116 -16.19 42.68 -18.55
N LEU C 117 -15.79 41.69 -17.74
CA LEU C 117 -16.31 40.33 -17.92
C LEU C 117 -17.68 40.16 -17.25
N SER C 118 -17.76 40.55 -15.98
CA SER C 118 -18.93 40.33 -15.12
C SER C 118 -19.95 41.48 -15.14
N GLU C 119 -20.85 41.51 -16.19
CA GLU C 119 -21.94 42.48 -16.35
C GLU C 119 -22.97 42.22 -15.21
N CYS C 120 -23.63 43.26 -14.74
CA CYS C 120 -24.57 43.08 -13.61
C CYS C 120 -26.01 43.49 -13.96
N LEU C 121 -26.97 43.38 -13.02
CA LEU C 121 -28.37 43.70 -13.31
C LEU C 121 -28.58 45.15 -13.71
N THR C 122 -27.93 46.06 -12.98
CA THR C 122 -28.02 47.49 -13.21
C THR C 122 -26.58 48.02 -13.40
N ARG C 123 -26.45 49.30 -13.75
CA ARG C 123 -25.16 49.94 -13.94
C ARG C 123 -25.21 51.35 -13.36
N THR C 124 -24.20 51.72 -12.59
CA THR C 124 -24.17 53.04 -11.92
C THR C 124 -22.93 53.92 -12.23
N ALA C 125 -21.79 53.32 -12.59
CA ALA C 125 -20.56 54.09 -12.85
C ALA C 125 -20.75 55.31 -13.80
N PRO C 126 -21.49 55.19 -14.93
CA PRO C 126 -21.67 56.38 -15.81
C PRO C 126 -22.56 57.48 -15.21
N LEU C 127 -23.19 57.22 -14.03
CA LEU C 127 -24.07 58.20 -13.39
C LEU C 127 -23.33 59.40 -12.74
N PHE C 128 -21.99 59.47 -12.86
CA PHE C 128 -21.20 60.66 -12.42
C PHE C 128 -21.67 61.86 -13.29
N GLN C 129 -22.25 61.57 -14.48
CA GLN C 129 -22.72 62.65 -15.39
C GLN C 129 -24.17 63.11 -15.16
N VAL C 130 -24.85 62.59 -14.14
CA VAL C 130 -26.22 63.02 -13.80
C VAL C 130 -26.05 63.78 -12.46
N ASP C 131 -26.37 65.09 -12.46
CA ASP C 131 -26.17 66.02 -11.32
C ASP C 131 -27.16 65.84 -10.17
N ALA C 132 -27.12 64.64 -9.56
CA ALA C 132 -27.97 64.27 -8.45
C ALA C 132 -27.37 63.07 -7.72
N LYS C 133 -27.91 62.76 -6.54
CA LYS C 133 -27.52 61.58 -5.76
C LYS C 133 -28.73 60.66 -5.56
N ASP C 134 -29.84 60.96 -6.25
CA ASP C 134 -31.08 60.17 -6.16
C ASP C 134 -31.40 59.52 -7.52
N THR C 135 -30.41 59.48 -8.44
CA THR C 135 -30.60 58.93 -9.79
C THR C 135 -30.89 57.47 -9.74
N GLU C 136 -31.84 57.00 -10.57
CA GLU C 136 -32.16 55.58 -10.65
C GLU C 136 -31.03 54.86 -11.42
N PRO C 137 -30.43 53.77 -10.89
CA PRO C 137 -29.38 53.06 -11.65
C PRO C 137 -29.84 52.68 -13.06
N LEU C 138 -28.90 52.68 -14.01
CA LEU C 138 -29.23 52.36 -15.39
C LEU C 138 -29.61 50.91 -15.55
N PRO C 139 -30.57 50.59 -16.44
CA PRO C 139 -30.87 49.18 -16.70
C PRO C 139 -29.70 48.53 -17.43
N ASN C 140 -29.39 47.25 -17.09
CA ASN C 140 -28.30 46.52 -17.77
C ASN C 140 -28.82 45.11 -18.11
N LEU C 141 -28.46 44.04 -17.34
CA LEU C 141 -29.06 42.70 -17.59
C LEU C 141 -30.55 42.73 -17.24
N ALA C 142 -30.93 43.64 -16.30
CA ALA C 142 -32.33 43.87 -15.96
C ALA C 142 -32.72 45.06 -16.83
N LYS C 143 -33.57 44.84 -17.83
CA LYS C 143 -33.94 45.90 -18.78
C LYS C 143 -34.95 46.90 -18.22
N SER C 144 -35.76 46.50 -17.22
CA SER C 144 -36.78 47.37 -16.61
C SER C 144 -37.23 46.76 -15.33
N TRP C 145 -37.94 47.55 -14.53
CA TRP C 145 -38.48 47.09 -13.25
C TRP C 145 -39.60 48.01 -12.82
N GLU C 146 -40.44 47.50 -11.92
CA GLU C 146 -41.60 48.23 -11.44
C GLU C 146 -41.84 47.91 -9.96
N TRP C 147 -42.06 48.97 -9.18
CA TRP C 147 -42.36 48.85 -7.75
C TRP C 147 -43.88 48.67 -7.58
N SER C 148 -44.27 47.84 -6.60
CA SER C 148 -45.69 47.64 -6.24
C SER C 148 -46.17 48.94 -5.58
N GLU C 149 -47.50 49.14 -5.48
CA GLU C 149 -48.09 50.34 -4.86
C GLU C 149 -47.60 50.52 -3.41
N ASP C 150 -47.54 49.41 -2.63
CA ASP C 150 -47.08 49.44 -1.25
C ASP C 150 -45.52 49.56 -1.11
N GLY C 151 -44.78 49.37 -2.21
CA GLY C 151 -43.33 49.49 -2.21
C GLY C 151 -42.50 48.32 -1.73
N HIS C 152 -43.15 47.21 -1.35
CA HIS C 152 -42.45 46.02 -0.86
C HIS C 152 -42.00 45.06 -1.96
N THR C 153 -42.66 45.13 -3.12
CA THR C 153 -42.37 44.23 -4.23
C THR C 153 -41.71 44.97 -5.42
N LEU C 154 -40.65 44.39 -5.96
CA LEU C 154 -39.95 44.91 -7.12
C LEU C 154 -39.91 43.83 -8.22
N THR C 155 -40.71 44.02 -9.27
CA THR C 155 -40.79 43.10 -10.40
C THR C 155 -39.72 43.56 -11.39
N MET C 156 -38.77 42.68 -11.68
CA MET C 156 -37.62 42.96 -12.54
C MET C 156 -37.65 42.15 -13.82
N HIS C 157 -37.61 42.85 -14.96
CA HIS C 157 -37.66 42.24 -16.30
C HIS C 157 -36.26 42.17 -16.89
N LEU C 158 -35.86 41.00 -17.38
CA LEU C 158 -34.51 40.82 -17.92
C LEU C 158 -34.42 41.05 -19.41
N VAL C 159 -33.18 41.39 -19.90
CA VAL C 159 -32.96 41.47 -21.34
C VAL C 159 -33.43 40.07 -21.89
N LYS C 160 -34.12 40.06 -23.02
CA LYS C 160 -34.74 38.82 -23.54
C LYS C 160 -34.17 38.42 -24.88
N GLY C 161 -33.67 37.21 -24.95
CA GLY C 161 -33.05 36.71 -26.17
C GLY C 161 -31.55 36.94 -26.24
N ALA C 162 -30.92 37.45 -25.13
CA ALA C 162 -29.49 37.63 -25.07
C ALA C 162 -28.86 36.28 -24.80
N LYS C 163 -27.65 36.09 -25.29
CA LYS C 163 -26.91 34.85 -25.12
C LYS C 163 -25.54 35.12 -24.49
N TRP C 164 -25.05 34.14 -23.69
CA TRP C 164 -23.70 34.12 -23.15
C TRP C 164 -22.79 34.03 -24.39
N SER C 165 -21.52 34.37 -24.23
CA SER C 165 -20.55 34.34 -25.33
C SER C 165 -20.41 32.97 -26.02
N ASP C 166 -20.85 31.88 -25.37
CA ASP C 166 -20.81 30.51 -25.93
C ASP C 166 -22.11 30.15 -26.68
N GLY C 167 -23.06 31.09 -26.75
CA GLY C 167 -24.33 30.92 -27.45
C GLY C 167 -25.50 30.40 -26.62
N GLU C 168 -25.26 30.05 -25.34
CA GLU C 168 -26.31 29.56 -24.43
C GLU C 168 -27.16 30.75 -23.97
N ALA C 169 -28.48 30.56 -23.82
CA ALA C 169 -29.40 31.63 -23.41
C ALA C 169 -29.05 32.28 -22.04
N PHE C 170 -29.12 33.61 -21.94
CA PHE C 170 -29.00 34.28 -20.65
C PHE C 170 -30.48 34.41 -20.22
N ASN C 171 -30.82 33.97 -19.00
CA ASN C 171 -32.21 34.08 -18.50
C ASN C 171 -32.24 34.05 -16.95
N ALA C 172 -33.44 34.00 -16.34
CA ALA C 172 -33.64 34.01 -14.89
C ALA C 172 -32.88 32.90 -14.14
N ASP C 173 -32.61 31.76 -14.80
CA ASP C 173 -31.84 30.67 -14.14
C ASP C 173 -30.43 31.14 -13.71
N ASP C 174 -29.77 32.03 -14.51
CA ASP C 174 -28.46 32.60 -14.17
C ASP C 174 -28.59 33.54 -12.98
N VAL C 175 -29.66 34.34 -12.97
CA VAL C 175 -29.95 35.30 -11.90
C VAL C 175 -30.20 34.51 -10.59
N MET C 176 -31.09 33.51 -10.65
CA MET C 176 -31.45 32.69 -9.49
C MET C 176 -30.29 31.88 -8.94
N PHE C 177 -29.41 31.35 -9.83
CA PHE C 177 -28.23 30.58 -9.38
C PHE C 177 -27.32 31.49 -8.55
N TYR C 178 -27.10 32.72 -9.01
CA TYR C 178 -26.28 33.69 -8.28
C TYR C 178 -26.91 33.99 -6.91
N TRP C 179 -28.19 34.36 -6.89
CA TRP C 179 -28.89 34.66 -5.63
C TRP C 179 -28.88 33.51 -4.63
N GLU C 180 -29.37 32.35 -5.05
CA GLU C 180 -29.51 31.21 -4.15
C GLU C 180 -28.20 30.52 -3.77
N ASP C 181 -27.36 30.22 -4.78
CA ASP C 181 -26.18 29.41 -4.55
C ASP C 181 -24.86 30.21 -4.41
N ALA C 182 -24.89 31.54 -4.59
CA ALA C 182 -23.71 32.36 -4.33
C ALA C 182 -23.95 33.33 -3.19
N VAL C 183 -25.06 34.13 -3.24
CA VAL C 183 -25.39 35.11 -2.19
C VAL C 183 -25.93 34.39 -0.92
N VAL C 184 -27.11 33.74 -1.02
CA VAL C 184 -27.77 33.09 0.11
C VAL C 184 -26.89 31.96 0.72
N ASP C 185 -26.24 31.12 -0.12
CA ASP C 185 -25.35 30.04 0.36
C ASP C 185 -24.21 30.65 1.23
N PRO C 186 -24.16 30.34 2.55
CA PRO C 186 -23.13 30.96 3.40
C PRO C 186 -21.70 30.50 3.12
N ASN C 187 -21.54 29.42 2.34
CA ASN C 187 -20.21 28.86 2.02
C ASN C 187 -19.58 29.42 0.75
N VAL C 188 -20.28 30.37 0.10
CA VAL C 188 -19.81 31.03 -1.12
C VAL C 188 -19.71 32.53 -0.83
N SER C 189 -18.61 33.16 -1.23
CA SER C 189 -18.42 34.57 -1.03
C SER C 189 -17.97 35.22 -2.34
N PRO C 190 -18.87 35.97 -3.05
CA PRO C 190 -18.45 36.63 -4.31
C PRO C 190 -17.27 37.58 -4.10
N LEU C 191 -16.50 37.84 -5.17
CA LEU C 191 -15.31 38.68 -5.10
C LEU C 191 -15.63 40.10 -4.59
N GLY C 192 -14.79 40.62 -3.69
CA GLY C 192 -14.98 41.98 -3.20
C GLY C 192 -15.30 42.13 -1.73
N GLY C 193 -15.76 41.04 -1.13
CA GLY C 193 -16.07 40.99 0.30
C GLY C 193 -17.48 41.35 0.71
N GLY C 194 -18.30 41.72 -0.27
CA GLY C 194 -19.70 42.07 -0.06
C GLY C 194 -20.65 40.96 -0.47
N ALA C 195 -21.84 41.32 -0.98
CA ALA C 195 -22.86 40.39 -1.47
C ALA C 195 -23.31 39.35 -0.45
N SER C 196 -23.41 39.76 0.83
CA SER C 196 -24.05 38.93 1.84
C SER C 196 -25.58 39.14 1.61
N PRO C 197 -26.48 38.22 2.04
CA PRO C 197 -27.92 38.45 1.83
C PRO C 197 -28.45 39.77 2.42
N GLU C 198 -27.92 40.19 3.60
CA GLU C 198 -28.34 41.41 4.29
C GLU C 198 -27.91 42.71 3.58
N ALA C 199 -26.98 42.62 2.60
CA ALA C 199 -26.56 43.75 1.77
C ALA C 199 -27.77 44.22 0.92
N PHE C 200 -28.74 43.30 0.70
CA PHE C 200 -29.94 43.58 -0.10
C PHE C 200 -31.15 43.82 0.82
N GLY C 201 -30.90 43.99 2.12
CA GLY C 201 -31.94 44.20 3.12
C GLY C 201 -32.18 42.97 3.99
N GLU C 202 -32.31 43.18 5.30
CA GLU C 202 -32.59 42.08 6.23
C GLU C 202 -33.96 41.46 5.84
N GLY C 203 -33.95 40.16 5.59
CA GLY C 203 -35.16 39.42 5.23
C GLY C 203 -35.58 39.51 3.76
N THR C 204 -34.80 40.21 2.92
CA THR C 204 -35.10 40.30 1.48
C THR C 204 -35.10 38.93 0.80
N THR C 205 -36.09 38.69 -0.08
CA THR C 205 -36.19 37.44 -0.84
C THR C 205 -36.26 37.77 -2.32
N LEU C 206 -35.86 36.80 -3.15
CA LEU C 206 -35.90 36.92 -4.61
C LEU C 206 -36.48 35.63 -5.15
N LYS C 207 -37.40 35.73 -6.10
CA LYS C 207 -38.02 34.54 -6.70
C LYS C 207 -38.18 34.68 -8.19
N LYS C 208 -38.22 33.53 -8.88
CA LYS C 208 -38.38 33.48 -10.33
C LYS C 208 -39.86 33.50 -10.68
N ILE C 209 -40.28 34.47 -11.53
CA ILE C 209 -41.67 34.57 -12.01
C ILE C 209 -41.75 33.71 -13.29
N ASP C 210 -40.83 33.96 -14.23
CA ASP C 210 -40.70 33.21 -15.47
C ASP C 210 -39.26 33.30 -15.97
N ASP C 211 -38.95 32.71 -17.13
CA ASP C 211 -37.58 32.73 -17.66
C ASP C 211 -36.98 34.15 -17.85
N TYR C 212 -37.81 35.21 -17.89
CA TYR C 212 -37.26 36.57 -18.07
C TYR C 212 -37.77 37.57 -17.03
N THR C 213 -38.25 37.07 -15.88
CA THR C 213 -38.81 37.93 -14.83
C THR C 213 -38.51 37.37 -13.46
N VAL C 214 -38.03 38.25 -12.58
CA VAL C 214 -37.72 37.91 -11.18
C VAL C 214 -38.44 38.93 -10.30
N GLU C 215 -38.72 38.55 -9.05
CA GLU C 215 -39.45 39.40 -8.13
C GLU C 215 -38.74 39.49 -6.79
N TRP C 216 -38.41 40.72 -6.37
CA TRP C 216 -37.80 40.97 -5.06
C TRP C 216 -38.89 41.31 -4.06
N THR C 217 -38.76 40.85 -2.82
CA THR C 217 -39.67 41.23 -1.73
C THR C 217 -38.81 41.83 -0.62
N PHE C 218 -39.09 43.09 -0.25
CA PHE C 218 -38.37 43.81 0.80
C PHE C 218 -39.22 44.03 2.04
N LYS C 219 -38.59 44.02 3.23
CA LYS C 219 -39.27 44.28 4.50
C LYS C 219 -39.65 45.77 4.55
N ALA C 220 -38.72 46.66 4.14
CA ALA C 220 -38.97 48.10 4.10
C ALA C 220 -39.75 48.48 2.83
N ALA C 221 -40.44 49.63 2.87
CA ALA C 221 -41.19 50.14 1.73
C ALA C 221 -40.25 51.04 0.91
N PHE C 222 -40.27 50.86 -0.41
CA PHE C 222 -39.42 51.61 -1.35
C PHE C 222 -37.90 51.75 -0.91
N PRO C 223 -37.17 50.64 -0.60
CA PRO C 223 -35.72 50.79 -0.31
C PRO C 223 -34.97 50.82 -1.65
N LYS C 224 -35.23 51.91 -2.42
CA LYS C 224 -34.70 52.13 -3.78
C LYS C 224 -33.17 52.07 -3.87
N GLN C 225 -32.44 52.34 -2.76
CA GLN C 225 -30.97 52.23 -2.68
C GLN C 225 -30.44 50.86 -3.09
N TYR C 226 -31.22 49.77 -2.86
CA TYR C 226 -30.82 48.41 -3.21
C TYR C 226 -30.65 48.21 -4.72
N LEU C 227 -31.23 49.12 -5.57
CA LEU C 227 -30.98 49.03 -7.02
C LEU C 227 -29.49 49.27 -7.32
N TYR C 228 -28.79 50.06 -6.46
CA TYR C 228 -27.35 50.32 -6.58
C TYR C 228 -26.57 49.05 -6.23
N THR C 229 -27.06 48.30 -5.23
CA THR C 229 -26.42 47.05 -4.78
C THR C 229 -26.56 45.97 -5.88
N MET C 230 -27.48 46.15 -6.83
CA MET C 230 -27.66 45.24 -7.96
C MET C 230 -26.71 45.52 -9.14
N ALA C 231 -25.83 46.52 -8.96
CA ALA C 231 -24.80 46.85 -9.96
C ALA C 231 -23.46 46.19 -9.50
N TYR C 232 -22.35 46.52 -10.18
CA TYR C 232 -21.05 46.03 -9.81
C TYR C 232 -20.65 46.59 -8.42
N PRO C 233 -20.06 45.79 -7.51
CA PRO C 233 -19.62 44.39 -7.65
C PRO C 233 -20.57 43.31 -7.14
N SER C 234 -21.69 43.71 -6.53
CA SER C 234 -22.58 42.85 -5.74
C SER C 234 -23.59 41.98 -6.49
N PHE C 235 -23.88 42.24 -7.78
CA PHE C 235 -24.86 41.34 -8.45
C PHE C 235 -24.46 41.12 -9.89
N CYS C 236 -23.44 40.29 -10.10
CA CYS C 236 -22.91 40.03 -11.41
C CYS C 236 -22.96 38.54 -11.71
N PRO C 237 -24.10 38.09 -12.27
CA PRO C 237 -24.31 36.65 -12.47
C PRO C 237 -23.29 35.95 -13.36
N GLY C 238 -22.99 34.69 -13.00
CA GLY C 238 -22.07 33.85 -13.75
C GLY C 238 -22.82 32.87 -14.65
N PRO C 239 -22.12 32.18 -15.59
CA PRO C 239 -22.83 31.25 -16.50
C PRO C 239 -23.25 29.99 -15.73
N SER C 240 -24.53 29.93 -15.28
CA SER C 240 -25.01 28.80 -14.45
C SER C 240 -24.90 27.45 -15.13
N HIS C 241 -24.99 27.36 -16.48
CA HIS C 241 -24.88 26.06 -17.17
C HIS C 241 -23.47 25.43 -17.01
N ILE C 242 -22.46 26.28 -16.77
CA ILE C 242 -21.06 25.91 -16.59
C ILE C 242 -20.73 25.75 -15.07
N LEU C 243 -21.19 26.70 -14.23
CA LEU C 243 -20.87 26.74 -12.79
C LEU C 243 -21.74 25.82 -11.94
N LYS C 244 -23.06 25.71 -12.23
CA LYS C 244 -23.97 24.87 -11.44
C LYS C 244 -23.50 23.40 -11.33
N PRO C 245 -23.08 22.71 -12.43
CA PRO C 245 -22.59 21.31 -12.28
C PRO C 245 -21.35 21.15 -11.41
N GLN C 246 -20.67 22.26 -11.03
CA GLN C 246 -19.48 22.24 -10.18
C GLN C 246 -19.79 22.61 -8.71
N HIS C 247 -21.03 23.04 -8.45
CA HIS C 247 -21.45 23.48 -7.13
C HIS C 247 -21.72 22.27 -6.19
N PRO C 248 -21.28 22.36 -4.91
CA PRO C 248 -21.46 21.21 -3.98
C PRO C 248 -22.87 20.68 -3.78
N LYS C 249 -23.90 21.53 -3.95
CA LYS C 249 -25.30 21.12 -3.78
C LYS C 249 -25.74 20.22 -4.92
N TYR C 250 -25.04 20.27 -6.07
CA TYR C 250 -25.41 19.58 -7.31
C TYR C 250 -24.35 18.62 -7.83
N SER C 251 -23.31 18.40 -7.03
CA SER C 251 -22.20 17.52 -7.39
C SER C 251 -21.50 16.99 -6.15
N LYS C 252 -20.42 16.22 -6.34
CA LYS C 252 -19.64 15.69 -5.22
C LYS C 252 -18.50 16.62 -4.85
N ASN C 253 -18.40 17.79 -5.52
CA ASN C 253 -17.35 18.77 -5.24
C ASN C 253 -17.49 19.36 -3.86
N THR C 254 -16.35 19.77 -3.26
CA THR C 254 -16.31 20.53 -2.02
C THR C 254 -16.47 22.01 -2.47
N TYR C 255 -16.63 22.95 -1.51
CA TYR C 255 -16.73 24.37 -1.87
C TYR C 255 -15.42 24.90 -2.46
N ASN C 256 -14.27 24.39 -1.99
CA ASN C 256 -12.96 24.78 -2.54
C ASN C 256 -12.80 24.29 -4.00
N GLN C 257 -13.28 23.06 -4.31
CA GLN C 257 -13.25 22.54 -5.69
C GLN C 257 -14.15 23.36 -6.60
N PHE C 258 -15.35 23.74 -6.12
CA PHE C 258 -16.25 24.63 -6.88
C PHE C 258 -15.56 25.93 -7.21
N LYS C 259 -14.96 26.60 -6.19
CA LYS C 259 -14.27 27.89 -6.33
C LYS C 259 -13.15 27.84 -7.36
N ASN C 260 -12.38 26.74 -7.38
CA ASN C 260 -11.19 26.56 -8.23
C ASN C 260 -11.40 25.76 -9.52
N ALA C 261 -12.66 25.45 -9.89
CA ALA C 261 -12.95 24.58 -11.06
C ALA C 261 -12.53 25.16 -12.42
N PHE C 262 -12.34 26.50 -12.51
CA PHE C 262 -12.01 27.21 -13.74
C PHE C 262 -10.72 28.03 -13.56
N PRO C 263 -9.55 27.34 -13.61
CA PRO C 263 -8.26 28.04 -13.45
C PRO C 263 -7.97 29.04 -14.57
N PRO C 264 -6.98 29.96 -14.41
CA PRO C 264 -6.72 30.95 -15.46
C PRO C 264 -6.45 30.38 -16.85
N GLU C 265 -5.87 29.15 -16.93
CA GLU C 265 -5.55 28.44 -18.18
C GLU C 265 -6.82 28.04 -18.96
N TYR C 266 -7.98 27.94 -18.27
CA TYR C 266 -9.26 27.58 -18.87
C TYR C 266 -9.70 28.75 -19.75
N MET C 267 -9.71 28.55 -21.08
CA MET C 267 -10.02 29.61 -22.04
C MET C 267 -11.48 29.72 -22.43
N ASN C 268 -11.85 30.90 -22.96
CA ASN C 268 -13.18 31.17 -23.49
C ASN C 268 -14.30 30.99 -22.43
N MET C 269 -14.04 31.32 -21.16
CA MET C 269 -15.09 31.21 -20.12
C MET C 269 -16.31 32.03 -20.60
N PRO C 270 -17.53 31.44 -20.61
CA PRO C 270 -18.70 32.23 -21.08
C PRO C 270 -18.97 33.46 -20.22
N VAL C 271 -19.24 34.60 -20.90
CA VAL C 271 -19.48 35.90 -20.29
C VAL C 271 -20.65 36.64 -21.00
N MET C 272 -21.25 37.62 -20.29
CA MET C 272 -22.23 38.56 -20.84
C MET C 272 -21.49 39.87 -21.23
N GLY C 273 -20.16 39.92 -21.00
CA GLY C 273 -19.34 41.11 -21.27
C GLY C 273 -18.96 41.29 -22.72
N ALA C 274 -18.33 42.43 -23.03
CA ALA C 274 -17.99 42.79 -24.42
C ALA C 274 -16.86 41.97 -25.05
N TRP C 275 -15.95 41.42 -24.25
CA TRP C 275 -14.79 40.65 -24.73
C TRP C 275 -14.63 39.40 -23.88
N VAL C 276 -14.09 38.34 -24.49
CA VAL C 276 -13.93 37.02 -23.85
C VAL C 276 -12.42 36.66 -23.75
N PRO C 277 -11.95 36.07 -22.63
CA PRO C 277 -10.53 35.67 -22.55
C PRO C 277 -10.20 34.55 -23.53
N VAL C 278 -9.19 34.77 -24.38
CA VAL C 278 -8.80 33.76 -25.40
C VAL C 278 -7.34 33.27 -25.26
N SER C 279 -6.50 33.99 -24.48
CA SER C 279 -5.11 33.63 -24.29
C SER C 279 -4.63 34.14 -22.95
N TYR C 280 -3.78 33.34 -22.29
CA TYR C 280 -3.21 33.67 -20.99
C TYR C 280 -1.79 33.12 -20.90
N ARG C 281 -0.83 33.99 -20.55
CA ARG C 281 0.55 33.59 -20.29
C ARG C 281 0.85 34.08 -18.87
N PRO C 282 1.13 33.17 -17.93
CA PRO C 282 1.38 33.60 -16.52
C PRO C 282 2.41 34.71 -16.39
N ASP C 283 2.14 35.67 -15.51
CA ASP C 283 2.99 36.86 -15.22
C ASP C 283 3.33 37.68 -16.48
N ASP C 284 2.54 37.50 -17.54
CA ASP C 284 2.77 38.23 -18.76
C ASP C 284 1.54 38.97 -19.26
N LEU C 285 0.52 38.22 -19.73
CA LEU C 285 -0.59 38.85 -20.43
C LEU C 285 -1.84 37.99 -20.53
N ILE C 286 -3.00 38.66 -20.54
CA ILE C 286 -4.30 38.07 -20.81
C ILE C 286 -4.81 38.82 -22.04
N VAL C 287 -5.26 38.09 -23.06
CA VAL C 287 -5.79 38.68 -24.28
C VAL C 287 -7.26 38.30 -24.38
N LEU C 288 -8.08 39.30 -24.72
CA LEU C 288 -9.50 39.14 -24.88
C LEU C 288 -9.94 39.54 -26.28
N ARG C 289 -10.83 38.74 -26.88
CA ARG C 289 -11.38 39.07 -28.20
C ARG C 289 -12.87 39.41 -28.06
N ARG C 290 -13.40 40.22 -28.96
CA ARG C 290 -14.81 40.65 -29.01
C ARG C 290 -15.79 39.47 -28.90
N ASN C 291 -16.82 39.65 -28.08
CA ASN C 291 -17.86 38.64 -27.86
C ASN C 291 -18.88 38.74 -29.00
N PRO C 292 -18.99 37.72 -29.90
CA PRO C 292 -19.94 37.84 -31.01
C PRO C 292 -21.42 37.81 -30.62
N TYR C 293 -21.72 37.42 -29.37
CA TYR C 293 -23.07 37.42 -28.85
C TYR C 293 -23.35 38.68 -27.98
N TYR C 294 -22.46 39.70 -28.00
CA TYR C 294 -22.71 40.92 -27.21
C TYR C 294 -24.04 41.53 -27.61
N TRP C 295 -24.79 41.93 -26.59
CA TRP C 295 -26.19 42.33 -26.67
C TRP C 295 -26.43 43.84 -26.64
N LYS C 296 -25.38 44.60 -26.91
CA LYS C 296 -25.47 46.05 -26.95
C LYS C 296 -25.11 46.53 -28.32
N VAL C 297 -25.83 47.55 -28.82
CA VAL C 297 -25.58 48.09 -30.15
C VAL C 297 -25.60 49.62 -30.09
N ASP C 298 -25.11 50.29 -31.13
CA ASP C 298 -25.30 51.75 -31.19
C ASP C 298 -26.62 52.03 -31.95
N GLU C 299 -27.02 53.30 -31.94
CA GLU C 299 -28.23 53.82 -32.59
C GLU C 299 -28.33 53.45 -34.06
N LYS C 300 -27.18 53.31 -34.76
CA LYS C 300 -27.11 52.96 -36.19
C LYS C 300 -27.19 51.44 -36.45
N GLY C 301 -27.32 50.66 -35.36
CA GLY C 301 -27.42 49.20 -35.45
C GLY C 301 -26.08 48.47 -35.42
N GLN C 302 -24.98 49.20 -35.16
CA GLN C 302 -23.67 48.55 -35.12
C GLN C 302 -23.51 47.80 -33.82
N GLN C 303 -23.27 46.47 -33.90
CA GLN C 303 -23.04 45.66 -32.70
C GLN C 303 -21.73 46.10 -32.00
N LEU C 304 -21.83 46.35 -30.69
CA LEU C 304 -20.68 46.74 -29.91
C LEU C 304 -19.88 45.46 -29.46
N PRO C 305 -18.63 45.57 -28.94
CA PRO C 305 -17.79 46.77 -28.79
C PRO C 305 -17.25 47.24 -30.13
N TYR C 306 -16.74 48.49 -30.19
CA TYR C 306 -16.10 48.95 -31.41
C TYR C 306 -14.68 48.32 -31.46
N LEU C 307 -13.98 48.30 -30.31
CA LEU C 307 -12.63 47.70 -30.18
C LEU C 307 -12.72 46.18 -30.32
N ASN C 308 -11.85 45.58 -31.14
CA ASN C 308 -11.88 44.13 -31.36
C ASN C 308 -11.20 43.31 -30.26
N GLU C 309 -10.20 43.92 -29.56
CA GLU C 309 -9.35 43.16 -28.66
C GLU C 309 -8.99 44.03 -27.48
N VAL C 310 -8.74 43.38 -26.33
CA VAL C 310 -8.33 44.02 -25.08
C VAL C 310 -7.17 43.19 -24.53
N HIS C 311 -6.16 43.87 -23.95
CA HIS C 311 -5.05 43.19 -23.32
C HIS C 311 -5.00 43.62 -21.88
N TYR C 312 -4.57 42.71 -21.00
CA TYR C 312 -4.25 43.04 -19.61
C TYR C 312 -2.85 42.52 -19.40
N LYS C 313 -1.89 43.46 -19.41
CA LYS C 313 -0.50 43.12 -19.20
C LYS C 313 -0.37 42.94 -17.69
N LEU C 314 0.16 41.79 -17.30
CA LEU C 314 0.35 41.46 -15.90
C LEU C 314 1.69 42.00 -15.41
N SER C 315 1.62 43.09 -14.67
CA SER C 315 2.79 43.84 -14.24
C SER C 315 2.58 44.35 -12.81
N THR C 316 2.89 45.63 -12.54
CA THR C 316 2.65 46.27 -11.23
C THR C 316 1.66 47.45 -11.41
N TRP C 317 1.01 47.91 -10.31
CA TRP C 317 0.12 49.07 -10.38
C TRP C 317 0.90 50.35 -10.73
N ALA C 318 2.17 50.51 -10.24
CA ALA C 318 3.01 51.69 -10.59
C ALA C 318 3.38 51.65 -12.08
N ASP C 319 3.61 50.44 -12.63
CA ASP C 319 3.93 50.30 -14.06
C ASP C 319 2.76 50.72 -14.96
N ARG C 320 1.51 50.62 -14.48
CA ARG C 320 0.34 51.07 -15.26
C ARG C 320 0.47 52.55 -15.59
N ASP C 321 0.88 53.39 -14.60
CA ASP C 321 1.07 54.83 -14.82
C ASP C 321 2.20 55.07 -15.81
N VAL C 322 3.31 54.34 -15.64
CA VAL C 322 4.52 54.45 -16.47
C VAL C 322 4.15 54.14 -17.92
N GLN C 323 3.50 53.00 -18.17
CA GLN C 323 3.10 52.56 -19.51
C GLN C 323 2.09 53.50 -20.16
N ALA C 324 1.10 54.02 -19.37
CA ALA C 324 0.11 54.94 -19.93
C ALA C 324 0.73 56.25 -20.42
N VAL C 325 1.62 56.89 -19.62
CA VAL C 325 2.26 58.13 -20.08
C VAL C 325 3.32 57.84 -21.19
N ALA C 326 3.90 56.62 -21.27
CA ALA C 326 4.87 56.25 -22.34
C ALA C 326 4.14 55.91 -23.64
N GLY C 327 2.89 55.48 -23.53
CA GLY C 327 2.08 55.13 -24.68
C GLY C 327 1.96 53.66 -25.03
N SER C 328 2.51 52.75 -24.20
CA SER C 328 2.42 51.30 -24.43
C SER C 328 1.18 50.70 -23.72
N GLY C 329 0.68 51.42 -22.74
CA GLY C 329 -0.58 51.15 -22.04
C GLY C 329 -1.53 52.26 -22.44
N ASP C 330 -2.84 51.99 -22.51
CA ASP C 330 -3.81 52.98 -22.98
C ASP C 330 -4.63 53.68 -21.91
N PHE C 331 -4.52 53.19 -20.68
CA PHE C 331 -5.36 53.70 -19.60
C PHE C 331 -4.66 53.53 -18.28
N SER C 332 -4.87 54.51 -17.39
CA SER C 332 -4.43 54.39 -15.99
C SER C 332 -5.28 55.28 -15.08
N ASN C 333 -5.51 54.81 -13.85
CA ASN C 333 -6.05 55.61 -12.77
C ASN C 333 -4.81 55.99 -11.96
N LEU C 334 -4.38 57.23 -12.12
CA LEU C 334 -3.23 57.77 -11.40
C LEU C 334 -3.73 58.05 -10.00
N GLU C 335 -3.46 57.12 -9.11
CA GLU C 335 -4.03 57.11 -7.75
C GLU C 335 -3.01 56.94 -6.63
N GLN C 336 -1.71 56.90 -6.99
CA GLN C 336 -0.63 56.82 -6.01
C GLN C 336 0.16 58.13 -6.02
N PRO C 337 0.09 58.95 -4.94
CA PRO C 337 0.75 60.27 -4.95
C PRO C 337 2.23 60.25 -5.29
N GLU C 338 2.90 59.15 -4.98
CA GLU C 338 4.33 58.93 -5.28
C GLU C 338 4.62 58.96 -6.77
N ASN C 339 3.58 58.76 -7.62
CA ASN C 339 3.71 58.77 -9.06
C ASN C 339 3.19 60.05 -9.72
N PHE C 340 2.63 60.99 -8.92
CA PHE C 340 2.03 62.22 -9.48
C PHE C 340 3.00 63.12 -10.24
N VAL C 341 4.14 63.45 -9.60
CA VAL C 341 5.12 64.38 -10.17
C VAL C 341 5.71 63.83 -11.48
N ALA C 342 6.18 62.57 -11.50
CA ALA C 342 6.74 61.97 -12.71
C ALA C 342 5.72 61.92 -13.87
N SER C 343 4.45 61.59 -13.55
CA SER C 343 3.38 61.52 -14.55
C SER C 343 3.06 62.92 -15.09
N LEU C 344 2.97 63.94 -14.19
CA LEU C 344 2.70 65.34 -14.59
C LEU C 344 3.79 65.90 -15.46
N LYS C 345 5.06 65.54 -15.15
CA LYS C 345 6.21 65.96 -15.95
C LYS C 345 6.09 65.39 -17.37
N ARG C 346 5.76 64.09 -17.47
CA ARG C 346 5.61 63.44 -18.79
C ARG C 346 4.43 64.03 -19.59
N ALA C 347 3.32 64.34 -18.88
CA ALA C 347 2.09 64.91 -19.45
C ALA C 347 2.26 66.36 -19.92
N ALA C 348 3.28 67.06 -19.38
CA ALA C 348 3.61 68.45 -19.73
C ALA C 348 4.15 68.58 -21.17
N ASP C 349 4.61 67.47 -21.77
CA ASP C 349 5.12 67.47 -23.13
C ASP C 349 3.91 67.45 -24.10
N PRO C 350 3.75 68.43 -25.02
CA PRO C 350 2.61 68.39 -25.95
C PRO C 350 2.60 67.17 -26.88
N ASN C 351 3.77 66.53 -27.09
CA ASN C 351 3.90 65.32 -27.90
C ASN C 351 3.53 64.06 -27.08
N ALA C 352 3.12 64.22 -25.78
CA ALA C 352 2.75 63.09 -24.92
C ALA C 352 1.62 62.25 -25.61
N PRO C 353 1.70 60.91 -25.56
CA PRO C 353 0.65 60.10 -26.21
C PRO C 353 -0.66 60.07 -25.42
N ALA C 354 -0.64 60.53 -24.17
CA ALA C 354 -1.84 60.47 -23.34
C ALA C 354 -2.15 61.79 -22.66
N ARG C 355 -3.43 61.95 -22.30
CA ARG C 355 -4.01 63.10 -21.63
C ARG C 355 -4.25 62.70 -20.17
N LEU C 356 -3.97 63.63 -19.25
CA LEU C 356 -4.12 63.43 -17.81
C LEU C 356 -5.10 64.49 -17.25
N ALA C 357 -6.04 64.09 -16.40
CA ALA C 357 -6.98 65.06 -15.81
C ALA C 357 -7.37 64.70 -14.37
N PHE C 358 -7.01 65.54 -13.39
CA PHE C 358 -7.40 65.30 -11.98
C PHE C 358 -8.87 65.61 -11.74
N GLY C 359 -9.47 64.93 -10.78
CA GLY C 359 -10.87 65.12 -10.39
C GLY C 359 -10.98 65.63 -8.96
N PRO C 360 -12.16 65.49 -8.31
CA PRO C 360 -12.25 65.90 -6.88
C PRO C 360 -11.49 64.95 -5.95
N ARG C 361 -11.32 65.32 -4.66
CA ARG C 361 -10.60 64.48 -3.69
C ARG C 361 -11.50 63.34 -3.26
N LEU C 362 -11.45 62.22 -3.99
CA LEU C 362 -12.27 61.07 -3.68
C LEU C 362 -11.45 59.83 -3.33
N ILE C 363 -10.12 59.95 -3.27
CA ILE C 363 -9.26 58.82 -2.89
C ILE C 363 -8.89 59.05 -1.44
N GLY C 364 -9.30 58.11 -0.58
CA GLY C 364 -9.01 58.22 0.85
C GLY C 364 -8.50 56.92 1.42
N TYR C 365 -7.73 57.02 2.51
CA TYR C 365 -7.21 55.84 3.23
C TYR C 365 -7.62 55.91 4.68
N ASN C 366 -7.99 54.76 5.23
CA ASN C 366 -8.30 54.65 6.64
C ASN C 366 -7.51 53.52 7.28
N LEU C 367 -7.25 53.69 8.56
CA LEU C 367 -6.77 52.66 9.46
C LEU C 367 -8.10 52.08 10.00
N GLN C 368 -8.31 50.79 9.80
CA GLN C 368 -9.50 50.07 10.28
C GLN C 368 -9.04 49.12 11.36
N MET C 369 -9.75 49.15 12.49
CA MET C 369 -9.48 48.31 13.65
C MET C 369 -10.56 47.25 13.71
N ASN C 370 -10.17 46.01 14.00
CA ASN C 370 -11.13 44.91 14.13
C ASN C 370 -11.90 45.10 15.47
N PHE C 371 -13.22 45.37 15.37
CA PHE C 371 -14.09 45.57 16.54
C PHE C 371 -14.78 44.31 17.08
N SER C 372 -14.56 43.15 16.46
CA SER C 372 -15.22 41.95 16.93
C SER C 372 -14.55 41.40 18.19
N ALA C 373 -15.27 41.31 19.31
CA ALA C 373 -14.73 40.69 20.53
C ALA C 373 -15.42 39.35 20.75
N ASN C 374 -16.24 38.91 19.77
CA ASN C 374 -16.97 37.64 19.86
C ASN C 374 -16.50 36.54 18.89
N GLY C 375 -15.22 36.60 18.47
CA GLY C 375 -14.63 35.51 17.70
C GLY C 375 -14.40 35.62 16.21
N TRP C 376 -14.67 36.78 15.57
CA TRP C 376 -14.41 36.89 14.14
C TRP C 376 -12.90 36.72 13.91
N GLY C 377 -12.55 35.72 13.09
CA GLY C 377 -11.17 35.39 12.77
C GLY C 377 -10.52 34.47 13.79
N ASN C 378 -11.32 33.98 14.76
CA ASN C 378 -10.90 33.07 15.82
C ASN C 378 -9.56 33.52 16.47
N PRO C 379 -9.48 34.75 17.04
CA PRO C 379 -8.20 35.22 17.59
C PRO C 379 -7.69 34.42 18.77
N ASP C 380 -6.35 34.40 18.93
CA ASP C 380 -5.71 33.78 20.09
C ASP C 380 -5.80 34.82 21.25
N GLU C 381 -5.18 34.53 22.40
CA GLU C 381 -5.18 35.41 23.56
C GLU C 381 -4.63 36.82 23.22
N ARG C 382 -3.53 36.88 22.44
CA ARG C 382 -2.93 38.14 21.99
C ARG C 382 -3.92 38.95 21.14
N GLY C 383 -4.50 38.30 20.13
CA GLY C 383 -5.49 38.90 19.24
C GLY C 383 -6.68 39.45 19.99
N GLN C 384 -7.24 38.65 20.91
CA GLN C 384 -8.40 39.04 21.73
C GLN C 384 -8.13 40.30 22.58
N ALA C 385 -6.92 40.42 23.18
CA ALA C 385 -6.56 41.59 24.00
C ALA C 385 -6.53 42.86 23.12
N ILE C 386 -6.07 42.73 21.85
CA ILE C 386 -6.09 43.85 20.88
C ILE C 386 -7.53 44.26 20.55
N ARG C 387 -8.44 43.28 20.36
CA ARG C 387 -9.86 43.56 20.06
C ARG C 387 -10.48 44.37 21.20
N GLU C 388 -10.16 44.01 22.46
CA GLU C 388 -10.63 44.71 23.65
C GLU C 388 -10.08 46.14 23.67
N LEU C 389 -8.78 46.34 23.30
CA LEU C 389 -8.17 47.67 23.18
C LEU C 389 -8.87 48.50 22.05
N ASN C 390 -9.11 47.89 20.86
CA ASN C 390 -9.79 48.55 19.72
C ASN C 390 -11.18 49.06 20.07
N ARG C 391 -11.91 48.28 20.87
CA ARG C 391 -13.26 48.64 21.31
C ARG C 391 -13.30 49.73 22.39
N ASN C 392 -12.14 50.06 22.96
CA ASN C 392 -12.05 51.05 24.03
C ASN C 392 -11.92 52.42 23.37
N GLU C 393 -12.92 53.30 23.57
CA GLU C 393 -12.93 54.62 22.91
C GLU C 393 -11.71 55.49 23.25
N VAL C 394 -11.17 55.39 24.49
CA VAL C 394 -9.99 56.16 24.93
C VAL C 394 -8.76 55.72 24.11
N PHE C 395 -8.63 54.41 23.88
CA PHE C 395 -7.55 53.86 23.04
C PHE C 395 -7.64 54.44 21.61
N ARG C 396 -8.87 54.45 21.00
CA ARG C 396 -9.05 54.99 19.65
C ARG C 396 -8.72 56.47 19.56
N GLN C 397 -9.15 57.25 20.57
CA GLN C 397 -8.88 58.68 20.67
C GLN C 397 -7.38 58.93 20.75
N ALA C 398 -6.64 58.09 21.49
CA ALA C 398 -5.19 58.21 21.62
C ALA C 398 -4.50 57.95 20.26
N VAL C 399 -4.89 56.87 19.58
CA VAL C 399 -4.35 56.49 18.26
C VAL C 399 -4.52 57.64 17.25
N THR C 400 -5.75 58.15 17.11
CA THR C 400 -6.02 59.22 16.14
C THR C 400 -5.30 60.53 16.50
N SER C 401 -5.17 60.83 17.79
CA SER C 401 -4.52 62.06 18.26
C SER C 401 -3.00 62.00 18.12
N ALA C 402 -2.43 60.79 18.07
CA ALA C 402 -0.99 60.58 17.90
C ALA C 402 -0.56 60.74 16.43
N LEU C 403 -1.53 60.89 15.50
CA LEU C 403 -1.22 61.05 14.08
C LEU C 403 -1.02 62.48 13.68
N ASP C 404 0.15 62.78 13.10
CA ASP C 404 0.44 64.12 12.59
C ASP C 404 0.01 64.02 11.13
N ARG C 405 -1.26 64.36 10.86
CA ARG C 405 -1.87 64.23 9.54
C ARG C 405 -1.22 65.11 8.46
N LYS C 406 -0.68 66.28 8.85
CA LYS C 406 0.03 67.14 7.90
C LYS C 406 1.27 66.40 7.37
N ALA C 407 2.03 65.73 8.29
CA ALA C 407 3.23 64.93 7.96
C ALA C 407 2.87 63.71 7.09
N ILE C 408 1.71 63.08 7.35
CA ILE C 408 1.25 61.94 6.54
C ILE C 408 1.07 62.40 5.09
N GLY C 409 0.29 63.47 4.89
CA GLY C 409 0.05 64.05 3.57
C GLY C 409 1.35 64.38 2.86
N ASP C 410 2.26 65.10 3.55
CA ASP C 410 3.58 65.51 3.01
C ASP C 410 4.49 64.33 2.64
N SER C 411 4.34 63.19 3.33
CA SER C 411 5.13 61.99 3.07
C SER C 411 4.73 61.35 1.72
N LEU C 412 3.51 61.63 1.24
CA LEU C 412 3.05 61.08 -0.03
C LEU C 412 3.41 61.98 -1.21
N VAL C 413 3.03 63.26 -1.13
CA VAL C 413 3.30 64.28 -2.17
C VAL C 413 3.07 65.67 -1.55
N LYS C 414 3.93 66.64 -1.88
CA LYS C 414 3.75 68.02 -1.39
C LYS C 414 2.83 68.73 -2.39
N GLY C 415 2.48 69.98 -2.10
CA GLY C 415 1.57 70.72 -2.97
C GLY C 415 0.11 70.68 -2.51
N PRO C 416 -0.83 71.05 -3.39
CA PRO C 416 -2.24 71.14 -2.96
C PRO C 416 -3.08 69.85 -3.00
N PHE C 417 -2.46 68.70 -3.25
CA PHE C 417 -3.18 67.44 -3.45
C PHE C 417 -3.87 66.92 -2.19
N THR C 418 -3.10 66.65 -1.14
CA THR C 418 -3.63 66.04 0.09
C THR C 418 -4.47 67.02 0.93
N ALA C 419 -5.40 66.45 1.71
CA ALA C 419 -6.24 67.18 2.62
C ALA C 419 -6.24 66.46 3.97
N ILE C 420 -6.36 67.21 5.09
CA ILE C 420 -6.44 66.62 6.42
C ILE C 420 -7.72 65.78 6.43
N TYR C 421 -7.58 64.50 6.75
CA TYR C 421 -8.69 63.57 6.69
C TYR C 421 -8.88 62.80 8.01
N PRO C 422 -9.85 63.20 8.86
CA PRO C 422 -10.05 62.50 10.15
C PRO C 422 -10.65 61.11 10.00
N GLY C 423 -11.31 60.91 8.87
CA GLY C 423 -12.03 59.69 8.50
C GLY C 423 -13.42 60.07 8.01
N GLY C 424 -14.22 59.05 7.68
CA GLY C 424 -15.59 59.21 7.25
C GLY C 424 -15.74 59.58 5.79
N ILE C 425 -16.87 60.20 5.46
CA ILE C 425 -17.22 60.61 4.11
C ILE C 425 -16.13 61.51 3.51
N SER C 426 -15.75 61.22 2.28
CA SER C 426 -14.74 61.99 1.54
C SER C 426 -15.15 63.45 1.38
N SER C 427 -14.19 64.41 1.55
CA SER C 427 -14.51 65.86 1.38
C SER C 427 -14.95 66.22 -0.05
N GLY C 428 -14.69 65.34 -1.01
CA GLY C 428 -15.03 65.58 -2.42
C GLY C 428 -16.42 65.17 -2.84
N THR C 429 -17.23 64.59 -1.92
CA THR C 429 -18.58 64.17 -2.31
C THR C 429 -19.62 65.20 -1.79
N SER C 430 -20.72 65.39 -2.52
CA SER C 430 -21.80 66.34 -2.16
C SER C 430 -22.42 66.12 -0.76
N PHE C 431 -22.46 64.88 -0.26
CA PHE C 431 -23.03 64.56 1.07
C PHE C 431 -22.08 64.99 2.22
N TYR C 432 -20.83 65.37 1.90
CA TYR C 432 -19.86 65.78 2.92
C TYR C 432 -20.27 67.08 3.60
N ASP C 433 -20.09 67.14 4.92
CA ASP C 433 -20.32 68.36 5.69
C ASP C 433 -19.15 68.58 6.63
N ARG C 434 -18.31 69.61 6.35
CA ARG C 434 -17.14 69.94 7.17
C ARG C 434 -17.48 70.16 8.64
N ALA C 435 -18.57 70.90 8.91
CA ALA C 435 -19.04 71.23 10.27
C ALA C 435 -19.43 69.97 11.06
N SER C 436 -19.80 68.87 10.34
CA SER C 436 -20.21 67.60 10.96
C SER C 436 -19.00 66.65 11.12
N THR C 437 -17.81 67.09 10.67
CA THR C 437 -16.61 66.24 10.72
C THR C 437 -15.79 66.54 11.97
N VAL C 438 -15.65 65.54 12.86
CA VAL C 438 -14.88 65.70 14.10
C VAL C 438 -13.37 65.49 13.80
N TYR C 439 -12.55 66.50 14.07
CA TYR C 439 -11.11 66.45 13.86
C TYR C 439 -10.41 66.38 15.21
N TYR C 440 -9.58 65.33 15.42
CA TYR C 440 -8.75 65.19 16.62
C TYR C 440 -7.37 65.68 16.16
N PRO C 441 -6.95 66.89 16.59
CA PRO C 441 -5.66 67.41 16.12
C PRO C 441 -4.48 66.64 16.68
N PHE C 442 -3.28 66.84 16.11
CA PHE C 442 -2.06 66.18 16.58
C PHE C 442 -1.74 66.60 18.03
N ASN C 443 -1.84 65.64 18.96
CA ASN C 443 -1.62 65.86 20.37
C ASN C 443 -1.01 64.59 20.99
N LEU C 444 0.31 64.41 20.77
CA LEU C 444 1.04 63.25 21.24
C LEU C 444 1.05 63.11 22.78
N GLU C 445 1.21 64.24 23.50
CA GLU C 445 1.21 64.25 24.96
C GLU C 445 -0.13 63.77 25.53
N GLY C 446 -1.23 64.27 24.98
CA GLY C 446 -2.58 63.85 25.38
C GLY C 446 -2.82 62.40 25.05
N ALA C 447 -2.30 61.95 23.90
CA ALA C 447 -2.41 60.56 23.44
C ALA C 447 -1.68 59.63 24.41
N LYS C 448 -0.46 60.04 24.87
CA LYS C 448 0.34 59.29 25.85
C LYS C 448 -0.37 59.18 27.19
N ALA C 449 -0.98 60.29 27.67
CA ALA C 449 -1.73 60.30 28.95
C ALA C 449 -2.97 59.40 28.85
N ALA C 450 -3.65 59.41 27.66
CA ALA C 450 -4.84 58.60 27.39
C ALA C 450 -4.53 57.10 27.51
N LEU C 451 -3.38 56.65 26.97
CA LEU C 451 -2.99 55.24 27.08
C LEU C 451 -2.60 54.85 28.51
N ALA C 452 -1.94 55.78 29.23
CA ALA C 452 -1.58 55.57 30.64
C ALA C 452 -2.87 55.36 31.48
N SER C 453 -3.94 56.12 31.15
CA SER C 453 -5.22 56.08 31.87
C SER C 453 -5.95 54.74 31.73
N ILE C 454 -5.67 53.96 30.67
CA ILE C 454 -6.33 52.66 30.47
C ILE C 454 -5.41 51.48 30.90
N GLY C 455 -4.36 51.80 31.66
CA GLY C 455 -3.46 50.81 32.24
C GLY C 455 -2.27 50.33 31.44
N LEU C 456 -1.94 51.06 30.36
CA LEU C 456 -0.80 50.72 29.54
C LEU C 456 0.42 51.52 30.00
N LYS C 457 1.52 50.81 30.33
CA LYS C 457 2.78 51.43 30.75
C LYS C 457 4.00 50.56 30.41
N ASP C 458 5.14 51.18 30.09
CA ASP C 458 6.38 50.49 29.75
C ASP C 458 7.07 50.05 31.05
N THR C 459 6.98 48.74 31.35
CA THR C 459 7.50 48.16 32.60
C THR C 459 8.89 47.46 32.46
N ASP C 460 9.40 47.25 31.23
CA ASP C 460 10.70 46.61 31.03
C ASP C 460 11.77 47.59 30.49
N GLY C 461 11.36 48.81 30.16
CA GLY C 461 12.23 49.91 29.73
C GLY C 461 12.74 49.96 28.30
N ASP C 462 12.10 49.23 27.36
CA ASP C 462 12.52 49.25 25.95
C ASP C 462 11.91 50.43 25.16
N GLY C 463 10.99 51.16 25.81
CA GLY C 463 10.29 52.29 25.19
C GLY C 463 8.94 51.96 24.61
N PHE C 464 8.50 50.69 24.73
CA PHE C 464 7.19 50.24 24.23
C PHE C 464 6.31 49.91 25.42
N LEU C 465 5.01 50.22 25.33
CA LEU C 465 4.06 49.99 26.43
C LEU C 465 3.71 48.52 26.63
N ASN C 466 3.62 48.10 27.89
CA ASN C 466 3.23 46.73 28.26
C ASN C 466 1.79 46.70 28.71
N PHE C 467 1.16 45.53 28.58
CA PHE C 467 -0.18 45.26 29.07
C PHE C 467 -0.04 45.12 30.60
N PRO C 468 -1.10 45.35 31.41
CA PRO C 468 -0.95 45.11 32.86
C PRO C 468 -0.64 43.61 33.12
N LYS C 469 0.02 43.27 34.24
CA LYS C 469 0.44 41.89 34.60
C LYS C 469 -0.66 40.81 34.41
N GLU C 470 -1.96 41.19 34.54
CA GLU C 470 -3.12 40.30 34.39
C GLU C 470 -3.28 39.80 32.96
N THR C 471 -3.04 40.69 31.97
CA THR C 471 -3.15 40.41 30.53
C THR C 471 -1.80 40.07 29.91
N LEU C 472 -1.72 38.86 29.32
CA LEU C 472 -0.61 38.28 28.56
C LEU C 472 0.75 38.33 29.27
N GLY C 473 0.74 38.04 30.57
CA GLY C 473 1.93 38.03 31.43
C GLY C 473 2.69 39.35 31.46
N GLY C 474 1.95 40.46 31.26
CA GLY C 474 2.50 41.81 31.24
C GLY C 474 3.45 42.06 30.07
N ARG C 475 3.26 41.29 28.99
CA ARG C 475 4.04 41.35 27.75
C ARG C 475 3.82 42.70 27.08
N ASN C 476 4.78 43.12 26.25
CA ASN C 476 4.73 44.34 25.47
C ASN C 476 3.58 44.26 24.46
N VAL C 477 2.79 45.35 24.35
CA VAL C 477 1.69 45.44 23.37
C VAL C 477 2.26 45.26 21.95
N GLU C 478 1.69 44.35 21.19
CA GLU C 478 2.12 44.12 19.82
C GLU C 478 0.87 44.04 18.93
N ILE C 479 0.80 44.94 17.94
CA ILE C 479 -0.34 45.02 17.03
C ILE C 479 0.11 44.68 15.60
N THR C 480 -0.64 43.82 14.91
CA THR C 480 -0.37 43.49 13.51
C THR C 480 -1.14 44.44 12.59
N LEU C 481 -0.51 44.84 11.49
CA LEU C 481 -1.10 45.77 10.53
C LEU C 481 -1.13 45.14 9.14
N LEU C 482 -2.33 44.78 8.67
CA LEU C 482 -2.51 44.13 7.38
C LEU C 482 -2.49 45.16 6.25
N VAL C 483 -1.59 44.95 5.28
CA VAL C 483 -1.38 45.89 4.16
C VAL C 483 -1.40 45.14 2.83
N ASN C 484 -1.93 45.78 1.81
CA ASN C 484 -1.94 45.28 0.44
C ASN C 484 -0.51 45.58 -0.12
N ASN C 485 0.26 44.52 -0.42
CA ASN C 485 1.65 44.69 -0.90
C ASN C 485 1.79 45.24 -2.32
N GLY C 486 0.67 45.39 -3.02
CA GLY C 486 0.69 45.83 -4.42
C GLY C 486 0.86 47.30 -4.65
N TYR C 487 0.76 48.13 -3.60
CA TYR C 487 0.79 49.57 -3.77
C TYR C 487 1.84 50.25 -2.91
N ALA C 488 2.59 51.17 -3.51
CA ALA C 488 3.59 51.97 -2.84
C ALA C 488 2.92 52.86 -1.77
N THR C 489 1.71 53.42 -2.08
CA THR C 489 0.95 54.28 -1.17
C THR C 489 0.60 53.54 0.12
N ASP C 490 0.01 52.33 -0.03
CA ASP C 490 -0.37 51.50 1.14
C ASP C 490 0.83 51.22 2.04
N LYS C 491 1.96 50.83 1.42
CA LYS C 491 3.20 50.50 2.12
C LYS C 491 3.80 51.73 2.84
N SER C 492 3.80 52.91 2.17
CA SER C 492 4.31 54.15 2.72
C SER C 492 3.44 54.59 3.93
N LEU C 493 2.10 54.48 3.80
CA LEU C 493 1.19 54.82 4.91
C LEU C 493 1.40 53.88 6.10
N ALA C 494 1.57 52.58 5.81
CA ALA C 494 1.84 51.56 6.85
C ALA C 494 3.14 51.87 7.60
N GLU C 495 4.22 52.15 6.86
CA GLU C 495 5.52 52.50 7.43
C GLU C 495 5.43 53.76 8.32
N GLY C 496 4.71 54.79 7.83
CA GLY C 496 4.52 56.02 8.58
C GLY C 496 3.71 55.81 9.84
N LEU C 497 2.68 54.96 9.76
CA LEU C 497 1.84 54.62 10.91
C LEU C 497 2.67 53.89 11.99
N VAL C 498 3.56 52.95 11.57
CA VAL C 498 4.46 52.21 12.49
C VAL C 498 5.35 53.22 13.25
N GLY C 499 5.91 54.19 12.54
CA GLY C 499 6.76 55.23 13.12
C GLY C 499 6.02 56.10 14.11
N GLN C 500 4.82 56.60 13.75
CA GLN C 500 4.00 57.45 14.62
C GLN C 500 3.57 56.70 15.87
N MET C 501 3.15 55.42 15.72
CA MET C 501 2.75 54.56 16.86
C MET C 501 3.90 54.28 17.81
N ALA C 502 5.15 54.12 17.28
CA ALA C 502 6.34 53.90 18.08
C ALA C 502 6.57 55.11 19.01
N LYS C 503 6.31 56.35 18.53
CA LYS C 503 6.45 57.58 19.33
C LYS C 503 5.41 57.60 20.46
N LEU C 504 4.22 57.06 20.20
CA LEU C 504 3.13 56.91 21.17
C LEU C 504 3.44 55.79 22.17
N GLY C 505 4.31 54.86 21.76
CA GLY C 505 4.71 53.72 22.58
C GLY C 505 4.07 52.38 22.22
N LEU C 506 3.48 52.27 21.02
CA LEU C 506 2.83 51.04 20.56
C LEU C 506 3.64 50.31 19.48
N ARG C 507 4.00 49.02 19.72
CA ARG C 507 4.75 48.28 18.71
C ARG C 507 3.79 47.74 17.63
N VAL C 508 3.96 48.22 16.40
CA VAL C 508 3.15 47.79 15.25
C VAL C 508 4.01 46.98 14.26
N VAL C 509 3.51 45.83 13.84
CA VAL C 509 4.21 44.94 12.92
C VAL C 509 3.42 44.78 11.62
N ILE C 510 4.06 45.10 10.50
CA ILE C 510 3.40 45.01 9.20
C ILE C 510 3.23 43.53 8.72
N HIS C 511 2.04 43.19 8.20
CA HIS C 511 1.66 41.91 7.58
C HIS C 511 1.31 42.31 6.13
N SER C 512 2.32 42.29 5.25
CA SER C 512 2.14 42.69 3.87
C SER C 512 1.82 41.45 3.04
N LEU C 513 0.70 41.48 2.35
CA LEU C 513 0.25 40.31 1.57
C LEU C 513 -0.23 40.71 0.19
N ASP C 514 -0.15 39.78 -0.78
CA ASP C 514 -0.71 40.05 -2.12
C ASP C 514 -2.22 40.16 -1.94
N SER C 515 -2.87 40.86 -2.88
CA SER C 515 -4.30 41.16 -2.88
C SER C 515 -5.22 39.99 -2.44
N ASN C 516 -5.08 38.80 -3.06
CA ASN C 516 -5.93 37.68 -2.72
C ASN C 516 -5.77 37.19 -1.28
N GLN C 517 -4.51 37.04 -0.80
CA GLN C 517 -4.24 36.64 0.58
C GLN C 517 -4.70 37.73 1.54
N ARG C 518 -4.51 39.01 1.18
CA ARG C 518 -4.94 40.17 1.98
C ARG C 518 -6.47 40.13 2.17
N ASP C 519 -7.21 39.86 1.08
CA ASP C 519 -8.67 39.76 1.11
C ASP C 519 -9.14 38.62 2.01
N ALA C 520 -8.52 37.43 1.88
CA ALA C 520 -8.82 36.27 2.71
C ALA C 520 -8.62 36.57 4.20
N ALA C 521 -7.51 37.25 4.54
CA ALA C 521 -7.22 37.63 5.92
C ALA C 521 -8.22 38.68 6.42
N HIS C 522 -8.54 39.70 5.59
CA HIS C 522 -9.49 40.74 5.97
C HIS C 522 -10.91 40.20 6.20
N TYR C 523 -11.51 39.60 5.16
CA TYR C 523 -12.89 39.13 5.19
C TYR C 523 -13.05 37.98 6.16
N GLY C 524 -11.99 37.22 6.39
CA GLY C 524 -12.00 36.16 7.40
C GLY C 524 -11.79 36.66 8.83
N GLY C 525 -11.55 37.98 9.02
CA GLY C 525 -11.33 38.61 10.32
C GLY C 525 -10.00 38.31 11.01
N GLN C 526 -9.02 37.81 10.23
CA GLN C 526 -7.70 37.45 10.75
C GLN C 526 -6.77 38.69 10.72
N PHE C 527 -7.15 39.74 11.47
CA PHE C 527 -6.38 40.96 11.57
C PHE C 527 -6.65 41.69 12.87
N ASP C 528 -5.69 42.51 13.32
CA ASP C 528 -5.83 43.39 14.45
C ASP C 528 -6.28 44.73 13.84
N TRP C 529 -5.37 45.32 13.01
CA TRP C 529 -5.54 46.58 12.29
C TRP C 529 -5.23 46.33 10.83
N LEU C 530 -5.77 47.17 9.96
CA LEU C 530 -5.45 47.13 8.53
C LEU C 530 -5.46 48.53 7.94
N VAL C 531 -4.69 48.74 6.87
CA VAL C 531 -4.64 50.00 6.10
C VAL C 531 -5.43 49.68 4.83
N ARG C 532 -6.38 50.54 4.44
CA ARG C 532 -7.21 50.23 3.28
C ARG C 532 -7.65 51.50 2.59
N ARG C 533 -7.60 51.45 1.26
CA ARG C 533 -8.09 52.54 0.41
C ARG C 533 -9.64 52.44 0.48
N ASN C 534 -10.33 53.57 0.61
CA ASN C 534 -11.80 53.63 0.72
C ASN C 534 -12.51 53.01 -0.47
N SER C 535 -13.64 52.33 -0.20
CA SER C 535 -14.54 51.79 -1.24
C SER C 535 -15.62 52.86 -1.53
N THR C 536 -16.54 52.54 -2.46
CA THR C 536 -17.53 53.47 -3.02
C THR C 536 -18.45 54.14 -2.03
N GLU C 537 -18.80 53.47 -0.90
CA GLU C 537 -19.72 54.08 0.05
C GLU C 537 -19.15 55.38 0.62
N LEU C 538 -17.81 55.50 0.75
CA LEU C 538 -17.27 56.75 1.31
C LEU C 538 -16.99 57.86 0.24
N SER C 539 -16.90 57.45 -1.04
CA SER C 539 -16.66 58.40 -2.13
C SER C 539 -17.96 58.82 -2.82
N SER C 540 -19.09 58.12 -2.56
CA SER C 540 -20.38 58.39 -3.21
C SER C 540 -21.57 58.28 -2.29
N VAL C 541 -21.48 57.50 -1.21
CA VAL C 541 -22.56 57.22 -0.21
C VAL C 541 -23.64 56.26 -0.80
N VAL C 542 -24.14 56.56 -1.98
CA VAL C 542 -25.25 55.86 -2.66
C VAL C 542 -24.88 54.48 -3.23
N GLN C 543 -23.58 54.22 -3.50
CA GLN C 543 -23.17 52.94 -4.06
C GLN C 543 -22.70 52.03 -2.93
N ASN C 544 -23.42 50.89 -2.73
CA ASN C 544 -23.16 49.92 -1.64
C ASN C 544 -23.22 50.61 -0.25
N THR C 545 -24.34 51.33 -0.02
CA THR C 545 -24.62 52.09 1.18
C THR C 545 -24.52 51.22 2.45
N GLU C 546 -24.85 49.93 2.33
CA GLU C 546 -24.80 48.96 3.43
C GLU C 546 -23.40 48.86 4.08
N GLN C 547 -22.33 49.20 3.31
CA GLN C 547 -20.96 49.18 3.79
C GLN C 547 -20.64 50.33 4.75
N LEU C 548 -21.55 51.30 4.88
CA LEU C 548 -21.36 52.43 5.83
C LEU C 548 -21.45 52.01 7.29
N ALA C 549 -22.08 50.86 7.57
CA ALA C 549 -22.27 50.48 8.97
C ALA C 549 -22.54 49.00 9.10
N PRO C 550 -22.48 48.43 10.32
CA PRO C 550 -22.86 47.01 10.47
C PRO C 550 -24.40 46.84 10.49
N VAL C 551 -25.05 47.04 9.32
CA VAL C 551 -26.51 46.90 9.17
C VAL C 551 -26.89 45.43 9.14
N GLY C 552 -25.94 44.61 8.68
CA GLY C 552 -26.04 43.16 8.61
C GLY C 552 -24.84 42.55 9.31
N PRO C 553 -24.83 41.22 9.57
CA PRO C 553 -23.67 40.60 10.26
C PRO C 553 -22.35 40.66 9.48
N ARG C 554 -22.39 40.89 8.16
CA ARG C 554 -21.17 40.93 7.33
C ARG C 554 -21.07 42.15 6.39
N THR C 555 -21.82 43.23 6.67
CA THR C 555 -21.81 44.42 5.80
C THR C 555 -20.67 45.40 6.13
N SER C 556 -20.22 45.42 7.40
CA SER C 556 -19.14 46.31 7.84
C SER C 556 -17.77 45.77 7.41
N TRP C 557 -16.83 46.67 7.02
CA TRP C 557 -15.46 46.23 6.72
C TRP C 557 -14.70 45.83 7.98
N ASN C 558 -15.04 46.39 9.17
CA ASN C 558 -14.22 46.11 10.33
C ASN C 558 -14.92 45.50 11.53
N HIS C 559 -16.21 45.18 11.37
CA HIS C 559 -16.97 44.57 12.44
C HIS C 559 -17.96 43.57 11.88
N ARG C 560 -17.52 42.31 11.79
CA ARG C 560 -18.38 41.24 11.30
C ARG C 560 -18.50 40.21 12.40
N SER C 561 -19.49 39.33 12.29
CA SER C 561 -19.66 38.28 13.29
C SER C 561 -19.25 36.94 12.68
N PRO C 562 -18.72 35.99 13.48
CA PRO C 562 -18.44 34.65 12.89
C PRO C 562 -19.78 33.97 12.57
N GLU C 563 -19.78 32.96 11.68
CA GLU C 563 -21.00 32.25 11.31
C GLU C 563 -21.70 31.66 12.54
N GLY C 564 -23.02 31.86 12.60
CA GLY C 564 -23.86 31.40 13.69
C GLY C 564 -23.90 32.29 14.91
N LYS C 565 -23.31 33.50 14.81
CA LYS C 565 -23.30 34.46 15.91
C LYS C 565 -23.82 35.81 15.47
N GLU C 566 -24.40 36.58 16.41
CA GLU C 566 -24.88 37.94 16.17
C GLU C 566 -23.74 38.90 16.45
N LEU C 567 -23.83 40.13 15.94
CA LEU C 567 -22.80 41.14 16.18
C LEU C 567 -22.81 41.57 17.65
N ASP C 568 -21.64 41.97 18.16
CA ASP C 568 -21.48 42.52 19.51
C ASP C 568 -21.24 44.05 19.33
N LEU C 569 -22.28 44.75 18.82
CA LEU C 569 -22.18 46.17 18.51
C LEU C 569 -22.05 47.08 19.72
N MET C 570 -21.22 48.11 19.59
CA MET C 570 -21.04 49.17 20.58
C MET C 570 -22.22 50.16 20.29
N PRO C 571 -22.73 50.93 21.29
CA PRO C 571 -23.90 51.80 21.04
C PRO C 571 -23.80 52.75 19.84
N PHE C 572 -22.65 53.39 19.61
CA PHE C 572 -22.51 54.29 18.45
C PHE C 572 -22.70 53.56 17.11
N GLU C 573 -22.28 52.27 17.04
CA GLU C 573 -22.42 51.46 15.81
C GLU C 573 -23.91 51.20 15.54
N LYS C 574 -24.71 50.94 16.60
CA LYS C 574 -26.16 50.76 16.47
C LYS C 574 -26.81 52.06 15.95
N GLU C 575 -26.33 53.22 16.44
CA GLU C 575 -26.80 54.54 15.95
C GLU C 575 -26.47 54.70 14.45
N MET C 576 -25.25 54.31 14.05
CA MET C 576 -24.80 54.40 12.67
C MET C 576 -25.65 53.50 11.76
N ALA C 577 -25.94 52.28 12.22
CA ALA C 577 -26.77 51.31 11.47
C ALA C 577 -28.21 51.84 11.30
N ASP C 578 -28.76 52.48 12.35
CA ASP C 578 -30.13 53.03 12.31
C ASP C 578 -30.21 54.16 11.28
N ILE C 579 -29.19 55.03 11.22
CA ILE C 579 -29.12 56.15 10.25
C ILE C 579 -29.08 55.58 8.83
N VAL C 580 -28.21 54.57 8.59
CA VAL C 580 -28.06 53.94 7.29
C VAL C 580 -29.40 53.29 6.82
N ARG C 581 -30.10 52.55 7.70
CA ARG C 581 -31.39 51.94 7.33
C ARG C 581 -32.45 53.02 6.98
N LYS C 582 -32.45 54.13 7.73
CA LYS C 582 -33.36 55.26 7.49
C LYS C 582 -33.05 55.90 6.12
N PHE C 583 -31.74 56.06 5.81
CA PHE C 583 -31.28 56.64 4.54
C PHE C 583 -31.77 55.79 3.37
N ILE C 584 -31.60 54.45 3.46
CA ILE C 584 -31.92 53.49 2.40
C ILE C 584 -33.37 53.56 1.91
N SER C 585 -34.31 53.75 2.82
CA SER C 585 -35.74 53.79 2.51
C SER C 585 -36.31 55.24 2.40
N SER C 586 -35.47 56.29 2.44
CA SER C 586 -35.91 57.68 2.31
C SER C 586 -35.85 58.13 0.86
N GLN C 587 -36.90 58.85 0.37
CA GLN C 587 -36.80 59.40 -0.99
C GLN C 587 -36.81 60.94 -0.91
N ASP C 588 -36.58 61.50 0.29
CA ASP C 588 -36.51 62.93 0.50
C ASP C 588 -35.06 63.40 0.49
N ASN C 589 -34.67 64.20 -0.51
CA ASN C 589 -33.29 64.68 -0.67
C ASN C 589 -32.75 65.47 0.53
N ALA C 590 -33.55 66.39 1.09
CA ALA C 590 -33.16 67.20 2.25
C ALA C 590 -32.94 66.29 3.47
N GLU C 591 -33.83 65.28 3.66
CA GLU C 591 -33.73 64.33 4.77
C GLU C 591 -32.41 63.54 4.63
N ARG C 592 -32.15 63.01 3.43
CA ARG C 592 -30.95 62.23 3.14
C ARG C 592 -29.66 63.01 3.39
N ALA C 593 -29.64 64.31 3.01
CA ALA C 593 -28.48 65.20 3.26
C ALA C 593 -28.26 65.36 4.78
N ASP C 594 -29.35 65.55 5.52
CA ASP C 594 -29.29 65.68 6.97
C ASP C 594 -28.82 64.40 7.66
N LEU C 595 -29.26 63.25 7.13
CA LEU C 595 -28.87 61.95 7.70
C LEU C 595 -27.38 61.71 7.55
N MET C 596 -26.83 62.16 6.42
CA MET C 596 -25.40 61.98 6.19
C MET C 596 -24.57 62.94 7.05
N LYS C 597 -25.15 64.08 7.48
CA LYS C 597 -24.49 64.99 8.43
C LYS C 597 -24.43 64.28 9.80
N GLN C 598 -25.57 63.67 10.21
CA GLN C 598 -25.67 62.90 11.47
C GLN C 598 -24.67 61.73 11.48
N TYR C 599 -24.64 60.96 10.36
CA TYR C 599 -23.77 59.82 10.15
C TYR C 599 -22.31 60.23 10.32
N GLN C 600 -21.91 61.32 9.64
CA GLN C 600 -20.54 61.83 9.67
C GLN C 600 -20.12 62.17 11.10
N LYS C 601 -21.00 62.84 11.84
CA LYS C 601 -20.76 63.25 13.22
C LYS C 601 -20.51 62.03 14.12
N VAL C 602 -21.42 61.04 14.09
CA VAL C 602 -21.30 59.82 14.89
C VAL C 602 -20.00 59.05 14.52
N TYR C 603 -19.76 58.85 13.21
CA TYR C 603 -18.58 58.15 12.68
C TYR C 603 -17.29 58.76 13.27
N THR C 604 -17.10 60.06 13.02
CA THR C 604 -15.86 60.76 13.34
C THR C 604 -15.70 61.04 14.84
N GLN C 605 -16.78 61.30 15.58
CA GLN C 605 -16.66 61.51 17.02
C GLN C 605 -16.16 60.20 17.70
N ASN C 606 -16.76 59.06 17.31
CA ASN C 606 -16.50 57.76 17.90
C ASN C 606 -15.37 56.96 17.27
N LEU C 607 -14.84 57.43 16.13
CA LEU C 607 -13.76 56.80 15.41
C LEU C 607 -14.10 55.37 14.95
N TYR C 608 -15.16 55.25 14.14
CA TYR C 608 -15.56 53.99 13.51
C TYR C 608 -14.35 53.43 12.72
N THR C 609 -13.59 54.34 12.07
CA THR C 609 -12.27 54.10 11.48
C THR C 609 -11.45 55.36 11.75
N ILE C 610 -10.15 55.34 11.43
CA ILE C 610 -9.27 56.49 11.67
C ILE C 610 -8.67 56.89 10.32
N GLY C 611 -9.04 58.09 9.84
CA GLY C 611 -8.57 58.59 8.55
C GLY C 611 -7.07 58.80 8.52
N LEU C 612 -6.44 58.46 7.39
CA LEU C 612 -5.00 58.68 7.25
C LEU C 612 -4.73 59.93 6.41
N THR C 613 -5.25 59.94 5.17
CA THR C 613 -5.14 61.07 4.24
C THR C 613 -6.15 60.88 3.12
N GLU C 614 -6.36 61.95 2.35
CA GLU C 614 -7.27 61.93 1.22
C GLU C 614 -6.69 62.87 0.18
N TYR C 615 -6.94 62.57 -1.11
CA TYR C 615 -6.37 63.35 -2.21
C TYR C 615 -7.11 63.03 -3.52
N PRO C 616 -6.90 63.79 -4.60
CA PRO C 616 -7.57 63.46 -5.86
C PRO C 616 -6.71 62.55 -6.72
N GLY C 617 -7.37 61.80 -7.59
CA GLY C 617 -6.69 60.96 -8.56
C GLY C 617 -6.87 61.55 -9.95
N ALA C 618 -6.13 61.05 -10.94
CA ALA C 618 -6.28 61.55 -12.32
C ALA C 618 -6.48 60.42 -13.32
N LEU C 619 -7.38 60.62 -14.26
CA LEU C 619 -7.62 59.65 -15.33
C LEU C 619 -6.59 59.93 -16.43
N ILE C 620 -5.86 58.89 -16.85
CA ILE C 620 -4.89 58.98 -17.96
C ILE C 620 -5.44 58.08 -19.09
N VAL C 621 -5.63 58.63 -20.28
CA VAL C 621 -6.14 57.84 -21.41
C VAL C 621 -5.35 58.23 -22.67
N ASN C 622 -4.98 57.23 -23.47
CA ASN C 622 -4.28 57.46 -24.72
C ASN C 622 -5.15 58.45 -25.58
N LYS C 623 -4.49 59.41 -26.22
CA LYS C 623 -5.14 60.44 -27.02
C LYS C 623 -5.90 59.92 -28.29
N ARG C 624 -5.56 58.73 -28.80
CA ARG C 624 -6.25 58.24 -30.00
C ARG C 624 -7.73 57.82 -29.75
N PHE C 625 -8.14 57.59 -28.47
CA PHE C 625 -9.50 57.15 -28.21
C PHE C 625 -10.52 58.26 -28.27
N SER C 626 -11.59 58.00 -29.00
CA SER C 626 -12.78 58.84 -29.07
C SER C 626 -13.82 58.26 -28.10
N ASN C 627 -14.82 59.09 -27.76
CA ASN C 627 -15.95 58.79 -26.86
C ASN C 627 -15.58 58.68 -25.38
N VAL C 628 -14.40 59.22 -24.96
CA VAL C 628 -14.07 59.26 -23.52
C VAL C 628 -14.84 60.46 -22.91
N PRO C 629 -15.77 60.29 -21.91
CA PRO C 629 -16.50 61.46 -21.37
C PRO C 629 -15.60 62.43 -20.63
N GLN C 630 -15.83 63.74 -20.84
CA GLN C 630 -15.10 64.82 -20.19
C GLN C 630 -15.38 64.77 -18.70
N GLY C 631 -14.34 65.02 -17.90
CA GLY C 631 -14.45 65.05 -16.45
C GLY C 631 -14.74 63.72 -15.76
N THR C 632 -14.54 62.58 -16.45
CA THR C 632 -14.75 61.30 -15.83
C THR C 632 -13.83 61.17 -14.59
N PRO C 633 -14.38 60.96 -13.37
CA PRO C 633 -13.51 60.79 -12.17
C PRO C 633 -12.94 59.38 -12.15
N ILE C 634 -11.75 59.19 -11.54
CA ILE C 634 -11.19 57.84 -11.49
C ILE C 634 -12.04 56.92 -10.60
N PHE C 635 -12.74 57.51 -9.61
CA PHE C 635 -13.53 56.70 -8.69
C PHE C 635 -14.63 57.50 -8.02
N MET C 636 -15.89 57.11 -8.28
CA MET C 636 -17.06 57.74 -7.69
C MET C 636 -18.12 56.67 -7.44
N PHE C 637 -18.94 56.29 -8.45
CA PHE C 637 -19.88 55.19 -8.31
C PHE C 637 -19.15 53.89 -8.50
N ASN C 638 -18.07 53.93 -9.31
CA ASN C 638 -17.16 52.79 -9.51
C ASN C 638 -15.90 53.37 -10.14
N TRP C 639 -14.94 52.50 -10.47
CA TRP C 639 -13.70 52.89 -11.14
C TRP C 639 -14.01 53.41 -12.54
N ALA C 640 -13.13 54.30 -13.06
CA ALA C 640 -13.28 54.87 -14.40
C ALA C 640 -13.35 53.81 -15.51
N GLU C 641 -12.76 52.59 -15.30
CA GLU C 641 -12.85 51.50 -16.31
C GLU C 641 -14.31 51.23 -16.65
N ASP C 642 -15.20 51.35 -15.65
CA ASP C 642 -16.63 51.14 -15.84
C ASP C 642 -17.27 52.43 -16.37
N ALA C 643 -16.99 53.59 -15.69
CA ALA C 643 -17.58 54.90 -16.00
C ALA C 643 -17.39 55.39 -17.42
N ILE C 644 -16.25 55.06 -18.05
CA ILE C 644 -15.93 55.51 -19.41
C ILE C 644 -16.70 54.72 -20.50
N ILE C 645 -17.32 53.60 -20.13
CA ILE C 645 -18.11 52.71 -21.03
C ILE C 645 -17.21 52.27 -22.18
N ARG C 646 -16.29 51.35 -21.87
CA ARG C 646 -15.28 50.89 -22.82
C ARG C 646 -15.83 50.24 -24.09
N GLU C 647 -17.01 49.61 -24.02
CA GLU C 647 -17.66 48.99 -25.22
C GLU C 647 -18.13 50.05 -26.26
N ARG C 648 -18.15 51.32 -25.84
CA ARG C 648 -18.61 52.48 -26.64
C ARG C 648 -17.43 53.34 -27.15
N LEU C 649 -16.20 53.05 -26.67
CA LEU C 649 -14.98 53.77 -27.09
C LEU C 649 -14.56 53.29 -28.46
N TRP C 650 -13.97 54.18 -29.25
CA TRP C 650 -13.52 53.86 -30.59
C TRP C 650 -12.34 54.70 -31.00
N VAL C 651 -11.67 54.31 -32.07
CA VAL C 651 -10.48 54.99 -32.61
C VAL C 651 -10.71 55.21 -34.09
N ALA C 652 -10.59 56.49 -34.55
CA ALA C 652 -10.77 56.84 -35.96
C ALA C 652 -9.81 56.00 -36.78
N ALA C 653 -10.27 55.46 -37.91
CA ALA C 653 -9.48 54.59 -38.80
C ALA C 653 -8.05 55.10 -39.05
N ASP C 654 -7.90 56.41 -39.33
CA ASP C 654 -6.59 57.00 -39.61
C ASP C 654 -5.64 57.13 -38.37
N LYS C 655 -6.16 56.84 -37.17
CA LYS C 655 -5.39 56.94 -35.93
C LYS C 655 -5.19 55.57 -35.25
N GLN C 656 -5.75 54.50 -35.84
CA GLN C 656 -5.72 53.19 -35.19
C GLN C 656 -4.34 52.58 -35.05
N GLY C 657 -4.09 51.99 -33.90
CA GLY C 657 -2.87 51.24 -33.64
C GLY C 657 -2.99 49.89 -34.31
N LYS C 658 -1.86 49.18 -34.50
CA LYS C 658 -1.88 47.86 -35.14
C LYS C 658 -1.36 46.88 -34.10
N TYR C 659 -2.12 46.70 -33.01
CA TYR C 659 -1.73 45.94 -31.84
C TYR C 659 -2.42 44.61 -31.64
N GLU C 660 -3.34 44.22 -32.53
CA GLU C 660 -4.03 42.93 -32.34
C GLU C 660 -3.09 41.70 -32.45
N LEU C 661 -3.20 40.79 -31.48
CA LEU C 661 -2.45 39.53 -31.42
C LEU C 661 -3.27 38.38 -32.03
N PHE C 662 -4.59 38.58 -32.20
CA PHE C 662 -5.46 37.59 -32.85
C PHE C 662 -6.38 38.36 -33.82
N PRO C 663 -5.82 39.08 -34.81
CA PRO C 663 -6.65 39.85 -35.74
C PRO C 663 -7.52 38.91 -36.57
N GLN C 664 -8.78 39.33 -36.75
CA GLN C 664 -9.81 38.59 -37.49
C GLN C 664 -10.10 37.23 -36.86
N GLN C 665 -9.96 37.16 -35.53
CA GLN C 665 -10.30 35.95 -34.80
C GLN C 665 -11.40 36.20 -33.77
N LEU C 666 -12.09 35.12 -33.41
CA LEU C 666 -13.17 35.17 -32.43
C LEU C 666 -12.92 34.14 -31.34
N PRO C 667 -13.57 34.25 -30.16
CA PRO C 667 -13.34 33.26 -29.10
C PRO C 667 -13.73 31.84 -29.53
N GLY C 668 -12.99 30.85 -29.03
CA GLY C 668 -13.28 29.45 -29.28
C GLY C 668 -14.29 28.94 -28.26
N LYS C 669 -14.48 27.62 -28.19
CA LYS C 669 -15.43 27.04 -27.22
C LYS C 669 -14.85 27.02 -25.79
N PRO C 670 -15.70 27.13 -24.74
CA PRO C 670 -15.19 27.08 -23.36
C PRO C 670 -14.37 25.82 -23.10
N GLY C 671 -13.20 26.00 -22.50
CA GLY C 671 -12.30 24.90 -22.18
C GLY C 671 -11.47 24.39 -23.35
N GLU C 672 -11.63 24.97 -24.55
CA GLU C 672 -10.81 24.57 -25.70
C GLU C 672 -9.52 25.43 -25.76
N GLY C 673 -8.66 25.16 -26.75
CA GLY C 673 -7.35 25.79 -26.91
C GLY C 673 -7.25 27.28 -26.70
N GLY C 674 -7.97 28.02 -27.53
CA GLY C 674 -7.95 29.47 -27.55
C GLY C 674 -8.93 30.00 -28.58
N PRO C 675 -8.54 31.02 -29.37
CA PRO C 675 -9.48 31.58 -30.35
C PRO C 675 -9.62 30.73 -31.60
N ILE C 676 -10.56 31.14 -32.49
CA ILE C 676 -10.82 30.48 -33.76
C ILE C 676 -10.56 31.46 -34.91
N ASN C 677 -9.84 30.99 -35.93
CA ASN C 677 -9.52 31.80 -37.11
C ASN C 677 -10.34 31.32 -38.30
N HIS C 678 -10.33 32.08 -39.40
CA HIS C 678 -11.02 31.74 -40.63
C HIS C 678 -10.08 30.90 -41.55
N HIS C 679 -8.79 30.79 -41.14
CA HIS C 679 -7.64 30.11 -41.75
C HIS C 679 -7.07 30.90 -42.92
N ALA D 8 -5.82 6.97 1.96
CA ALA D 8 -4.56 7.61 2.36
C ALA D 8 -3.83 8.32 1.19
N PHE D 9 -4.18 7.97 -0.06
CA PHE D 9 -3.56 8.53 -1.25
C PHE D 9 -4.33 9.74 -1.80
N GLU D 10 -3.57 10.70 -2.36
CA GLU D 10 -4.10 11.92 -2.98
C GLU D 10 -4.49 11.64 -4.44
N THR D 11 -5.65 10.99 -4.67
CA THR D 11 -6.10 10.68 -6.03
C THR D 11 -6.60 11.91 -6.77
N THR D 12 -6.51 11.85 -8.09
CA THR D 12 -6.96 12.91 -9.00
C THR D 12 -7.47 12.24 -10.28
N THR D 13 -7.46 12.97 -11.41
CA THR D 13 -7.81 12.44 -12.72
C THR D 13 -6.50 12.35 -13.52
N PRO D 14 -6.36 11.43 -14.52
CA PRO D 14 -5.07 11.33 -15.23
C PRO D 14 -4.80 12.56 -16.11
N PRO D 15 -3.54 13.03 -16.23
CA PRO D 15 -3.28 14.21 -17.07
C PRO D 15 -3.54 13.93 -18.55
N GLU D 16 -4.03 14.95 -19.27
CA GLU D 16 -4.31 14.84 -20.70
C GLU D 16 -3.02 14.59 -21.46
N PRO D 17 -3.00 13.54 -22.32
CA PRO D 17 -1.76 13.23 -23.09
C PRO D 17 -1.52 14.27 -24.18
N PRO D 18 -0.33 14.28 -24.84
CA PRO D 18 -0.13 15.26 -25.93
C PRO D 18 -1.10 14.98 -27.07
N GLN D 19 -1.46 16.01 -27.83
CA GLN D 19 -2.38 15.83 -28.95
C GLN D 19 -1.73 14.93 -29.99
N PHE D 20 -2.42 13.85 -30.32
CA PHE D 20 -1.94 12.89 -31.30
C PHE D 20 -3.08 12.64 -32.29
N PRO D 21 -3.19 13.47 -33.36
CA PRO D 21 -4.27 13.26 -34.32
C PRO D 21 -4.14 11.93 -35.05
N ALA D 22 -5.19 11.08 -34.92
CA ALA D 22 -5.30 9.77 -35.57
C ALA D 22 -5.29 9.98 -37.09
N GLU D 23 -4.07 9.94 -37.67
CA GLU D 23 -3.77 10.13 -39.09
C GLU D 23 -4.70 9.28 -39.94
N GLY D 24 -5.52 9.95 -40.75
CA GLY D 24 -6.56 9.31 -41.55
C GLY D 24 -7.85 9.27 -40.76
N LYS D 25 -8.86 10.00 -41.24
CA LYS D 25 -10.17 10.10 -40.61
C LYS D 25 -11.07 9.01 -41.15
N ILE D 26 -12.02 8.55 -40.35
CA ILE D 26 -12.98 7.53 -40.75
C ILE D 26 -14.10 8.23 -41.54
N ASN D 27 -14.57 7.61 -42.62
CA ASN D 27 -15.71 8.08 -43.40
C ASN D 27 -16.92 7.38 -42.79
N TYR D 28 -17.64 8.07 -41.91
CA TYR D 28 -18.78 7.44 -41.22
C TYR D 28 -19.97 7.19 -42.13
N VAL D 29 -20.56 6.01 -42.01
CA VAL D 29 -21.70 5.58 -42.82
C VAL D 29 -22.79 4.96 -41.93
N ALA D 30 -23.97 4.66 -42.51
CA ALA D 30 -25.05 4.00 -41.79
C ALA D 30 -24.86 2.48 -41.88
N ARG D 31 -25.40 1.74 -40.90
CA ARG D 31 -25.21 0.30 -40.72
C ARG D 31 -25.52 -0.57 -41.95
N ASP D 32 -26.60 -0.26 -42.69
CA ASP D 32 -27.05 -1.08 -43.83
C ASP D 32 -26.45 -0.66 -45.18
N THR D 33 -25.39 0.16 -45.18
CA THR D 33 -24.70 0.53 -46.42
C THR D 33 -23.68 -0.55 -46.88
N ILE D 34 -23.34 -1.50 -46.01
CA ILE D 34 -22.24 -2.44 -46.28
C ILE D 34 -22.67 -3.68 -47.07
N LEU D 35 -23.72 -4.34 -46.62
CA LEU D 35 -24.15 -5.59 -47.25
C LEU D 35 -25.64 -5.83 -47.09
N GLU D 36 -26.19 -6.76 -47.90
CA GLU D 36 -27.59 -7.18 -47.83
C GLU D 36 -27.67 -8.58 -48.42
N PHE D 37 -28.68 -9.37 -48.05
CA PHE D 37 -28.89 -10.69 -48.61
C PHE D 37 -29.94 -10.58 -49.69
N LYS D 38 -29.63 -11.01 -50.90
CA LYS D 38 -30.58 -11.00 -52.00
C LYS D 38 -30.09 -11.86 -53.12
N ALA D 39 -31.01 -12.34 -53.97
CA ALA D 39 -30.63 -13.09 -55.16
C ALA D 39 -30.26 -12.08 -56.25
N LEU D 40 -29.23 -12.37 -57.05
CA LEU D 40 -28.87 -11.52 -58.19
C LEU D 40 -29.25 -12.27 -59.47
N PRO D 41 -29.48 -11.60 -60.64
CA PRO D 41 -29.90 -12.34 -61.84
C PRO D 41 -28.81 -13.24 -62.43
N SER D 42 -27.55 -12.87 -62.25
CA SER D 42 -26.41 -13.61 -62.79
C SER D 42 -25.19 -13.51 -61.86
N TYR D 43 -24.34 -14.54 -61.86
CA TYR D 43 -23.12 -14.58 -61.04
C TYR D 43 -21.90 -14.89 -61.90
N SER D 44 -20.72 -14.44 -61.44
CA SER D 44 -19.45 -14.70 -62.14
C SER D 44 -18.34 -15.07 -61.17
N GLU D 45 -17.24 -15.57 -61.72
CA GLU D 45 -16.11 -16.07 -60.93
C GLU D 45 -14.82 -15.96 -61.81
N PRO D 46 -13.60 -16.24 -61.24
CA PRO D 46 -12.38 -16.23 -62.07
C PRO D 46 -12.56 -17.08 -63.33
N ASP D 47 -12.11 -16.56 -64.48
CA ASP D 47 -12.28 -17.23 -65.80
C ASP D 47 -11.73 -18.66 -65.82
N TRP D 48 -10.58 -18.91 -65.16
CA TRP D 48 -9.94 -20.22 -65.07
C TRP D 48 -10.78 -21.24 -64.32
N ILE D 49 -11.59 -20.78 -63.35
CA ILE D 49 -12.51 -21.68 -62.66
C ILE D 49 -13.57 -22.15 -63.69
N THR D 50 -14.12 -21.21 -64.49
CA THR D 50 -15.13 -21.54 -65.51
C THR D 50 -14.55 -22.51 -66.56
N GLU D 51 -13.43 -22.12 -67.18
CA GLU D 51 -12.76 -22.87 -68.24
C GLU D 51 -12.11 -24.20 -67.82
N LYS D 52 -11.33 -24.20 -66.73
CA LYS D 52 -10.59 -25.38 -66.31
C LYS D 52 -11.27 -26.26 -65.24
N PHE D 53 -12.26 -25.71 -64.51
CA PHE D 53 -12.90 -26.51 -63.45
C PHE D 53 -14.38 -26.81 -63.71
N GLU D 54 -15.18 -25.78 -64.03
CA GLU D 54 -16.60 -25.93 -64.30
C GLU D 54 -16.85 -26.72 -65.60
N LYS D 55 -16.17 -26.31 -66.71
CA LYS D 55 -16.28 -26.95 -68.03
C LYS D 55 -15.65 -28.35 -68.10
N ALA D 56 -14.80 -28.72 -67.11
CA ALA D 56 -14.16 -30.04 -67.02
C ALA D 56 -14.92 -30.94 -66.03
N GLY D 57 -16.01 -30.42 -65.47
CA GLY D 57 -16.86 -31.15 -64.53
C GLY D 57 -16.33 -31.28 -63.12
N LYS D 58 -15.20 -30.62 -62.78
CA LYS D 58 -14.56 -30.69 -61.45
C LYS D 58 -15.31 -29.94 -60.34
N LEU D 59 -16.34 -29.17 -60.73
CA LEU D 59 -17.07 -28.31 -59.82
C LEU D 59 -18.47 -27.98 -60.34
N PRO D 60 -19.51 -27.89 -59.47
CA PRO D 60 -20.85 -27.53 -59.95
C PRO D 60 -20.94 -26.10 -60.49
N PRO D 61 -21.96 -25.73 -61.32
CA PRO D 61 -22.07 -24.32 -61.75
C PRO D 61 -22.15 -23.40 -60.52
N LEU D 62 -21.64 -22.17 -60.67
CA LEU D 62 -21.59 -21.19 -59.60
C LEU D 62 -22.95 -20.96 -58.90
N LYS D 63 -24.05 -20.79 -59.67
CA LYS D 63 -25.39 -20.55 -59.12
C LYS D 63 -25.81 -21.63 -58.14
N GLU D 64 -25.38 -22.88 -58.39
CA GLU D 64 -25.71 -24.02 -57.55
C GLU D 64 -24.87 -24.07 -56.28
N ARG D 65 -23.64 -23.53 -56.33
CA ARG D 65 -22.72 -23.48 -55.18
C ARG D 65 -23.13 -22.42 -54.17
N LEU D 66 -23.75 -21.34 -54.66
CA LEU D 66 -24.15 -20.19 -53.86
C LEU D 66 -25.51 -20.41 -53.19
N PRO D 67 -25.78 -19.71 -52.06
CA PRO D 67 -27.14 -19.75 -51.47
C PRO D 67 -28.14 -19.12 -52.45
N GLU D 68 -29.45 -19.37 -52.23
CA GLU D 68 -30.51 -18.76 -53.06
C GLU D 68 -30.39 -17.23 -52.95
N GLU D 69 -30.12 -16.75 -51.72
CA GLU D 69 -29.90 -15.33 -51.43
C GLU D 69 -28.52 -15.17 -50.74
N PRO D 70 -27.44 -14.98 -51.55
CA PRO D 70 -26.11 -14.83 -50.94
C PRO D 70 -25.97 -13.47 -50.27
N LEU D 71 -24.89 -13.31 -49.51
CA LEU D 71 -24.55 -12.05 -48.90
C LEU D 71 -23.96 -11.21 -50.04
N VAL D 72 -24.51 -10.04 -50.27
CA VAL D 72 -24.10 -9.15 -51.35
C VAL D 72 -23.46 -7.88 -50.76
N TYR D 73 -22.20 -7.59 -51.11
CA TYR D 73 -21.54 -6.36 -50.66
C TYR D 73 -21.97 -5.23 -51.57
N LYS D 74 -22.43 -4.14 -50.97
CA LYS D 74 -22.91 -2.96 -51.71
C LYS D 74 -21.72 -2.12 -52.16
N THR D 75 -21.74 -1.65 -53.41
CA THR D 75 -20.62 -0.90 -53.99
C THR D 75 -20.38 0.45 -53.30
N GLY D 76 -21.45 1.07 -52.80
CA GLY D 76 -21.37 2.38 -52.14
C GLY D 76 -20.39 2.44 -50.98
N ASN D 77 -20.26 1.35 -50.19
CA ASN D 77 -19.35 1.28 -49.06
C ASN D 77 -17.92 0.89 -49.46
N MET D 78 -17.72 0.42 -50.70
CA MET D 78 -16.39 0.01 -51.17
C MET D 78 -15.54 1.25 -51.43
N PRO D 79 -14.41 1.44 -50.69
CA PRO D 79 -13.59 2.64 -50.89
C PRO D 79 -13.15 2.90 -52.34
N ASP D 80 -12.92 1.83 -53.12
CA ASP D 80 -12.47 1.93 -54.52
C ASP D 80 -13.43 1.32 -55.54
N GLY D 81 -14.56 0.82 -55.06
CA GLY D 81 -15.56 0.22 -55.93
C GLY D 81 -15.33 -1.25 -56.17
N VAL D 82 -16.09 -1.82 -57.14
CA VAL D 82 -16.04 -3.25 -57.49
C VAL D 82 -14.63 -3.66 -57.92
N GLY D 83 -14.23 -4.84 -57.48
CA GLY D 83 -12.90 -5.35 -57.79
C GLY D 83 -12.74 -6.19 -59.03
N VAL D 84 -11.52 -6.71 -59.18
CA VAL D 84 -11.08 -7.63 -60.23
C VAL D 84 -10.39 -8.79 -59.51
N TYR D 85 -10.38 -9.96 -60.14
CA TYR D 85 -9.76 -11.13 -59.53
C TYR D 85 -8.24 -11.15 -59.62
N GLY D 86 -7.63 -11.86 -58.68
CA GLY D 86 -6.22 -12.14 -58.70
C GLY D 86 -5.43 -11.69 -57.48
N ASP D 87 -4.16 -12.16 -57.44
CA ASP D 87 -3.15 -11.81 -56.45
C ASP D 87 -3.33 -12.60 -55.15
N THR D 88 -2.40 -12.32 -54.21
CA THR D 88 -2.23 -13.00 -52.93
C THR D 88 -2.03 -12.01 -51.79
N MET D 89 -2.65 -12.27 -50.59
CA MET D 89 -2.34 -11.42 -49.46
C MET D 89 -1.34 -12.19 -48.61
N ARG D 90 -0.15 -11.63 -48.44
CA ARG D 90 0.90 -12.24 -47.66
C ARG D 90 0.85 -11.72 -46.23
N HIS D 91 0.59 -12.62 -45.28
CA HIS D 91 0.59 -12.28 -43.86
C HIS D 91 1.84 -12.87 -43.23
N VAL D 92 2.27 -12.30 -42.11
CA VAL D 92 3.42 -12.80 -41.34
C VAL D 92 2.89 -12.87 -39.91
N VAL D 93 3.09 -14.01 -39.23
CA VAL D 93 2.56 -14.20 -37.89
C VAL D 93 3.63 -14.70 -36.90
N GLY D 94 3.42 -14.41 -35.62
CA GLY D 94 4.32 -14.87 -34.55
C GLY D 94 3.85 -16.14 -33.89
N GLY D 95 2.60 -16.52 -34.16
CA GLY D 95 2.04 -17.73 -33.56
C GLY D 95 2.36 -18.98 -34.37
N ARG D 96 1.94 -20.15 -33.87
CA ARG D 96 2.15 -21.43 -34.56
C ARG D 96 0.88 -22.25 -34.46
N PRO D 97 0.45 -22.96 -35.54
CA PRO D 97 -0.79 -23.71 -35.42
C PRO D 97 -0.65 -24.94 -34.56
N GLU D 98 -1.67 -25.20 -33.73
CA GLU D 98 -1.72 -26.39 -32.90
C GLU D 98 -2.51 -27.43 -33.69
N GLY D 99 -3.42 -26.93 -34.51
CA GLY D 99 -4.32 -27.73 -35.32
C GLY D 99 -5.51 -26.89 -35.74
N TRP D 100 -6.53 -27.53 -36.34
CA TRP D 100 -7.67 -26.80 -36.91
C TRP D 100 -8.94 -26.78 -36.04
N ASN D 101 -8.89 -27.37 -34.85
CA ASN D 101 -10.07 -27.43 -33.96
C ASN D 101 -10.19 -26.18 -33.09
N TYR D 102 -10.63 -25.06 -33.72
CA TYR D 102 -10.85 -23.75 -33.07
C TYR D 102 -11.86 -23.87 -31.92
N ILE D 103 -12.97 -24.56 -32.16
CA ILE D 103 -14.05 -24.65 -31.17
C ILE D 103 -13.64 -25.46 -29.91
N ALA D 104 -12.57 -26.26 -30.00
CA ALA D 104 -12.03 -27.02 -28.85
C ALA D 104 -10.81 -26.33 -28.24
N GLY D 105 -10.52 -25.11 -28.69
CA GLY D 105 -9.45 -24.30 -28.13
C GLY D 105 -8.08 -24.38 -28.74
N GLN D 106 -7.97 -24.91 -29.95
CA GLN D 106 -6.67 -24.93 -30.64
C GLN D 106 -6.44 -23.61 -31.36
N SER D 107 -5.22 -23.09 -31.28
CA SER D 107 -4.85 -21.87 -31.99
C SER D 107 -4.34 -22.27 -33.38
N GLN D 108 -4.58 -21.43 -34.39
CA GLN D 108 -4.10 -21.68 -35.75
C GLN D 108 -2.88 -20.80 -36.05
N GLY D 109 -2.48 -19.99 -35.07
CA GLY D 109 -1.33 -19.09 -35.19
C GLY D 109 -1.63 -17.60 -35.10
N TRP D 110 -2.92 -17.21 -34.96
CA TRP D 110 -3.37 -15.82 -34.81
C TRP D 110 -3.00 -14.98 -36.06
N GLY D 111 -2.85 -13.66 -35.92
CA GLY D 111 -2.49 -12.78 -37.03
C GLY D 111 -3.41 -12.82 -38.24
N GLY D 112 -4.67 -13.21 -38.02
CA GLY D 112 -5.72 -13.22 -39.04
C GLY D 112 -6.14 -14.56 -39.56
N ILE D 113 -5.40 -15.64 -39.25
CA ILE D 113 -5.69 -16.97 -39.78
C ILE D 113 -7.07 -17.47 -39.30
N ASP D 114 -7.31 -17.55 -37.97
CA ASP D 114 -8.60 -18.04 -37.48
C ASP D 114 -9.71 -17.03 -37.76
N ILE D 115 -9.38 -15.73 -37.84
CA ILE D 115 -10.37 -14.70 -38.19
C ILE D 115 -10.96 -15.01 -39.59
N ALA D 116 -10.09 -15.35 -40.55
CA ALA D 116 -10.48 -15.65 -41.93
C ALA D 116 -11.13 -17.03 -42.06
N LEU D 117 -10.75 -18.01 -41.23
CA LEU D 117 -11.32 -19.36 -41.35
C LEU D 117 -12.66 -19.47 -40.67
N SER D 118 -12.72 -19.02 -39.41
CA SER D 118 -13.87 -19.21 -38.53
C SER D 118 -14.88 -18.06 -38.58
N GLU D 119 -15.81 -18.08 -39.60
CA GLU D 119 -16.90 -17.09 -39.78
C GLU D 119 -17.90 -17.23 -38.63
N CYS D 120 -18.56 -16.14 -38.20
CA CYS D 120 -19.47 -16.29 -37.06
C CYS D 120 -20.93 -15.86 -37.40
N LEU D 121 -21.88 -15.93 -36.42
CA LEU D 121 -23.28 -15.59 -36.70
C LEU D 121 -23.45 -14.16 -37.16
N THR D 122 -22.79 -13.24 -36.46
CA THR D 122 -22.84 -11.80 -36.77
C THR D 122 -21.40 -11.31 -37.01
N ARG D 123 -21.24 -10.06 -37.45
CA ARG D 123 -19.93 -9.46 -37.67
C ARG D 123 -19.95 -8.03 -37.16
N THR D 124 -18.90 -7.63 -36.43
CA THR D 124 -18.83 -6.31 -35.80
C THR D 124 -17.59 -5.47 -36.14
N ALA D 125 -16.46 -6.10 -36.51
CA ALA D 125 -15.22 -5.36 -36.80
C ALA D 125 -15.38 -4.19 -37.78
N PRO D 126 -16.17 -4.32 -38.90
CA PRO D 126 -16.35 -3.16 -39.81
C PRO D 126 -17.20 -2.02 -39.24
N LEU D 127 -17.83 -2.19 -38.05
CA LEU D 127 -18.66 -1.15 -37.42
C LEU D 127 -17.85 0.02 -36.82
N PHE D 128 -16.50 0.05 -37.00
CA PHE D 128 -15.68 1.22 -36.61
C PHE D 128 -16.17 2.40 -37.51
N GLN D 129 -16.79 2.08 -38.65
CA GLN D 129 -17.24 3.12 -39.59
C GLN D 129 -18.70 3.61 -39.35
N VAL D 130 -19.35 3.13 -38.31
CA VAL D 130 -20.69 3.58 -37.96
C VAL D 130 -20.52 4.41 -36.67
N ASP D 131 -20.79 5.75 -36.73
CA ASP D 131 -20.62 6.75 -35.65
C ASP D 131 -21.65 6.64 -34.53
N ALA D 132 -21.63 5.49 -33.86
CA ALA D 132 -22.54 5.17 -32.77
C ALA D 132 -21.97 4.00 -31.98
N LYS D 133 -22.56 3.76 -30.83
CA LYS D 133 -22.15 2.68 -29.95
C LYS D 133 -23.37 1.81 -29.64
N ASP D 134 -24.47 2.05 -30.40
CA ASP D 134 -25.75 1.33 -30.29
C ASP D 134 -26.05 0.57 -31.58
N THR D 135 -25.05 0.46 -32.47
CA THR D 135 -25.21 -0.21 -33.77
C THR D 135 -25.53 -1.68 -33.60
N GLU D 136 -26.45 -2.18 -34.41
CA GLU D 136 -26.81 -3.59 -34.42
C GLU D 136 -25.70 -4.33 -35.21
N PRO D 137 -25.09 -5.42 -34.67
CA PRO D 137 -24.07 -6.16 -35.43
C PRO D 137 -24.55 -6.56 -36.82
N LEU D 138 -23.62 -6.63 -37.77
CA LEU D 138 -23.97 -7.00 -39.14
C LEU D 138 -24.39 -8.45 -39.23
N PRO D 139 -25.39 -8.78 -40.08
CA PRO D 139 -25.72 -10.21 -40.26
C PRO D 139 -24.58 -10.89 -41.00
N ASN D 140 -24.27 -12.14 -40.64
CA ASN D 140 -23.22 -12.90 -41.30
C ASN D 140 -23.82 -14.29 -41.58
N LEU D 141 -23.44 -15.33 -40.81
CA LEU D 141 -24.07 -16.65 -40.94
C LEU D 141 -25.57 -16.58 -40.51
N ALA D 142 -25.91 -15.66 -39.59
CA ALA D 142 -27.32 -15.35 -39.26
C ALA D 142 -27.67 -14.19 -40.22
N LYS D 143 -28.56 -14.43 -41.19
CA LYS D 143 -28.93 -13.40 -42.16
C LYS D 143 -29.90 -12.34 -41.58
N SER D 144 -30.72 -12.72 -40.56
CA SER D 144 -31.71 -11.82 -39.93
C SER D 144 -32.18 -12.37 -38.61
N TRP D 145 -32.84 -11.51 -37.82
CA TRP D 145 -33.34 -11.89 -36.49
C TRP D 145 -34.45 -10.96 -36.05
N GLU D 146 -35.33 -11.45 -35.17
CA GLU D 146 -36.48 -10.71 -34.67
C GLU D 146 -36.69 -10.95 -33.18
N TRP D 147 -36.86 -9.86 -32.43
CA TRP D 147 -37.12 -9.93 -30.99
C TRP D 147 -38.63 -10.06 -30.76
N SER D 148 -39.00 -10.85 -29.72
CA SER D 148 -40.41 -10.99 -29.29
C SER D 148 -40.82 -9.65 -28.66
N GLU D 149 -42.14 -9.41 -28.51
CA GLU D 149 -42.67 -8.18 -27.92
C GLU D 149 -42.13 -7.97 -26.50
N ASP D 150 -42.05 -9.05 -25.69
CA ASP D 150 -41.54 -8.98 -24.31
C ASP D 150 -39.99 -8.91 -24.22
N GLY D 151 -39.27 -9.14 -25.32
CA GLY D 151 -37.81 -9.06 -25.38
C GLY D 151 -37.01 -10.24 -24.83
N HIS D 152 -37.70 -11.34 -24.48
CA HIS D 152 -37.02 -12.54 -23.95
C HIS D 152 -36.65 -13.54 -25.04
N THR D 153 -37.30 -13.46 -26.21
CA THR D 153 -37.08 -14.40 -27.30
C THR D 153 -36.47 -13.74 -28.54
N LEU D 154 -35.41 -14.36 -29.09
CA LEU D 154 -34.75 -13.90 -30.30
C LEU D 154 -34.77 -15.02 -31.35
N THR D 155 -35.59 -14.84 -32.39
CA THR D 155 -35.71 -15.79 -33.50
C THR D 155 -34.66 -15.39 -34.53
N MET D 156 -33.74 -16.30 -34.83
CA MET D 156 -32.60 -16.05 -35.71
C MET D 156 -32.68 -16.92 -36.96
N HIS D 157 -32.64 -16.26 -38.14
CA HIS D 157 -32.73 -16.90 -39.45
C HIS D 157 -31.33 -17.01 -40.03
N LEU D 158 -30.96 -18.20 -40.50
CA LEU D 158 -29.61 -18.42 -41.04
C LEU D 158 -29.53 -18.25 -42.54
N VAL D 159 -28.30 -17.96 -43.06
CA VAL D 159 -28.09 -17.95 -44.51
C VAL D 159 -28.61 -19.34 -44.99
N LYS D 160 -29.34 -19.38 -46.11
CA LYS D 160 -29.98 -20.63 -46.55
C LYS D 160 -29.45 -21.09 -47.89
N GLY D 161 -28.97 -22.30 -47.93
CA GLY D 161 -28.42 -22.86 -49.15
C GLY D 161 -26.91 -22.67 -49.26
N ALA D 162 -26.26 -22.10 -48.20
CA ALA D 162 -24.82 -21.93 -48.19
C ALA D 162 -24.21 -23.29 -47.86
N LYS D 163 -23.00 -23.52 -48.38
CA LYS D 163 -22.26 -24.78 -48.18
C LYS D 163 -20.88 -24.52 -47.59
N TRP D 164 -20.39 -25.49 -46.79
CA TRP D 164 -19.03 -25.53 -46.26
C TRP D 164 -18.13 -25.68 -47.51
N SER D 165 -16.82 -25.39 -47.37
CA SER D 165 -15.85 -25.46 -48.48
C SER D 165 -15.75 -26.86 -49.12
N ASP D 166 -16.20 -27.91 -48.40
CA ASP D 166 -16.21 -29.30 -48.93
C ASP D 166 -17.53 -29.65 -49.66
N GLY D 167 -18.45 -28.70 -49.75
CA GLY D 167 -19.74 -28.89 -50.42
C GLY D 167 -20.90 -29.37 -49.55
N GLU D 168 -20.65 -29.64 -48.27
CA GLU D 168 -21.69 -30.06 -47.30
C GLU D 168 -22.51 -28.86 -46.89
N ALA D 169 -23.82 -29.02 -46.71
CA ALA D 169 -24.72 -27.92 -46.34
C ALA D 169 -24.36 -27.24 -44.98
N PHE D 170 -24.40 -25.89 -44.95
CA PHE D 170 -24.28 -25.18 -43.68
C PHE D 170 -25.75 -25.02 -43.24
N ASN D 171 -26.07 -25.40 -41.98
CA ASN D 171 -27.44 -25.26 -41.46
C ASN D 171 -27.44 -25.23 -39.92
N ALA D 172 -28.63 -25.20 -39.28
CA ALA D 172 -28.80 -25.14 -37.83
C ALA D 172 -28.05 -26.25 -37.05
N ASP D 173 -27.81 -27.43 -37.68
CA ASP D 173 -27.03 -28.50 -37.02
C ASP D 173 -25.62 -28.04 -36.61
N ASP D 174 -24.97 -27.20 -37.45
CA ASP D 174 -23.64 -26.66 -37.15
C ASP D 174 -23.71 -25.68 -35.99
N VAL D 175 -24.77 -24.84 -36.00
CA VAL D 175 -25.02 -23.84 -34.95
C VAL D 175 -25.26 -24.57 -33.61
N MET D 176 -26.16 -25.56 -33.62
CA MET D 176 -26.51 -26.34 -32.43
C MET D 176 -25.35 -27.15 -31.87
N PHE D 177 -24.52 -27.74 -32.75
CA PHE D 177 -23.35 -28.52 -32.30
C PHE D 177 -22.39 -27.59 -31.54
N TYR D 178 -22.15 -26.38 -32.07
CA TYR D 178 -21.28 -25.42 -31.37
C TYR D 178 -21.87 -25.06 -30.00
N TRP D 179 -23.15 -24.66 -29.96
CA TRP D 179 -23.81 -24.29 -28.71
C TRP D 179 -23.79 -25.41 -27.65
N GLU D 180 -24.33 -26.58 -28.02
CA GLU D 180 -24.46 -27.69 -27.08
C GLU D 180 -23.17 -28.39 -26.72
N ASP D 181 -22.37 -28.71 -27.74
CA ASP D 181 -21.19 -29.54 -27.56
C ASP D 181 -19.86 -28.78 -27.45
N ALA D 182 -19.86 -27.45 -27.61
CA ALA D 182 -18.66 -26.66 -27.39
C ALA D 182 -18.86 -25.65 -26.27
N VAL D 183 -19.98 -24.86 -26.28
CA VAL D 183 -20.26 -23.82 -25.26
C VAL D 183 -20.81 -24.40 -23.97
N VAL D 184 -21.96 -25.13 -24.06
CA VAL D 184 -22.64 -25.71 -22.90
C VAL D 184 -21.79 -26.82 -22.24
N ASP D 185 -21.16 -27.70 -23.04
CA ASP D 185 -20.27 -28.78 -22.57
C ASP D 185 -19.11 -28.19 -21.71
N PRO D 186 -19.06 -28.45 -20.38
CA PRO D 186 -18.00 -27.84 -19.54
C PRO D 186 -16.57 -28.30 -19.82
N ASN D 187 -16.42 -29.40 -20.59
CA ASN D 187 -15.12 -29.99 -20.91
C ASN D 187 -14.49 -29.48 -22.19
N VAL D 188 -15.16 -28.53 -22.87
CA VAL D 188 -14.69 -27.94 -24.12
C VAL D 188 -14.56 -26.46 -23.89
N SER D 189 -13.45 -25.86 -24.35
CA SER D 189 -13.25 -24.44 -24.20
C SER D 189 -12.81 -23.83 -25.54
N PRO D 190 -13.71 -23.12 -26.28
CA PRO D 190 -13.30 -22.51 -27.57
C PRO D 190 -12.12 -21.57 -27.41
N LEU D 191 -11.33 -21.38 -28.49
CA LEU D 191 -10.13 -20.55 -28.45
C LEU D 191 -10.40 -19.11 -27.98
N GLY D 192 -9.54 -18.60 -27.10
CA GLY D 192 -9.63 -17.21 -26.64
C GLY D 192 -9.94 -16.99 -25.18
N GLY D 193 -10.40 -18.03 -24.51
CA GLY D 193 -10.71 -17.97 -23.09
C GLY D 193 -12.12 -17.57 -22.70
N GLY D 194 -12.95 -17.25 -23.71
CA GLY D 194 -14.34 -16.86 -23.53
C GLY D 194 -15.30 -17.96 -23.91
N ALA D 195 -16.49 -17.58 -24.40
CA ALA D 195 -17.54 -18.51 -24.86
C ALA D 195 -18.01 -19.50 -23.79
N SER D 196 -18.11 -19.03 -22.53
CA SER D 196 -18.71 -19.83 -21.46
C SER D 196 -20.25 -19.64 -21.69
N PRO D 197 -21.15 -20.53 -21.18
CA PRO D 197 -22.60 -20.28 -21.39
C PRO D 197 -23.09 -18.92 -20.87
N GLU D 198 -22.56 -18.47 -19.72
CA GLU D 198 -22.93 -17.20 -19.08
C GLU D 198 -22.48 -15.95 -19.84
N ALA D 199 -21.57 -16.08 -20.84
CA ALA D 199 -21.16 -14.97 -21.71
C ALA D 199 -22.36 -14.54 -22.56
N PHE D 200 -23.35 -15.43 -22.74
CA PHE D 200 -24.58 -15.18 -23.50
C PHE D 200 -25.77 -14.90 -22.57
N GLY D 201 -25.49 -14.70 -21.28
CA GLY D 201 -26.50 -14.43 -20.25
C GLY D 201 -26.76 -15.63 -19.36
N GLU D 202 -26.84 -15.41 -18.03
CA GLU D 202 -27.11 -16.50 -17.09
C GLU D 202 -28.48 -17.11 -17.39
N GLY D 203 -28.50 -18.42 -17.61
CA GLY D 203 -29.72 -19.16 -17.93
C GLY D 203 -30.20 -19.10 -19.37
N THR D 204 -29.42 -18.43 -20.27
CA THR D 204 -29.76 -18.36 -21.68
C THR D 204 -29.82 -19.76 -22.32
N THR D 205 -30.82 -20.00 -23.17
CA THR D 205 -30.97 -21.26 -23.88
C THR D 205 -31.08 -20.97 -25.37
N LEU D 206 -30.68 -21.94 -26.18
CA LEU D 206 -30.76 -21.87 -27.64
C LEU D 206 -31.36 -23.17 -28.13
N LYS D 207 -32.32 -23.07 -29.04
CA LYS D 207 -32.97 -24.28 -29.58
C LYS D 207 -33.17 -24.19 -31.09
N LYS D 208 -33.24 -25.34 -31.74
CA LYS D 208 -33.44 -25.45 -33.19
C LYS D 208 -34.94 -25.39 -33.50
N ILE D 209 -35.35 -24.47 -34.38
CA ILE D 209 -36.74 -24.35 -34.83
C ILE D 209 -36.89 -25.25 -36.07
N ASP D 210 -36.01 -25.06 -37.05
CA ASP D 210 -35.92 -25.87 -38.26
C ASP D 210 -34.46 -25.80 -38.77
N ASP D 211 -34.18 -26.36 -39.95
CA ASP D 211 -32.82 -26.38 -40.51
C ASP D 211 -32.18 -25.00 -40.71
N TYR D 212 -32.99 -23.93 -40.81
CA TYR D 212 -32.43 -22.59 -41.04
C TYR D 212 -32.90 -21.55 -40.02
N THR D 213 -33.40 -22.03 -38.86
CA THR D 213 -33.91 -21.15 -37.82
C THR D 213 -33.57 -21.67 -36.43
N VAL D 214 -33.05 -20.77 -35.60
CA VAL D 214 -32.74 -21.06 -34.19
C VAL D 214 -33.44 -20.00 -33.32
N GLU D 215 -33.70 -20.34 -32.06
CA GLU D 215 -34.37 -19.44 -31.15
C GLU D 215 -33.62 -19.33 -29.82
N TRP D 216 -33.25 -18.11 -29.45
CA TRP D 216 -32.60 -17.82 -28.16
C TRP D 216 -33.67 -17.41 -27.15
N THR D 217 -33.52 -17.85 -25.89
CA THR D 217 -34.38 -17.42 -24.79
C THR D 217 -33.48 -16.81 -23.73
N PHE D 218 -33.72 -15.54 -23.38
CA PHE D 218 -32.95 -14.79 -22.39
C PHE D 218 -33.76 -14.52 -21.13
N LYS D 219 -33.08 -14.50 -19.97
CA LYS D 219 -33.74 -14.19 -18.69
C LYS D 219 -34.04 -12.69 -18.66
N ALA D 220 -33.09 -11.85 -19.12
CA ALA D 220 -33.29 -10.40 -19.22
C ALA D 220 -34.13 -10.04 -20.46
N ALA D 221 -34.78 -8.87 -20.45
CA ALA D 221 -35.57 -8.38 -21.58
C ALA D 221 -34.66 -7.52 -22.45
N PHE D 222 -34.73 -7.74 -23.77
CA PHE D 222 -33.91 -7.05 -24.79
C PHE D 222 -32.39 -6.94 -24.45
N PRO D 223 -31.66 -8.05 -24.11
CA PRO D 223 -30.22 -7.91 -23.88
C PRO D 223 -29.49 -7.94 -25.25
N LYS D 224 -29.76 -6.89 -26.05
CA LYS D 224 -29.27 -6.71 -27.42
C LYS D 224 -27.74 -6.76 -27.55
N GLN D 225 -27.00 -6.49 -26.44
CA GLN D 225 -25.54 -6.56 -26.44
C GLN D 225 -25.01 -7.97 -26.77
N TYR D 226 -25.80 -9.04 -26.49
CA TYR D 226 -25.41 -10.42 -26.79
C TYR D 226 -25.28 -10.69 -28.28
N LEU D 227 -25.86 -9.83 -29.14
CA LEU D 227 -25.65 -9.97 -30.59
C LEU D 227 -24.16 -9.77 -30.96
N TYR D 228 -23.43 -8.96 -30.15
CA TYR D 228 -21.98 -8.74 -30.32
C TYR D 228 -21.21 -10.00 -29.92
N THR D 229 -21.68 -10.70 -28.88
CA THR D 229 -21.08 -11.93 -28.38
C THR D 229 -21.25 -13.06 -29.43
N MET D 230 -22.20 -12.90 -30.36
CA MET D 230 -22.42 -13.86 -31.44
C MET D 230 -21.47 -13.65 -32.65
N ALA D 231 -20.56 -12.66 -32.53
CA ALA D 231 -19.55 -12.40 -33.56
C ALA D 231 -18.21 -13.04 -33.11
N TYR D 232 -17.10 -12.77 -33.82
CA TYR D 232 -15.80 -13.31 -33.45
C TYR D 232 -15.37 -12.69 -32.09
N PRO D 233 -14.77 -13.45 -31.14
CA PRO D 233 -14.36 -14.88 -31.23
C PRO D 233 -15.32 -15.90 -30.65
N SER D 234 -16.43 -15.45 -30.04
CA SER D 234 -17.33 -16.25 -29.21
C SER D 234 -18.37 -17.13 -29.92
N PHE D 235 -18.69 -16.91 -31.20
CA PHE D 235 -19.69 -17.82 -31.82
C PHE D 235 -19.33 -18.10 -33.25
N CYS D 236 -18.31 -18.93 -33.44
CA CYS D 236 -17.82 -19.26 -34.75
C CYS D 236 -17.91 -20.77 -34.97
N PRO D 237 -19.06 -21.20 -35.54
CA PRO D 237 -19.32 -22.66 -35.67
C PRO D 237 -18.33 -23.40 -36.54
N GLY D 238 -18.08 -24.64 -36.15
CA GLY D 238 -17.18 -25.53 -36.87
C GLY D 238 -17.96 -26.51 -37.72
N PRO D 239 -17.29 -27.25 -38.64
CA PRO D 239 -18.02 -28.20 -39.51
C PRO D 239 -18.47 -29.41 -38.70
N SER D 240 -19.73 -29.42 -38.24
CA SER D 240 -20.22 -30.51 -37.36
C SER D 240 -20.14 -31.90 -38.00
N HIS D 241 -20.27 -32.03 -39.34
CA HIS D 241 -20.18 -33.36 -40.00
C HIS D 241 -18.77 -33.99 -39.85
N ILE D 242 -17.74 -33.17 -39.64
CA ILE D 242 -16.34 -33.56 -39.47
C ILE D 242 -15.99 -33.66 -37.95
N LEU D 243 -16.39 -32.65 -37.15
CA LEU D 243 -16.11 -32.55 -35.71
C LEU D 243 -16.95 -33.48 -34.82
N LYS D 244 -18.27 -33.56 -35.06
CA LYS D 244 -19.21 -34.40 -34.27
C LYS D 244 -18.73 -35.88 -34.13
N PRO D 245 -18.34 -36.61 -35.22
CA PRO D 245 -17.85 -37.99 -35.02
C PRO D 245 -16.59 -38.15 -34.14
N GLN D 246 -15.92 -37.03 -33.79
CA GLN D 246 -14.71 -37.04 -32.94
C GLN D 246 -15.01 -36.58 -31.50
N HIS D 247 -16.22 -36.06 -31.27
CA HIS D 247 -16.63 -35.55 -29.97
C HIS D 247 -16.89 -36.73 -28.98
N PRO D 248 -16.48 -36.62 -27.68
CA PRO D 248 -16.72 -37.74 -26.72
C PRO D 248 -18.17 -38.19 -26.53
N LYS D 249 -19.14 -37.30 -26.78
CA LYS D 249 -20.57 -37.63 -26.64
C LYS D 249 -21.04 -38.59 -27.73
N TYR D 250 -20.36 -38.62 -28.89
CA TYR D 250 -20.75 -39.42 -30.06
C TYR D 250 -19.69 -40.44 -30.51
N SER D 251 -18.64 -40.62 -29.69
CA SER D 251 -17.54 -41.54 -30.01
C SER D 251 -16.85 -42.02 -28.73
N LYS D 252 -15.79 -42.83 -28.89
CA LYS D 252 -15.00 -43.37 -27.78
C LYS D 252 -13.84 -42.43 -27.43
N ASN D 253 -13.71 -41.30 -28.14
CA ASN D 253 -12.63 -40.35 -27.92
C ASN D 253 -12.74 -39.68 -26.56
N THR D 254 -11.58 -39.33 -25.97
CA THR D 254 -11.54 -38.53 -24.76
C THR D 254 -11.67 -37.06 -25.24
N TYR D 255 -11.81 -36.10 -24.31
CA TYR D 255 -11.85 -34.68 -24.69
C TYR D 255 -10.52 -34.21 -25.29
N ASN D 256 -9.39 -34.77 -24.80
CA ASN D 256 -8.06 -34.43 -25.35
C ASN D 256 -7.91 -34.95 -26.80
N GLN D 257 -8.48 -36.12 -27.10
CA GLN D 257 -8.45 -36.70 -28.44
C GLN D 257 -9.33 -35.88 -29.38
N PHE D 258 -10.49 -35.41 -28.88
CA PHE D 258 -11.38 -34.55 -29.68
C PHE D 258 -10.64 -33.28 -30.06
N LYS D 259 -10.02 -32.62 -29.06
CA LYS D 259 -9.28 -31.37 -29.25
C LYS D 259 -8.19 -31.49 -30.30
N ASN D 260 -7.45 -32.62 -30.27
CA ASN D 260 -6.28 -32.88 -31.12
C ASN D 260 -6.54 -33.72 -32.40
N ALA D 261 -7.81 -33.98 -32.75
CA ALA D 261 -8.17 -34.85 -33.89
C ALA D 261 -7.78 -34.34 -35.27
N PHE D 262 -7.55 -33.02 -35.40
CA PHE D 262 -7.21 -32.38 -36.68
C PHE D 262 -5.90 -31.59 -36.54
N PRO D 263 -4.75 -32.31 -36.59
CA PRO D 263 -3.43 -31.63 -36.47
C PRO D 263 -3.13 -30.70 -37.65
N PRO D 264 -2.10 -29.81 -37.53
CA PRO D 264 -1.84 -28.85 -38.63
C PRO D 264 -1.62 -29.49 -40.00
N GLU D 265 -1.10 -30.71 -40.05
CA GLU D 265 -0.83 -31.47 -41.29
C GLU D 265 -2.11 -31.88 -42.03
N TYR D 266 -3.26 -31.96 -41.32
CA TYR D 266 -4.56 -32.29 -41.90
C TYR D 266 -4.99 -31.11 -42.81
N MET D 267 -5.06 -31.36 -44.12
CA MET D 267 -5.35 -30.34 -45.12
C MET D 267 -6.82 -30.20 -45.50
N ASN D 268 -7.18 -29.01 -46.02
CA ASN D 268 -8.52 -28.71 -46.51
C ASN D 268 -9.62 -28.88 -45.48
N MET D 269 -9.34 -28.49 -44.22
CA MET D 269 -10.36 -28.54 -43.16
C MET D 269 -11.57 -27.71 -43.65
N PRO D 270 -12.80 -28.26 -43.67
CA PRO D 270 -13.96 -27.48 -44.16
C PRO D 270 -14.20 -26.21 -43.36
N VAL D 271 -14.45 -25.10 -44.08
CA VAL D 271 -14.66 -23.78 -43.49
C VAL D 271 -15.82 -23.05 -44.21
N MET D 272 -16.37 -22.02 -43.53
CA MET D 272 -17.36 -21.11 -44.12
C MET D 272 -16.59 -19.82 -44.57
N GLY D 273 -15.28 -19.78 -44.32
CA GLY D 273 -14.41 -18.64 -44.67
C GLY D 273 -14.06 -18.52 -46.13
N ALA D 274 -13.40 -17.39 -46.50
CA ALA D 274 -13.07 -17.09 -47.90
C ALA D 274 -11.98 -17.95 -48.52
N TRP D 275 -11.05 -18.48 -47.70
CA TRP D 275 -9.93 -19.30 -48.17
C TRP D 275 -9.77 -20.52 -47.27
N VAL D 276 -9.28 -21.61 -47.84
CA VAL D 276 -9.15 -22.92 -47.16
C VAL D 276 -7.64 -23.30 -47.05
N PRO D 277 -7.17 -23.87 -45.92
CA PRO D 277 -5.75 -24.27 -45.83
C PRO D 277 -5.47 -25.44 -46.76
N VAL D 278 -4.48 -25.30 -47.64
CA VAL D 278 -4.12 -26.33 -48.64
C VAL D 278 -2.68 -26.83 -48.51
N SER D 279 -1.82 -26.12 -47.75
CA SER D 279 -0.42 -26.51 -47.57
C SER D 279 0.07 -25.96 -46.23
N TYR D 280 0.97 -26.73 -45.59
CA TYR D 280 1.58 -26.37 -44.32
C TYR D 280 2.98 -26.94 -44.23
N ARG D 281 3.97 -26.09 -43.95
CA ARG D 281 5.35 -26.51 -43.70
C ARG D 281 5.70 -25.98 -42.32
N PRO D 282 6.02 -26.87 -41.34
CA PRO D 282 6.31 -26.40 -39.98
C PRO D 282 7.35 -25.31 -39.90
N ASP D 283 7.11 -24.31 -39.03
CA ASP D 283 7.96 -23.14 -38.80
C ASP D 283 8.29 -22.35 -40.09
N ASP D 284 7.45 -22.52 -41.13
CA ASP D 284 7.67 -21.85 -42.37
C ASP D 284 6.43 -21.13 -42.89
N LEU D 285 5.41 -21.88 -43.34
CA LEU D 285 4.30 -21.26 -44.04
C LEU D 285 3.03 -22.08 -44.05
N ILE D 286 1.89 -21.39 -44.08
CA ILE D 286 0.55 -21.96 -44.28
C ILE D 286 0.03 -21.25 -45.53
N VAL D 287 -0.45 -22.02 -46.52
CA VAL D 287 -1.00 -21.46 -47.75
C VAL D 287 -2.48 -21.80 -47.80
N LEU D 288 -3.30 -20.81 -48.16
CA LEU D 288 -4.74 -20.98 -48.31
C LEU D 288 -5.16 -20.62 -49.73
N ARG D 289 -6.11 -21.38 -50.30
CA ARG D 289 -6.64 -21.09 -51.64
C ARG D 289 -8.11 -20.71 -51.48
N ARG D 290 -8.62 -19.90 -52.41
CA ARG D 290 -10.01 -19.45 -52.45
C ARG D 290 -11.01 -20.62 -52.28
N ASN D 291 -12.05 -20.39 -51.46
CA ASN D 291 -13.10 -21.36 -51.19
C ASN D 291 -14.13 -21.28 -52.32
N PRO D 292 -14.30 -22.33 -53.17
CA PRO D 292 -15.27 -22.22 -54.28
C PRO D 292 -16.74 -22.21 -53.86
N TYR D 293 -17.04 -22.52 -52.60
CA TYR D 293 -18.39 -22.47 -52.05
C TYR D 293 -18.63 -21.20 -51.24
N TYR D 294 -17.70 -20.19 -51.32
CA TYR D 294 -17.90 -18.94 -50.57
C TYR D 294 -19.22 -18.29 -50.96
N TRP D 295 -19.94 -17.84 -49.95
CA TRP D 295 -21.35 -17.45 -50.03
C TRP D 295 -21.57 -15.94 -50.04
N LYS D 296 -20.50 -15.19 -50.39
CA LYS D 296 -20.52 -13.74 -50.49
C LYS D 296 -20.15 -13.32 -51.90
N VAL D 297 -20.85 -12.30 -52.40
CA VAL D 297 -20.68 -11.77 -53.75
C VAL D 297 -20.67 -10.25 -53.76
N ASP D 298 -20.20 -9.64 -54.85
CA ASP D 298 -20.34 -8.18 -54.97
C ASP D 298 -21.65 -7.90 -55.74
N GLU D 299 -22.01 -6.61 -55.89
CA GLU D 299 -23.24 -6.19 -56.57
C GLU D 299 -23.33 -6.58 -58.04
N LYS D 300 -22.17 -6.81 -58.68
CA LYS D 300 -22.11 -7.23 -60.07
C LYS D 300 -22.24 -8.76 -60.20
N GLY D 301 -22.36 -9.47 -59.08
CA GLY D 301 -22.51 -10.92 -59.05
C GLY D 301 -21.21 -11.67 -59.00
N GLN D 302 -20.08 -10.96 -58.82
CA GLN D 302 -18.76 -11.63 -58.74
C GLN D 302 -18.61 -12.32 -57.39
N GLN D 303 -18.38 -13.62 -57.42
CA GLN D 303 -18.18 -14.38 -56.18
C GLN D 303 -16.85 -13.97 -55.52
N LEU D 304 -16.92 -13.64 -54.24
CA LEU D 304 -15.74 -13.27 -53.47
C LEU D 304 -15.00 -14.52 -52.96
N PRO D 305 -13.71 -14.46 -52.51
CA PRO D 305 -12.83 -13.28 -52.43
C PRO D 305 -12.30 -12.89 -53.81
N TYR D 306 -11.78 -11.66 -53.94
CA TYR D 306 -11.14 -11.24 -55.18
C TYR D 306 -9.73 -11.91 -55.21
N LEU D 307 -9.01 -11.90 -54.07
CA LEU D 307 -7.68 -12.51 -53.93
C LEU D 307 -7.79 -14.04 -53.98
N ASN D 308 -6.96 -14.70 -54.80
CA ASN D 308 -7.02 -16.17 -54.96
C ASN D 308 -6.36 -16.96 -53.85
N GLU D 309 -5.36 -16.37 -53.17
CA GLU D 309 -4.51 -17.10 -52.25
C GLU D 309 -4.10 -16.18 -51.12
N VAL D 310 -3.86 -16.77 -49.95
CA VAL D 310 -3.41 -16.07 -48.74
C VAL D 310 -2.28 -16.92 -48.18
N HIS D 311 -1.25 -16.25 -47.65
CA HIS D 311 -0.14 -16.92 -47.01
C HIS D 311 -0.03 -16.43 -45.58
N TYR D 312 0.39 -17.31 -44.67
CA TYR D 312 0.74 -16.95 -43.30
C TYR D 312 2.14 -17.49 -43.10
N LYS D 313 3.13 -16.61 -43.17
CA LYS D 313 4.53 -16.93 -42.96
C LYS D 313 4.70 -17.08 -41.45
N LEU D 314 5.28 -18.18 -41.02
CA LEU D 314 5.47 -18.45 -39.60
C LEU D 314 6.80 -17.91 -39.14
N SER D 315 6.74 -16.79 -38.43
CA SER D 315 7.95 -16.08 -38.04
C SER D 315 7.77 -15.52 -36.62
N THR D 316 8.08 -14.22 -36.40
CA THR D 316 7.87 -13.54 -35.11
C THR D 316 6.89 -12.34 -35.31
N TRP D 317 6.27 -11.84 -34.21
CA TRP D 317 5.40 -10.65 -34.30
C TRP D 317 6.18 -9.41 -34.75
N ALA D 318 7.43 -9.25 -34.26
CA ALA D 318 8.31 -8.12 -34.67
C ALA D 318 8.69 -8.23 -36.17
N ASP D 319 8.86 -9.45 -36.68
CA ASP D 319 9.16 -9.65 -38.10
C ASP D 319 8.00 -9.24 -39.01
N ARG D 320 6.74 -9.28 -38.52
CA ARG D 320 5.57 -8.86 -39.29
C ARG D 320 5.71 -7.40 -39.69
N ASP D 321 6.17 -6.53 -38.75
CA ASP D 321 6.39 -5.10 -39.02
C ASP D 321 7.50 -4.92 -40.03
N VAL D 322 8.62 -5.65 -39.82
CA VAL D 322 9.80 -5.60 -40.69
C VAL D 322 9.41 -5.96 -42.13
N GLN D 323 8.74 -7.09 -42.31
CA GLN D 323 8.32 -7.57 -43.63
C GLN D 323 7.29 -6.66 -44.31
N ALA D 324 6.35 -6.07 -43.53
CA ALA D 324 5.34 -5.16 -44.11
C ALA D 324 5.99 -3.89 -44.67
N VAL D 325 6.90 -3.26 -43.91
CA VAL D 325 7.59 -2.05 -44.44
C VAL D 325 8.61 -2.39 -45.56
N ALA D 326 9.17 -3.62 -45.58
CA ALA D 326 10.10 -4.05 -46.64
C ALA D 326 9.34 -4.41 -47.92
N GLY D 327 8.06 -4.79 -47.78
CA GLY D 327 7.21 -5.16 -48.90
C GLY D 327 7.06 -6.64 -49.19
N SER D 328 7.61 -7.53 -48.34
CA SER D 328 7.48 -9.00 -48.50
C SER D 328 6.24 -9.52 -47.75
N GLY D 329 5.79 -8.73 -46.80
CA GLY D 329 4.54 -8.97 -46.07
C GLY D 329 3.60 -7.88 -46.52
N ASP D 330 2.31 -8.14 -46.56
CA ASP D 330 1.37 -7.15 -47.06
C ASP D 330 0.60 -6.38 -46.01
N PHE D 331 0.67 -6.84 -44.77
CA PHE D 331 -0.13 -6.29 -43.71
C PHE D 331 0.59 -6.40 -42.38
N SER D 332 0.43 -5.39 -41.52
CA SER D 332 0.87 -5.47 -40.13
C SER D 332 0.04 -4.53 -39.26
N ASN D 333 -0.18 -4.96 -37.99
CA ASN D 333 -0.68 -4.12 -36.93
C ASN D 333 0.58 -3.72 -36.16
N LEU D 334 1.03 -2.50 -36.39
CA LEU D 334 2.21 -1.94 -35.71
C LEU D 334 1.73 -1.58 -34.32
N GLU D 335 1.98 -2.48 -33.38
CA GLU D 335 1.43 -2.40 -32.02
C GLU D 335 2.46 -2.51 -30.90
N GLN D 336 3.75 -2.59 -31.25
CA GLN D 336 4.83 -2.67 -30.27
C GLN D 336 5.65 -1.40 -30.39
N PRO D 337 5.64 -0.52 -29.36
CA PRO D 337 6.36 0.77 -29.46
C PRO D 337 7.84 0.67 -29.83
N GLU D 338 8.49 -0.44 -29.44
CA GLU D 338 9.89 -0.77 -29.75
C GLU D 338 10.13 -0.86 -31.27
N ASN D 339 9.05 -1.01 -32.07
CA ASN D 339 9.16 -1.08 -33.52
C ASN D 339 8.67 0.20 -34.24
N PHE D 340 8.16 1.19 -33.48
CA PHE D 340 7.60 2.43 -34.09
C PHE D 340 8.62 3.23 -34.90
N VAL D 341 9.78 3.55 -34.30
CA VAL D 341 10.82 4.37 -34.94
C VAL D 341 11.33 3.75 -36.23
N ALA D 342 11.75 2.46 -36.22
CA ALA D 342 12.27 1.79 -37.41
C ALA D 342 11.21 1.74 -38.53
N SER D 343 9.94 1.50 -38.16
CA SER D 343 8.85 1.43 -39.14
C SER D 343 8.57 2.83 -39.73
N LEU D 344 8.54 3.87 -38.88
CA LEU D 344 8.31 5.26 -39.31
C LEU D 344 9.42 5.75 -40.24
N LYS D 345 10.66 5.33 -39.98
CA LYS D 345 11.83 5.66 -40.81
C LYS D 345 11.65 5.10 -42.20
N ARG D 346 11.28 3.82 -42.32
CA ARG D 346 11.01 3.18 -43.62
C ARG D 346 9.85 3.82 -44.35
N ALA D 347 8.77 4.13 -43.61
CA ALA D 347 7.55 4.73 -44.15
C ALA D 347 7.75 6.16 -44.65
N ALA D 348 8.80 6.85 -44.14
CA ALA D 348 9.16 8.22 -44.51
C ALA D 348 9.68 8.32 -45.95
N ASP D 349 10.10 7.20 -46.55
CA ASP D 349 10.60 7.17 -47.92
C ASP D 349 9.38 7.18 -48.88
N PRO D 350 9.25 8.14 -49.83
CA PRO D 350 8.10 8.10 -50.76
C PRO D 350 8.03 6.84 -51.62
N ASN D 351 9.18 6.15 -51.83
CA ASN D 351 9.27 4.91 -52.59
C ASN D 351 8.89 3.69 -51.72
N ALA D 352 8.50 3.90 -50.44
CA ALA D 352 8.11 2.81 -49.53
C ALA D 352 6.98 1.96 -50.15
N PRO D 353 7.05 0.61 -50.06
CA PRO D 353 5.97 -0.21 -50.68
C PRO D 353 4.66 -0.21 -49.87
N ALA D 354 4.70 0.28 -48.64
CA ALA D 354 3.52 0.28 -47.78
C ALA D 354 3.23 1.63 -47.16
N ARG D 355 1.95 1.82 -46.81
CA ARG D 355 1.39 3.00 -46.17
C ARG D 355 1.18 2.67 -44.69
N LEU D 356 1.48 3.61 -43.81
CA LEU D 356 1.34 3.48 -42.36
C LEU D 356 0.40 4.58 -41.84
N ALA D 357 -0.56 4.23 -40.97
CA ALA D 357 -1.48 5.23 -40.42
C ALA D 357 -1.86 4.93 -38.97
N PHE D 358 -1.47 5.81 -38.03
CA PHE D 358 -1.83 5.66 -36.62
C PHE D 358 -3.31 5.99 -36.40
N GLY D 359 -3.91 5.35 -35.39
CA GLY D 359 -5.29 5.55 -35.01
C GLY D 359 -5.39 6.13 -33.61
N PRO D 360 -6.57 6.06 -32.95
CA PRO D 360 -6.65 6.56 -31.56
C PRO D 360 -5.90 5.63 -30.59
N ARG D 361 -5.70 6.07 -29.33
CA ARG D 361 -4.98 5.28 -28.33
C ARG D 361 -5.88 4.17 -27.82
N LEU D 362 -5.85 3.02 -28.49
CA LEU D 362 -6.70 1.89 -28.11
C LEU D 362 -5.91 0.65 -27.69
N ILE D 363 -4.57 0.75 -27.65
CA ILE D 363 -3.71 -0.36 -27.22
C ILE D 363 -3.34 -0.07 -25.79
N GLY D 364 -3.77 -0.93 -24.88
CA GLY D 364 -3.49 -0.75 -23.47
C GLY D 364 -2.99 -2.03 -22.82
N TYR D 365 -2.21 -1.88 -21.75
CA TYR D 365 -1.70 -3.00 -20.96
C TYR D 365 -2.08 -2.83 -19.52
N ASN D 366 -2.48 -3.94 -18.89
CA ASN D 366 -2.80 -3.94 -17.48
C ASN D 366 -2.05 -5.04 -16.79
N LEU D 367 -1.78 -4.79 -15.51
CA LEU D 367 -1.29 -5.76 -14.55
C LEU D 367 -2.63 -6.31 -13.98
N GLN D 368 -2.84 -7.61 -14.10
CA GLN D 368 -4.04 -8.29 -13.60
C GLN D 368 -3.61 -9.18 -12.46
N MET D 369 -4.33 -9.06 -11.34
CA MET D 369 -4.08 -9.83 -10.13
C MET D 369 -5.18 -10.87 -10.01
N ASN D 370 -4.79 -12.09 -9.61
CA ASN D 370 -5.76 -13.17 -9.38
C ASN D 370 -6.56 -12.85 -8.09
N PHE D 371 -7.87 -12.65 -8.23
CA PHE D 371 -8.73 -12.33 -7.08
C PHE D 371 -9.45 -13.54 -6.47
N SER D 372 -9.27 -14.75 -7.02
CA SER D 372 -9.98 -15.89 -6.43
C SER D 372 -9.28 -16.41 -5.20
N ALA D 373 -9.98 -16.38 -4.06
CA ALA D 373 -9.45 -16.92 -2.81
C ALA D 373 -10.17 -18.26 -2.51
N ASN D 374 -10.95 -18.76 -3.48
CA ASN D 374 -11.71 -20.01 -3.30
C ASN D 374 -11.22 -21.19 -4.19
N GLY D 375 -9.96 -21.18 -4.60
CA GLY D 375 -9.36 -22.31 -5.31
C GLY D 375 -9.10 -22.29 -6.80
N TRP D 376 -9.38 -21.18 -7.52
CA TRP D 376 -9.10 -21.15 -8.96
C TRP D 376 -7.59 -21.35 -9.17
N GLY D 377 -7.25 -22.37 -9.95
CA GLY D 377 -5.86 -22.72 -10.24
C GLY D 377 -5.22 -23.58 -9.17
N ASN D 378 -6.01 -24.02 -8.17
CA ASN D 378 -5.58 -24.85 -7.04
C ASN D 378 -4.23 -24.35 -6.44
N PRO D 379 -4.16 -23.09 -5.94
CA PRO D 379 -2.87 -22.57 -5.45
C PRO D 379 -2.36 -23.27 -4.20
N ASP D 380 -1.03 -23.26 -4.02
CA ASP D 380 -0.40 -23.80 -2.82
C ASP D 380 -0.51 -22.71 -1.72
N GLU D 381 0.09 -22.94 -0.54
CA GLU D 381 0.06 -21.98 0.57
C GLU D 381 0.59 -20.59 0.17
N ARG D 382 1.71 -20.55 -0.58
CA ARG D 382 2.31 -19.30 -1.08
C ARG D 382 1.31 -18.58 -2.03
N GLY D 383 0.78 -19.33 -2.98
CA GLY D 383 -0.22 -18.86 -3.95
C GLY D 383 -1.44 -18.26 -3.29
N GLN D 384 -2.01 -18.95 -2.28
CA GLN D 384 -3.19 -18.51 -1.52
C GLN D 384 -2.95 -17.19 -0.77
N ALA D 385 -1.77 -17.03 -0.15
CA ALA D 385 -1.40 -15.81 0.59
C ALA D 385 -1.39 -14.58 -0.37
N ILE D 386 -0.91 -14.78 -1.61
CA ILE D 386 -0.88 -13.71 -2.61
C ILE D 386 -2.32 -13.33 -3.02
N ARG D 387 -3.23 -14.32 -3.12
CA ARG D 387 -4.64 -14.11 -3.45
C ARG D 387 -5.26 -13.20 -2.40
N GLU D 388 -4.96 -13.47 -1.11
CA GLU D 388 -5.41 -12.69 0.04
C GLU D 388 -4.87 -11.24 -0.02
N LEU D 389 -3.59 -11.07 -0.40
CA LEU D 389 -2.99 -9.74 -0.60
C LEU D 389 -3.67 -8.99 -1.77
N ASN D 390 -3.87 -9.67 -2.93
CA ASN D 390 -4.54 -9.07 -4.10
C ASN D 390 -5.96 -8.53 -3.76
N ARG D 391 -6.69 -9.25 -2.89
CA ARG D 391 -8.03 -8.85 -2.48
C ARG D 391 -8.07 -7.69 -1.48
N ASN D 392 -6.91 -7.35 -0.89
CA ASN D 392 -6.78 -6.26 0.08
C ASN D 392 -6.64 -4.94 -0.69
N GLU D 393 -7.63 -4.03 -0.57
CA GLU D 393 -7.63 -2.76 -1.33
C GLU D 393 -6.41 -1.88 -1.04
N VAL D 394 -5.89 -1.89 0.22
CA VAL D 394 -4.71 -1.10 0.61
C VAL D 394 -3.46 -1.60 -0.15
N PHE D 395 -3.33 -2.94 -0.29
CA PHE D 395 -2.26 -3.55 -1.07
C PHE D 395 -2.32 -3.07 -2.54
N ARG D 396 -3.53 -3.10 -3.16
CA ARG D 396 -3.69 -2.67 -4.56
C ARG D 396 -3.34 -1.20 -4.74
N GLN D 397 -3.79 -0.35 -3.78
CA GLN D 397 -3.49 1.09 -3.77
C GLN D 397 -1.99 1.34 -3.70
N ALA D 398 -1.27 0.53 -2.93
CA ALA D 398 0.18 0.65 -2.80
C ALA D 398 0.87 0.29 -4.13
N VAL D 399 0.46 -0.84 -4.75
CA VAL D 399 1.03 -1.31 -6.02
C VAL D 399 0.88 -0.24 -7.11
N THR D 400 -0.35 0.24 -7.34
CA THR D 400 -0.62 1.26 -8.34
C THR D 400 0.14 2.58 -8.04
N SER D 401 0.22 3.01 -6.74
CA SER D 401 0.94 4.23 -6.34
C SER D 401 2.47 4.13 -6.45
N ALA D 402 3.01 2.91 -6.51
CA ALA D 402 4.45 2.67 -6.66
C ALA D 402 4.90 2.72 -8.12
N LEU D 403 3.94 2.79 -9.07
CA LEU D 403 4.28 2.84 -10.49
C LEU D 403 4.51 4.26 -10.98
N ASP D 404 5.67 4.50 -11.59
CA ASP D 404 6.00 5.78 -12.19
C ASP D 404 5.59 5.60 -13.62
N ARG D 405 4.31 5.91 -13.91
CA ARG D 405 3.71 5.70 -15.23
C ARG D 405 4.38 6.50 -16.36
N LYS D 406 4.96 7.69 -16.06
CA LYS D 406 5.69 8.47 -17.06
C LYS D 406 6.91 7.66 -17.51
N ALA D 407 7.66 7.03 -16.56
CA ALA D 407 8.84 6.21 -16.84
C ALA D 407 8.45 4.94 -17.62
N ILE D 408 7.28 4.34 -17.32
CA ILE D 408 6.80 3.16 -18.05
C ILE D 408 6.63 3.51 -19.53
N GLY D 409 5.89 4.58 -19.79
CA GLY D 409 5.64 5.09 -21.14
C GLY D 409 6.93 5.36 -21.90
N ASP D 410 7.87 6.06 -21.24
CA ASP D 410 9.20 6.42 -21.79
C ASP D 410 10.08 5.20 -22.08
N SER D 411 9.88 4.10 -21.35
CA SER D 411 10.65 2.88 -21.53
C SER D 411 10.26 2.14 -22.82
N LEU D 412 9.05 2.36 -23.34
CA LEU D 412 8.61 1.76 -24.60
C LEU D 412 9.00 2.65 -25.78
N VAL D 413 8.56 3.93 -25.76
CA VAL D 413 8.88 4.92 -26.82
C VAL D 413 8.71 6.33 -26.24
N LYS D 414 9.52 7.28 -26.71
CA LYS D 414 9.38 8.67 -26.27
C LYS D 414 8.41 9.37 -27.22
N GLY D 415 8.13 10.65 -27.00
CA GLY D 415 7.24 11.38 -27.91
C GLY D 415 5.79 11.40 -27.48
N PRO D 416 4.85 11.73 -28.41
CA PRO D 416 3.43 11.86 -28.00
C PRO D 416 2.60 10.58 -27.96
N PHE D 417 3.20 9.40 -28.19
CA PHE D 417 2.47 8.14 -28.29
C PHE D 417 1.77 7.69 -27.02
N THR D 418 2.54 7.49 -25.93
CA THR D 418 1.99 6.96 -24.68
C THR D 418 1.15 7.99 -23.90
N ALA D 419 0.23 7.48 -23.10
CA ALA D 419 -0.63 8.28 -22.23
C ALA D 419 -0.63 7.63 -20.86
N ILE D 420 -0.73 8.46 -19.79
CA ILE D 420 -0.83 7.97 -18.42
C ILE D 420 -2.11 7.17 -18.35
N TYR D 421 -1.99 5.88 -18.00
CA TYR D 421 -3.10 4.96 -17.99
C TYR D 421 -3.30 4.30 -16.61
N PRO D 422 -4.28 4.77 -15.80
CA PRO D 422 -4.49 4.14 -14.47
C PRO D 422 -5.11 2.75 -14.54
N GLY D 423 -5.74 2.48 -15.66
CA GLY D 423 -6.49 1.25 -15.93
C GLY D 423 -7.88 1.61 -16.45
N GLY D 424 -8.69 0.59 -16.71
CA GLY D 424 -10.06 0.76 -17.16
C GLY D 424 -10.20 1.02 -18.64
N ILE D 425 -11.33 1.65 -19.00
CA ILE D 425 -11.67 1.96 -20.38
C ILE D 425 -10.58 2.82 -21.02
N SER D 426 -10.18 2.46 -22.24
CA SER D 426 -9.16 3.16 -22.99
C SER D 426 -9.56 4.64 -23.23
N SER D 427 -8.62 5.60 -23.13
CA SER D 427 -8.90 7.02 -23.38
C SER D 427 -9.33 7.32 -24.83
N GLY D 428 -9.07 6.38 -25.73
CA GLY D 428 -9.40 6.52 -27.14
C GLY D 428 -10.80 6.09 -27.54
N THR D 429 -11.62 5.58 -26.61
CA THR D 429 -12.96 5.15 -26.98
C THR D 429 -14.01 6.21 -26.52
N SER D 430 -15.13 6.32 -27.26
CA SER D 430 -16.20 7.31 -26.98
C SER D 430 -16.81 7.23 -25.57
N PHE D 431 -16.85 6.02 -24.96
CA PHE D 431 -17.41 5.82 -23.62
C PHE D 431 -16.49 6.32 -22.50
N TYR D 432 -15.23 6.65 -22.84
CA TYR D 432 -14.27 7.12 -21.86
C TYR D 432 -14.65 8.47 -21.28
N ASP D 433 -14.49 8.62 -19.97
CA ASP D 433 -14.70 9.89 -19.29
C ASP D 433 -13.54 10.15 -18.35
N ARG D 434 -12.70 11.16 -18.69
CA ARG D 434 -11.51 11.52 -17.89
C ARG D 434 -11.86 11.84 -16.43
N ALA D 435 -12.95 12.61 -16.21
CA ALA D 435 -13.41 13.01 -14.88
C ALA D 435 -13.83 11.80 -14.02
N SER D 436 -14.22 10.68 -14.67
CA SER D 436 -14.61 9.45 -13.99
C SER D 436 -13.43 8.49 -13.78
N THR D 437 -12.23 8.88 -14.26
CA THR D 437 -11.04 8.02 -14.15
C THR D 437 -10.21 8.40 -12.93
N VAL D 438 -10.08 7.46 -11.99
CA VAL D 438 -9.32 7.68 -10.76
C VAL D 438 -7.83 7.44 -11.02
N TYR D 439 -7.01 8.47 -10.84
CA TYR D 439 -5.58 8.35 -11.04
C TYR D 439 -4.86 8.41 -9.71
N TYR D 440 -4.07 7.36 -9.41
CA TYR D 440 -3.24 7.28 -8.21
C TYR D 440 -1.87 7.75 -8.70
N PRO D 441 -1.43 8.97 -8.33
CA PRO D 441 -0.14 9.47 -8.87
C PRO D 441 1.05 8.70 -8.32
N PHE D 442 2.25 8.86 -8.91
CA PHE D 442 3.46 8.19 -8.40
C PHE D 442 3.79 8.71 -6.99
N ASN D 443 3.64 7.84 -5.99
CA ASN D 443 3.85 8.12 -4.58
C ASN D 443 4.43 6.89 -3.90
N LEU D 444 5.75 6.66 -4.11
CA LEU D 444 6.47 5.52 -3.54
C LEU D 444 6.47 5.51 -2.01
N GLU D 445 6.65 6.69 -1.38
CA GLU D 445 6.65 6.82 0.08
C GLU D 445 5.31 6.42 0.67
N GLY D 446 4.23 6.95 0.07
CA GLY D 446 2.86 6.64 0.43
C GLY D 446 2.57 5.16 0.24
N ALA D 447 3.10 4.58 -0.88
CA ALA D 447 2.97 3.16 -1.19
C ALA D 447 3.64 2.29 -0.10
N LYS D 448 4.88 2.66 0.32
CA LYS D 448 5.65 1.98 1.38
C LYS D 448 4.93 2.01 2.72
N ALA D 449 4.31 3.17 3.07
CA ALA D 449 3.58 3.33 4.34
C ALA D 449 2.29 2.51 4.33
N ALA D 450 1.61 2.43 3.17
CA ALA D 450 0.38 1.64 2.99
C ALA D 450 0.67 0.16 3.26
N LEU D 451 1.80 -0.37 2.72
CA LEU D 451 2.18 -1.78 2.93
C LEU D 451 2.52 -2.05 4.38
N ALA D 452 3.18 -1.08 5.06
CA ALA D 452 3.52 -1.18 6.48
C ALA D 452 2.22 -1.27 7.32
N SER D 453 1.17 -0.52 6.91
CA SER D 453 -0.11 -0.48 7.59
C SER D 453 -0.87 -1.82 7.56
N ILE D 454 -0.58 -2.68 6.56
CA ILE D 454 -1.24 -3.99 6.45
C ILE D 454 -0.36 -5.13 6.99
N GLY D 455 0.67 -4.78 7.75
CA GLY D 455 1.56 -5.73 8.40
C GLY D 455 2.73 -6.25 7.59
N LEU D 456 3.04 -5.55 6.48
CA LEU D 456 4.17 -5.94 5.64
C LEU D 456 5.40 -5.16 6.04
N LYS D 457 6.47 -5.88 6.42
CA LYS D 457 7.76 -5.29 6.80
C LYS D 457 8.93 -6.24 6.54
N ASP D 458 10.10 -5.67 6.23
CA ASP D 458 11.31 -6.44 6.00
C ASP D 458 11.86 -6.86 7.37
N THR D 459 11.78 -8.17 7.69
CA THR D 459 12.19 -8.72 8.99
C THR D 459 13.53 -9.45 8.97
N ASP D 460 14.12 -9.66 7.78
CA ASP D 460 15.41 -10.36 7.63
C ASP D 460 16.49 -9.48 6.94
N GLY D 461 16.19 -8.18 6.77
CA GLY D 461 17.07 -7.18 6.21
C GLY D 461 17.59 -7.39 4.79
N ASP D 462 16.81 -8.06 3.91
CA ASP D 462 17.29 -8.24 2.53
C ASP D 462 16.71 -7.19 1.53
N GLY D 463 15.96 -6.22 2.06
CA GLY D 463 15.32 -5.16 1.27
C GLY D 463 13.90 -5.44 0.84
N PHE D 464 13.50 -6.73 0.84
CA PHE D 464 12.17 -7.17 0.43
C PHE D 464 11.26 -7.36 1.63
N LEU D 465 9.99 -7.01 1.50
CA LEU D 465 9.02 -7.12 2.58
C LEU D 465 8.62 -8.56 2.86
N ASN D 466 8.33 -8.86 4.13
CA ASN D 466 7.90 -10.18 4.58
C ASN D 466 6.45 -10.17 5.00
N PHE D 467 5.82 -11.36 4.93
CA PHE D 467 4.47 -11.60 5.43
C PHE D 467 4.59 -11.54 6.96
N PRO D 468 3.53 -11.22 7.71
CA PRO D 468 3.64 -11.31 9.18
C PRO D 468 3.90 -12.75 9.62
N LYS D 469 4.45 -12.95 10.83
CA LYS D 469 4.80 -14.24 11.45
C LYS D 469 3.77 -15.36 11.23
N GLU D 470 2.49 -15.00 11.27
CA GLU D 470 1.33 -15.89 11.13
C GLU D 470 1.23 -16.52 9.75
N THR D 471 1.62 -15.75 8.71
CA THR D 471 1.55 -16.14 7.30
C THR D 471 2.91 -16.60 6.76
N LEU D 472 2.95 -17.85 6.26
CA LEU D 472 4.12 -18.51 5.63
C LEU D 472 5.42 -18.40 6.43
N GLY D 473 5.32 -18.53 7.76
CA GLY D 473 6.47 -18.45 8.67
C GLY D 473 7.24 -17.14 8.59
N GLY D 474 6.57 -16.08 8.14
CA GLY D 474 7.15 -14.75 7.99
C GLY D 474 8.18 -14.62 6.88
N ARG D 475 8.10 -15.48 5.85
CA ARG D 475 9.01 -15.46 4.70
C ARG D 475 8.77 -14.23 3.82
N ASN D 476 9.69 -13.96 2.89
CA ASN D 476 9.60 -12.85 1.96
C ASN D 476 8.37 -12.99 1.04
N VAL D 477 7.66 -11.86 0.79
CA VAL D 477 6.51 -11.84 -0.13
C VAL D 477 7.11 -12.02 -1.52
N GLU D 478 6.75 -13.12 -2.21
CA GLU D 478 7.27 -13.42 -3.55
C GLU D 478 6.10 -13.64 -4.51
N ILE D 479 6.04 -12.79 -5.56
CA ILE D 479 4.95 -12.82 -6.53
C ILE D 479 5.41 -13.28 -7.92
N THR D 480 4.68 -14.22 -8.54
CA THR D 480 5.00 -14.66 -9.90
C THR D 480 4.24 -13.79 -10.91
N LEU D 481 4.88 -13.49 -12.03
CA LEU D 481 4.31 -12.62 -13.05
C LEU D 481 4.29 -13.34 -14.39
N LEU D 482 3.08 -13.74 -14.83
CA LEU D 482 2.90 -14.47 -16.07
C LEU D 482 2.95 -13.53 -17.27
N VAL D 483 3.85 -13.80 -18.23
CA VAL D 483 4.07 -12.96 -19.41
C VAL D 483 4.03 -13.78 -20.70
N ASN D 484 3.49 -13.18 -21.78
CA ASN D 484 3.45 -13.78 -23.10
C ASN D 484 4.86 -13.55 -23.70
N ASN D 485 5.63 -14.63 -23.94
CA ASN D 485 7.00 -14.51 -24.45
C ASN D 485 7.12 -14.07 -25.93
N GLY D 486 5.99 -13.98 -26.64
CA GLY D 486 5.98 -13.65 -28.06
C GLY D 486 6.17 -12.18 -28.40
N TYR D 487 6.09 -11.30 -27.39
CA TYR D 487 6.13 -9.85 -27.64
C TYR D 487 7.19 -9.14 -26.81
N ALA D 488 7.99 -8.29 -27.48
CA ALA D 488 9.00 -7.46 -26.84
C ALA D 488 8.35 -6.48 -25.84
N THR D 489 7.13 -5.94 -26.18
CA THR D 489 6.40 -4.99 -25.32
C THR D 489 6.06 -5.64 -23.98
N ASP D 490 5.46 -6.80 -24.01
CA ASP D 490 5.08 -7.54 -22.81
C ASP D 490 6.30 -7.76 -21.89
N LYS D 491 7.41 -8.23 -22.45
CA LYS D 491 8.66 -8.51 -21.74
C LYS D 491 9.28 -7.24 -21.14
N SER D 492 9.26 -6.14 -21.92
CA SER D 492 9.76 -4.85 -21.45
C SER D 492 8.91 -4.31 -20.27
N LEU D 493 7.57 -4.42 -20.37
CA LEU D 493 6.66 -3.99 -19.29
C LEU D 493 6.86 -4.84 -18.04
N ALA D 494 7.04 -6.17 -18.23
CA ALA D 494 7.29 -7.11 -17.13
C ALA D 494 8.60 -6.77 -16.41
N GLU D 495 9.68 -6.52 -17.17
CA GLU D 495 10.99 -6.15 -16.62
C GLU D 495 10.89 -4.84 -15.82
N GLY D 496 10.17 -3.84 -16.37
CA GLY D 496 9.97 -2.54 -15.72
C GLY D 496 9.18 -2.66 -14.43
N LEU D 497 8.14 -3.52 -14.45
CA LEU D 497 7.29 -3.80 -13.28
C LEU D 497 8.11 -4.43 -12.15
N VAL D 498 8.99 -5.41 -12.49
CA VAL D 498 9.88 -6.08 -11.53
C VAL D 498 10.78 -5.02 -10.82
N GLY D 499 11.35 -4.11 -11.61
CA GLY D 499 12.19 -3.06 -11.08
C GLY D 499 11.46 -2.11 -10.13
N GLN D 500 10.26 -1.64 -10.55
CA GLN D 500 9.45 -0.74 -9.73
C GLN D 500 8.99 -1.39 -8.43
N MET D 501 8.57 -2.67 -8.50
CA MET D 501 8.15 -3.43 -7.32
C MET D 501 9.29 -3.65 -6.33
N ALA D 502 10.53 -3.87 -6.85
CA ALA D 502 11.73 -4.04 -6.01
C ALA D 502 11.96 -2.78 -5.15
N LYS D 503 11.72 -1.57 -5.72
CA LYS D 503 11.84 -0.28 -5.02
C LYS D 503 10.81 -0.18 -3.89
N LEU D 504 9.60 -0.75 -4.12
CA LEU D 504 8.51 -0.80 -3.15
C LEU D 504 8.82 -1.85 -2.08
N GLY D 505 9.67 -2.83 -2.42
CA GLY D 505 10.06 -3.91 -1.52
C GLY D 505 9.33 -5.22 -1.79
N LEU D 506 8.72 -5.38 -2.97
CA LEU D 506 8.04 -6.64 -3.32
C LEU D 506 8.87 -7.39 -4.36
N ARG D 507 9.19 -8.67 -4.11
CA ARG D 507 9.96 -9.47 -5.06
C ARG D 507 9.03 -10.09 -6.10
N VAL D 508 9.22 -9.71 -7.36
CA VAL D 508 8.40 -10.23 -8.47
C VAL D 508 9.30 -11.08 -9.40
N VAL D 509 8.85 -12.29 -9.75
CA VAL D 509 9.57 -13.27 -10.57
C VAL D 509 8.81 -13.50 -11.89
N ILE D 510 9.47 -13.26 -13.03
CA ILE D 510 8.85 -13.45 -14.35
C ILE D 510 8.73 -14.92 -14.74
N HIS D 511 7.53 -15.32 -15.18
CA HIS D 511 7.18 -16.65 -15.71
C HIS D 511 6.77 -16.39 -17.16
N SER D 512 7.74 -16.48 -18.09
CA SER D 512 7.57 -16.19 -19.53
C SER D 512 7.22 -17.47 -20.28
N LEU D 513 6.06 -17.51 -20.95
CA LEU D 513 5.62 -18.71 -21.66
C LEU D 513 5.14 -18.38 -23.05
N ASP D 514 5.20 -19.38 -23.97
CA ASP D 514 4.66 -19.24 -25.34
C ASP D 514 3.15 -19.05 -25.20
N SER D 515 2.51 -18.40 -26.19
CA SER D 515 1.08 -18.08 -26.23
C SER D 515 0.13 -19.18 -25.71
N ASN D 516 0.23 -20.42 -26.22
N ASN D 516 0.23 -20.42 -26.24
CA ASN D 516 -0.68 -21.50 -25.84
CA ASN D 516 -0.65 -21.54 -25.85
C ASN D 516 -0.50 -21.93 -24.37
C ASN D 516 -0.50 -21.92 -24.37
N GLN D 517 0.76 -22.05 -23.88
CA GLN D 517 1.05 -22.37 -22.48
C GLN D 517 0.63 -21.20 -21.58
N ARG D 518 0.82 -19.94 -22.04
CA ARG D 518 0.43 -18.74 -21.30
C ARG D 518 -1.09 -18.74 -21.11
N ASP D 519 -1.85 -19.07 -22.20
CA ASP D 519 -3.32 -19.15 -22.17
C ASP D 519 -3.80 -20.20 -21.21
N ALA D 520 -3.19 -21.40 -21.26
CA ALA D 520 -3.54 -22.52 -20.37
C ALA D 520 -3.31 -22.15 -18.89
N ALA D 521 -2.19 -21.46 -18.59
CA ALA D 521 -1.88 -21.01 -17.23
C ALA D 521 -2.87 -19.91 -16.79
N HIS D 522 -3.18 -18.95 -17.68
CA HIS D 522 -4.12 -17.86 -17.37
C HIS D 522 -5.55 -18.36 -17.11
N TYR D 523 -6.15 -19.02 -18.11
CA TYR D 523 -7.53 -19.48 -18.06
C TYR D 523 -7.71 -20.56 -17.01
N GLY D 524 -6.64 -21.31 -16.72
CA GLY D 524 -6.65 -22.32 -15.66
C GLY D 524 -6.42 -21.74 -14.27
N GLY D 525 -6.18 -20.42 -14.19
CA GLY D 525 -5.98 -19.73 -12.91
C GLY D 525 -4.65 -19.93 -12.21
N GLN D 526 -3.67 -20.53 -12.92
CA GLN D 526 -2.34 -20.85 -12.38
C GLN D 526 -1.40 -19.65 -12.49
N PHE D 527 -1.75 -18.58 -11.76
CA PHE D 527 -0.97 -17.35 -11.74
C PHE D 527 -1.29 -16.53 -10.49
N ASP D 528 -0.34 -15.68 -10.08
CA ASP D 528 -0.50 -14.71 -8.98
C ASP D 528 -0.91 -13.40 -9.67
N TRP D 529 0.01 -12.87 -10.53
CA TRP D 529 -0.14 -11.67 -11.33
C TRP D 529 0.19 -12.02 -12.79
N LEU D 530 -0.34 -11.22 -13.71
CA LEU D 530 -0.01 -11.36 -15.12
C LEU D 530 -0.02 -10.00 -15.80
N VAL D 531 0.76 -9.87 -16.89
CA VAL D 531 0.82 -8.68 -17.76
C VAL D 531 -0.01 -9.08 -18.98
N ARG D 532 -0.94 -8.22 -19.43
CA ARG D 532 -1.77 -8.59 -20.57
C ARG D 532 -2.21 -7.38 -21.33
N ARG D 533 -2.14 -7.48 -22.66
CA ARG D 533 -2.62 -6.46 -23.59
C ARG D 533 -4.16 -6.55 -23.52
N ASN D 534 -4.83 -5.41 -23.43
CA ASN D 534 -6.29 -5.33 -23.32
C ASN D 534 -7.00 -5.99 -24.50
N SER D 535 -8.15 -6.62 -24.22
CA SER D 535 -8.98 -7.17 -25.29
C SER D 535 -10.08 -6.14 -25.63
N THR D 536 -11.01 -6.49 -26.54
CA THR D 536 -12.03 -5.59 -27.13
C THR D 536 -12.93 -4.86 -26.14
N GLU D 537 -13.29 -5.49 -24.99
CA GLU D 537 -14.18 -4.80 -24.04
C GLU D 537 -13.61 -3.46 -23.54
N LEU D 538 -12.28 -3.33 -23.41
CA LEU D 538 -11.68 -2.06 -22.95
C LEU D 538 -11.43 -1.08 -24.09
N SER D 539 -11.34 -1.58 -25.33
CA SER D 539 -11.10 -0.70 -26.49
C SER D 539 -12.40 -0.24 -27.16
N SER D 540 -13.52 -0.92 -26.84
CA SER D 540 -14.81 -0.64 -27.49
C SER D 540 -16.01 -0.67 -26.57
N VAL D 541 -15.93 -1.39 -25.43
CA VAL D 541 -17.00 -1.59 -24.44
C VAL D 541 -18.08 -2.56 -24.99
N VAL D 542 -18.59 -2.30 -26.19
CA VAL D 542 -19.71 -3.04 -26.81
C VAL D 542 -19.36 -4.46 -27.28
N GLN D 543 -18.08 -4.75 -27.57
CA GLN D 543 -17.71 -6.09 -28.04
C GLN D 543 -17.22 -6.94 -26.87
N ASN D 544 -17.93 -8.06 -26.61
CA ASN D 544 -17.70 -8.98 -25.49
C ASN D 544 -17.75 -8.23 -24.14
N THR D 545 -18.86 -7.48 -23.97
CA THR D 545 -19.14 -6.64 -22.79
C THR D 545 -19.03 -7.44 -21.49
N GLU D 546 -19.36 -8.75 -21.55
CA GLU D 546 -19.32 -9.66 -20.39
C GLU D 546 -17.93 -9.72 -19.76
N GLN D 547 -16.86 -9.45 -20.54
CA GLN D 547 -15.49 -9.46 -20.06
C GLN D 547 -15.14 -8.27 -19.15
N LEU D 548 -16.05 -7.26 -19.07
CA LEU D 548 -15.84 -6.06 -18.22
C LEU D 548 -15.92 -6.39 -16.74
N ALA D 549 -16.56 -7.49 -16.38
CA ALA D 549 -16.75 -7.80 -14.96
C ALA D 549 -17.03 -9.30 -14.77
N PRO D 550 -16.98 -9.81 -13.52
CA PRO D 550 -17.38 -11.21 -13.30
C PRO D 550 -18.91 -11.36 -13.28
N VAL D 551 -19.55 -11.22 -14.48
CA VAL D 551 -21.01 -11.35 -14.63
C VAL D 551 -21.41 -12.81 -14.58
N GLY D 552 -20.47 -13.67 -14.97
CA GLY D 552 -20.59 -15.12 -14.93
C GLY D 552 -19.41 -15.72 -14.19
N PRO D 553 -19.43 -17.01 -13.83
CA PRO D 553 -18.28 -17.59 -13.10
C PRO D 553 -16.96 -17.62 -13.89
N ARG D 554 -17.01 -17.48 -15.23
CA ARG D 554 -15.80 -17.51 -16.05
C ARG D 554 -15.68 -16.36 -17.06
N THR D 555 -16.40 -15.26 -16.86
CA THR D 555 -16.36 -14.11 -17.80
C THR D 555 -15.22 -13.12 -17.51
N SER D 556 -14.77 -13.03 -16.24
CA SER D 556 -13.69 -12.12 -15.85
C SER D 556 -12.32 -12.70 -16.24
N TRP D 557 -11.37 -11.85 -16.68
CA TRP D 557 -10.02 -12.33 -16.96
C TRP D 557 -9.25 -12.64 -15.67
N ASN D 558 -9.58 -11.98 -14.55
CA ASN D 558 -8.78 -12.14 -13.33
C ASN D 558 -9.51 -12.69 -12.11
N HIS D 559 -10.80 -13.03 -12.25
CA HIS D 559 -11.56 -13.58 -11.15
C HIS D 559 -12.55 -14.60 -11.65
N ARG D 560 -12.14 -15.87 -11.68
CA ARG D 560 -13.00 -16.97 -12.09
C ARG D 560 -13.14 -17.92 -10.93
N SER D 561 -14.12 -18.81 -11.01
CA SER D 561 -14.32 -19.78 -9.95
C SER D 561 -13.93 -21.17 -10.45
N PRO D 562 -13.41 -22.08 -9.59
CA PRO D 562 -13.15 -23.45 -10.07
C PRO D 562 -14.48 -24.15 -10.37
N GLU D 563 -14.48 -25.25 -11.17
CA GLU D 563 -15.72 -25.96 -11.51
C GLU D 563 -16.44 -26.44 -10.26
N GLY D 564 -17.75 -26.22 -10.22
CA GLY D 564 -18.60 -26.61 -9.09
C GLY D 564 -18.63 -25.62 -7.94
N LYS D 565 -18.04 -24.41 -8.11
CA LYS D 565 -18.03 -23.37 -7.09
C LYS D 565 -18.52 -22.05 -7.63
N GLU D 566 -19.08 -21.21 -6.75
CA GLU D 566 -19.55 -19.88 -7.10
C GLU D 566 -18.43 -18.86 -6.90
N LEU D 567 -18.59 -17.63 -7.40
CA LEU D 567 -17.59 -16.58 -7.25
C LEU D 567 -17.57 -15.98 -5.83
N ASP D 568 -16.37 -15.72 -5.31
CA ASP D 568 -16.18 -15.11 -4.00
C ASP D 568 -15.93 -13.60 -4.26
N LEU D 569 -16.95 -12.92 -4.84
CA LEU D 569 -16.82 -11.51 -5.24
C LEU D 569 -16.73 -10.54 -4.09
N MET D 570 -15.96 -9.48 -4.30
CA MET D 570 -15.82 -8.38 -3.35
C MET D 570 -16.96 -7.39 -3.69
N PRO D 571 -17.46 -6.57 -2.73
CA PRO D 571 -18.60 -5.70 -3.06
C PRO D 571 -18.45 -4.84 -4.33
N PHE D 572 -17.27 -4.24 -4.59
CA PHE D 572 -17.10 -3.41 -5.78
C PHE D 572 -17.27 -4.21 -7.08
N GLU D 573 -16.88 -5.51 -7.08
CA GLU D 573 -17.01 -6.39 -8.25
C GLU D 573 -18.48 -6.62 -8.56
N LYS D 574 -19.31 -6.81 -7.51
CA LYS D 574 -20.76 -7.00 -7.63
C LYS D 574 -21.39 -5.73 -8.21
N GLU D 575 -20.94 -4.53 -7.75
CA GLU D 575 -21.38 -3.24 -8.29
C GLU D 575 -21.02 -3.15 -9.79
N MET D 576 -19.78 -3.53 -10.15
CA MET D 576 -19.31 -3.52 -11.55
C MET D 576 -20.15 -4.47 -12.41
N ALA D 577 -20.38 -5.72 -11.94
CA ALA D 577 -21.18 -6.72 -12.65
C ALA D 577 -22.64 -6.23 -12.89
N ASP D 578 -23.25 -5.56 -11.87
CA ASP D 578 -24.61 -4.99 -11.94
C ASP D 578 -24.66 -3.88 -13.03
N ILE D 579 -23.62 -3.02 -13.08
CA ILE D 579 -23.52 -1.94 -14.08
C ILE D 579 -23.50 -2.55 -15.49
N VAL D 580 -22.69 -3.62 -15.66
CA VAL D 580 -22.50 -4.34 -16.93
C VAL D 580 -23.83 -4.97 -17.39
N ARG D 581 -24.54 -5.68 -16.50
CA ARG D 581 -25.83 -6.29 -16.85
C ARG D 581 -26.88 -5.24 -17.24
N LYS D 582 -26.88 -4.08 -16.56
CA LYS D 582 -27.81 -2.97 -16.83
C LYS D 582 -27.47 -2.37 -18.22
N PHE D 583 -26.16 -2.21 -18.52
CA PHE D 583 -25.69 -1.72 -19.82
C PHE D 583 -26.17 -2.64 -20.96
N ILE D 584 -26.04 -3.98 -20.78
CA ILE D 584 -26.35 -5.01 -21.77
C ILE D 584 -27.83 -4.91 -22.26
N SER D 585 -28.76 -4.63 -21.34
CA SER D 585 -30.21 -4.54 -21.57
C SER D 585 -30.73 -3.10 -21.84
N SER D 586 -29.84 -2.10 -21.91
CA SER D 586 -30.25 -0.72 -22.15
C SER D 586 -30.18 -0.34 -23.62
N GLN D 587 -31.19 0.38 -24.12
CA GLN D 587 -31.21 0.86 -25.50
C GLN D 587 -31.15 2.40 -25.50
N ASP D 588 -30.93 2.99 -24.32
CA ASP D 588 -30.89 4.44 -24.15
C ASP D 588 -29.44 4.91 -24.15
N ASN D 589 -29.07 5.68 -25.18
CA ASN D 589 -27.72 6.21 -25.37
C ASN D 589 -27.19 7.01 -24.18
N ALA D 590 -28.01 7.95 -23.64
CA ALA D 590 -27.65 8.80 -22.50
C ALA D 590 -27.39 7.93 -21.27
N GLU D 591 -28.26 6.91 -21.03
CA GLU D 591 -28.14 5.99 -19.91
C GLU D 591 -26.82 5.20 -20.03
N ARG D 592 -26.57 4.63 -21.24
CA ARG D 592 -25.35 3.84 -21.50
C ARG D 592 -24.08 4.64 -21.27
N ALA D 593 -24.05 5.91 -21.68
CA ALA D 593 -22.91 6.82 -21.48
C ALA D 593 -22.69 7.04 -19.97
N ASP D 594 -23.78 7.24 -19.24
CA ASP D 594 -23.74 7.45 -17.79
C ASP D 594 -23.26 6.17 -17.06
N LEU D 595 -23.68 4.99 -17.53
CA LEU D 595 -23.33 3.72 -16.89
C LEU D 595 -21.84 3.45 -17.04
N MET D 596 -21.27 3.84 -18.19
CA MET D 596 -19.84 3.63 -18.41
C MET D 596 -19.01 4.67 -17.63
N LYS D 597 -19.61 5.81 -17.23
CA LYS D 597 -18.93 6.78 -16.34
C LYS D 597 -18.87 6.12 -14.95
N GLN D 598 -19.99 5.53 -14.50
CA GLN D 598 -20.10 4.83 -13.20
C GLN D 598 -19.12 3.66 -13.15
N TYR D 599 -19.11 2.83 -14.22
CA TYR D 599 -18.24 1.66 -14.36
C TYR D 599 -16.76 2.07 -14.21
N GLN D 600 -16.35 3.11 -14.96
CA GLN D 600 -14.99 3.62 -14.94
C GLN D 600 -14.57 4.05 -13.52
N LYS D 601 -15.47 4.76 -12.83
CA LYS D 601 -15.24 5.25 -11.47
C LYS D 601 -14.98 4.07 -10.52
N VAL D 602 -15.90 3.08 -10.49
CA VAL D 602 -15.79 1.92 -9.61
C VAL D 602 -14.50 1.12 -9.94
N TYR D 603 -14.26 0.85 -11.24
CA TYR D 603 -13.07 0.11 -11.72
C TYR D 603 -11.79 0.73 -11.18
N THR D 604 -11.55 2.01 -11.53
CA THR D 604 -10.30 2.73 -11.23
C THR D 604 -10.16 3.06 -9.75
N GLN D 605 -11.27 3.41 -9.03
CA GLN D 605 -11.17 3.69 -7.59
C GLN D 605 -10.71 2.43 -6.83
N ASN D 606 -11.31 1.27 -7.16
CA ASN D 606 -11.06 0.00 -6.49
C ASN D 606 -9.94 -0.85 -7.08
N LEU D 607 -9.42 -0.45 -8.25
CA LEU D 607 -8.32 -1.15 -8.92
C LEU D 607 -8.65 -2.61 -9.28
N TYR D 608 -9.72 -2.76 -10.08
CA TYR D 608 -10.12 -4.08 -10.62
C TYR D 608 -8.90 -4.70 -11.36
N THR D 609 -8.11 -3.85 -12.05
CA THR D 609 -6.80 -4.16 -12.64
C THR D 609 -5.96 -2.88 -12.43
N ILE D 610 -4.67 -2.94 -12.75
CA ILE D 610 -3.79 -1.79 -12.59
C ILE D 610 -3.16 -1.48 -13.96
N GLY D 611 -3.51 -0.32 -14.51
CA GLY D 611 -3.04 0.11 -15.82
C GLY D 611 -1.55 0.32 -15.86
N LEU D 612 -0.90 -0.11 -16.96
CA LEU D 612 0.54 0.06 -17.12
C LEU D 612 0.82 1.25 -18.04
N THR D 613 0.29 1.19 -19.28
CA THR D 613 0.43 2.26 -20.27
C THR D 613 -0.57 2.02 -21.39
N GLU D 614 -0.78 3.06 -22.20
CA GLU D 614 -1.66 2.98 -23.34
C GLU D 614 -1.12 3.86 -24.43
N TYR D 615 -1.33 3.45 -25.67
CA TYR D 615 -0.77 4.17 -26.81
C TYR D 615 -1.53 3.77 -28.09
N PRO D 616 -1.29 4.47 -29.22
CA PRO D 616 -1.97 4.09 -30.46
C PRO D 616 -1.15 3.11 -31.26
N GLY D 617 -1.83 2.34 -32.08
CA GLY D 617 -1.18 1.44 -33.02
C GLY D 617 -1.37 1.97 -34.42
N ALA D 618 -0.62 1.42 -35.40
CA ALA D 618 -0.77 1.87 -36.78
C ALA D 618 -1.02 0.69 -37.73
N LEU D 619 -1.92 0.88 -38.66
CA LEU D 619 -2.19 -0.13 -39.68
C LEU D 619 -1.18 0.08 -40.81
N ILE D 620 -0.47 -0.97 -41.17
CA ILE D 620 0.49 -0.95 -42.30
C ILE D 620 -0.09 -1.88 -43.37
N VAL D 621 -0.26 -1.38 -44.59
CA VAL D 621 -0.83 -2.18 -45.70
C VAL D 621 -0.03 -1.87 -46.97
N ASN D 622 0.30 -2.90 -47.75
CA ASN D 622 0.98 -2.71 -49.02
C ASN D 622 0.13 -1.77 -49.90
N LYS D 623 0.82 -0.85 -50.62
CA LYS D 623 0.16 0.16 -51.45
C LYS D 623 -0.65 -0.38 -52.64
N ARG D 624 -0.37 -1.60 -53.09
CA ARG D 624 -1.08 -2.13 -54.26
C ARG D 624 -2.56 -2.50 -53.99
N PHE D 625 -2.96 -2.64 -52.70
CA PHE D 625 -4.34 -3.05 -52.41
C PHE D 625 -5.32 -1.92 -52.51
N SER D 626 -6.43 -2.19 -53.21
CA SER D 626 -7.61 -1.34 -53.30
C SER D 626 -8.64 -1.87 -52.29
N ASN D 627 -9.61 -1.01 -51.94
CA ASN D 627 -10.74 -1.26 -51.03
C ASN D 627 -10.34 -1.32 -49.54
N VAL D 628 -9.16 -0.78 -49.17
CA VAL D 628 -8.80 -0.70 -47.75
C VAL D 628 -9.53 0.54 -47.17
N PRO D 629 -10.42 0.41 -46.15
CA PRO D 629 -11.14 1.60 -45.65
C PRO D 629 -10.21 2.61 -44.98
N GLN D 630 -10.45 3.90 -45.26
CA GLN D 630 -9.69 5.00 -44.66
C GLN D 630 -9.93 5.00 -43.14
N GLY D 631 -8.88 5.28 -42.37
CA GLY D 631 -8.97 5.37 -40.91
C GLY D 631 -9.26 4.08 -40.18
N THR D 632 -9.07 2.91 -40.83
CA THR D 632 -9.30 1.63 -40.15
C THR D 632 -8.34 1.53 -38.95
N PRO D 633 -8.90 1.37 -37.71
CA PRO D 633 -8.02 1.22 -36.54
C PRO D 633 -7.47 -0.21 -36.46
N ILE D 634 -6.27 -0.38 -35.87
CA ILE D 634 -5.74 -1.75 -35.74
C ILE D 634 -6.59 -2.59 -34.81
N PHE D 635 -7.24 -1.95 -33.82
CA PHE D 635 -8.01 -2.71 -32.85
C PHE D 635 -9.13 -1.89 -32.24
N MET D 636 -10.37 -2.30 -32.44
CA MET D 636 -11.52 -1.60 -31.85
C MET D 636 -12.57 -2.63 -31.51
N PHE D 637 -13.43 -3.02 -32.48
CA PHE D 637 -14.42 -4.08 -32.32
C PHE D 637 -13.69 -5.41 -32.46
N ASN D 638 -12.64 -5.43 -33.28
CA ASN D 638 -11.76 -6.58 -33.45
C ASN D 638 -10.50 -6.06 -34.12
N TRP D 639 -9.56 -6.97 -34.41
CA TRP D 639 -8.32 -6.64 -35.12
C TRP D 639 -8.64 -6.16 -36.55
N ALA D 640 -7.77 -5.31 -37.10
CA ALA D 640 -7.95 -4.79 -38.46
C ALA D 640 -8.05 -5.89 -39.52
N GLU D 641 -7.47 -7.11 -39.28
CA GLU D 641 -7.60 -8.23 -40.23
C GLU D 641 -9.07 -8.51 -40.53
N ASP D 642 -9.93 -8.34 -39.52
CA ASP D 642 -11.36 -8.50 -39.68
C ASP D 642 -12.00 -7.21 -40.25
N ALA D 643 -11.69 -6.05 -39.65
CA ALA D 643 -12.27 -4.74 -40.01
C ALA D 643 -12.09 -4.32 -41.45
N ILE D 644 -10.95 -4.70 -42.08
CA ILE D 644 -10.64 -4.30 -43.45
C ILE D 644 -11.45 -5.10 -44.49
N ILE D 645 -12.10 -6.19 -44.07
CA ILE D 645 -12.92 -7.09 -44.92
C ILE D 645 -12.03 -7.58 -46.08
N ARG D 646 -11.15 -8.52 -45.75
CA ARG D 646 -10.15 -9.03 -46.68
C ARG D 646 -10.73 -9.69 -47.92
N GLU D 647 -11.93 -10.29 -47.81
CA GLU D 647 -12.60 -10.95 -48.97
C GLU D 647 -13.07 -9.91 -50.04
N ARG D 648 -13.06 -8.62 -49.67
CA ARG D 648 -13.52 -7.48 -50.50
C ARG D 648 -12.32 -6.67 -51.07
N LEU D 649 -11.10 -6.96 -50.59
CA LEU D 649 -9.87 -6.29 -51.06
C LEU D 649 -9.48 -6.83 -52.42
N TRP D 650 -8.88 -5.95 -53.24
CA TRP D 650 -8.46 -6.36 -54.59
C TRP D 650 -7.27 -5.54 -55.06
N VAL D 651 -6.61 -6.01 -56.09
CA VAL D 651 -5.42 -5.37 -56.70
C VAL D 651 -5.67 -5.18 -58.18
N ALA D 652 -5.52 -3.92 -58.68
CA ALA D 652 -5.72 -3.63 -60.11
C ALA D 652 -4.77 -4.53 -60.91
N ALA D 653 -5.27 -5.10 -62.03
CA ALA D 653 -4.50 -6.02 -62.88
C ALA D 653 -3.05 -5.55 -63.18
N ASP D 654 -2.87 -4.26 -63.50
CA ASP D 654 -1.54 -3.71 -63.80
C ASP D 654 -0.60 -3.55 -62.57
N LYS D 655 -1.12 -3.79 -61.35
CA LYS D 655 -0.33 -3.66 -60.13
C LYS D 655 -0.15 -5.01 -59.42
N GLN D 656 -0.74 -6.09 -59.96
CA GLN D 656 -0.73 -7.38 -59.28
C GLN D 656 0.63 -8.02 -59.16
N GLY D 657 0.90 -8.57 -57.98
CA GLY D 657 2.10 -9.37 -57.76
C GLY D 657 1.88 -10.76 -58.34
N LYS D 658 2.94 -11.53 -58.54
CA LYS D 658 2.76 -12.89 -59.08
C LYS D 658 3.34 -13.83 -58.02
N TYR D 659 2.64 -13.90 -56.89
CA TYR D 659 3.06 -14.63 -55.70
C TYR D 659 2.36 -15.96 -55.42
N GLU D 660 1.46 -16.37 -56.28
CA GLU D 660 0.74 -17.63 -56.04
C GLU D 660 1.63 -18.86 -56.12
N LEU D 661 1.54 -19.71 -55.10
CA LEU D 661 2.27 -20.98 -55.00
C LEU D 661 1.42 -22.14 -55.56
N PHE D 662 0.11 -21.93 -55.70
CA PHE D 662 -0.80 -22.93 -56.30
C PHE D 662 -1.71 -22.21 -57.30
N PRO D 663 -1.14 -21.53 -58.34
CA PRO D 663 -1.98 -20.78 -59.28
C PRO D 663 -2.92 -21.69 -60.03
N GLN D 664 -4.17 -21.23 -60.20
CA GLN D 664 -5.24 -21.97 -60.90
C GLN D 664 -5.56 -23.28 -60.20
N GLN D 665 -5.39 -23.29 -58.86
CA GLN D 665 -5.71 -24.48 -58.07
C GLN D 665 -6.79 -24.22 -57.06
N LEU D 666 -7.52 -25.27 -56.69
CA LEU D 666 -8.57 -25.15 -55.69
C LEU D 666 -8.31 -26.13 -54.55
N PRO D 667 -8.92 -25.94 -53.37
CA PRO D 667 -8.68 -26.89 -52.28
C PRO D 667 -9.11 -28.32 -52.63
N GLY D 668 -8.36 -29.30 -52.12
CA GLY D 668 -8.66 -30.72 -52.32
C GLY D 668 -9.67 -31.17 -51.27
N LYS D 669 -9.89 -32.48 -51.18
CA LYS D 669 -10.81 -33.01 -50.19
C LYS D 669 -10.23 -33.03 -48.77
N PRO D 670 -11.07 -32.91 -47.71
CA PRO D 670 -10.54 -33.08 -46.35
C PRO D 670 -10.44 -34.60 -46.09
N GLY D 671 -9.31 -35.13 -45.62
CA GLY D 671 -8.03 -34.48 -45.37
C GLY D 671 -7.00 -35.20 -46.22
N GLU D 672 -7.08 -34.97 -47.53
CA GLU D 672 -6.23 -35.50 -48.59
C GLU D 672 -4.91 -34.67 -48.70
N GLY D 673 -4.08 -34.97 -49.70
CA GLY D 673 -2.75 -34.37 -49.88
C GLY D 673 -2.62 -32.88 -49.76
N GLY D 674 -3.36 -32.16 -50.60
CA GLY D 674 -3.34 -30.70 -50.66
C GLY D 674 -4.32 -30.20 -51.70
N PRO D 675 -3.93 -29.21 -52.52
CA PRO D 675 -4.87 -28.67 -53.53
C PRO D 675 -5.02 -29.55 -54.76
N ILE D 676 -5.97 -29.20 -55.64
CA ILE D 676 -6.27 -29.91 -56.89
C ILE D 676 -6.07 -28.97 -58.10
N ASN D 677 -5.57 -29.52 -59.22
CA ASN D 677 -5.34 -28.73 -60.43
C ASN D 677 -6.25 -29.17 -61.62
N HIS D 678 -5.88 -28.75 -62.85
CA HIS D 678 -6.51 -29.03 -64.15
C HIS D 678 -7.95 -28.54 -64.23
#